data_3AAE
#
_entry.id   3AAE
#
_cell.length_a   231.153
_cell.length_b   104.358
_cell.length_c   186.633
_cell.angle_alpha   90.00
_cell.angle_beta   119.09
_cell.angle_gamma   90.00
#
_symmetry.space_group_name_H-M   'C 1 2 1'
#
loop_
_entity.id
_entity.type
_entity.pdbx_description
1 polymer 'F-actin-capping protein subunit alpha-1'
2 polymer 'F-actin-capping protein subunit beta isoforms 1 and 2'
3 polymer '32mer peptide from Leucine-rich repeat-containing protein 16A'
#
loop_
_entity_poly.entity_id
_entity_poly.type
_entity_poly.pdbx_seq_one_letter_code
_entity_poly.pdbx_strand_id
1 'polypeptide(L)'
;MADFEDRVSDEEKVRIAAKFITHAPPGEFNEVFNDVRLLLNNDNLLREGAAHAFAQYNMDQFTPVKIEGYDDQVLITEHG
DLGNGRFLDPRNKISFKFDHLRKEASDPQPEDTESALKQWRDACDSALRAYVKDHYPNGFCTVYGKSIDGQQTIIACIES
HQFQPKNFWNGRWRSEWKFTITPPTAQVAAVLKIQVHYYEDGNVQLVSHKDIQDSVQVSSDVQTAKEFIKIIENAENEYQ
TAISENYQTMSDTTFKALRRQLPVTRTKIDWNKILSYKIGKEMQNA
;
A,C,E,G,I
2 'polypeptide(L)'
;MSDQQLDCALDLMRRLPPQQIEKNLSDLIDLVPSLCEDLLSSVDQPLKIARDKVVGKDYLLCDYNRDGDSYRSPWSNKYD
PPLEDGAMPSARLRKLEVEANNAFDQYRDLYFEGGVSSVYLWDLDHGFAGVILIKKAGDGSKKIKGCWDSIHVVEVQEKS
SGRTAHYKLTSTVMLWLQTNKTGSGTMNLGGSLTRQMEKDETVSDSSPHIANIGRLVEDMENKIRSTLNEIYFGKTKDIV
NGLRSIDAIPDNQKYKQLQRELSQVLTQRQIYIQPDN
;
B,D,F,H,J
3 'polypeptide(L)' GPLGSSSGLISELPSEEGRRLEHFTKLRPKRNKKQQP X,Y,Z,W,V
#
# COMPACT_ATOMS: atom_id res chain seq x y z
N ARG A 7 -62.40 -38.03 -17.71
CA ARG A 7 -63.60 -38.25 -16.85
C ARG A 7 -64.10 -36.91 -16.26
N VAL A 8 -64.07 -35.88 -17.11
CA VAL A 8 -64.52 -34.52 -16.84
C VAL A 8 -65.15 -33.94 -18.12
N SER A 9 -66.34 -33.34 -18.01
CA SER A 9 -67.15 -32.91 -19.15
C SER A 9 -66.46 -31.99 -20.15
N ASP A 10 -66.73 -32.18 -21.44
CA ASP A 10 -66.10 -31.40 -22.51
C ASP A 10 -66.40 -29.91 -22.40
N GLU A 11 -67.49 -29.57 -21.74
CA GLU A 11 -67.83 -28.19 -21.52
C GLU A 11 -66.90 -27.58 -20.46
N GLU A 12 -66.52 -28.39 -19.48
CA GLU A 12 -65.54 -28.00 -18.46
C GLU A 12 -64.14 -27.90 -19.04
N LYS A 13 -63.73 -28.89 -19.83
CA LYS A 13 -62.40 -28.91 -20.43
C LYS A 13 -62.07 -27.63 -21.19
N VAL A 14 -63.04 -27.12 -21.94
CA VAL A 14 -62.84 -25.90 -22.70
C VAL A 14 -62.78 -24.69 -21.77
N ARG A 15 -63.54 -24.72 -20.68
CA ARG A 15 -63.49 -23.66 -19.67
C ARG A 15 -62.07 -23.51 -19.08
N ILE A 16 -61.43 -24.63 -18.78
CA ILE A 16 -60.07 -24.67 -18.31
C ILE A 16 -59.13 -24.16 -19.39
N ALA A 17 -59.32 -24.62 -20.61
CA ALA A 17 -58.50 -24.19 -21.71
C ALA A 17 -58.58 -22.69 -21.90
N ALA A 18 -59.79 -22.14 -21.73
CA ALA A 18 -60.04 -20.71 -21.86
C ALA A 18 -59.34 -19.93 -20.74
N LYS A 19 -59.48 -20.42 -19.52
CA LYS A 19 -58.79 -19.88 -18.35
C LYS A 19 -57.30 -19.81 -18.60
N PHE A 20 -56.71 -20.91 -19.06
CA PHE A 20 -55.28 -20.92 -19.34
C PHE A 20 -54.86 -19.87 -20.34
N ILE A 21 -55.61 -19.73 -21.44
CA ILE A 21 -55.28 -18.74 -22.47
C ILE A 21 -55.34 -17.31 -21.93
N THR A 22 -56.40 -16.96 -21.21
CA THR A 22 -56.49 -15.61 -20.65
C THR A 22 -55.31 -15.27 -19.75
N HIS A 23 -54.68 -16.28 -19.16
CA HIS A 23 -53.62 -16.04 -18.19
C HIS A 23 -52.20 -16.10 -18.76
N ALA A 24 -52.09 -16.11 -20.08
CA ALA A 24 -50.80 -16.17 -20.76
C ALA A 24 -49.99 -14.94 -20.45
N PRO A 25 -48.74 -15.13 -19.99
CA PRO A 25 -47.88 -13.99 -19.69
C PRO A 25 -47.73 -13.09 -20.90
N PRO A 26 -47.44 -11.79 -20.69
CA PRO A 26 -47.27 -10.86 -21.78
C PRO A 26 -46.25 -11.33 -22.83
N GLY A 27 -46.65 -11.30 -24.10
CA GLY A 27 -45.79 -11.63 -25.23
C GLY A 27 -45.44 -13.08 -25.34
N GLU A 28 -46.33 -13.92 -24.83
CA GLU A 28 -46.19 -15.36 -24.87
C GLU A 28 -47.55 -15.99 -25.09
N PHE A 29 -48.43 -15.27 -25.77
CA PHE A 29 -49.77 -15.73 -26.05
C PHE A 29 -49.72 -16.95 -26.95
N ASN A 30 -49.01 -16.82 -28.06
CA ASN A 30 -48.85 -17.89 -29.01
C ASN A 30 -48.42 -19.17 -28.33
N GLU A 31 -47.30 -19.12 -27.63
CA GLU A 31 -46.72 -20.26 -26.95
C GLU A 31 -47.74 -20.94 -26.02
N VAL A 32 -48.49 -20.14 -25.26
CA VAL A 32 -49.50 -20.69 -24.35
C VAL A 32 -50.64 -21.31 -25.15
N PHE A 33 -51.10 -20.60 -26.17
CA PHE A 33 -52.15 -21.07 -27.06
C PHE A 33 -51.81 -22.40 -27.70
N ASN A 34 -50.65 -22.49 -28.33
CA ASN A 34 -50.18 -23.75 -28.90
C ASN A 34 -50.19 -24.87 -27.86
N ASP A 35 -49.64 -24.60 -26.68
CA ASP A 35 -49.69 -25.58 -25.60
C ASP A 35 -51.12 -26.03 -25.30
N VAL A 36 -52.02 -25.07 -25.11
CA VAL A 36 -53.40 -25.37 -24.76
C VAL A 36 -54.13 -26.16 -25.85
N ARG A 37 -53.85 -25.82 -27.10
CA ARG A 37 -54.50 -26.46 -28.22
C ARG A 37 -54.16 -27.93 -28.28
N LEU A 38 -52.86 -28.20 -28.29
CA LEU A 38 -52.34 -29.54 -28.40
C LEU A 38 -52.82 -30.42 -27.26
N LEU A 39 -53.07 -29.81 -26.11
CA LEU A 39 -53.47 -30.56 -24.91
C LEU A 39 -54.95 -30.91 -24.92
N LEU A 40 -55.78 -29.96 -25.32
CA LEU A 40 -57.21 -30.15 -25.42
C LEU A 40 -57.54 -31.15 -26.51
N ASN A 41 -56.86 -31.01 -27.65
CA ASN A 41 -56.98 -31.92 -28.79
C ASN A 41 -58.37 -31.98 -29.38
N ASN A 42 -58.88 -30.79 -29.72
CA ASN A 42 -60.25 -30.64 -30.16
C ASN A 42 -60.49 -29.24 -30.73
N ASP A 43 -59.90 -28.97 -31.89
CA ASP A 43 -59.99 -27.66 -32.53
C ASP A 43 -61.44 -27.17 -32.66
N ASN A 44 -62.40 -28.08 -32.58
CA ASN A 44 -63.82 -27.72 -32.62
C ASN A 44 -64.31 -27.08 -31.34
N LEU A 45 -63.91 -27.64 -30.20
CA LEU A 45 -64.23 -27.06 -28.91
C LEU A 45 -63.52 -25.74 -28.73
N LEU A 46 -62.27 -25.68 -29.13
CA LEU A 46 -61.46 -24.48 -29.03
C LEU A 46 -62.16 -23.31 -29.69
N ARG A 47 -62.53 -23.44 -30.97
CA ARG A 47 -63.06 -22.30 -31.75
C ARG A 47 -64.40 -21.75 -31.21
N GLU A 48 -65.16 -22.60 -30.53
CA GLU A 48 -66.42 -22.17 -29.93
C GLU A 48 -66.24 -21.61 -28.52
N GLY A 49 -65.98 -22.49 -27.56
CA GLY A 49 -65.89 -22.11 -26.16
C GLY A 49 -64.68 -21.29 -25.73
N ALA A 50 -63.80 -20.97 -26.67
CA ALA A 50 -62.63 -20.18 -26.37
C ALA A 50 -62.49 -18.91 -27.21
N ALA A 51 -63.35 -18.73 -28.21
CA ALA A 51 -63.37 -17.50 -29.01
C ALA A 51 -63.45 -16.26 -28.12
N HIS A 52 -64.23 -16.38 -27.04
CA HIS A 52 -64.39 -15.33 -26.04
C HIS A 52 -63.07 -15.00 -25.36
N ALA A 53 -62.24 -16.03 -25.14
CA ALA A 53 -60.95 -15.85 -24.47
C ALA A 53 -59.90 -15.06 -25.27
N PHE A 54 -59.78 -15.32 -26.57
CA PHE A 54 -58.80 -14.63 -27.41
C PHE A 54 -58.99 -13.12 -27.36
N ALA A 55 -60.24 -12.69 -27.51
CA ALA A 55 -60.61 -11.28 -27.53
C ALA A 55 -60.39 -10.66 -26.17
N GLN A 56 -60.84 -11.35 -25.13
CA GLN A 56 -60.74 -10.87 -23.77
C GLN A 56 -59.30 -10.60 -23.41
N TYR A 57 -58.40 -11.53 -23.78
CA TYR A 57 -56.97 -11.38 -23.50
C TYR A 57 -56.39 -10.10 -24.11
N ASN A 58 -56.70 -9.85 -25.37
CA ASN A 58 -56.17 -8.67 -26.04
C ASN A 58 -56.66 -7.34 -25.46
N MET A 59 -57.93 -7.29 -25.09
CA MET A 59 -58.51 -6.11 -24.46
C MET A 59 -58.00 -5.94 -23.05
N ASP A 60 -57.79 -7.07 -22.39
CA ASP A 60 -57.23 -7.14 -21.05
C ASP A 60 -55.79 -6.68 -21.03
N GLN A 61 -55.04 -7.00 -22.07
CA GLN A 61 -53.61 -6.70 -22.10
C GLN A 61 -53.26 -5.38 -22.78
N PHE A 62 -54.26 -4.65 -23.27
CA PHE A 62 -54.05 -3.37 -23.95
C PHE A 62 -53.11 -3.53 -25.13
N THR A 63 -53.33 -4.57 -25.94
CA THR A 63 -52.43 -4.92 -27.04
C THR A 63 -52.32 -3.76 -28.01
N PRO A 64 -51.10 -3.23 -28.20
CA PRO A 64 -50.90 -2.25 -29.26
C PRO A 64 -50.94 -2.91 -30.63
N VAL A 65 -51.45 -2.20 -31.63
CA VAL A 65 -51.51 -2.71 -32.99
C VAL A 65 -51.27 -1.61 -34.01
N LYS A 66 -50.47 -1.92 -35.01
CA LYS A 66 -50.19 -0.98 -36.10
C LYS A 66 -51.32 -1.05 -37.11
N ILE A 67 -51.81 0.11 -37.54
CA ILE A 67 -52.75 0.21 -38.65
C ILE A 67 -52.01 0.80 -39.85
N GLU A 68 -52.21 0.18 -41.01
CA GLU A 68 -51.43 0.51 -42.20
C GLU A 68 -51.60 1.96 -42.68
N GLY A 69 -50.46 2.63 -42.89
CA GLY A 69 -50.43 4.04 -43.29
C GLY A 69 -50.62 5.06 -42.17
N TYR A 70 -50.74 4.58 -40.92
CA TYR A 70 -50.95 5.45 -39.78
C TYR A 70 -49.84 5.33 -38.73
N ASP A 71 -49.40 6.48 -38.25
CA ASP A 71 -48.52 6.53 -37.08
C ASP A 71 -49.08 7.49 -36.01
N ASP A 72 -49.25 6.99 -34.79
CA ASP A 72 -48.82 5.61 -34.48
C ASP A 72 -49.92 4.63 -34.08
N GLN A 73 -49.50 3.61 -33.33
CA GLN A 73 -50.35 2.47 -33.00
C GLN A 73 -51.48 2.81 -32.07
N VAL A 74 -52.47 1.93 -32.01
CA VAL A 74 -53.64 2.11 -31.14
C VAL A 74 -53.83 0.88 -30.25
N LEU A 75 -54.45 1.06 -29.09
CA LEU A 75 -54.61 -0.02 -28.14
C LEU A 75 -55.94 -0.70 -28.28
N ILE A 76 -55.93 -2.03 -28.18
CA ILE A 76 -57.14 -2.82 -28.17
C ILE A 76 -57.62 -2.91 -26.73
N THR A 77 -58.66 -2.15 -26.39
CA THR A 77 -59.22 -2.17 -25.05
C THR A 77 -60.68 -2.54 -25.16
N GLU A 78 -61.37 -2.65 -24.04
CA GLU A 78 -62.81 -2.89 -24.08
C GLU A 78 -63.54 -1.60 -24.44
N HIS A 79 -62.84 -0.47 -24.38
CA HIS A 79 -63.44 0.86 -24.63
C HIS A 79 -63.46 1.22 -26.11
N GLY A 80 -62.76 0.44 -26.92
CA GLY A 80 -62.77 0.61 -28.36
C GLY A 80 -63.61 -0.44 -29.06
N ASP A 81 -64.11 -1.41 -28.29
CA ASP A 81 -64.89 -2.54 -28.80
C ASP A 81 -66.23 -2.04 -29.33
N LEU A 82 -66.54 -2.39 -30.57
CA LEU A 82 -67.77 -1.92 -31.22
C LEU A 82 -68.70 -3.07 -31.60
N GLY A 83 -68.51 -4.24 -30.98
CA GLY A 83 -69.12 -5.49 -31.46
C GLY A 83 -68.47 -5.84 -32.80
N ASN A 84 -69.16 -6.64 -33.61
CA ASN A 84 -68.66 -7.13 -34.91
C ASN A 84 -67.33 -7.89 -34.75
N GLY A 85 -66.27 -7.10 -34.63
CA GLY A 85 -64.89 -7.55 -34.58
C GLY A 85 -64.13 -6.30 -34.97
N ARG A 86 -64.73 -5.15 -34.61
CA ARG A 86 -64.20 -3.85 -34.99
C ARG A 86 -63.86 -2.98 -33.78
N PHE A 87 -62.78 -2.22 -33.91
CA PHE A 87 -62.30 -1.39 -32.82
C PHE A 87 -62.06 0.05 -33.27
N LEU A 88 -62.23 0.99 -32.33
CA LEU A 88 -62.14 2.42 -32.63
C LEU A 88 -60.76 3.00 -32.38
N ASP A 89 -60.31 3.84 -33.29
CA ASP A 89 -59.09 4.60 -33.09
C ASP A 89 -59.49 6.06 -32.94
N PRO A 90 -59.74 6.50 -31.71
CA PRO A 90 -60.24 7.85 -31.48
C PRO A 90 -59.33 8.97 -31.96
N ARG A 91 -58.02 8.73 -32.07
CA ARG A 91 -57.10 9.78 -32.53
C ARG A 91 -57.35 10.09 -34.00
N ASN A 92 -57.41 9.05 -34.81
CA ASN A 92 -57.60 9.17 -36.25
C ASN A 92 -59.07 9.16 -36.65
N LYS A 93 -59.95 8.95 -35.67
CA LYS A 93 -61.41 8.90 -35.90
C LYS A 93 -61.72 7.88 -37.00
N ILE A 94 -61.15 6.68 -36.85
CA ILE A 94 -61.40 5.58 -37.80
C ILE A 94 -61.77 4.27 -37.10
N SER A 95 -62.47 3.42 -37.83
CA SER A 95 -62.86 2.10 -37.36
C SER A 95 -61.95 1.12 -38.09
N PHE A 96 -61.74 -0.05 -37.50
CA PHE A 96 -60.93 -1.09 -38.15
C PHE A 96 -61.27 -2.47 -37.64
N LYS A 97 -61.03 -3.49 -38.47
CA LYS A 97 -61.27 -4.88 -38.11
C LYS A 97 -60.02 -5.46 -37.48
N PHE A 98 -60.22 -6.43 -36.59
CA PHE A 98 -59.13 -7.02 -35.83
C PHE A 98 -59.27 -8.54 -35.74
N ASP A 99 -58.19 -9.25 -36.07
CA ASP A 99 -58.12 -10.68 -35.84
C ASP A 99 -57.38 -10.93 -34.53
N HIS A 100 -58.11 -11.46 -33.55
CA HIS A 100 -57.59 -11.65 -32.20
C HIS A 100 -56.52 -12.72 -32.11
N LEU A 101 -56.51 -13.65 -33.07
CA LEU A 101 -55.54 -14.73 -33.05
C LEU A 101 -54.21 -14.34 -33.65
N ARG A 102 -54.25 -13.53 -34.70
CA ARG A 102 -53.03 -13.18 -35.39
C ARG A 102 -52.68 -11.68 -35.31
N LYS A 103 -53.31 -10.98 -34.36
CA LYS A 103 -53.00 -9.57 -34.06
C LYS A 103 -52.94 -8.69 -35.31
N GLU A 104 -53.92 -8.87 -36.20
CA GLU A 104 -53.93 -8.19 -37.50
C GLU A 104 -55.03 -7.16 -37.67
N ALA A 105 -54.64 -5.95 -38.04
CA ALA A 105 -55.57 -4.85 -38.19
C ALA A 105 -55.84 -4.54 -39.65
N SER A 106 -56.99 -5.02 -40.13
CA SER A 106 -57.40 -4.79 -41.52
C SER A 106 -58.59 -3.83 -41.59
N ASP A 107 -58.74 -3.18 -42.75
CA ASP A 107 -59.97 -2.45 -43.12
C ASP A 107 -60.14 -1.05 -42.49
N PRO A 108 -59.18 -0.14 -42.73
CA PRO A 108 -59.31 1.24 -42.23
C PRO A 108 -60.56 1.94 -42.78
N GLN A 109 -61.44 2.37 -41.90
CA GLN A 109 -62.75 2.90 -42.29
C GLN A 109 -63.07 4.20 -41.56
N PRO A 110 -63.06 5.35 -42.27
CA PRO A 110 -63.46 6.62 -41.64
C PRO A 110 -64.71 6.49 -40.74
N GLU A 111 -64.63 7.09 -39.55
CA GLU A 111 -65.66 6.94 -38.51
C GLU A 111 -66.03 8.28 -37.88
N ASP A 112 -67.29 8.43 -37.50
CA ASP A 112 -67.81 9.67 -36.94
C ASP A 112 -67.88 9.65 -35.40
N THR A 113 -67.13 10.56 -34.77
CA THR A 113 -67.08 10.68 -33.29
C THR A 113 -68.19 11.59 -32.72
N GLU A 114 -68.79 11.15 -31.61
CA GLU A 114 -69.76 11.97 -30.85
C GLU A 114 -69.07 13.26 -30.35
N SER A 115 -69.24 14.33 -31.14
CA SER A 115 -68.54 15.60 -30.90
C SER A 115 -68.88 16.23 -29.53
N ALA A 116 -69.58 15.47 -28.68
CA ALA A 116 -69.90 15.88 -27.33
C ALA A 116 -68.63 16.16 -26.52
N LEU A 117 -67.68 15.23 -26.55
CA LEU A 117 -66.43 15.39 -25.81
C LEU A 117 -65.23 15.65 -26.69
N LYS A 118 -65.40 15.49 -28.00
CA LYS A 118 -64.29 15.54 -28.96
C LYS A 118 -63.18 16.49 -28.52
N GLN A 119 -63.56 17.71 -28.14
CA GLN A 119 -62.61 18.76 -27.84
C GLN A 119 -61.78 18.48 -26.57
N TRP A 120 -62.44 17.99 -25.52
CA TRP A 120 -61.76 17.60 -24.29
C TRP A 120 -60.81 16.45 -24.54
N ARG A 121 -61.30 15.46 -25.29
CA ARG A 121 -60.53 14.27 -25.65
C ARG A 121 -59.23 14.61 -26.38
N ASP A 122 -59.30 15.52 -27.34
CA ASP A 122 -58.13 15.91 -28.13
C ASP A 122 -57.06 16.57 -27.27
N ALA A 123 -57.49 17.38 -26.30
CA ALA A 123 -56.56 18.09 -25.43
C ALA A 123 -55.88 17.15 -24.45
N CYS A 124 -56.52 16.02 -24.14
CA CYS A 124 -55.93 14.99 -23.30
C CYS A 124 -54.99 14.13 -24.14
N ASP A 125 -55.57 13.43 -25.11
CA ASP A 125 -54.84 12.66 -26.12
C ASP A 125 -53.57 13.35 -26.56
N SER A 126 -53.62 14.67 -26.60
CA SER A 126 -52.49 15.49 -26.99
C SER A 126 -51.43 15.56 -25.90
N ALA A 127 -51.84 15.90 -24.68
CA ALA A 127 -50.91 16.11 -23.57
C ALA A 127 -50.36 14.81 -23.01
N LEU A 128 -51.15 13.73 -23.16
CA LEU A 128 -50.76 12.40 -22.72
C LEU A 128 -49.74 11.82 -23.67
N ARG A 129 -49.91 12.08 -24.98
CA ARG A 129 -48.92 11.69 -26.00
C ARG A 129 -47.53 12.15 -25.58
N ALA A 130 -47.42 13.40 -25.15
CA ALA A 130 -46.18 14.03 -24.74
C ALA A 130 -45.60 13.42 -23.50
N TYR A 131 -46.48 13.07 -22.56
CA TYR A 131 -46.08 12.43 -21.31
C TYR A 131 -45.57 11.01 -21.54
N VAL A 132 -46.32 10.23 -22.32
CA VAL A 132 -45.93 8.88 -22.69
C VAL A 132 -44.55 8.90 -23.31
N LYS A 133 -44.37 9.79 -24.30
CA LYS A 133 -43.09 9.99 -25.00
C LYS A 133 -41.93 10.22 -24.04
N ASP A 134 -42.22 10.93 -22.94
CA ASP A 134 -41.21 11.33 -21.95
C ASP A 134 -40.84 10.25 -20.94
N HIS A 135 -41.74 9.31 -20.66
CA HIS A 135 -41.54 8.36 -19.56
C HIS A 135 -41.62 6.86 -19.89
N TYR A 136 -42.08 6.53 -21.09
CA TYR A 136 -42.23 5.15 -21.48
C TYR A 136 -41.43 4.87 -22.75
N PRO A 137 -40.25 4.24 -22.60
CA PRO A 137 -39.37 4.03 -23.74
C PRO A 137 -40.12 3.50 -24.97
N ASN A 138 -40.85 2.41 -24.82
CA ASN A 138 -41.62 1.89 -25.94
C ASN A 138 -43.12 1.96 -25.65
N GLY A 139 -43.58 3.17 -25.35
CA GLY A 139 -44.96 3.40 -24.93
C GLY A 139 -45.95 3.74 -26.02
N PHE A 140 -47.18 3.29 -25.82
CA PHE A 140 -48.30 3.67 -26.65
C PHE A 140 -49.47 4.05 -25.76
N CYS A 141 -50.30 4.98 -26.23
CA CYS A 141 -51.48 5.37 -25.48
C CYS A 141 -52.68 5.68 -26.36
N THR A 142 -53.86 5.47 -25.82
CA THR A 142 -55.10 5.76 -26.52
C THR A 142 -56.04 6.39 -25.53
N VAL A 143 -56.64 7.54 -25.89
CA VAL A 143 -57.58 8.24 -25.00
C VAL A 143 -58.99 8.24 -25.56
N TYR A 144 -59.95 7.73 -24.78
CA TYR A 144 -61.33 7.65 -25.21
C TYR A 144 -62.16 8.73 -24.53
N GLY A 145 -63.23 9.16 -25.18
CA GLY A 145 -64.22 10.05 -24.60
C GLY A 145 -65.61 9.53 -24.88
N LYS A 146 -66.27 9.00 -23.84
CA LYS A 146 -67.60 8.39 -23.99
C LYS A 146 -68.49 8.59 -22.75
N SER A 147 -69.81 8.52 -22.93
CA SER A 147 -70.74 8.70 -21.83
C SER A 147 -71.01 7.41 -21.05
N ILE A 148 -70.83 7.45 -19.74
CA ILE A 148 -71.16 6.34 -18.84
C ILE A 148 -72.18 6.80 -17.79
N ASP A 149 -73.37 6.20 -17.83
CA ASP A 149 -74.49 6.56 -16.93
C ASP A 149 -74.74 8.06 -17.00
N GLY A 150 -74.94 8.55 -18.21
CA GLY A 150 -75.24 9.97 -18.45
C GLY A 150 -74.10 10.91 -18.15
N GLN A 151 -72.98 10.38 -17.67
CA GLN A 151 -71.82 11.19 -17.26
C GLN A 151 -70.66 11.12 -18.24
N GLN A 152 -70.10 12.29 -18.56
CA GLN A 152 -69.03 12.36 -19.53
C GLN A 152 -67.75 11.83 -18.91
N THR A 153 -67.22 10.75 -19.46
CA THR A 153 -65.98 10.15 -18.96
C THR A 153 -64.85 10.26 -19.99
N ILE A 154 -63.63 10.52 -19.51
CA ILE A 154 -62.44 10.43 -20.34
C ILE A 154 -61.54 9.31 -19.82
N ILE A 155 -61.26 8.35 -20.69
CA ILE A 155 -60.46 7.18 -20.33
C ILE A 155 -59.10 7.15 -21.02
N ALA A 156 -58.04 7.38 -20.26
CA ALA A 156 -56.69 7.36 -20.80
C ALA A 156 -56.03 6.03 -20.49
N CYS A 157 -55.57 5.35 -21.54
CA CYS A 157 -54.91 4.06 -21.44
C CYS A 157 -53.48 4.13 -21.92
N ILE A 158 -52.54 3.66 -21.10
CA ILE A 158 -51.13 3.61 -21.44
C ILE A 158 -50.68 2.15 -21.47
N GLU A 159 -49.84 1.80 -22.44
CA GLU A 159 -49.20 0.48 -22.50
C GLU A 159 -47.74 0.64 -22.83
N SER A 160 -46.89 -0.13 -22.16
CA SER A 160 -45.49 -0.18 -22.49
C SER A 160 -44.99 -1.61 -22.29
N HIS A 161 -44.27 -2.18 -23.26
CA HIS A 161 -43.70 -3.52 -23.10
C HIS A 161 -42.27 -3.69 -23.60
N GLN A 162 -41.58 -4.70 -23.08
CA GLN A 162 -40.27 -5.13 -23.59
C GLN A 162 -40.29 -6.64 -23.75
N PHE A 163 -40.28 -7.14 -24.98
CA PHE A 163 -40.29 -8.57 -25.22
C PHE A 163 -38.92 -9.06 -25.65
N GLN A 164 -38.39 -10.02 -24.91
CA GLN A 164 -37.12 -10.63 -25.28
C GLN A 164 -37.20 -12.13 -25.11
N PRO A 165 -37.92 -12.80 -26.04
CA PRO A 165 -38.13 -14.23 -25.88
C PRO A 165 -36.82 -14.98 -25.98
N LYS A 166 -35.89 -14.46 -26.77
CA LYS A 166 -34.57 -15.06 -26.89
C LYS A 166 -33.82 -15.11 -25.57
N ASN A 167 -34.16 -14.20 -24.66
CA ASN A 167 -33.52 -14.15 -23.36
C ASN A 167 -34.39 -14.66 -22.23
N PHE A 168 -35.54 -15.21 -22.61
CA PHE A 168 -36.47 -15.86 -21.69
C PHE A 168 -37.03 -14.91 -20.64
N TRP A 169 -37.28 -13.65 -21.05
CA TRP A 169 -38.02 -12.70 -20.21
C TRP A 169 -38.85 -11.72 -20.99
N ASN A 170 -40.02 -11.38 -20.46
CA ASN A 170 -40.94 -10.40 -21.05
C ASN A 170 -41.51 -9.54 -19.95
N GLY A 171 -41.90 -8.31 -20.27
CA GLY A 171 -42.48 -7.39 -19.30
C GLY A 171 -43.46 -6.42 -19.90
N ARG A 172 -44.46 -6.01 -19.13
CA ARG A 172 -45.46 -5.05 -19.59
C ARG A 172 -46.05 -4.17 -18.48
N TRP A 173 -46.23 -2.89 -18.80
CA TRP A 173 -46.91 -1.92 -17.94
C TRP A 173 -48.24 -1.53 -18.59
N ARG A 174 -49.30 -1.45 -17.79
CA ARG A 174 -50.60 -1.01 -18.24
C ARG A 174 -51.19 -0.03 -17.25
N SER A 175 -51.54 1.16 -17.73
CA SER A 175 -52.28 2.14 -16.95
C SER A 175 -53.65 2.36 -17.56
N GLU A 176 -54.66 2.48 -16.71
CA GLU A 176 -56.00 2.87 -17.12
C GLU A 176 -56.50 3.95 -16.18
N TRP A 177 -56.62 5.16 -16.70
CA TRP A 177 -57.10 6.30 -15.94
C TRP A 177 -58.48 6.72 -16.41
N LYS A 178 -59.45 6.71 -15.50
CA LYS A 178 -60.82 7.20 -15.78
C LYS A 178 -61.12 8.54 -15.09
N PHE A 179 -61.46 9.53 -15.91
CA PHE A 179 -61.88 10.83 -15.41
C PHE A 179 -63.36 11.05 -15.72
N THR A 180 -64.26 10.83 -14.76
CA THR A 180 -65.67 11.22 -14.96
C THR A 180 -65.79 12.70 -14.63
N ILE A 181 -66.31 13.46 -15.60
CA ILE A 181 -66.23 14.92 -15.64
C ILE A 181 -67.59 15.57 -15.41
N THR A 182 -67.76 16.13 -14.23
CA THR A 182 -69.01 16.72 -13.82
C THR A 182 -68.69 18.11 -13.30
N PRO A 183 -68.53 19.09 -14.23
CA PRO A 183 -68.04 20.42 -13.85
C PRO A 183 -68.89 21.03 -12.76
N PRO A 184 -68.27 21.74 -11.78
CA PRO A 184 -66.86 22.09 -11.71
C PRO A 184 -65.87 21.06 -11.12
N THR A 185 -66.25 19.77 -11.01
CA THR A 185 -65.33 18.74 -10.49
C THR A 185 -65.12 17.59 -11.47
N ALA A 186 -64.06 16.81 -11.22
CA ALA A 186 -63.83 15.57 -11.95
C ALA A 186 -63.45 14.48 -10.96
N GLN A 187 -63.97 13.25 -11.15
CA GLN A 187 -63.59 12.12 -10.31
C GLN A 187 -62.56 11.25 -11.00
N VAL A 188 -61.39 11.12 -10.37
CA VAL A 188 -60.32 10.32 -10.89
C VAL A 188 -60.38 8.92 -10.30
N ALA A 189 -60.22 7.92 -11.17
CA ALA A 189 -60.12 6.52 -10.76
C ALA A 189 -59.16 5.82 -11.70
N ALA A 190 -58.18 5.14 -11.14
CA ALA A 190 -57.16 4.50 -11.96
C ALA A 190 -56.80 3.11 -11.48
N VAL A 191 -56.21 2.32 -12.37
CA VAL A 191 -55.58 1.07 -12.00
C VAL A 191 -54.21 1.02 -12.69
N LEU A 192 -53.17 0.73 -11.94
CA LEU A 192 -51.85 0.61 -12.54
C LEU A 192 -51.35 -0.82 -12.41
N LYS A 193 -50.95 -1.44 -13.52
CA LYS A 193 -50.54 -2.84 -13.50
C LYS A 193 -49.11 -3.04 -14.03
N ILE A 194 -48.34 -3.85 -13.34
CA ILE A 194 -47.04 -4.31 -13.82
C ILE A 194 -47.01 -5.84 -13.91
N GLN A 195 -46.34 -6.39 -14.92
CA GLN A 195 -46.11 -7.83 -14.99
C GLN A 195 -44.82 -8.20 -15.70
N VAL A 196 -44.02 -9.01 -15.04
CA VAL A 196 -42.72 -9.41 -15.52
C VAL A 196 -42.60 -10.92 -15.40
N HIS A 197 -42.09 -11.55 -16.44
CA HIS A 197 -41.93 -13.00 -16.52
C HIS A 197 -40.52 -13.31 -16.89
N TYR A 198 -39.83 -14.09 -16.06
CA TYR A 198 -38.50 -14.57 -16.35
C TYR A 198 -38.55 -16.08 -16.33
N TYR A 199 -37.97 -16.69 -17.37
CA TYR A 199 -38.09 -18.14 -17.50
C TYR A 199 -36.90 -18.88 -18.09
N GLU A 200 -35.68 -18.41 -17.84
CA GLU A 200 -34.49 -19.18 -18.16
C GLU A 200 -34.18 -20.16 -17.03
N ASP A 201 -34.37 -21.44 -17.31
CA ASP A 201 -34.21 -22.48 -16.31
C ASP A 201 -35.07 -22.24 -15.07
N GLY A 202 -36.26 -21.67 -15.28
CA GLY A 202 -37.25 -21.52 -14.22
C GLY A 202 -38.48 -20.75 -14.65
N ASN A 203 -39.32 -20.40 -13.68
CA ASN A 203 -40.51 -19.59 -13.92
C ASN A 203 -40.69 -18.67 -12.75
N VAL A 204 -40.35 -17.41 -12.98
CA VAL A 204 -40.40 -16.36 -11.98
C VAL A 204 -41.20 -15.21 -12.52
N GLN A 205 -42.19 -14.76 -11.76
CA GLN A 205 -43.07 -13.70 -12.20
C GLN A 205 -43.34 -12.62 -11.15
N LEU A 206 -43.45 -11.39 -11.60
CA LEU A 206 -43.88 -10.29 -10.77
C LEU A 206 -45.25 -9.85 -11.22
N VAL A 207 -46.24 -9.90 -10.33
CA VAL A 207 -47.53 -9.31 -10.62
C VAL A 207 -47.81 -8.26 -9.57
N SER A 208 -48.21 -7.08 -10.02
CA SER A 208 -48.51 -5.98 -9.14
C SER A 208 -49.52 -5.07 -9.79
N HIS A 209 -50.46 -4.59 -8.98
CA HIS A 209 -51.36 -3.52 -9.40
C HIS A 209 -51.66 -2.58 -8.24
N LYS A 210 -52.01 -1.35 -8.61
CA LYS A 210 -52.40 -0.33 -7.63
C LYS A 210 -53.62 0.42 -8.08
N ASP A 211 -54.61 0.49 -7.20
CA ASP A 211 -55.79 1.31 -7.41
C ASP A 211 -55.52 2.75 -6.95
N ILE A 212 -56.01 3.70 -7.72
CA ILE A 212 -55.84 5.11 -7.41
C ILE A 212 -57.16 5.82 -7.59
N GLN A 213 -57.51 6.63 -6.60
CA GLN A 213 -58.78 7.29 -6.55
C GLN A 213 -58.54 8.70 -6.02
N ASP A 214 -59.12 9.69 -6.70
CA ASP A 214 -58.87 11.12 -6.43
C ASP A 214 -59.97 12.01 -7.01
N SER A 215 -60.00 13.27 -6.58
CA SER A 215 -60.99 14.25 -7.06
C SER A 215 -60.30 15.58 -7.33
N VAL A 216 -60.71 16.26 -8.39
CA VAL A 216 -60.12 17.57 -8.72
C VAL A 216 -61.09 18.57 -9.30
N GLN A 217 -60.76 19.85 -9.11
CA GLN A 217 -61.54 20.98 -9.57
C GLN A 217 -61.16 21.36 -11.01
N VAL A 218 -62.15 21.54 -11.88
CA VAL A 218 -61.88 21.76 -13.31
C VAL A 218 -62.08 23.18 -13.77
N SER A 219 -61.62 23.45 -14.99
CA SER A 219 -61.73 24.73 -15.64
C SER A 219 -61.99 24.56 -17.14
N SER A 220 -61.12 25.17 -17.96
CA SER A 220 -61.19 25.02 -19.42
C SER A 220 -60.53 23.71 -19.80
N ASP A 221 -60.97 23.13 -20.93
CA ASP A 221 -60.48 21.82 -21.36
C ASP A 221 -58.95 21.71 -21.44
N VAL A 222 -58.30 22.70 -22.08
CA VAL A 222 -56.84 22.71 -22.19
C VAL A 222 -56.15 22.79 -20.83
N GLN A 223 -56.71 23.59 -19.92
CA GLN A 223 -56.06 23.89 -18.63
C GLN A 223 -56.11 22.70 -17.69
N THR A 224 -57.15 21.88 -17.83
CA THR A 224 -57.31 20.74 -16.94
C THR A 224 -56.84 19.44 -17.53
N ALA A 225 -56.69 19.40 -18.85
CA ALA A 225 -55.97 18.30 -19.50
C ALA A 225 -54.56 18.29 -18.96
N LYS A 226 -53.97 19.47 -18.82
CA LYS A 226 -52.61 19.61 -18.32
C LYS A 226 -52.51 19.17 -16.87
N GLU A 227 -53.56 19.46 -16.09
CA GLU A 227 -53.57 19.10 -14.67
C GLU A 227 -53.78 17.61 -14.48
N PHE A 228 -54.63 17.00 -15.32
CA PHE A 228 -54.84 15.55 -15.36
C PHE A 228 -53.51 14.83 -15.53
N ILE A 229 -52.76 15.20 -16.55
CA ILE A 229 -51.45 14.62 -16.79
C ILE A 229 -50.54 14.74 -15.55
N LYS A 230 -50.56 15.88 -14.87
CA LYS A 230 -49.72 16.03 -13.68
C LYS A 230 -50.11 15.02 -12.61
N ILE A 231 -51.41 14.79 -12.45
CA ILE A 231 -51.90 13.81 -11.47
C ILE A 231 -51.42 12.43 -11.83
N ILE A 232 -51.53 12.09 -13.12
CA ILE A 232 -51.03 10.83 -13.66
C ILE A 232 -49.54 10.69 -13.39
N GLU A 233 -48.77 11.74 -13.69
CA GLU A 233 -47.33 11.68 -13.54
C GLU A 233 -46.95 11.41 -12.07
N ASN A 234 -47.61 12.12 -11.17
CA ASN A 234 -47.29 12.01 -9.78
C ASN A 234 -47.63 10.67 -9.20
N ALA A 235 -48.80 10.16 -9.58
CA ALA A 235 -49.32 8.89 -9.09
C ALA A 235 -48.48 7.71 -9.55
N GLU A 236 -48.00 7.78 -10.79
CA GLU A 236 -47.25 6.71 -11.39
C GLU A 236 -45.82 6.69 -10.89
N ASN A 237 -45.23 7.86 -10.69
CA ASN A 237 -43.90 7.98 -10.08
C ASN A 237 -43.85 7.41 -8.69
N GLU A 238 -44.86 7.74 -7.88
CA GLU A 238 -44.97 7.20 -6.54
C GLU A 238 -45.08 5.70 -6.57
N TYR A 239 -45.85 5.19 -7.52
CA TYR A 239 -46.01 3.75 -7.68
C TYR A 239 -44.70 3.06 -8.06
N GLN A 240 -44.01 3.57 -9.07
CA GLN A 240 -42.72 3.00 -9.46
C GLN A 240 -41.67 3.11 -8.35
N THR A 241 -41.73 4.19 -7.57
CA THR A 241 -40.83 4.37 -6.45
C THR A 241 -41.12 3.35 -5.39
N ALA A 242 -42.40 3.21 -5.03
CA ALA A 242 -42.82 2.22 -4.06
C ALA A 242 -42.36 0.83 -4.46
N ILE A 243 -42.52 0.48 -5.73
CA ILE A 243 -41.99 -0.77 -6.27
C ILE A 243 -40.50 -0.91 -5.99
N SER A 244 -39.70 0.08 -6.38
CA SER A 244 -38.25 0.02 -6.23
C SER A 244 -37.81 -0.05 -4.78
N GLU A 245 -38.53 0.67 -3.91
CA GLU A 245 -38.28 0.66 -2.49
C GLU A 245 -38.60 -0.69 -1.89
N ASN A 246 -39.70 -1.31 -2.33
CA ASN A 246 -40.08 -2.65 -1.86
C ASN A 246 -39.11 -3.72 -2.32
N TYR A 247 -38.61 -3.58 -3.54
CA TYR A 247 -37.54 -4.45 -4.05
C TYR A 247 -36.34 -4.38 -3.14
N GLN A 248 -35.98 -3.17 -2.74
CA GLN A 248 -34.87 -2.96 -1.83
C GLN A 248 -35.10 -3.74 -0.54
N THR A 249 -36.20 -3.46 0.14
CA THR A 249 -36.53 -4.13 1.38
C THR A 249 -36.51 -5.64 1.22
N MET A 250 -37.16 -6.14 0.17
CA MET A 250 -37.20 -7.57 -0.08
C MET A 250 -35.81 -8.13 -0.14
N SER A 251 -34.93 -7.41 -0.82
CA SER A 251 -33.57 -7.89 -1.08
C SER A 251 -32.73 -7.94 0.18
N ASP A 252 -32.54 -6.80 0.83
CA ASP A 252 -31.59 -6.73 1.93
C ASP A 252 -32.18 -6.98 3.32
N THR A 253 -33.48 -7.30 3.38
CA THR A 253 -34.12 -7.67 4.66
C THR A 253 -34.70 -9.09 4.63
N THR A 254 -35.84 -9.27 3.95
CA THR A 254 -36.60 -10.51 4.05
C THR A 254 -35.95 -11.69 3.35
N PHE A 255 -35.16 -11.42 2.31
CA PHE A 255 -34.43 -12.50 1.61
C PHE A 255 -33.29 -13.04 2.47
N LYS A 256 -32.50 -12.13 3.03
CA LYS A 256 -31.42 -12.42 3.99
C LYS A 256 -31.94 -13.24 5.18
N ALA A 257 -33.22 -13.08 5.50
CA ALA A 257 -33.82 -13.72 6.65
C ALA A 257 -34.34 -15.11 6.32
N LEU A 258 -34.27 -15.50 5.05
CA LEU A 258 -34.82 -16.79 4.66
C LEU A 258 -33.74 -17.83 4.74
N ARG A 259 -32.71 -17.70 3.92
CA ARG A 259 -31.55 -18.56 4.03
C ARG A 259 -30.31 -17.70 4.19
N ARG A 260 -29.48 -18.03 5.15
CA ARG A 260 -28.18 -17.41 5.30
C ARG A 260 -27.30 -17.69 4.10
N GLN A 261 -26.26 -16.88 3.93
CA GLN A 261 -25.33 -17.07 2.83
C GLN A 261 -24.28 -18.11 3.18
N LEU A 262 -23.86 -18.07 4.44
CA LEU A 262 -22.99 -19.07 5.04
C LEU A 262 -23.48 -19.22 6.47
N PRO A 263 -23.19 -20.35 7.13
CA PRO A 263 -23.65 -20.53 8.50
C PRO A 263 -22.96 -19.57 9.44
N VAL A 264 -23.45 -19.49 10.67
CA VAL A 264 -22.96 -18.48 11.63
C VAL A 264 -21.45 -18.66 11.95
N THR A 265 -20.88 -19.75 11.47
CA THR A 265 -19.45 -19.99 11.63
C THR A 265 -18.65 -19.37 10.49
N ARG A 266 -19.29 -18.53 9.68
CA ARG A 266 -18.65 -17.89 8.54
C ARG A 266 -17.87 -18.82 7.59
N THR A 267 -18.10 -20.13 7.70
CA THR A 267 -17.46 -21.11 6.82
C THR A 267 -18.40 -22.25 6.41
N LYS A 268 -18.10 -22.89 5.27
CA LYS A 268 -18.87 -24.04 4.77
C LYS A 268 -18.98 -25.19 5.78
N ILE A 269 -19.93 -26.09 5.57
CA ILE A 269 -20.26 -27.10 6.58
C ILE A 269 -19.19 -28.18 6.66
N ASP A 270 -18.78 -28.52 7.89
CA ASP A 270 -17.94 -29.69 8.13
C ASP A 270 -18.83 -30.92 8.25
N TRP A 271 -18.83 -31.77 7.24
CA TRP A 271 -19.77 -32.89 7.19
C TRP A 271 -19.39 -34.05 8.11
N ASN A 272 -18.13 -34.14 8.52
CA ASN A 272 -17.71 -35.14 9.48
C ASN A 272 -18.35 -34.89 10.83
N LYS A 273 -18.38 -33.63 11.26
CA LYS A 273 -19.04 -33.26 12.50
C LYS A 273 -20.53 -33.61 12.44
N ILE A 274 -21.14 -33.37 11.29
CA ILE A 274 -22.56 -33.63 11.12
C ILE A 274 -22.87 -35.10 11.31
N LEU A 275 -21.96 -35.96 10.87
CA LEU A 275 -22.19 -37.40 10.86
C LEU A 275 -21.77 -38.13 12.14
N SER A 276 -21.23 -37.41 13.11
CA SER A 276 -20.91 -37.99 14.42
C SER A 276 -21.09 -37.00 15.57
N ASP B 3 -45.68 -38.19 -25.45
CA ASP B 3 -44.46 -37.53 -24.86
C ASP B 3 -44.13 -36.16 -25.47
N GLN B 4 -44.84 -35.82 -26.53
CA GLN B 4 -44.84 -34.47 -27.03
C GLN B 4 -45.91 -33.70 -26.28
N GLN B 5 -46.89 -34.43 -25.78
CA GLN B 5 -47.93 -33.89 -24.89
C GLN B 5 -47.36 -33.36 -23.59
N LEU B 6 -46.56 -34.17 -22.91
CA LEU B 6 -45.91 -33.77 -21.67
C LEU B 6 -45.08 -32.51 -21.86
N ASP B 7 -44.27 -32.47 -22.91
CA ASP B 7 -43.45 -31.31 -23.21
C ASP B 7 -44.25 -30.02 -23.29
N CYS B 8 -45.46 -30.08 -23.84
CA CYS B 8 -46.35 -28.93 -23.89
C CYS B 8 -46.84 -28.52 -22.51
N ALA B 9 -47.27 -29.50 -21.72
CA ALA B 9 -47.75 -29.26 -20.38
C ALA B 9 -46.67 -28.56 -19.56
N LEU B 10 -45.45 -29.10 -19.62
CA LEU B 10 -44.33 -28.52 -18.89
C LEU B 10 -43.99 -27.15 -19.42
N ASP B 11 -44.13 -26.94 -20.72
CA ASP B 11 -43.86 -25.63 -21.30
C ASP B 11 -44.91 -24.66 -20.85
N LEU B 12 -46.11 -25.14 -20.63
CA LEU B 12 -47.18 -24.28 -20.21
C LEU B 12 -46.92 -23.88 -18.77
N MET B 13 -46.57 -24.86 -17.96
CA MET B 13 -46.27 -24.61 -16.54
C MET B 13 -45.15 -23.61 -16.30
N ARG B 14 -44.31 -23.39 -17.30
CA ARG B 14 -43.23 -22.43 -17.15
C ARG B 14 -43.67 -21.05 -17.61
N ARG B 15 -44.93 -20.94 -18.00
CA ARG B 15 -45.46 -19.69 -18.49
C ARG B 15 -46.63 -19.18 -17.66
N LEU B 16 -47.47 -20.07 -17.17
CA LEU B 16 -48.54 -19.66 -16.28
C LEU B 16 -48.00 -19.19 -14.93
N PRO B 17 -48.63 -18.16 -14.33
CA PRO B 17 -48.08 -17.53 -13.14
C PRO B 17 -47.88 -18.49 -11.99
N PRO B 18 -46.63 -18.61 -11.50
CA PRO B 18 -46.26 -19.56 -10.46
C PRO B 18 -47.05 -19.37 -9.18
N GLN B 19 -47.67 -18.21 -9.05
CA GLN B 19 -48.49 -17.90 -7.90
C GLN B 19 -49.67 -18.86 -7.84
N GLN B 20 -50.13 -19.35 -8.99
CA GLN B 20 -51.20 -20.36 -9.03
C GLN B 20 -50.71 -21.73 -9.48
N ILE B 21 -49.51 -22.13 -9.08
CA ILE B 21 -48.99 -23.43 -9.50
C ILE B 21 -49.96 -24.53 -9.13
N GLU B 22 -50.40 -24.56 -7.87
CA GLU B 22 -51.15 -25.70 -7.36
C GLU B 22 -52.49 -25.87 -8.06
N LYS B 23 -53.20 -24.78 -8.27
CA LYS B 23 -54.52 -24.78 -8.89
C LYS B 23 -54.41 -25.06 -10.39
N ASN B 24 -53.32 -24.62 -11.00
CA ASN B 24 -53.12 -24.83 -12.42
C ASN B 24 -52.81 -26.28 -12.74
N LEU B 25 -52.00 -26.91 -11.90
CA LEU B 25 -51.65 -28.32 -12.09
C LEU B 25 -52.88 -29.18 -11.96
N SER B 26 -53.71 -28.83 -10.99
CA SER B 26 -54.97 -29.49 -10.80
C SER B 26 -55.78 -29.50 -12.09
N ASP B 27 -55.88 -28.34 -12.72
CA ASP B 27 -56.59 -28.18 -13.98
C ASP B 27 -55.89 -28.88 -15.13
N LEU B 28 -54.58 -28.67 -15.26
CA LEU B 28 -53.82 -29.26 -16.36
C LEU B 28 -54.03 -30.77 -16.43
N ILE B 29 -54.08 -31.43 -15.28
CA ILE B 29 -54.33 -32.87 -15.20
C ILE B 29 -55.73 -33.20 -15.65
N ASP B 30 -56.73 -32.49 -15.15
CA ASP B 30 -58.10 -32.63 -15.66
C ASP B 30 -58.19 -32.49 -17.19
N LEU B 31 -57.41 -31.56 -17.74
CA LEU B 31 -57.41 -31.33 -19.16
C LEU B 31 -56.81 -32.51 -19.92
N VAL B 32 -55.78 -33.14 -19.39
CA VAL B 32 -55.11 -34.27 -20.06
C VAL B 32 -54.81 -35.41 -19.07
N PRO B 33 -55.85 -36.17 -18.67
CA PRO B 33 -55.71 -37.11 -17.55
C PRO B 33 -54.68 -38.20 -17.77
N SER B 34 -54.37 -38.54 -19.01
CA SER B 34 -53.35 -39.57 -19.27
C SER B 34 -51.99 -39.13 -18.75
N LEU B 35 -51.75 -37.83 -18.78
CA LEU B 35 -50.47 -37.24 -18.37
C LEU B 35 -50.29 -37.14 -16.84
N CYS B 36 -51.35 -37.41 -16.09
CA CYS B 36 -51.35 -37.27 -14.64
C CYS B 36 -50.07 -37.78 -13.99
N GLU B 37 -49.94 -39.10 -13.90
CA GLU B 37 -48.77 -39.74 -13.29
C GLU B 37 -47.45 -39.05 -13.61
N ASP B 38 -47.28 -38.66 -14.86
CA ASP B 38 -46.06 -38.00 -15.28
C ASP B 38 -45.93 -36.57 -14.76
N LEU B 39 -47.00 -35.78 -14.91
CA LEU B 39 -47.04 -34.40 -14.43
C LEU B 39 -46.78 -34.33 -12.94
N LEU B 40 -47.51 -35.11 -12.17
CA LEU B 40 -47.31 -35.19 -10.72
C LEU B 40 -45.87 -35.41 -10.27
N SER B 41 -45.07 -36.07 -11.09
CA SER B 41 -43.69 -36.36 -10.74
C SER B 41 -42.70 -35.34 -11.30
N SER B 42 -43.11 -34.60 -12.30
CA SER B 42 -42.20 -33.66 -12.97
C SER B 42 -42.53 -32.15 -12.83
N VAL B 43 -43.66 -31.83 -12.20
CA VAL B 43 -44.05 -30.45 -11.94
C VAL B 43 -43.91 -30.17 -10.46
N ASP B 44 -43.06 -29.21 -10.11
CA ASP B 44 -42.80 -28.85 -8.73
C ASP B 44 -43.89 -27.96 -8.18
N GLN B 45 -44.30 -28.23 -6.94
CA GLN B 45 -45.34 -27.48 -6.24
C GLN B 45 -44.82 -27.00 -4.90
N PRO B 46 -45.29 -25.81 -4.44
CA PRO B 46 -44.96 -25.32 -3.11
C PRO B 46 -45.16 -26.41 -2.05
N LEU B 47 -44.18 -26.62 -1.20
CA LEU B 47 -44.21 -27.77 -0.32
C LEU B 47 -45.22 -27.56 0.81
N LYS B 48 -46.02 -28.58 1.10
CA LYS B 48 -46.97 -28.57 2.22
C LYS B 48 -46.40 -29.27 3.45
N ILE B 49 -46.84 -28.85 4.62
CA ILE B 49 -46.36 -29.44 5.87
C ILE B 49 -47.47 -30.31 6.42
N ALA B 50 -47.14 -31.56 6.73
CA ALA B 50 -48.05 -32.43 7.47
C ALA B 50 -47.48 -32.73 8.85
N ARG B 51 -48.30 -33.32 9.72
CA ARG B 51 -47.91 -33.53 11.10
C ARG B 51 -47.95 -34.99 11.47
N ASP B 52 -46.79 -35.57 11.78
CA ASP B 52 -46.72 -36.95 12.23
C ASP B 52 -47.13 -36.98 13.69
N LYS B 53 -48.36 -37.39 13.94
CA LYS B 53 -48.92 -37.41 15.29
C LYS B 53 -48.22 -38.37 16.26
N VAL B 54 -47.55 -39.41 15.73
CA VAL B 54 -46.89 -40.43 16.54
C VAL B 54 -45.68 -39.87 17.26
N VAL B 55 -44.73 -39.29 16.53
CA VAL B 55 -43.53 -38.73 17.17
C VAL B 55 -43.65 -37.24 17.51
N GLY B 56 -44.76 -36.63 17.10
CA GLY B 56 -45.01 -35.21 17.31
C GLY B 56 -44.16 -34.21 16.52
N LYS B 57 -43.83 -34.54 15.27
CA LYS B 57 -42.95 -33.70 14.44
C LYS B 57 -43.54 -33.46 13.06
N ASP B 58 -43.22 -32.32 12.45
CA ASP B 58 -43.71 -31.98 11.12
C ASP B 58 -42.89 -32.68 10.04
N TYR B 59 -43.52 -32.96 8.90
CA TYR B 59 -42.80 -33.49 7.73
C TYR B 59 -43.31 -32.85 6.46
N LEU B 60 -42.50 -32.85 5.41
CA LEU B 60 -42.86 -32.21 4.16
C LEU B 60 -43.41 -33.17 3.10
N LEU B 61 -44.28 -32.68 2.23
CA LEU B 61 -44.99 -33.52 1.27
C LEU B 61 -44.67 -33.15 -0.18
N CYS B 62 -44.26 -34.18 -0.91
CA CYS B 62 -44.08 -34.09 -2.36
C CYS B 62 -44.58 -35.40 -2.98
N ASP B 63 -44.38 -35.56 -4.29
CA ASP B 63 -44.81 -36.78 -4.95
C ASP B 63 -44.02 -38.02 -4.53
N TYR B 64 -42.79 -37.83 -4.09
CA TYR B 64 -41.88 -38.95 -3.77
C TYR B 64 -42.11 -39.65 -2.44
N ASN B 65 -43.03 -39.13 -1.62
CA ASN B 65 -43.45 -39.84 -0.43
C ASN B 65 -44.95 -40.09 -0.41
N ARG B 66 -45.57 -39.85 -1.56
CA ARG B 66 -46.97 -40.12 -1.75
C ARG B 66 -47.12 -41.51 -2.30
N ASP B 67 -48.16 -42.19 -1.83
CA ASP B 67 -48.66 -43.40 -2.48
C ASP B 67 -50.18 -43.38 -2.41
N GLY B 68 -50.82 -43.33 -3.56
CA GLY B 68 -52.27 -43.17 -3.61
C GLY B 68 -52.61 -41.76 -3.17
N ASP B 69 -53.32 -41.63 -2.05
CA ASP B 69 -53.59 -40.34 -1.46
C ASP B 69 -53.02 -40.25 -0.06
N SER B 70 -52.00 -41.05 0.20
CA SER B 70 -51.37 -41.08 1.51
C SER B 70 -49.91 -40.70 1.42
N TYR B 71 -49.34 -40.27 2.55
CA TYR B 71 -47.96 -39.80 2.56
C TYR B 71 -47.19 -40.51 3.64
N ARG B 72 -45.92 -40.77 3.37
CA ARG B 72 -45.04 -41.44 4.32
C ARG B 72 -44.21 -40.46 5.16
N SER B 73 -44.39 -40.51 6.47
CA SER B 73 -43.61 -39.72 7.39
C SER B 73 -42.24 -40.34 7.54
N PRO B 74 -41.17 -39.54 7.39
CA PRO B 74 -39.81 -40.03 7.54
C PRO B 74 -39.46 -40.33 8.98
N TRP B 75 -40.31 -39.85 9.90
CA TRP B 75 -40.07 -40.05 11.32
C TRP B 75 -40.56 -41.39 11.78
N SER B 76 -41.81 -41.72 11.52
CA SER B 76 -42.36 -43.01 11.97
C SER B 76 -42.39 -44.08 10.89
N ASN B 77 -42.00 -43.72 9.66
CA ASN B 77 -41.94 -44.62 8.51
C ASN B 77 -43.28 -45.26 8.17
N LYS B 78 -44.35 -44.52 8.41
CA LYS B 78 -45.70 -45.02 8.20
C LYS B 78 -46.51 -44.09 7.33
N TYR B 79 -47.57 -44.60 6.73
CA TYR B 79 -48.40 -43.81 5.83
C TYR B 79 -49.56 -43.15 6.54
N ASP B 80 -49.92 -41.96 6.07
CA ASP B 80 -51.09 -41.24 6.57
C ASP B 80 -51.85 -40.59 5.42
N PRO B 81 -53.16 -40.88 5.30
CA PRO B 81 -53.93 -41.81 6.13
C PRO B 81 -53.43 -43.25 5.95
N PRO B 82 -53.69 -44.14 6.94
CA PRO B 82 -53.01 -45.42 6.93
C PRO B 82 -53.21 -46.15 5.63
N LEU B 83 -52.25 -46.96 5.22
CA LEU B 83 -52.35 -47.60 3.90
C LEU B 83 -52.08 -49.08 3.96
N GLU B 84 -52.86 -49.83 3.18
CA GLU B 84 -52.74 -51.28 3.05
C GLU B 84 -51.30 -51.70 2.64
N ASP B 85 -50.95 -51.51 1.37
CA ASP B 85 -49.63 -51.87 0.87
C ASP B 85 -49.01 -50.69 0.17
N GLY B 86 -48.21 -49.92 0.89
CA GLY B 86 -47.58 -48.72 0.36
C GLY B 86 -46.14 -48.96 0.03
N ALA B 87 -45.62 -48.21 -0.95
CA ALA B 87 -44.22 -48.34 -1.36
C ALA B 87 -43.29 -47.90 -0.24
N MET B 88 -42.47 -48.84 0.22
CA MET B 88 -41.57 -48.60 1.34
C MET B 88 -40.11 -48.72 0.91
N PRO B 89 -39.17 -48.27 1.75
CA PRO B 89 -37.80 -48.55 1.41
C PRO B 89 -37.31 -49.83 2.09
N SER B 90 -36.44 -50.57 1.39
CA SER B 90 -35.75 -51.73 1.95
C SER B 90 -35.10 -51.39 3.29
N ALA B 91 -35.17 -52.30 4.26
CA ALA B 91 -34.63 -52.04 5.61
C ALA B 91 -33.19 -51.48 5.61
N ARG B 92 -32.39 -51.91 4.62
CA ARG B 92 -31.03 -51.38 4.40
C ARG B 92 -31.09 -49.88 4.13
N LEU B 93 -31.96 -49.49 3.19
CA LEU B 93 -32.10 -48.09 2.77
C LEU B 93 -32.74 -47.21 3.83
N ARG B 94 -33.80 -47.71 4.47
CA ARG B 94 -34.47 -47.01 5.57
C ARG B 94 -33.45 -46.51 6.59
N LYS B 95 -32.44 -47.33 6.86
CA LYS B 95 -31.41 -47.00 7.83
C LYS B 95 -30.59 -45.82 7.33
N LEU B 96 -30.33 -45.79 6.03
CA LEU B 96 -29.57 -44.70 5.43
C LEU B 96 -30.46 -43.47 5.38
N GLU B 97 -31.75 -43.68 5.11
CA GLU B 97 -32.72 -42.59 5.08
C GLU B 97 -32.75 -41.90 6.44
N VAL B 98 -32.99 -42.66 7.50
CA VAL B 98 -33.06 -42.10 8.83
C VAL B 98 -31.78 -41.30 9.16
N GLU B 99 -30.64 -41.68 8.56
CA GLU B 99 -29.38 -40.98 8.79
C GLU B 99 -29.34 -39.71 7.98
N ALA B 100 -29.74 -39.82 6.72
CA ALA B 100 -29.78 -38.68 5.82
C ALA B 100 -30.71 -37.60 6.32
N ASN B 101 -31.76 -38.00 7.03
CA ASN B 101 -32.68 -37.05 7.65
C ASN B 101 -32.04 -36.31 8.80
N ASN B 102 -31.30 -37.04 9.64
CA ASN B 102 -30.55 -36.42 10.72
C ASN B 102 -29.46 -35.49 10.22
N ALA B 103 -28.80 -35.90 9.14
CA ALA B 103 -27.72 -35.10 8.56
C ALA B 103 -28.28 -33.79 8.03
N PHE B 104 -29.32 -33.89 7.21
CA PHE B 104 -29.89 -32.70 6.56
C PHE B 104 -30.69 -31.84 7.50
N ASP B 105 -31.07 -32.41 8.63
CA ASP B 105 -31.68 -31.64 9.69
C ASP B 105 -30.69 -30.62 10.25
N GLN B 106 -29.46 -31.06 10.48
CA GLN B 106 -28.41 -30.17 10.91
C GLN B 106 -28.08 -29.16 9.85
N TYR B 107 -27.93 -29.64 8.61
CA TYR B 107 -27.69 -28.77 7.47
C TYR B 107 -28.71 -27.65 7.47
N ARG B 108 -29.97 -28.00 7.66
CA ARG B 108 -31.06 -27.04 7.67
C ARG B 108 -30.79 -26.00 8.72
N ASP B 109 -30.57 -26.44 9.95
CA ASP B 109 -30.30 -25.53 11.06
C ASP B 109 -29.13 -24.61 10.76
N LEU B 110 -28.13 -25.16 10.08
CA LEU B 110 -26.91 -24.44 9.83
C LEU B 110 -27.07 -23.32 8.85
N TYR B 111 -27.94 -23.48 7.85
CA TYR B 111 -28.12 -22.49 6.80
C TYR B 111 -29.44 -21.72 6.88
N PHE B 112 -30.42 -22.25 7.61
CA PHE B 112 -31.75 -21.66 7.62
C PHE B 112 -32.19 -21.22 9.01
N GLU B 113 -31.50 -21.69 10.04
CA GLU B 113 -31.80 -21.36 11.43
C GLU B 113 -33.28 -21.49 11.76
N GLY B 114 -33.86 -22.61 11.35
CA GLY B 114 -35.28 -22.88 11.52
C GLY B 114 -35.84 -23.61 10.31
N GLY B 115 -37.15 -23.54 10.14
CA GLY B 115 -37.83 -24.22 9.04
C GLY B 115 -37.97 -25.71 9.27
N VAL B 116 -38.39 -26.42 8.23
CA VAL B 116 -38.59 -27.87 8.29
C VAL B 116 -37.78 -28.55 7.19
N SER B 117 -37.20 -29.71 7.49
CA SER B 117 -36.61 -30.54 6.45
C SER B 117 -37.13 -31.98 6.49
N SER B 118 -37.12 -32.64 5.33
CA SER B 118 -37.46 -34.04 5.20
C SER B 118 -36.70 -34.64 4.05
N VAL B 119 -36.25 -35.87 4.22
CA VAL B 119 -35.47 -36.57 3.20
C VAL B 119 -36.12 -37.92 2.92
N TYR B 120 -36.39 -38.23 1.65
CA TYR B 120 -36.94 -39.52 1.31
C TYR B 120 -36.07 -40.21 0.30
N LEU B 121 -35.70 -41.44 0.60
CA LEU B 121 -34.89 -42.30 -0.27
C LEU B 121 -35.73 -43.42 -0.87
N TRP B 122 -35.43 -43.80 -2.10
CA TRP B 122 -36.05 -44.99 -2.68
C TRP B 122 -35.08 -45.81 -3.52
N ASP B 123 -35.41 -47.10 -3.69
CA ASP B 123 -34.53 -48.05 -4.34
C ASP B 123 -34.65 -47.92 -5.84
N LEU B 124 -33.49 -47.90 -6.50
CA LEU B 124 -33.40 -47.89 -7.96
C LEU B 124 -32.82 -49.21 -8.45
N ASP B 125 -32.31 -49.24 -9.70
CA ASP B 125 -31.70 -50.46 -10.23
C ASP B 125 -30.25 -50.68 -9.80
N HIS B 126 -29.32 -49.88 -10.32
CA HIS B 126 -27.91 -50.01 -9.95
C HIS B 126 -27.44 -48.91 -9.01
N GLY B 127 -28.19 -48.77 -7.93
CA GLY B 127 -28.01 -47.70 -6.95
C GLY B 127 -29.35 -47.25 -6.40
N PHE B 128 -29.41 -46.02 -5.90
CA PHE B 128 -30.62 -45.47 -5.30
C PHE B 128 -30.84 -44.00 -5.61
N ALA B 129 -31.99 -43.48 -5.19
CA ALA B 129 -32.29 -42.07 -5.39
C ALA B 129 -32.80 -41.46 -4.10
N GLY B 130 -32.72 -40.13 -4.01
CA GLY B 130 -33.21 -39.42 -2.86
C GLY B 130 -33.85 -38.08 -3.19
N VAL B 131 -34.71 -37.60 -2.30
CA VAL B 131 -35.22 -36.25 -2.37
C VAL B 131 -34.99 -35.57 -1.03
N ILE B 132 -34.45 -34.36 -1.09
CA ILE B 132 -34.18 -33.55 0.10
C ILE B 132 -35.02 -32.28 0.05
N LEU B 133 -35.88 -32.09 1.05
CA LEU B 133 -36.84 -31.00 1.04
C LEU B 133 -36.61 -30.10 2.23
N ILE B 134 -36.63 -28.78 1.99
CA ILE B 134 -36.49 -27.78 3.03
C ILE B 134 -37.48 -26.65 2.80
N LYS B 135 -38.24 -26.31 3.83
CA LYS B 135 -39.18 -25.18 3.78
C LYS B 135 -38.90 -24.22 4.93
N LYS B 136 -38.63 -22.96 4.60
CA LYS B 136 -38.41 -21.92 5.59
C LYS B 136 -39.29 -20.72 5.30
N ALA B 137 -39.96 -20.21 6.32
CA ALA B 137 -40.84 -19.05 6.16
C ALA B 137 -40.30 -17.85 6.91
N GLY B 138 -40.47 -16.67 6.34
CA GLY B 138 -40.08 -15.42 7.01
C GLY B 138 -41.10 -14.99 8.03
N ASP B 139 -40.72 -14.08 8.91
CA ASP B 139 -41.57 -13.65 10.03
C ASP B 139 -42.67 -12.63 9.72
N GLY B 140 -43.82 -12.84 10.37
CA GLY B 140 -44.96 -11.90 10.36
C GLY B 140 -44.77 -10.63 11.21
N SER B 141 -43.58 -10.48 11.81
CA SER B 141 -43.10 -9.24 12.46
C SER B 141 -42.79 -8.11 11.44
N LYS B 142 -42.15 -8.48 10.31
CA LYS B 142 -41.80 -7.55 9.20
C LYS B 142 -42.90 -7.50 8.15
N LYS B 143 -42.95 -6.40 7.39
CA LYS B 143 -44.10 -6.11 6.52
C LYS B 143 -44.28 -6.93 5.24
N ILE B 144 -43.36 -7.85 5.00
CA ILE B 144 -43.29 -8.61 3.77
C ILE B 144 -43.32 -10.11 4.05
N LYS B 145 -44.32 -10.81 3.52
CA LYS B 145 -44.39 -12.27 3.65
C LYS B 145 -43.37 -12.89 2.71
N GLY B 146 -42.66 -13.90 3.18
CA GLY B 146 -41.64 -14.58 2.39
C GLY B 146 -41.57 -16.06 2.64
N CYS B 147 -41.21 -16.83 1.63
CA CYS B 147 -41.08 -18.26 1.77
C CYS B 147 -40.04 -18.86 0.82
N TRP B 148 -39.39 -19.92 1.29
CA TRP B 148 -38.35 -20.60 0.56
C TRP B 148 -38.58 -22.10 0.59
N ASP B 149 -38.79 -22.69 -0.59
CA ASP B 149 -38.92 -24.14 -0.74
C ASP B 149 -37.74 -24.72 -1.53
N SER B 150 -37.05 -25.70 -0.95
CA SER B 150 -35.95 -26.38 -1.61
C SER B 150 -36.34 -27.80 -2.02
N ILE B 151 -36.12 -28.16 -3.27
CA ILE B 151 -36.35 -29.52 -3.71
C ILE B 151 -35.13 -30.06 -4.43
N HIS B 152 -34.36 -30.90 -3.75
CA HIS B 152 -33.16 -31.51 -4.30
C HIS B 152 -33.41 -32.98 -4.58
N VAL B 153 -33.32 -33.37 -5.84
CA VAL B 153 -33.49 -34.77 -6.24
C VAL B 153 -32.17 -35.33 -6.75
N VAL B 154 -31.61 -36.28 -6.00
CA VAL B 154 -30.34 -36.86 -6.33
C VAL B 154 -30.50 -38.28 -6.80
N GLU B 155 -29.67 -38.68 -7.76
CA GLU B 155 -29.58 -40.05 -8.24
C GLU B 155 -28.18 -40.58 -7.99
N VAL B 156 -28.08 -41.76 -7.37
CA VAL B 156 -26.78 -42.39 -7.12
C VAL B 156 -26.65 -43.66 -7.94
N GLN B 157 -25.65 -43.69 -8.82
CA GLN B 157 -25.33 -44.89 -9.58
C GLN B 157 -24.00 -45.44 -9.07
N GLU B 158 -24.09 -46.50 -8.27
CA GLU B 158 -22.89 -47.15 -7.73
C GLU B 158 -22.23 -47.97 -8.81
N LYS B 159 -20.91 -47.86 -8.88
CA LYS B 159 -20.08 -48.74 -9.72
C LYS B 159 -19.91 -50.10 -9.02
N SER B 160 -19.54 -51.15 -9.78
CA SER B 160 -19.46 -52.52 -9.24
C SER B 160 -18.40 -52.73 -8.13
N SER B 161 -17.35 -51.91 -8.14
CA SER B 161 -16.29 -51.96 -7.13
C SER B 161 -16.73 -51.54 -5.72
N GLY B 162 -17.60 -50.53 -5.63
CA GLY B 162 -17.73 -49.67 -4.45
C GLY B 162 -16.62 -48.64 -4.59
N ARG B 163 -16.38 -47.85 -3.55
CA ARG B 163 -15.29 -46.83 -3.53
C ARG B 163 -15.41 -45.66 -4.53
N THR B 164 -16.28 -45.79 -5.53
CA THR B 164 -16.57 -44.71 -6.46
C THR B 164 -18.02 -44.80 -6.98
N ALA B 165 -18.67 -43.64 -7.08
CA ALA B 165 -20.06 -43.57 -7.55
C ALA B 165 -20.34 -42.27 -8.31
N HIS B 166 -21.38 -42.29 -9.14
CA HIS B 166 -21.78 -41.14 -9.97
C HIS B 166 -23.08 -40.52 -9.48
N TYR B 167 -23.04 -39.22 -9.23
CA TYR B 167 -24.19 -38.51 -8.68
C TYR B 167 -24.82 -37.53 -9.69
N LYS B 168 -26.13 -37.65 -9.87
CA LYS B 168 -26.92 -36.69 -10.66
C LYS B 168 -27.81 -35.91 -9.73
N LEU B 169 -27.70 -34.59 -9.76
CA LEU B 169 -28.48 -33.73 -8.90
C LEU B 169 -29.33 -32.77 -9.70
N THR B 170 -30.63 -32.79 -9.47
CA THR B 170 -31.54 -31.79 -10.02
C THR B 170 -32.21 -31.03 -8.88
N SER B 171 -31.88 -29.75 -8.77
CA SER B 171 -32.35 -28.93 -7.68
C SER B 171 -33.25 -27.81 -8.14
N THR B 172 -34.36 -27.63 -7.43
CA THR B 172 -35.26 -26.50 -7.64
C THR B 172 -35.44 -25.75 -6.33
N VAL B 173 -35.32 -24.43 -6.40
CA VAL B 173 -35.66 -23.59 -5.27
C VAL B 173 -36.84 -22.70 -5.65
N MET B 174 -37.87 -22.70 -4.82
CA MET B 174 -38.99 -21.83 -5.06
C MET B 174 -38.98 -20.71 -4.03
N LEU B 175 -39.06 -19.47 -4.53
CA LEU B 175 -38.90 -18.27 -3.71
C LEU B 175 -40.10 -17.39 -3.86
N TRP B 176 -40.73 -17.05 -2.73
CA TRP B 176 -41.99 -16.33 -2.72
C TRP B 176 -41.93 -15.11 -1.85
N LEU B 177 -42.22 -13.95 -2.44
CA LEU B 177 -42.23 -12.69 -1.72
C LEU B 177 -43.49 -11.91 -2.06
N GLN B 178 -44.00 -11.14 -1.11
CA GLN B 178 -45.33 -10.59 -1.25
C GLN B 178 -45.64 -9.52 -0.18
N THR B 179 -46.31 -8.43 -0.56
CA THR B 179 -46.77 -7.37 0.36
C THR B 179 -48.03 -6.66 -0.08
N ASN B 180 -48.76 -6.15 0.92
CA ASN B 180 -49.87 -5.24 0.69
C ASN B 180 -49.61 -3.82 1.23
N LYS B 181 -48.33 -3.45 1.33
CA LYS B 181 -47.92 -2.07 1.68
C LYS B 181 -48.65 -1.11 0.75
N THR B 182 -49.43 -0.20 1.33
CA THR B 182 -50.39 0.64 0.57
C THR B 182 -49.70 1.42 -0.57
N GLY B 183 -48.42 1.73 -0.37
CA GLY B 183 -47.56 2.40 -1.37
C GLY B 183 -47.61 1.78 -2.76
N SER B 184 -47.59 0.45 -2.81
CA SER B 184 -47.53 -0.29 -4.08
C SER B 184 -48.69 -1.27 -4.30
N GLY B 185 -49.83 -1.04 -3.64
CA GLY B 185 -50.99 -1.92 -3.81
C GLY B 185 -50.65 -3.32 -3.34
N THR B 186 -50.90 -4.31 -4.18
CA THR B 186 -50.34 -5.64 -3.92
C THR B 186 -49.10 -5.83 -4.80
N MET B 187 -48.15 -6.57 -4.29
CA MET B 187 -46.96 -6.90 -5.05
C MET B 187 -46.53 -8.31 -4.72
N ASN B 188 -46.59 -9.19 -5.72
CA ASN B 188 -46.22 -10.58 -5.54
C ASN B 188 -45.12 -10.92 -6.52
N LEU B 189 -43.96 -11.29 -5.97
CA LEU B 189 -42.82 -11.70 -6.74
C LEU B 189 -42.54 -13.13 -6.34
N GLY B 190 -42.83 -14.07 -7.22
CA GLY B 190 -42.70 -15.49 -6.92
C GLY B 190 -42.28 -16.36 -8.07
N GLY B 191 -42.00 -17.63 -7.77
CA GLY B 191 -41.56 -18.58 -8.78
C GLY B 191 -40.38 -19.42 -8.32
N SER B 192 -39.62 -19.93 -9.28
CA SER B 192 -38.51 -20.84 -8.98
C SER B 192 -37.45 -20.91 -10.08
N LEU B 193 -36.28 -21.43 -9.71
CA LEU B 193 -35.23 -21.76 -10.67
C LEU B 193 -34.79 -23.19 -10.45
N THR B 194 -34.33 -23.84 -11.52
CA THR B 194 -33.80 -25.21 -11.46
C THR B 194 -32.39 -25.31 -12.08
N ARG B 195 -31.53 -26.16 -11.52
CA ARG B 195 -30.17 -26.39 -12.02
C ARG B 195 -29.73 -27.88 -11.95
N GLN B 196 -28.68 -28.24 -12.70
CA GLN B 196 -28.15 -29.61 -12.67
C GLN B 196 -26.65 -29.69 -12.42
N MET B 197 -26.23 -30.52 -11.47
CA MET B 197 -24.83 -30.92 -11.32
C MET B 197 -24.71 -32.40 -11.56
N GLU B 198 -23.55 -32.83 -12.02
CA GLU B 198 -23.31 -34.23 -12.31
C GLU B 198 -21.85 -34.52 -12.01
N LYS B 199 -21.58 -35.39 -11.04
CA LYS B 199 -20.22 -35.58 -10.56
C LYS B 199 -19.95 -37.01 -10.14
N ASP B 200 -18.71 -37.46 -10.32
CA ASP B 200 -18.22 -38.71 -9.76
C ASP B 200 -17.45 -38.37 -8.49
N GLU B 201 -17.52 -39.24 -7.47
CA GLU B 201 -16.75 -39.03 -6.23
C GLU B 201 -16.38 -40.30 -5.49
N THR B 202 -15.33 -40.19 -4.69
CA THR B 202 -14.81 -41.28 -3.87
C THR B 202 -15.81 -41.61 -2.77
N VAL B 203 -16.11 -42.91 -2.62
CA VAL B 203 -16.93 -43.40 -1.53
C VAL B 203 -16.06 -44.16 -0.51
N SER B 204 -15.58 -43.46 0.52
CA SER B 204 -14.78 -44.09 1.54
C SER B 204 -15.58 -44.21 2.82
N ASP B 205 -14.89 -44.43 3.93
CA ASP B 205 -15.53 -44.44 5.24
C ASP B 205 -15.50 -43.03 5.77
N SER B 206 -14.42 -42.32 5.48
CA SER B 206 -14.31 -40.93 5.91
C SER B 206 -15.16 -40.03 5.03
N SER B 207 -15.52 -40.52 3.84
CA SER B 207 -16.38 -39.77 2.92
C SER B 207 -17.47 -40.66 2.31
N PRO B 208 -18.53 -40.98 3.08
CA PRO B 208 -19.60 -41.88 2.64
C PRO B 208 -20.57 -41.22 1.67
N HIS B 209 -21.75 -41.81 1.50
CA HIS B 209 -22.74 -41.29 0.55
C HIS B 209 -23.38 -39.98 1.01
N ILE B 210 -23.90 -39.96 2.23
CA ILE B 210 -24.55 -38.79 2.77
C ILE B 210 -23.63 -37.58 2.68
N ALA B 211 -22.35 -37.78 3.01
CA ALA B 211 -21.35 -36.73 2.91
C ALA B 211 -21.22 -36.22 1.48
N ASN B 212 -21.20 -37.13 0.52
CA ASN B 212 -21.06 -36.77 -0.89
C ASN B 212 -22.27 -36.02 -1.41
N ILE B 213 -23.45 -36.50 -1.05
CA ILE B 213 -24.70 -35.87 -1.46
C ILE B 213 -24.79 -34.48 -0.83
N GLY B 214 -24.54 -34.43 0.48
CA GLY B 214 -24.50 -33.16 1.21
C GLY B 214 -23.67 -32.07 0.56
N ARG B 215 -22.40 -32.34 0.25
CA ARG B 215 -21.52 -31.36 -0.39
C ARG B 215 -22.12 -30.86 -1.67
N LEU B 216 -22.70 -31.77 -2.45
CA LEU B 216 -23.32 -31.41 -3.71
C LEU B 216 -24.49 -30.49 -3.49
N VAL B 217 -25.34 -30.82 -2.52
CA VAL B 217 -26.51 -30.01 -2.22
C VAL B 217 -26.07 -28.62 -1.81
N GLU B 218 -25.19 -28.57 -0.80
CA GLU B 218 -24.63 -27.31 -0.27
C GLU B 218 -24.10 -26.38 -1.37
N ASP B 219 -23.36 -26.95 -2.31
CA ASP B 219 -22.79 -26.18 -3.42
C ASP B 219 -23.88 -25.60 -4.29
N MET B 220 -24.86 -26.44 -4.64
CA MET B 220 -25.94 -26.06 -5.51
C MET B 220 -26.78 -24.99 -4.85
N GLU B 221 -27.07 -25.21 -3.57
CA GLU B 221 -27.96 -24.29 -2.85
C GLU B 221 -27.31 -22.92 -2.65
N ASN B 222 -25.99 -22.93 -2.45
CA ASN B 222 -25.23 -21.70 -2.37
C ASN B 222 -25.17 -20.99 -3.70
N LYS B 223 -25.07 -21.76 -4.77
CA LYS B 223 -24.96 -21.21 -6.10
C LYS B 223 -26.32 -20.70 -6.54
N ILE B 224 -27.41 -21.35 -6.10
CA ILE B 224 -28.75 -20.91 -6.48
C ILE B 224 -29.13 -19.67 -5.70
N ARG B 225 -28.93 -19.71 -4.39
CA ARG B 225 -29.20 -18.56 -3.52
C ARG B 225 -28.66 -17.29 -4.16
N SER B 226 -27.52 -17.44 -4.83
CA SER B 226 -26.85 -16.34 -5.51
C SER B 226 -27.65 -15.89 -6.72
N THR B 227 -27.81 -16.77 -7.71
CA THR B 227 -28.58 -16.46 -8.93
C THR B 227 -30.00 -16.00 -8.64
N LEU B 228 -30.62 -16.57 -7.60
CA LEU B 228 -31.94 -16.11 -7.16
C LEU B 228 -31.88 -14.62 -6.86
N ASN B 229 -31.01 -14.24 -5.94
CA ASN B 229 -30.87 -12.84 -5.53
C ASN B 229 -30.66 -11.93 -6.73
N GLU B 230 -29.86 -12.39 -7.66
CA GLU B 230 -29.48 -11.62 -8.83
C GLU B 230 -30.62 -11.50 -9.83
N ILE B 231 -31.42 -12.55 -9.98
CA ILE B 231 -32.56 -12.53 -10.89
C ILE B 231 -33.75 -11.82 -10.28
N TYR B 232 -34.11 -12.20 -9.05
CA TYR B 232 -35.28 -11.64 -8.38
C TYR B 232 -35.13 -10.15 -8.18
N PHE B 233 -34.07 -9.73 -7.50
CA PHE B 233 -33.90 -8.34 -7.08
C PHE B 233 -33.04 -7.52 -8.01
N GLY B 234 -32.35 -8.20 -8.93
CA GLY B 234 -31.59 -7.55 -10.00
C GLY B 234 -32.34 -7.46 -11.31
N LYS B 235 -32.44 -8.58 -12.02
CA LYS B 235 -33.04 -8.63 -13.37
C LYS B 235 -34.51 -8.19 -13.46
N THR B 236 -35.41 -8.83 -12.71
CA THR B 236 -36.83 -8.49 -12.81
C THR B 236 -37.07 -7.03 -12.52
N LYS B 237 -36.28 -6.45 -11.62
CA LYS B 237 -36.41 -5.03 -11.28
C LYS B 237 -35.96 -4.15 -12.42
N ASP B 238 -34.88 -4.54 -13.10
CA ASP B 238 -34.33 -3.77 -14.19
C ASP B 238 -35.31 -3.75 -15.32
N ILE B 239 -35.97 -4.88 -15.53
CA ILE B 239 -37.04 -5.01 -16.50
C ILE B 239 -38.11 -3.97 -16.19
N VAL B 240 -38.55 -3.93 -14.93
CA VAL B 240 -39.54 -2.96 -14.50
C VAL B 240 -39.08 -1.56 -14.84
N ASN B 241 -37.85 -1.24 -14.46
CA ASN B 241 -37.29 0.08 -14.73
C ASN B 241 -37.11 0.39 -16.24
N GLY B 242 -37.07 -0.66 -17.06
CA GLY B 242 -37.02 -0.48 -18.51
C GLY B 242 -38.38 -0.32 -19.15
N LEU B 243 -39.44 -0.42 -18.36
CA LEU B 243 -40.80 -0.21 -18.85
C LEU B 243 -41.22 1.22 -18.69
N ARG B 244 -40.74 1.86 -17.63
CA ARG B 244 -41.09 3.22 -17.30
C ARG B 244 -39.95 3.92 -16.57
N SER B 245 -39.76 5.21 -16.84
CA SER B 245 -38.71 6.00 -16.21
C SER B 245 -39.29 7.19 -15.44
N ILE B 246 -38.91 7.33 -14.16
CA ILE B 246 -39.40 8.46 -13.36
C ILE B 246 -38.88 9.79 -13.88
N ASP B 247 -37.57 9.92 -14.05
CA ASP B 247 -36.97 11.10 -14.65
C ASP B 247 -37.29 11.12 -16.12
N ALA B 248 -37.63 12.29 -16.66
CA ALA B 248 -38.05 12.40 -18.04
C ALA B 248 -36.93 11.94 -18.95
N ILE B 249 -37.27 11.04 -19.88
CA ILE B 249 -36.29 10.46 -20.80
C ILE B 249 -35.58 11.50 -21.59
N PRO B 250 -34.23 11.43 -21.41
CA PRO B 250 -33.09 12.19 -21.90
C PRO B 250 -32.95 11.95 -23.37
N ASP B 251 -32.72 13.02 -24.11
CA ASP B 251 -32.79 12.97 -25.56
C ASP B 251 -31.78 11.99 -26.14
N ASN B 252 -30.82 11.58 -25.32
CA ASN B 252 -29.77 10.66 -25.74
C ASN B 252 -30.28 9.24 -26.01
N GLN B 253 -31.03 8.68 -25.07
CA GLN B 253 -31.60 7.35 -25.26
C GLN B 253 -32.78 7.36 -26.21
N LYS B 254 -33.63 8.38 -26.11
CA LYS B 254 -34.65 8.66 -27.10
C LYS B 254 -34.09 8.54 -28.52
N TYR B 255 -32.89 9.09 -28.72
CA TYR B 255 -32.22 9.16 -30.05
C TYR B 255 -31.44 7.89 -30.38
N LYS B 256 -30.68 7.36 -29.41
CA LYS B 256 -30.09 6.03 -29.56
C LYS B 256 -31.14 4.99 -29.91
N GLN B 257 -32.36 5.19 -29.41
CA GLN B 257 -33.46 4.28 -29.68
C GLN B 257 -33.99 4.39 -31.11
N LEU B 258 -34.01 5.60 -31.65
CA LEU B 258 -34.42 5.84 -33.04
C LEU B 258 -33.39 5.26 -33.97
N GLN B 259 -32.12 5.32 -33.55
CA GLN B 259 -31.01 4.77 -34.32
C GLN B 259 -31.26 3.29 -34.57
N ARG B 260 -31.69 2.59 -33.53
CA ARG B 260 -31.88 1.16 -33.64
C ARG B 260 -33.26 0.79 -34.21
N GLU B 261 -34.30 1.54 -33.86
CA GLU B 261 -35.63 1.30 -34.44
C GLU B 261 -35.62 1.36 -35.96
N LEU B 262 -35.00 2.40 -36.52
CA LEU B 262 -34.92 2.54 -37.96
C LEU B 262 -34.14 1.38 -38.57
N SER B 263 -33.03 1.02 -37.94
CA SER B 263 -32.20 -0.10 -38.39
C SER B 263 -33.01 -1.36 -38.69
N GLN B 264 -33.94 -1.72 -37.80
CA GLN B 264 -34.79 -2.92 -37.98
C GLN B 264 -35.83 -2.74 -39.10
N VAL B 265 -35.37 -2.48 -40.32
CA VAL B 265 -36.24 -2.45 -41.50
C VAL B 265 -36.26 -3.83 -42.23
N LEU B 266 -37.31 -4.60 -41.94
CA LEU B 266 -37.46 -6.02 -42.35
C LEU B 266 -36.15 -6.72 -42.71
N ARG C 7 1.87 50.54 8.03
CA ARG C 7 2.90 49.88 8.89
C ARG C 7 3.66 48.74 8.17
N VAL C 8 3.16 48.37 6.99
CA VAL C 8 3.59 47.18 6.23
C VAL C 8 4.22 47.57 4.88
N SER C 9 5.40 47.00 4.58
CA SER C 9 6.23 47.37 3.41
C SER C 9 5.49 47.31 2.07
N ASP C 10 5.76 48.29 1.20
CA ASP C 10 5.11 48.37 -0.11
C ASP C 10 5.36 47.16 -1.01
N GLU C 11 6.45 46.44 -0.74
CA GLU C 11 6.75 45.22 -1.46
C GLU C 11 5.76 44.13 -1.03
N GLU C 12 5.42 44.12 0.27
CA GLU C 12 4.42 43.19 0.83
C GLU C 12 3.01 43.52 0.33
N LYS C 13 2.65 44.81 0.32
CA LYS C 13 1.32 45.26 -0.09
C LYS C 13 0.95 44.81 -1.48
N VAL C 14 1.91 44.86 -2.39
CA VAL C 14 1.68 44.40 -3.75
C VAL C 14 1.58 42.87 -3.81
N ARG C 15 2.33 42.18 -2.95
CA ARG C 15 2.27 40.71 -2.87
C ARG C 15 0.85 40.28 -2.54
N ILE C 16 0.23 40.97 -1.56
CA ILE C 16 -1.16 40.73 -1.13
C ILE C 16 -2.12 41.06 -2.26
N ALA C 17 -1.89 42.19 -2.91
CA ALA C 17 -2.71 42.58 -4.03
C ALA C 17 -2.68 41.53 -5.13
N ALA C 18 -1.51 40.97 -5.37
CA ALA C 18 -1.31 39.95 -6.39
C ALA C 18 -2.03 38.66 -6.01
N LYS C 19 -1.85 38.23 -4.77
CA LYS C 19 -2.58 37.10 -4.20
C LYS C 19 -4.09 37.25 -4.43
N PHE C 20 -4.66 38.40 -4.05
CA PHE C 20 -6.08 38.65 -4.23
C PHE C 20 -6.49 38.48 -5.68
N ILE C 21 -5.73 39.06 -6.60
CA ILE C 21 -6.10 38.98 -8.01
C ILE C 21 -6.11 37.53 -8.49
N THR C 22 -5.05 36.77 -8.19
CA THR C 22 -4.99 35.37 -8.66
C THR C 22 -6.18 34.56 -8.20
N HIS C 23 -6.79 34.98 -7.09
CA HIS C 23 -7.87 34.23 -6.46
C HIS C 23 -9.29 34.67 -6.84
N ALA C 24 -9.39 35.55 -7.83
CA ALA C 24 -10.68 36.03 -8.32
C ALA C 24 -11.54 34.90 -8.84
N PRO C 25 -12.78 34.78 -8.34
CA PRO C 25 -13.69 33.75 -8.81
C PRO C 25 -13.91 33.86 -10.32
N PRO C 26 -14.26 32.75 -10.97
CA PRO C 26 -14.43 32.74 -12.41
C PRO C 26 -15.40 33.82 -12.89
N GLY C 27 -15.01 34.57 -13.91
CA GLY C 27 -15.86 35.59 -14.55
C GLY C 27 -16.13 36.80 -13.68
N GLU C 28 -15.19 37.06 -12.79
CA GLU C 28 -15.28 38.18 -11.87
C GLU C 28 -13.90 38.78 -11.66
N PHE C 29 -13.04 38.63 -12.67
CA PHE C 29 -11.68 39.12 -12.60
C PHE C 29 -11.72 40.62 -12.47
N ASN C 30 -12.40 41.25 -13.43
CA ASN C 30 -12.49 42.68 -13.45
C ASN C 30 -12.87 43.21 -12.09
N GLU C 31 -14.02 42.78 -11.59
CA GLU C 31 -14.57 43.27 -10.35
C GLU C 31 -13.53 43.17 -9.22
N VAL C 32 -12.79 42.06 -9.18
CA VAL C 32 -11.79 41.86 -8.14
C VAL C 32 -10.62 42.80 -8.37
N PHE C 33 -10.21 42.90 -9.64
CA PHE C 33 -9.12 43.79 -10.05
C PHE C 33 -9.41 45.23 -9.63
N ASN C 34 -10.56 45.75 -10.06
CA ASN C 34 -10.96 47.09 -9.65
C ASN C 34 -10.91 47.28 -8.14
N ASP C 35 -11.49 46.35 -7.40
CA ASP C 35 -11.44 46.43 -5.95
C ASP C 35 -10.00 46.54 -5.47
N VAL C 36 -9.13 45.64 -5.95
CA VAL C 36 -7.74 45.58 -5.50
C VAL C 36 -6.99 46.85 -5.84
N ARG C 37 -7.26 47.39 -7.02
CA ARG C 37 -6.60 48.60 -7.50
C ARG C 37 -6.87 49.79 -6.61
N LEU C 38 -8.16 50.09 -6.45
CA LEU C 38 -8.65 51.18 -5.63
C LEU C 38 -8.14 51.10 -4.19
N LEU C 39 -7.92 49.88 -3.69
CA LEU C 39 -7.50 49.70 -2.32
C LEU C 39 -6.02 49.94 -2.17
N LEU C 40 -5.23 49.42 -3.10
CA LEU C 40 -3.77 49.57 -3.05
C LEU C 40 -3.38 51.03 -3.25
N ASN C 41 -4.08 51.65 -4.20
CA ASN C 41 -3.93 53.07 -4.50
C ASN C 41 -2.54 53.46 -4.96
N ASN C 42 -2.06 52.80 -6.00
CA ASN C 42 -0.68 52.93 -6.43
C ASN C 42 -0.48 52.21 -7.76
N ASP C 43 -1.08 52.76 -8.82
CA ASP C 43 -1.01 52.15 -10.14
C ASP C 43 0.42 51.82 -10.59
N ASN C 44 1.41 52.40 -9.93
CA ASN C 44 2.79 52.11 -10.20
C ASN C 44 3.22 50.77 -9.64
N LEU C 45 2.85 50.50 -8.40
CA LEU C 45 3.14 49.22 -7.76
C LEU C 45 2.39 48.11 -8.46
N LEU C 46 1.15 48.40 -8.85
CA LEU C 46 0.30 47.41 -9.50
C LEU C 46 0.96 46.88 -10.77
N ARG C 47 1.31 47.77 -11.70
CA ARG C 47 1.83 47.37 -13.02
C ARG C 47 3.14 46.57 -12.97
N GLU C 48 3.94 46.76 -11.92
CA GLU C 48 5.18 46.03 -11.77
C GLU C 48 4.98 44.69 -11.05
N GLY C 49 4.73 44.76 -9.74
CA GLY C 49 4.64 43.56 -8.89
C GLY C 49 3.38 42.71 -9.07
N ALA C 50 2.50 43.12 -9.97
CA ALA C 50 1.28 42.36 -10.23
C ALA C 50 1.11 41.93 -11.68
N ALA C 51 2.00 42.37 -12.55
CA ALA C 51 1.99 41.95 -13.97
C ALA C 51 2.03 40.45 -14.08
N HIS C 52 2.81 39.82 -13.19
CA HIS C 52 2.91 38.37 -13.11
C HIS C 52 1.58 37.72 -12.78
N ALA C 53 0.77 38.38 -11.94
CA ALA C 53 -0.52 37.85 -11.50
C ALA C 53 -1.58 37.80 -12.61
N PHE C 54 -1.68 38.83 -13.43
CA PHE C 54 -2.67 38.85 -14.51
C PHE C 54 -2.54 37.66 -15.43
N ALA C 55 -1.30 37.39 -15.83
CA ALA C 55 -1.00 36.32 -16.77
C ALA C 55 -1.24 34.98 -16.12
N GLN C 56 -0.76 34.82 -14.90
CA GLN C 56 -0.89 33.58 -14.18
C GLN C 56 -2.35 33.20 -14.05
N TYR C 57 -3.20 34.17 -13.73
CA TYR C 57 -4.65 33.95 -13.60
C TYR C 57 -5.24 33.37 -14.87
N ASN C 58 -4.95 33.98 -16.01
CA ASN C 58 -5.51 33.51 -17.27
C ASN C 58 -5.06 32.12 -17.67
N MET C 59 -3.81 31.79 -17.41
CA MET C 59 -3.28 30.47 -17.71
C MET C 59 -3.83 29.44 -16.73
N ASP C 60 -4.02 29.88 -15.50
CA ASP C 60 -4.55 29.07 -14.42
C ASP C 60 -6.01 28.73 -14.67
N GLN C 61 -6.74 29.68 -15.25
CA GLN C 61 -8.18 29.54 -15.43
C GLN C 61 -8.57 28.98 -16.79
N PHE C 62 -7.58 28.71 -17.65
CA PHE C 62 -7.82 28.18 -19.00
C PHE C 62 -8.74 29.10 -19.80
N THR C 63 -8.46 30.40 -19.78
CA THR C 63 -9.35 31.39 -20.35
C THR C 63 -9.51 31.16 -21.84
N PRO C 64 -10.75 30.93 -22.30
CA PRO C 64 -10.96 30.81 -23.74
C PRO C 64 -10.90 32.19 -24.37
N VAL C 65 -10.41 32.25 -25.62
CA VAL C 65 -10.31 33.53 -26.33
C VAL C 65 -10.59 33.36 -27.82
N LYS C 66 -11.36 34.29 -28.38
CA LYS C 66 -11.66 34.29 -29.81
C LYS C 66 -10.51 34.96 -30.54
N ILE C 67 -10.07 34.31 -31.61
CA ILE C 67 -9.13 34.93 -32.54
C ILE C 67 -9.89 35.26 -33.84
N GLU C 68 -9.64 36.46 -34.37
CA GLU C 68 -10.42 36.98 -35.48
C GLU C 68 -10.31 36.18 -36.78
N GLY C 69 -11.46 35.82 -37.34
CA GLY C 69 -11.50 35.01 -38.56
C GLY C 69 -11.31 33.51 -38.34
N TYR C 70 -11.24 33.08 -37.07
CA TYR C 70 -11.08 31.66 -36.73
C TYR C 70 -12.17 31.12 -35.83
N ASP C 71 -12.67 29.94 -36.20
CA ASP C 71 -13.54 29.17 -35.33
C ASP C 71 -13.00 27.74 -35.12
N ASP C 72 -12.83 27.34 -33.86
CA ASP C 72 -13.24 28.20 -32.76
C ASP C 72 -12.13 28.64 -31.85
N GLN C 73 -12.50 28.97 -30.62
CA GLN C 73 -11.62 29.63 -29.68
C GLN C 73 -10.50 28.72 -29.20
N VAL C 74 -9.50 29.32 -28.55
CA VAL C 74 -8.35 28.58 -28.04
C VAL C 74 -8.12 28.98 -26.58
N LEU C 75 -7.51 28.10 -25.81
CA LEU C 75 -7.33 28.31 -24.38
C LEU C 75 -5.98 28.88 -24.06
N ILE C 76 -5.94 29.83 -23.14
CA ILE C 76 -4.71 30.37 -22.65
C ILE C 76 -4.27 29.49 -21.50
N THR C 77 -3.27 28.66 -21.75
CA THR C 77 -2.70 27.80 -20.72
C THR C 77 -1.22 28.10 -20.57
N GLU C 78 -0.55 27.45 -19.65
CA GLU C 78 0.88 27.60 -19.56
C GLU C 78 1.57 26.81 -20.67
N HIS C 79 0.83 25.94 -21.34
CA HIS C 79 1.40 25.06 -22.37
C HIS C 79 1.46 25.74 -23.73
N GLY C 80 0.79 26.87 -23.85
CA GLY C 80 0.82 27.66 -25.07
C GLY C 80 1.69 28.90 -24.94
N ASP C 81 2.19 29.15 -23.74
CA ASP C 81 3.03 30.30 -23.43
C ASP C 81 4.37 30.22 -24.15
N LEU C 82 4.69 31.27 -24.90
CA LEU C 82 5.90 31.29 -25.72
C LEU C 82 6.87 32.39 -25.30
N GLY C 83 6.71 32.91 -24.07
CA GLY C 83 7.39 34.14 -23.66
C GLY C 83 6.75 35.29 -24.44
N ASN C 84 7.48 36.42 -24.56
CA ASN C 84 6.98 37.64 -25.25
C ASN C 84 5.68 38.16 -24.63
N GLY C 85 4.60 37.51 -25.02
CA GLY C 85 3.24 37.86 -24.66
C GLY C 85 2.42 37.17 -25.74
N ARG C 86 2.97 36.05 -26.21
CA ARG C 86 2.40 35.30 -27.33
C ARG C 86 2.06 33.87 -26.93
N PHE C 87 0.97 33.37 -27.50
CA PHE C 87 0.44 32.05 -27.19
C PHE C 87 0.17 31.25 -28.45
N LEU C 88 0.27 29.93 -28.34
CA LEU C 88 0.15 29.05 -29.49
C LEU C 88 -1.25 28.50 -29.63
N ASP C 89 -1.76 28.47 -30.87
CA ASP C 89 -2.98 27.77 -31.21
C ASP C 89 -2.63 26.53 -32.04
N PRO C 90 -2.42 25.38 -31.38
CA PRO C 90 -1.98 24.19 -32.09
C PRO C 90 -2.93 23.66 -33.15
N ARG C 91 -4.23 23.98 -33.06
CA ARG C 91 -5.17 23.51 -34.08
C ARG C 91 -4.91 24.21 -35.38
N ASN C 92 -4.83 25.54 -35.32
CA ASN C 92 -4.62 26.36 -36.50
C ASN C 92 -3.15 26.57 -36.86
N LYS C 93 -2.25 26.09 -36.00
CA LYS C 93 -0.82 26.23 -36.21
C LYS C 93 -0.49 27.72 -36.39
N ILE C 94 -0.97 28.54 -35.47
CA ILE C 94 -0.67 29.96 -35.47
C ILE C 94 -0.26 30.51 -34.10
N SER C 95 0.48 31.61 -34.13
CA SER C 95 0.90 32.32 -32.95
C SER C 95 0.08 33.59 -32.87
N PHE C 96 -0.15 34.09 -31.65
CA PHE C 96 -0.91 35.33 -31.48
C PHE C 96 -0.51 36.07 -30.21
N LYS C 97 -0.72 37.37 -30.19
CA LYS C 97 -0.43 38.17 -29.01
C LYS C 97 -1.67 38.25 -28.13
N PHE C 98 -1.45 38.43 -26.83
CA PHE C 98 -2.52 38.43 -25.86
C PHE C 98 -2.34 39.52 -24.81
N ASP C 99 -3.38 40.32 -24.61
CA ASP C 99 -3.39 41.29 -23.51
C ASP C 99 -4.12 40.68 -22.33
N HIS C 100 -3.37 40.42 -21.26
CA HIS C 100 -3.92 39.72 -20.10
C HIS C 100 -4.94 40.54 -19.32
N LEU C 101 -4.93 41.86 -19.47
CA LEU C 101 -5.87 42.70 -18.73
C LEU C 101 -7.20 42.84 -19.42
N ARG C 102 -7.19 42.85 -20.74
CA ARG C 102 -8.42 43.06 -21.48
C ARG C 102 -8.83 41.89 -22.37
N LYS C 103 -8.22 40.72 -22.10
CA LYS C 103 -8.59 39.45 -22.76
C LYS C 103 -8.65 39.57 -24.29
N GLU C 104 -7.65 40.24 -24.87
CA GLU C 104 -7.66 40.56 -26.29
C GLU C 104 -6.59 39.83 -27.09
N ALA C 105 -7.02 39.17 -28.16
CA ALA C 105 -6.13 38.39 -28.99
C ALA C 105 -5.85 39.08 -30.32
N SER C 106 -4.70 39.72 -30.40
CA SER C 106 -4.29 40.41 -31.62
C SER C 106 -3.13 39.70 -32.31
N ASP C 107 -2.99 39.92 -33.62
CA ASP C 107 -1.79 39.56 -34.38
C ASP C 107 -1.69 38.08 -34.79
N PRO C 108 -2.68 37.59 -35.56
CA PRO C 108 -2.58 36.22 -36.06
C PRO C 108 -1.35 36.00 -36.95
N GLN C 109 -0.49 35.07 -36.56
CA GLN C 109 0.80 34.86 -37.22
C GLN C 109 1.08 33.39 -37.50
N PRO C 110 1.06 32.98 -38.78
CA PRO C 110 1.40 31.60 -39.13
C PRO C 110 2.63 31.07 -38.37
N GLU C 111 2.53 29.85 -37.85
CA GLU C 111 3.55 29.25 -36.98
C GLU C 111 3.85 27.80 -37.37
N ASP C 112 5.11 27.39 -37.18
CA ASP C 112 5.57 26.06 -37.57
C ASP C 112 5.61 25.09 -36.38
N THR C 113 4.84 24.01 -36.47
CA THR C 113 4.78 22.99 -35.41
C THR C 113 5.84 21.86 -35.56
N GLU C 114 6.47 21.49 -34.44
CA GLU C 114 7.40 20.34 -34.40
C GLU C 114 6.67 19.06 -34.84
N SER C 115 6.79 18.76 -36.14
CA SER C 115 6.06 17.63 -36.73
C SER C 115 6.36 16.26 -36.09
N ALA C 116 7.09 16.27 -34.96
CA ALA C 116 7.41 15.07 -34.19
C ALA C 116 6.13 14.37 -33.73
N LEU C 117 5.21 15.14 -33.17
CA LEU C 117 3.97 14.60 -32.65
C LEU C 117 2.76 15.01 -33.45
N LYS C 118 2.93 15.96 -34.37
CA LYS C 118 1.81 16.55 -35.12
C LYS C 118 0.67 15.57 -35.36
N GLN C 119 1.03 14.38 -35.86
CA GLN C 119 0.03 13.41 -36.28
C GLN C 119 -0.80 12.84 -35.14
N TRP C 120 -0.14 12.51 -34.03
CA TRP C 120 -0.80 12.07 -32.80
C TRP C 120 -1.72 13.15 -32.24
N ARG C 121 -1.21 14.38 -32.20
CA ARG C 121 -1.94 15.54 -31.70
C ARG C 121 -3.24 15.79 -32.47
N ASP C 122 -3.19 15.67 -33.80
CA ASP C 122 -4.36 15.91 -34.65
C ASP C 122 -5.45 14.89 -34.41
N ALA C 123 -5.06 13.64 -34.19
CA ALA C 123 -6.02 12.57 -33.94
C ALA C 123 -6.69 12.71 -32.57
N CYS C 124 -6.01 13.33 -31.61
CA CYS C 124 -6.60 13.62 -30.29
C CYS C 124 -7.49 14.86 -30.36
N ASP C 125 -6.88 16.00 -30.69
CA ASP C 125 -7.57 17.25 -30.95
C ASP C 125 -8.86 17.03 -31.72
N SER C 126 -8.85 16.02 -32.58
CA SER C 126 -10.00 15.69 -33.41
C SER C 126 -11.07 14.94 -32.62
N ALA C 127 -10.66 13.91 -31.88
CA ALA C 127 -11.58 13.07 -31.13
C ALA C 127 -12.09 13.73 -29.87
N LEU C 128 -11.30 14.65 -29.32
CA LEU C 128 -11.64 15.41 -28.12
C LEU C 128 -12.63 16.51 -28.45
N ARG C 129 -12.47 17.11 -29.63
CA ARG C 129 -13.40 18.08 -30.16
C ARG C 129 -14.82 17.55 -30.15
N ALA C 130 -15.00 16.31 -30.61
CA ALA C 130 -16.28 15.62 -30.67
C ALA C 130 -16.83 15.32 -29.28
N TYR C 131 -15.95 14.95 -28.37
CA TYR C 131 -16.32 14.66 -27.00
C TYR C 131 -16.78 15.90 -26.29
N VAL C 132 -16.00 16.97 -26.37
CA VAL C 132 -16.37 18.24 -25.78
C VAL C 132 -17.74 18.70 -26.27
N LYS C 133 -17.96 18.63 -27.57
CA LYS C 133 -19.24 18.95 -28.21
C LYS C 133 -20.39 18.17 -27.58
N ASP C 134 -20.12 16.91 -27.21
CA ASP C 134 -21.13 16.00 -26.70
C ASP C 134 -21.49 16.23 -25.24
N HIS C 135 -20.56 16.75 -24.44
CA HIS C 135 -20.73 16.76 -22.98
C HIS C 135 -20.58 18.09 -22.28
N TYR C 136 -20.11 19.11 -23.00
CA TYR C 136 -19.93 20.43 -22.42
C TYR C 136 -20.71 21.48 -23.19
N PRO C 137 -21.87 21.93 -22.65
CA PRO C 137 -22.74 22.83 -23.40
C PRO C 137 -21.95 23.98 -24.00
N ASN C 138 -21.21 24.72 -23.19
CA ASN C 138 -20.42 25.80 -23.74
C ASN C 138 -18.90 25.53 -23.62
N GLY C 139 -18.49 24.40 -24.16
CA GLY C 139 -17.14 23.93 -23.94
C GLY C 139 -16.15 24.32 -25.01
N PHE C 140 -14.91 24.53 -24.58
CA PHE C 140 -13.77 24.71 -25.47
C PHE C 140 -12.60 23.80 -25.06
N CYS C 141 -11.82 23.34 -26.03
CA CYS C 141 -10.65 22.54 -25.73
C CYS C 141 -9.47 22.86 -26.62
N THR C 142 -8.28 22.59 -26.10
CA THR C 142 -7.06 22.79 -26.84
C THR C 142 -6.14 21.65 -26.47
N VAL C 143 -5.58 20.99 -27.50
CA VAL C 143 -4.67 19.83 -27.32
C VAL C 143 -3.25 20.15 -27.79
N TYR C 144 -2.31 20.03 -26.87
CA TYR C 144 -0.91 20.32 -27.16
C TYR C 144 -0.13 19.03 -27.37
N GLY C 145 0.93 19.11 -28.17
CA GLY C 145 1.90 18.01 -28.31
C GLY C 145 3.32 18.53 -28.21
N LYS C 146 3.98 18.24 -27.08
CA LYS C 146 5.33 18.76 -26.80
C LYS C 146 6.15 17.79 -25.96
N SER C 147 7.46 17.91 -26.04
CA SER C 147 8.40 17.02 -25.35
C SER C 147 8.74 17.51 -23.95
N ILE C 148 8.55 16.64 -22.96
CA ILE C 148 8.91 16.92 -21.56
C ILE C 148 9.89 15.87 -21.05
N ASP C 149 11.10 16.30 -20.74
CA ASP C 149 12.18 15.43 -20.30
C ASP C 149 12.39 14.32 -21.31
N GLY C 150 12.58 14.71 -22.57
CA GLY C 150 12.85 13.77 -23.65
C GLY C 150 11.67 12.86 -24.02
N GLN C 151 10.57 12.99 -23.28
CA GLN C 151 9.39 12.15 -23.49
C GLN C 151 8.23 12.88 -24.16
N GLN C 152 7.63 12.21 -25.14
CA GLN C 152 6.55 12.81 -25.93
C GLN C 152 5.29 12.85 -25.10
N THR C 153 4.81 14.05 -24.82
CA THR C 153 3.59 14.24 -24.04
C THR C 153 2.47 14.85 -24.89
N ILE C 154 1.25 14.38 -24.67
CA ILE C 154 0.05 15.03 -25.22
C ILE C 154 -0.82 15.57 -24.08
N ILE C 155 -1.08 16.87 -24.12
CA ILE C 155 -1.83 17.56 -23.07
C ILE C 155 -3.17 18.06 -23.60
N ALA C 156 -4.24 17.43 -23.15
CA ALA C 156 -5.58 17.85 -23.53
C ALA C 156 -6.19 18.70 -22.43
N CYS C 157 -6.65 19.89 -22.80
CA CYS C 157 -7.23 20.83 -21.86
C CYS C 157 -8.67 21.14 -22.24
N ILE C 158 -9.58 21.03 -21.27
CA ILE C 158 -10.99 21.31 -21.51
C ILE C 158 -11.40 22.46 -20.61
N GLU C 159 -12.22 23.38 -21.12
CA GLU C 159 -12.80 24.45 -20.31
C GLU C 159 -14.28 24.57 -20.62
N SER C 160 -15.09 24.79 -19.59
CA SER C 160 -16.50 25.09 -19.78
C SER C 160 -16.95 26.05 -18.71
N HIS C 161 -17.63 27.13 -19.08
CA HIS C 161 -18.17 28.07 -18.09
C HIS C 161 -19.58 28.57 -18.36
N GLN C 162 -20.23 29.03 -17.31
CA GLN C 162 -21.52 29.74 -17.40
C GLN C 162 -21.44 30.97 -16.55
N PHE C 163 -21.47 32.15 -17.17
CA PHE C 163 -21.41 33.40 -16.43
C PHE C 163 -22.75 34.09 -16.40
N GLN C 164 -23.26 34.37 -15.22
CA GLN C 164 -24.51 35.12 -15.10
C GLN C 164 -24.35 36.13 -14.00
N PRO C 165 -23.64 37.21 -14.29
CA PRO C 165 -23.35 38.18 -13.24
C PRO C 165 -24.63 38.88 -12.82
N LYS C 166 -25.59 38.99 -13.75
CA LYS C 166 -26.90 39.58 -13.47
C LYS C 166 -27.70 38.82 -12.42
N ASN C 167 -27.41 37.53 -12.29
CA ASN C 167 -28.04 36.67 -11.28
C ASN C 167 -27.13 36.31 -10.10
N PHE C 168 -25.99 36.96 -10.03
CA PHE C 168 -25.02 36.82 -8.93
C PHE C 168 -24.48 35.40 -8.76
N TRP C 169 -24.27 34.70 -9.87
CA TRP C 169 -23.57 33.41 -9.86
C TRP C 169 -22.75 33.14 -11.12
N ASN C 170 -21.61 32.50 -10.92
CA ASN C 170 -20.71 32.11 -12.01
C ASN C 170 -20.20 30.68 -11.75
N GLY C 171 -19.84 29.97 -12.82
CA GLY C 171 -19.28 28.64 -12.67
C GLY C 171 -18.34 28.24 -13.81
N ARG C 172 -17.37 27.39 -13.50
CA ARG C 172 -16.38 26.91 -14.49
C ARG C 172 -15.82 25.53 -14.20
N TRP C 173 -15.69 24.74 -15.25
CA TRP C 173 -15.07 23.44 -15.19
C TRP C 173 -13.76 23.50 -15.97
N ARG C 174 -12.70 22.89 -15.43
CA ARG C 174 -11.39 22.80 -16.09
C ARG C 174 -10.86 21.40 -15.98
N SER C 175 -10.54 20.79 -17.12
CA SER C 175 -9.85 19.51 -17.16
C SER C 175 -8.48 19.67 -17.78
N GLU C 176 -7.50 19.00 -17.19
CA GLU C 176 -6.18 18.94 -17.78
C GLU C 176 -5.71 17.52 -17.75
N TRP C 177 -5.62 16.91 -18.93
CA TRP C 177 -5.17 15.51 -19.08
C TRP C 177 -3.81 15.45 -19.73
N LYS C 178 -2.86 14.82 -19.04
CA LYS C 178 -1.52 14.61 -19.58
C LYS C 178 -1.28 13.13 -19.94
N PHE C 179 -0.96 12.89 -21.21
CA PHE C 179 -0.57 11.58 -21.69
C PHE C 179 0.90 11.55 -22.10
N THR C 180 1.79 11.10 -21.22
CA THR C 180 3.19 10.84 -21.63
C THR C 180 3.21 9.49 -22.36
N ILE C 181 3.71 9.53 -23.59
CA ILE C 181 3.61 8.41 -24.53
C ILE C 181 4.96 7.73 -24.80
N THR C 182 5.11 6.54 -24.23
CA THR C 182 6.33 5.78 -24.33
C THR C 182 5.95 4.39 -24.81
N PRO C 183 5.71 4.24 -26.13
CA PRO C 183 5.18 3.01 -26.69
C PRO C 183 6.02 1.83 -26.24
N PRO C 184 5.39 0.69 -25.93
CA PRO C 184 3.98 0.40 -26.13
C PRO C 184 3.03 0.86 -25.03
N THR C 185 3.47 1.72 -24.10
CA THR C 185 2.57 2.19 -23.04
C THR C 185 2.39 3.71 -23.04
N ALA C 186 1.35 4.19 -22.35
CA ALA C 186 1.19 5.62 -22.10
C ALA C 186 0.82 5.86 -20.63
N GLN C 187 1.37 6.91 -20.02
CA GLN C 187 1.03 7.24 -18.64
C GLN C 187 0.04 8.38 -18.59
N VAL C 188 -1.11 8.10 -18.01
CA VAL C 188 -2.16 9.10 -17.86
C VAL C 188 -2.06 9.80 -16.50
N ALA C 189 -2.14 11.13 -16.53
CA ALA C 189 -2.19 11.95 -15.33
C ALA C 189 -3.16 13.08 -15.62
N ALA C 190 -4.10 13.31 -14.73
CA ALA C 190 -5.08 14.34 -14.93
C ALA C 190 -5.43 15.08 -13.67
N VAL C 191 -5.98 16.28 -13.84
CA VAL C 191 -6.56 17.01 -12.74
C VAL C 191 -7.91 17.54 -13.23
N LEU C 192 -8.95 17.35 -12.44
CA LEU C 192 -10.26 17.87 -12.78
C LEU C 192 -10.69 18.90 -11.77
N LYS C 193 -11.10 20.09 -12.21
CA LYS C 193 -11.47 21.17 -11.29
C LYS C 193 -12.85 21.74 -11.55
N ILE C 194 -13.65 21.91 -10.49
CA ILE C 194 -14.92 22.62 -10.55
C ILE C 194 -14.87 23.83 -9.61
N GLN C 195 -15.54 24.91 -9.97
CA GLN C 195 -15.68 26.06 -9.10
C GLN C 195 -16.94 26.82 -9.39
N VAL C 196 -17.73 27.06 -8.35
CA VAL C 196 -19.01 27.73 -8.48
C VAL C 196 -19.10 28.81 -7.42
N HIS C 197 -19.58 29.98 -7.82
CA HIS C 197 -19.69 31.14 -6.94
C HIS C 197 -21.11 31.65 -7.01
N TYR C 198 -21.76 31.74 -5.86
CA TYR C 198 -23.08 32.33 -5.75
C TYR C 198 -23.01 33.48 -4.77
N TYR C 199 -23.53 34.64 -5.14
CA TYR C 199 -23.34 35.81 -4.31
C TYR C 199 -24.51 36.80 -4.21
N GLU C 200 -25.74 36.32 -4.35
CA GLU C 200 -26.89 37.17 -4.09
C GLU C 200 -27.16 37.22 -2.59
N ASP C 201 -26.92 38.38 -2.00
CA ASP C 201 -27.06 38.54 -0.56
C ASP C 201 -26.19 37.55 0.23
N GLY C 202 -25.06 37.17 -0.34
CA GLY C 202 -24.09 36.37 0.39
C GLY C 202 -22.88 36.00 -0.44
N ASN C 203 -22.04 35.12 0.08
CA ASN C 203 -20.90 34.60 -0.66
C ASN C 203 -20.74 33.11 -0.39
N VAL C 204 -21.14 32.31 -1.37
CA VAL C 204 -21.13 30.87 -1.26
C VAL C 204 -20.38 30.31 -2.45
N GLN C 205 -19.42 29.42 -2.19
CA GLN C 205 -18.57 28.88 -3.23
C GLN C 205 -18.32 27.42 -3.08
N LEU C 206 -18.29 26.72 -4.21
CA LEU C 206 -17.90 25.32 -4.25
C LEU C 206 -16.54 25.27 -4.88
N VAL C 207 -15.56 24.71 -4.19
CA VAL C 207 -14.30 24.37 -4.82
C VAL C 207 -14.03 22.88 -4.71
N SER C 208 -13.69 22.27 -5.84
CA SER C 208 -13.42 20.85 -5.88
C SER C 208 -12.43 20.52 -6.98
N HIS C 209 -11.53 19.60 -6.69
CA HIS C 209 -10.65 19.03 -7.70
C HIS C 209 -10.40 17.57 -7.44
N LYS C 210 -10.07 16.83 -8.48
CA LYS C 210 -9.73 15.42 -8.36
C LYS C 210 -8.55 15.10 -9.24
N ASP C 211 -7.57 14.41 -8.64
CA ASP C 211 -6.42 13.91 -9.35
C ASP C 211 -6.75 12.54 -9.93
N ILE C 212 -6.29 12.28 -11.14
CA ILE C 212 -6.48 11.00 -11.77
C ILE C 212 -5.18 10.53 -12.38
N GLN C 213 -4.87 9.27 -12.14
CA GLN C 213 -3.61 8.69 -12.56
C GLN C 213 -3.89 7.28 -13.08
N ASP C 214 -3.34 6.94 -14.24
CA ASP C 214 -3.65 5.69 -14.92
C ASP C 214 -2.57 5.32 -15.93
N SER C 215 -2.56 4.06 -16.36
CA SER C 215 -1.63 3.61 -17.40
C SER C 215 -2.36 2.77 -18.45
N VAL C 216 -2.01 2.94 -19.73
CA VAL C 216 -2.63 2.15 -20.82
C VAL C 216 -1.69 1.71 -21.92
N GLN C 217 -2.06 0.61 -22.58
CA GLN C 217 -1.31 0.03 -23.69
C GLN C 217 -1.69 0.68 -25.02
N VAL C 218 -0.69 1.07 -25.82
CA VAL C 218 -0.94 1.81 -27.08
C VAL C 218 -0.77 1.01 -28.36
N SER C 219 -1.23 1.58 -29.47
CA SER C 219 -1.15 0.96 -30.79
C SER C 219 -0.87 2.04 -31.85
N SER C 220 -1.76 2.16 -32.86
CA SER C 220 -1.69 3.24 -33.85
C SER C 220 -2.30 4.52 -33.29
N ASP C 221 -1.82 5.67 -33.77
CA ASP C 221 -2.27 6.98 -33.27
C ASP C 221 -3.81 7.16 -33.24
N VAL C 222 -4.47 6.84 -34.34
CA VAL C 222 -5.93 6.94 -34.42
C VAL C 222 -6.65 6.03 -33.41
N GLN C 223 -6.13 4.81 -33.25
CA GLN C 223 -6.79 3.78 -32.44
C GLN C 223 -6.69 4.08 -30.94
N THR C 224 -5.63 4.77 -30.54
CA THR C 224 -5.44 5.05 -29.13
C THR C 224 -5.89 6.46 -28.76
N ALA C 225 -6.04 7.33 -29.74
CA ALA C 225 -6.68 8.62 -29.52
C ALA C 225 -8.10 8.35 -29.08
N LYS C 226 -8.74 7.38 -29.72
CA LYS C 226 -10.09 6.98 -29.40
C LYS C 226 -10.17 6.39 -28.00
N GLU C 227 -9.16 5.61 -27.61
CA GLU C 227 -9.13 5.00 -26.29
C GLU C 227 -8.87 6.02 -25.16
N PHE C 228 -8.01 7.00 -25.44
CA PHE C 228 -7.76 8.13 -24.54
C PHE C 228 -9.06 8.83 -24.19
N ILE C 229 -9.82 9.18 -25.22
CA ILE C 229 -11.10 9.85 -25.02
C ILE C 229 -12.05 9.03 -24.14
N LYS C 230 -12.10 7.72 -24.34
CA LYS C 230 -12.93 6.88 -23.48
C LYS C 230 -12.47 6.92 -22.03
N ILE C 231 -11.16 6.96 -21.79
CA ILE C 231 -10.65 7.07 -20.43
C ILE C 231 -11.11 8.38 -19.82
N ILE C 232 -11.00 9.45 -20.60
CA ILE C 232 -11.45 10.78 -20.19
C ILE C 232 -12.93 10.77 -19.86
N GLU C 233 -13.73 10.20 -20.74
CA GLU C 233 -15.18 10.17 -20.56
C GLU C 233 -15.54 9.45 -19.27
N ASN C 234 -14.94 8.28 -19.05
CA ASN C 234 -15.26 7.49 -17.88
C ASN C 234 -14.86 8.16 -16.58
N ALA C 235 -13.66 8.72 -16.55
CA ALA C 235 -13.11 9.37 -15.39
C ALA C 235 -13.94 10.59 -14.99
N GLU C 236 -14.41 11.33 -15.99
CA GLU C 236 -15.10 12.58 -15.74
C GLU C 236 -16.54 12.34 -15.32
N ASN C 237 -17.16 11.33 -15.90
CA ASN C 237 -18.49 10.92 -15.48
C ASN C 237 -18.53 10.45 -14.04
N GLU C 238 -17.56 9.61 -13.67
CA GLU C 238 -17.42 9.17 -12.29
C GLU C 238 -17.27 10.35 -11.36
N TYR C 239 -16.44 11.32 -11.75
CA TYR C 239 -16.23 12.52 -10.97
C TYR C 239 -17.53 13.32 -10.79
N GLN C 240 -18.23 13.62 -11.89
CA GLN C 240 -19.48 14.36 -11.82
C GLN C 240 -20.56 13.62 -11.04
N THR C 241 -20.57 12.28 -11.14
CA THR C 241 -21.50 11.46 -10.36
C THR C 241 -21.18 11.54 -8.89
N ALA C 242 -19.92 11.31 -8.54
CA ALA C 242 -19.47 11.43 -7.17
C ALA C 242 -19.88 12.79 -6.60
N ILE C 243 -19.71 13.86 -7.37
CA ILE C 243 -20.13 15.19 -6.94
C ILE C 243 -21.62 15.16 -6.60
N SER C 244 -22.44 14.64 -7.50
CA SER C 244 -23.89 14.66 -7.34
C SER C 244 -24.37 13.78 -6.21
N GLU C 245 -23.69 12.65 -6.01
CA GLU C 245 -23.95 11.79 -4.88
C GLU C 245 -23.58 12.47 -3.57
N ASN C 246 -22.45 13.17 -3.53
CA ASN C 246 -22.02 13.87 -2.32
C ASN C 246 -22.93 15.02 -1.94
N TYR C 247 -23.43 15.73 -2.97
CA TYR C 247 -24.45 16.76 -2.77
C TYR C 247 -25.68 16.15 -2.10
N GLN C 248 -26.05 14.95 -2.53
CA GLN C 248 -27.18 14.24 -1.98
C GLN C 248 -26.96 13.99 -0.51
N THR C 249 -25.87 13.29 -0.19
CA THR C 249 -25.52 13.00 1.20
C THR C 249 -25.49 14.26 2.03
N MET C 250 -24.83 15.31 1.55
CA MET C 250 -24.74 16.57 2.28
C MET C 250 -26.11 17.10 2.63
N SER C 251 -27.00 17.09 1.65
CA SER C 251 -28.33 17.62 1.78
C SER C 251 -29.17 16.87 2.80
N ASP C 252 -29.40 15.59 2.56
CA ASP C 252 -30.36 14.85 3.36
C ASP C 252 -29.76 14.12 4.56
N THR C 253 -28.46 14.28 4.80
CA THR C 253 -27.85 13.73 6.01
C THR C 253 -27.23 14.80 6.89
N THR C 254 -26.08 15.35 6.48
CA THR C 254 -25.28 16.22 7.33
C THR C 254 -25.88 17.59 7.55
N PHE C 255 -26.68 18.08 6.60
CA PHE C 255 -27.35 19.37 6.77
C PHE C 255 -28.44 19.25 7.81
N LYS C 256 -29.28 18.22 7.65
CA LYS C 256 -30.35 17.86 8.59
C LYS C 256 -29.83 17.74 10.03
N ALA C 257 -28.57 17.33 10.14
CA ALA C 257 -27.93 17.07 11.42
C ALA C 257 -27.33 18.33 12.04
N LEU C 258 -27.39 19.45 11.32
CA LEU C 258 -26.82 20.69 11.85
C LEU C 258 -27.87 21.49 12.61
N ARG C 259 -28.89 21.96 11.90
CA ARG C 259 -30.03 22.58 12.55
C ARG C 259 -31.31 21.88 12.14
N ARG C 260 -32.14 21.54 13.11
CA ARG C 260 -33.43 20.97 12.83
C ARG C 260 -34.28 21.99 12.08
N GLN C 261 -35.35 21.50 11.46
CA GLN C 261 -36.25 22.39 10.75
C GLN C 261 -37.23 23.02 11.73
N LEU C 262 -37.67 22.20 12.68
CA LEU C 262 -38.54 22.59 13.78
C LEU C 262 -38.07 21.78 14.97
N PRO C 263 -38.34 22.24 16.19
CA PRO C 263 -37.90 21.45 17.36
C PRO C 263 -38.63 20.11 17.45
N VAL C 264 -38.15 19.23 18.34
CA VAL C 264 -38.68 17.88 18.43
C VAL C 264 -40.17 17.86 18.77
N THR C 265 -40.71 19.01 19.19
CA THR C 265 -42.13 19.15 19.49
C THR C 265 -42.94 19.46 18.24
N ARG C 266 -42.33 19.30 17.07
CA ARG C 266 -42.98 19.56 15.78
C ARG C 266 -43.72 20.90 15.67
N THR C 267 -43.46 21.83 16.60
CA THR C 267 -44.06 23.17 16.57
C THR C 267 -43.07 24.29 16.96
N LYS C 268 -43.32 25.51 16.47
CA LYS C 268 -42.50 26.69 16.83
C LYS C 268 -42.34 26.87 18.34
N ILE C 269 -41.40 27.71 18.75
CA ILE C 269 -41.05 27.81 20.17
C ILE C 269 -42.08 28.63 20.92
N ASP C 270 -42.48 28.14 22.09
CA ASP C 270 -43.29 28.90 23.04
C ASP C 270 -42.35 29.71 23.91
N TRP C 271 -42.33 31.02 23.70
CA TRP C 271 -41.35 31.87 24.35
C TRP C 271 -41.67 32.18 25.81
N ASN C 272 -42.94 32.06 26.18
CA ASN C 272 -43.35 32.22 27.57
C ASN C 272 -42.71 31.16 28.45
N LYS C 273 -42.72 29.93 27.94
CA LYS C 273 -42.09 28.82 28.63
C LYS C 273 -40.59 29.08 28.82
N ILE C 274 -39.96 29.59 27.76
CA ILE C 274 -38.54 29.85 27.79
C ILE C 274 -38.17 30.84 28.88
N LEU C 275 -39.04 31.82 29.09
CA LEU C 275 -38.76 32.90 30.02
C LEU C 275 -39.16 32.64 31.47
N SER C 276 -39.76 31.48 31.75
CA SER C 276 -40.08 31.10 33.13
C SER C 276 -39.91 29.61 33.36
N ASP D 3 -17.06 56.58 2.51
CA ASP D 3 -17.26 55.09 2.47
C ASP D 3 -16.91 54.41 1.13
N GLN D 4 -15.86 54.81 0.42
CA GLN D 4 -15.68 54.18 -0.89
C GLN D 4 -14.68 53.06 -0.81
N GLN D 5 -13.67 53.27 0.03
CA GLN D 5 -12.64 52.28 0.29
C GLN D 5 -13.22 51.04 0.93
N LEU D 6 -14.02 51.24 1.99
CA LEU D 6 -14.70 50.17 2.69
C LEU D 6 -15.60 49.36 1.75
N ASP D 7 -16.38 50.04 0.92
CA ASP D 7 -17.22 49.36 -0.06
C ASP D 7 -16.46 48.40 -0.97
N CYS D 8 -15.25 48.77 -1.34
CA CYS D 8 -14.39 47.92 -2.14
C CYS D 8 -13.93 46.68 -1.41
N ALA D 9 -13.49 46.88 -0.17
CA ALA D 9 -13.04 45.80 0.69
C ALA D 9 -14.15 44.79 0.88
N LEU D 10 -15.35 45.29 1.19
CA LEU D 10 -16.50 44.42 1.39
C LEU D 10 -16.88 43.73 0.09
N ASP D 11 -16.77 44.42 -1.03
CA ASP D 11 -17.07 43.82 -2.33
C ASP D 11 -16.09 42.73 -2.65
N LEU D 12 -14.87 42.90 -2.15
CA LEU D 12 -13.83 41.95 -2.42
C LEU D 12 -14.11 40.73 -1.57
N MET D 13 -14.45 40.95 -0.30
CA MET D 13 -14.76 39.85 0.63
C MET D 13 -15.89 38.97 0.18
N ARG D 14 -16.77 39.48 -0.68
CA ARG D 14 -17.87 38.68 -1.21
C ARG D 14 -17.49 37.92 -2.49
N ARG D 15 -16.23 38.00 -2.88
CA ARG D 15 -15.76 37.33 -4.08
C ARG D 15 -14.62 36.36 -3.81
N LEU D 16 -13.74 36.71 -2.89
CA LEU D 16 -12.66 35.82 -2.47
C LEU D 16 -13.23 34.62 -1.73
N PRO D 17 -12.68 33.42 -1.97
CA PRO D 17 -13.27 32.17 -1.45
C PRO D 17 -13.42 32.18 0.07
N PRO D 18 -14.67 31.95 0.54
CA PRO D 18 -15.01 32.03 1.96
C PRO D 18 -14.24 31.04 2.82
N GLN D 19 -13.69 30.03 2.14
CA GLN D 19 -12.80 29.04 2.75
C GLN D 19 -11.57 29.68 3.38
N GLN D 20 -11.15 30.82 2.83
CA GLN D 20 -10.07 31.57 3.45
C GLN D 20 -10.52 32.92 3.99
N ILE D 21 -11.71 32.98 4.61
CA ILE D 21 -12.16 34.25 5.16
C ILE D 21 -11.16 34.82 6.15
N GLU D 22 -10.75 34.02 7.13
CA GLU D 22 -9.94 34.52 8.23
C GLU D 22 -8.59 35.10 7.77
N LYS D 23 -7.91 34.35 6.90
CA LYS D 23 -6.60 34.71 6.39
C LYS D 23 -6.67 35.89 5.41
N ASN D 24 -7.78 36.00 4.70
CA ASN D 24 -7.99 37.09 3.75
C ASN D 24 -8.25 38.43 4.43
N LEU D 25 -9.06 38.42 5.48
CA LEU D 25 -9.32 39.63 6.24
C LEU D 25 -8.03 40.13 6.88
N SER D 26 -7.24 39.20 7.43
CA SER D 26 -5.93 39.52 8.00
C SER D 26 -5.11 40.33 6.99
N ASP D 27 -5.06 39.85 5.76
CA ASP D 27 -4.36 40.52 4.66
C ASP D 27 -5.01 41.84 4.25
N LEU D 28 -6.32 41.82 4.02
CA LEU D 28 -7.03 43.02 3.61
C LEU D 28 -6.83 44.19 4.57
N ILE D 29 -6.73 43.90 5.87
CA ILE D 29 -6.41 44.93 6.86
C ILE D 29 -4.98 45.44 6.66
N ASP D 30 -4.01 44.53 6.54
CA ASP D 30 -2.63 44.93 6.25
C ASP D 30 -2.53 45.80 5.01
N LEU D 31 -3.35 45.49 4.00
CA LEU D 31 -3.37 46.23 2.77
C LEU D 31 -3.91 47.65 2.96
N VAL D 32 -4.90 47.81 3.82
CA VAL D 32 -5.49 49.14 4.03
C VAL D 32 -5.75 49.40 5.53
N PRO D 33 -4.69 49.64 6.31
CA PRO D 33 -4.79 49.68 7.78
C PRO D 33 -5.78 50.69 8.37
N SER D 34 -6.08 51.76 7.65
CA SER D 34 -7.06 52.75 8.12
C SER D 34 -8.44 52.11 8.24
N LEU D 35 -8.72 51.13 7.38
CA LEU D 35 -10.02 50.45 7.34
C LEU D 35 -10.22 49.39 8.42
N CYS D 36 -9.18 49.12 9.17
CA CYS D 36 -9.19 48.07 10.18
C CYS D 36 -10.46 48.10 11.02
N GLU D 37 -10.51 49.01 11.98
CA GLU D 37 -11.65 49.14 12.88
C GLU D 37 -13.00 48.89 12.19
N ASP D 38 -13.17 49.41 11.00
CA ASP D 38 -14.41 49.24 10.26
C ASP D 38 -14.61 47.83 9.73
N LEU D 39 -13.58 47.28 9.10
CA LEU D 39 -13.62 45.91 8.58
C LEU D 39 -13.93 44.90 9.68
N LEU D 40 -13.13 44.94 10.76
CA LEU D 40 -13.33 44.08 11.93
C LEU D 40 -14.76 44.01 12.43
N SER D 41 -15.53 45.08 12.23
CA SER D 41 -16.89 45.13 12.71
C SER D 41 -17.92 44.78 11.65
N SER D 42 -17.53 44.84 10.37
CA SER D 42 -18.49 44.59 9.29
C SER D 42 -18.21 43.37 8.42
N VAL D 43 -17.12 42.66 8.71
CA VAL D 43 -16.81 41.43 7.98
C VAL D 43 -16.99 40.26 8.93
N ASP D 44 -17.87 39.34 8.56
CA ASP D 44 -18.16 38.17 9.39
C ASP D 44 -17.08 37.13 9.23
N GLN D 45 -16.74 36.46 10.34
CA GLN D 45 -15.71 35.41 10.36
C GLN D 45 -16.22 34.18 11.09
N PRO D 46 -15.79 32.97 10.66
CA PRO D 46 -16.16 31.73 11.35
C PRO D 46 -15.91 31.87 12.84
N LEU D 47 -16.92 31.53 13.65
CA LEU D 47 -16.83 31.82 15.08
C LEU D 47 -15.85 30.90 15.81
N LYS D 48 -15.01 31.49 16.66
CA LYS D 48 -14.09 30.70 17.48
C LYS D 48 -14.64 30.46 18.87
N ILE D 49 -14.23 29.37 19.49
CA ILE D 49 -14.70 29.01 20.83
C ILE D 49 -13.58 29.27 21.82
N ALA D 50 -13.86 30.04 22.86
CA ALA D 50 -12.91 30.20 23.95
C ALA D 50 -13.48 29.59 25.21
N ARG D 51 -12.63 29.42 26.22
CA ARG D 51 -13.05 28.69 27.42
C ARG D 51 -12.95 29.54 28.69
N ASP D 52 -14.09 29.85 29.29
CA ASP D 52 -14.13 30.61 30.53
C ASP D 52 -13.72 29.68 31.66
N LYS D 53 -12.49 29.85 32.13
CA LYS D 53 -11.91 28.96 33.15
C LYS D 53 -12.61 29.06 34.51
N VAL D 54 -13.26 30.20 34.75
CA VAL D 54 -13.90 30.46 36.06
C VAL D 54 -15.14 29.59 36.28
N VAL D 55 -16.12 29.68 35.39
CA VAL D 55 -17.34 28.87 35.51
C VAL D 55 -17.28 27.50 34.78
N GLY D 56 -16.18 27.26 34.07
CA GLY D 56 -15.98 26.02 33.30
C GLY D 56 -16.86 25.84 32.08
N LYS D 57 -17.18 26.93 31.39
CA LYS D 57 -18.06 26.88 30.21
C LYS D 57 -17.48 27.58 28.99
N ASP D 58 -17.82 27.06 27.81
CA ASP D 58 -17.37 27.65 26.54
C ASP D 58 -18.14 28.93 26.21
N TYR D 59 -17.48 29.87 25.53
CA TYR D 59 -18.16 31.03 24.96
C TYR D 59 -17.64 31.36 23.57
N LEU D 60 -18.45 32.03 22.77
CA LEU D 60 -18.10 32.32 21.39
C LEU D 60 -17.45 33.69 21.23
N LEU D 61 -16.61 33.84 20.20
CA LEU D 61 -15.85 35.08 19.96
C LEU D 61 -16.15 35.77 18.65
N CYS D 62 -16.53 37.05 18.76
CA CYS D 62 -16.67 37.94 17.59
C CYS D 62 -16.13 39.32 17.94
N ASP D 63 -16.29 40.30 17.05
CA ASP D 63 -15.82 41.65 17.35
C ASP D 63 -16.53 42.28 18.54
N TYR D 64 -17.82 41.95 18.73
CA TYR D 64 -18.67 42.64 19.70
C TYR D 64 -18.42 42.28 21.15
N ASN D 65 -17.57 41.30 21.42
CA ASN D 65 -17.16 41.06 22.81
C ASN D 65 -15.66 41.21 22.96
N ARG D 66 -15.04 41.76 21.91
CA ARG D 66 -13.62 42.01 21.92
C ARG D 66 -13.36 43.43 22.40
N ASP D 67 -12.30 43.59 23.19
CA ASP D 67 -11.74 44.91 23.46
C ASP D 67 -10.25 44.78 23.48
N GLY D 68 -9.59 45.46 22.55
CA GLY D 68 -8.15 45.34 22.39
C GLY D 68 -7.86 43.97 21.82
N ASP D 69 -7.18 43.14 22.60
CA ASP D 69 -6.95 41.76 22.19
C ASP D 69 -7.53 40.80 23.21
N SER D 70 -8.51 41.27 23.96
CA SER D 70 -9.18 40.46 24.97
C SER D 70 -10.65 40.29 24.64
N TYR D 71 -11.24 39.25 25.22
CA TYR D 71 -12.64 38.93 24.99
C TYR D 71 -13.40 38.84 26.33
N ARG D 72 -14.66 39.26 26.29
CA ARG D 72 -15.54 39.20 27.46
C ARG D 72 -16.42 37.95 27.45
N SER D 73 -16.26 37.14 28.50
CA SER D 73 -17.08 35.96 28.73
C SER D 73 -18.43 36.37 29.26
N PRO D 74 -19.53 35.90 28.64
CA PRO D 74 -20.89 36.25 29.08
C PRO D 74 -21.22 35.55 30.38
N TRP D 75 -20.42 34.55 30.73
CA TRP D 75 -20.65 33.78 31.94
C TRP D 75 -20.13 34.53 33.17
N SER D 76 -18.84 34.87 33.18
CA SER D 76 -18.25 35.53 34.35
C SER D 76 -18.17 37.06 34.24
N ASN D 77 -18.60 37.59 33.08
CA ASN D 77 -18.58 39.03 32.79
C ASN D 77 -17.21 39.70 32.94
N LYS D 78 -16.17 38.94 32.65
CA LYS D 78 -14.79 39.42 32.73
C LYS D 78 -14.02 39.24 31.42
N TYR D 79 -12.90 39.95 31.30
CA TYR D 79 -12.10 39.90 30.08
C TYR D 79 -10.99 38.87 30.17
N ASP D 80 -10.66 38.27 29.03
CA ASP D 80 -9.53 37.34 28.93
C ASP D 80 -8.78 37.53 27.60
N PRO D 81 -7.45 37.76 27.68
CA PRO D 81 -6.67 37.89 28.91
C PRO D 81 -7.12 39.13 29.71
N PRO D 82 -6.84 39.17 31.04
CA PRO D 82 -7.46 40.21 31.88
C PRO D 82 -7.20 41.62 31.34
N LEU D 83 -8.16 42.52 31.54
CA LEU D 83 -8.02 43.87 30.97
C LEU D 83 -8.23 44.97 31.99
N GLU D 84 -7.44 46.03 31.83
CA GLU D 84 -7.48 47.21 32.70
C GLU D 84 -8.87 47.85 32.70
N ASP D 85 -9.21 48.54 31.62
CA ASP D 85 -10.51 49.17 31.51
C ASP D 85 -11.16 48.76 30.21
N GLY D 86 -11.98 47.72 30.27
CA GLY D 86 -12.67 47.19 29.09
C GLY D 86 -14.10 47.65 29.02
N ALA D 87 -14.64 47.74 27.80
CA ALA D 87 -16.03 48.14 27.58
C ALA D 87 -17.00 47.13 28.18
N MET D 88 -17.78 47.58 29.16
CA MET D 88 -18.71 46.70 29.88
C MET D 88 -20.15 47.13 29.62
N PRO D 89 -21.12 46.29 30.00
CA PRO D 89 -22.48 46.80 29.92
C PRO D 89 -22.91 47.34 31.27
N SER D 90 -23.74 48.38 31.24
CA SER D 90 -24.40 48.91 32.44
C SER D 90 -25.06 47.79 33.25
N ALA D 91 -24.97 47.86 34.58
CA ALA D 91 -25.51 46.80 35.43
C ALA D 91 -26.98 46.44 35.10
N ARG D 92 -27.76 47.44 34.66
CA ARG D 92 -29.14 47.24 34.16
C ARG D 92 -29.14 46.25 32.99
N LEU D 93 -28.29 46.52 32.01
CA LEU D 93 -28.20 45.73 30.78
C LEU D 93 -27.61 44.35 31.02
N ARG D 94 -26.54 44.29 31.81
CA ARG D 94 -25.90 43.02 32.18
C ARG D 94 -26.91 42.00 32.67
N LYS D 95 -27.89 42.48 33.44
CA LYS D 95 -28.97 41.65 33.96
C LYS D 95 -29.87 41.13 32.82
N LEU D 96 -30.14 41.98 31.83
CA LEU D 96 -30.90 41.56 30.66
C LEU D 96 -30.07 40.62 29.79
N GLU D 97 -28.78 40.89 29.72
CA GLU D 97 -27.84 40.05 28.98
C GLU D 97 -27.83 38.64 29.55
N VAL D 98 -27.60 38.52 30.85
CA VAL D 98 -27.57 37.23 31.51
C VAL D 98 -28.88 36.45 31.26
N GLU D 99 -29.99 37.17 31.16
CA GLU D 99 -31.27 36.54 30.84
C GLU D 99 -31.33 36.09 29.41
N ALA D 100 -30.97 36.99 28.49
CA ALA D 100 -30.93 36.68 27.05
C ALA D 100 -30.01 35.49 26.71
N ASN D 101 -28.94 35.32 27.49
CA ASN D 101 -28.08 34.16 27.35
C ASN D 101 -28.77 32.87 27.74
N ASN D 102 -29.49 32.90 28.87
CA ASN D 102 -30.32 31.77 29.29
C ASN D 102 -31.44 31.44 28.33
N ALA D 103 -32.05 32.47 27.77
CA ALA D 103 -33.13 32.26 26.85
C ALA D 103 -32.62 31.59 25.59
N PHE D 104 -31.57 32.16 24.99
CA PHE D 104 -31.06 31.64 23.72
C PHE D 104 -30.30 30.33 23.86
N ASP D 105 -29.88 30.03 25.08
CA ASP D 105 -29.30 28.75 25.40
C ASP D 105 -30.33 27.66 25.17
N GLN D 106 -31.56 27.91 25.62
CA GLN D 106 -32.67 26.98 25.43
C GLN D 106 -33.06 26.91 23.98
N TYR D 107 -33.14 28.07 23.33
CA TYR D 107 -33.39 28.18 21.90
C TYR D 107 -32.39 27.30 21.13
N ARG D 108 -31.13 27.40 21.51
CA ARG D 108 -30.08 26.60 20.90
C ARG D 108 -30.39 25.13 21.02
N ASP D 109 -30.60 24.64 22.25
CA ASP D 109 -30.95 23.24 22.50
C ASP D 109 -32.19 22.78 21.71
N LEU D 110 -33.16 23.67 21.58
CA LEU D 110 -34.40 23.32 20.93
C LEU D 110 -34.25 23.10 19.44
N TYR D 111 -33.35 23.83 18.78
CA TYR D 111 -33.23 23.76 17.31
C TYR D 111 -31.94 23.09 16.84
N PHE D 112 -30.96 22.95 17.72
CA PHE D 112 -29.64 22.48 17.33
C PHE D 112 -29.21 21.25 18.12
N GLU D 113 -29.90 20.96 19.22
CA GLU D 113 -29.65 19.80 20.07
C GLU D 113 -28.19 19.64 20.40
N GLY D 114 -27.58 20.73 20.82
CA GLY D 114 -26.14 20.79 21.10
C GLY D 114 -25.54 22.10 20.61
N GLY D 115 -24.22 22.11 20.43
CA GLY D 115 -23.52 23.33 20.00
C GLY D 115 -23.32 24.30 21.15
N VAL D 116 -22.82 25.49 20.81
CA VAL D 116 -22.57 26.52 21.80
C VAL D 116 -23.33 27.78 21.42
N SER D 117 -23.86 28.49 22.41
CA SER D 117 -24.42 29.82 22.15
C SER D 117 -23.86 30.88 23.10
N SER D 118 -23.80 32.12 22.62
CA SER D 118 -23.40 33.25 23.45
C SER D 118 -24.14 34.47 22.99
N VAL D 119 -24.57 35.29 23.95
CA VAL D 119 -25.28 36.52 23.65
C VAL D 119 -24.58 37.72 24.30
N TYR D 120 -24.27 38.74 23.50
CA TYR D 120 -23.66 39.96 24.05
C TYR D 120 -24.48 41.19 23.73
N LEU D 121 -24.80 41.95 24.79
CA LEU D 121 -25.58 43.17 24.69
C LEU D 121 -24.69 44.40 24.95
N TRP D 122 -24.96 45.51 24.27
CA TRP D 122 -24.27 46.74 24.59
C TRP D 122 -25.20 47.95 24.49
N ASP D 123 -24.85 49.01 25.22
CA ASP D 123 -25.69 50.19 25.33
C ASP D 123 -25.60 51.08 24.09
N LEU D 124 -26.76 51.49 23.60
CA LEU D 124 -26.84 52.44 22.50
C LEU D 124 -27.35 53.81 22.99
N ASP D 125 -27.83 54.65 22.06
CA ASP D 125 -28.37 55.95 22.46
C ASP D 125 -29.82 55.88 22.95
N HIS D 126 -30.78 55.68 22.04
CA HIS D 126 -32.20 55.60 22.42
C HIS D 126 -32.71 54.17 22.44
N GLY D 127 -32.01 53.33 23.18
CA GLY D 127 -32.24 51.88 23.22
C GLY D 127 -30.92 51.12 23.36
N PHE D 128 -30.91 49.86 22.89
CA PHE D 128 -29.71 49.02 22.98
C PHE D 128 -29.54 48.10 21.78
N ALA D 129 -28.42 47.39 21.76
CA ALA D 129 -28.16 46.43 20.70
C ALA D 129 -27.64 45.13 21.27
N GLY D 130 -27.76 44.09 20.45
CA GLY D 130 -27.25 42.77 20.84
C GLY D 130 -26.73 41.94 19.69
N VAL D 131 -25.89 40.97 20.05
CA VAL D 131 -25.46 39.93 19.12
C VAL D 131 -25.77 38.57 19.73
N ILE D 132 -26.37 37.71 18.91
CA ILE D 132 -26.67 36.32 19.30
C ILE D 132 -25.88 35.37 18.42
N LEU D 133 -25.03 34.57 19.05
CA LEU D 133 -24.13 33.68 18.33
C LEU D 133 -24.39 32.20 18.64
N ILE D 134 -24.43 31.39 17.60
CA ILE D 134 -24.63 29.95 17.75
C ILE D 134 -23.68 29.21 16.82
N LYS D 135 -22.95 28.25 17.36
CA LYS D 135 -22.04 27.41 16.60
C LYS D 135 -22.36 25.95 16.82
N LYS D 136 -22.67 25.23 15.75
CA LYS D 136 -22.94 23.80 15.83
C LYS D 136 -22.07 23.06 14.82
N ALA D 137 -21.46 21.95 15.25
CA ALA D 137 -20.61 21.14 14.39
C ALA D 137 -21.23 19.76 14.20
N GLY D 138 -21.07 19.20 13.00
CA GLY D 138 -21.53 17.83 12.70
C GLY D 138 -20.54 16.79 13.19
N ASP D 139 -20.98 15.54 13.29
CA ASP D 139 -20.17 14.46 13.86
C ASP D 139 -19.11 13.85 12.93
N GLY D 140 -17.96 13.54 13.54
CA GLY D 140 -16.86 12.80 12.89
C GLY D 140 -17.10 11.28 12.73
N SER D 141 -18.31 10.82 13.12
CA SER D 141 -18.86 9.47 12.81
C SER D 141 -19.20 9.28 11.30
N LYS D 142 -19.78 10.33 10.69
CA LYS D 142 -20.17 10.34 9.26
C LYS D 142 -19.04 10.92 8.41
N LYS D 143 -19.03 10.59 7.12
CA LYS D 143 -17.88 10.91 6.24
C LYS D 143 -17.67 12.37 5.81
N ILE D 144 -18.57 13.25 6.23
CA ILE D 144 -18.61 14.63 5.79
C ILE D 144 -18.52 15.60 6.96
N LYS D 145 -17.47 16.43 6.98
CA LYS D 145 -17.32 17.45 8.02
C LYS D 145 -18.31 18.57 7.74
N GLY D 146 -19.00 19.04 8.77
CA GLY D 146 -19.99 20.11 8.63
C GLY D 146 -19.98 21.08 9.78
N CYS D 147 -20.28 22.34 9.50
CA CYS D 147 -20.37 23.38 10.54
C CYS D 147 -21.38 24.49 10.24
N TRP D 148 -21.99 25.02 11.29
CA TRP D 148 -23.00 26.03 11.16
C TRP D 148 -22.72 27.11 12.18
N ASP D 149 -22.48 28.33 11.69
CA ASP D 149 -22.30 29.52 12.51
C ASP D 149 -23.45 30.51 12.29
N SER D 150 -24.07 30.93 13.39
CA SER D 150 -25.15 31.91 13.32
C SER D 150 -24.70 33.23 13.93
N ILE D 151 -24.90 34.31 13.20
CA ILE D 151 -24.61 35.64 13.74
C ILE D 151 -25.82 36.56 13.56
N HIS D 152 -26.53 36.78 14.67
CA HIS D 152 -27.69 37.65 14.67
C HIS D 152 -27.36 38.94 15.41
N VAL D 153 -27.45 40.05 14.70
CA VAL D 153 -27.22 41.36 15.29
C VAL D 153 -28.51 42.17 15.30
N VAL D 154 -29.00 42.45 16.50
CA VAL D 154 -30.27 43.14 16.66
C VAL D 154 -30.07 44.53 17.25
N GLU D 155 -30.86 45.47 16.76
CA GLU D 155 -30.89 46.83 17.28
C GLU D 155 -32.30 47.12 17.81
N VAL D 156 -32.36 47.62 19.04
CA VAL D 156 -33.63 47.97 19.65
C VAL D 156 -33.70 49.50 19.85
N GLN D 157 -34.69 50.12 19.20
CA GLN D 157 -34.96 51.53 19.42
C GLN D 157 -36.27 51.68 20.19
N GLU D 158 -36.16 51.93 21.49
CA GLU D 158 -37.30 52.17 22.36
C GLU D 158 -37.93 53.53 22.09
N LYS D 159 -39.27 53.55 21.98
CA LYS D 159 -40.05 54.78 21.90
C LYS D 159 -40.20 55.34 23.32
N SER D 160 -40.48 56.65 23.44
CA SER D 160 -40.52 57.35 24.74
C SER D 160 -41.58 56.83 25.73
N SER D 161 -42.63 56.22 25.20
CA SER D 161 -43.71 55.66 26.02
C SER D 161 -43.32 54.40 26.82
N GLY D 162 -42.48 53.55 26.23
CA GLY D 162 -42.41 52.12 26.61
C GLY D 162 -43.56 51.45 25.84
N ARG D 163 -43.81 50.18 26.12
CA ARG D 163 -44.95 49.44 25.49
C ARG D 163 -44.90 49.24 23.96
N THR D 164 -44.00 49.95 23.28
CA THR D 164 -43.73 49.72 21.85
C THR D 164 -42.26 50.04 21.50
N ALA D 165 -41.68 49.21 20.64
CA ALA D 165 -40.28 49.38 20.21
C ALA D 165 -40.03 48.92 18.76
N HIS D 166 -38.99 49.45 18.14
CA HIS D 166 -38.63 49.10 16.77
C HIS D 166 -37.35 48.28 16.74
N TYR D 167 -37.43 47.13 16.05
CA TYR D 167 -36.34 46.15 16.01
C TYR D 167 -35.73 46.01 14.61
N LYS D 168 -34.40 46.19 14.55
CA LYS D 168 -33.64 45.96 13.33
C LYS D 168 -32.81 44.70 13.50
N LEU D 169 -33.00 43.75 12.59
CA LEU D 169 -32.24 42.49 12.67
C LEU D 169 -31.43 42.25 11.43
N THR D 170 -30.13 42.07 11.62
CA THR D 170 -29.27 41.65 10.53
C THR D 170 -28.64 40.32 10.88
N SER D 171 -29.01 39.29 10.12
CA SER D 171 -28.60 37.93 10.41
C SER D 171 -27.72 37.34 9.32
N THR D 172 -26.63 36.70 9.73
CA THR D 172 -25.79 35.93 8.81
C THR D 172 -25.63 34.51 9.33
N VAL D 173 -25.80 33.54 8.42
CA VAL D 173 -25.52 32.16 8.73
C VAL D 173 -24.35 31.70 7.87
N MET D 174 -23.34 31.12 8.49
CA MET D 174 -22.25 30.57 7.73
C MET D 174 -22.31 29.05 7.76
N LEU D 175 -22.34 28.45 6.56
CA LEU D 175 -22.50 27.01 6.42
C LEU D 175 -21.30 26.40 5.72
N TRP D 176 -20.68 25.40 6.35
CA TRP D 176 -19.45 24.78 5.85
C TRP D 176 -19.61 23.27 5.70
N LEU D 177 -19.38 22.76 4.50
CA LEU D 177 -19.44 21.33 4.25
C LEU D 177 -18.20 20.92 3.48
N GLN D 178 -17.73 19.69 3.68
CA GLN D 178 -16.42 19.30 3.19
C GLN D 178 -16.17 17.80 3.29
N THR D 179 -15.55 17.19 2.28
CA THR D 179 -15.13 15.76 2.30
C THR D 179 -13.88 15.45 1.51
N ASN D 180 -13.19 14.38 1.91
CA ASN D 180 -12.09 13.79 1.13
C ASN D 180 -12.43 12.38 0.65
N LYS D 181 -13.72 12.08 0.51
CA LYS D 181 -14.15 10.83 -0.11
C LYS D 181 -13.46 10.69 -1.46
N THR D 182 -12.75 9.58 -1.64
CA THR D 182 -11.85 9.38 -2.80
C THR D 182 -12.57 9.54 -4.14
N GLY D 183 -13.87 9.22 -4.16
CA GLY D 183 -14.72 9.38 -5.34
C GLY D 183 -14.65 10.76 -6.01
N SER D 184 -14.61 11.82 -5.20
CA SER D 184 -14.60 13.21 -5.69
C SER D 184 -13.40 14.05 -5.20
N GLY D 185 -12.28 13.42 -4.90
CA GLY D 185 -11.08 14.14 -4.43
C GLY D 185 -11.37 14.92 -3.17
N THR D 186 -11.03 16.22 -3.15
CA THR D 186 -11.55 17.11 -2.11
C THR D 186 -12.78 17.81 -2.65
N MET D 187 -13.72 18.10 -1.76
CA MET D 187 -14.89 18.87 -2.12
C MET D 187 -15.28 19.76 -0.94
N ASN D 188 -15.16 21.08 -1.14
CA ASN D 188 -15.48 22.05 -0.11
C ASN D 188 -16.55 22.99 -0.61
N LEU D 189 -17.69 22.96 0.05
CA LEU D 189 -18.79 23.85 -0.25
C LEU D 189 -19.03 24.68 0.99
N GLY D 190 -18.66 25.95 0.91
CA GLY D 190 -18.68 26.82 2.08
C GLY D 190 -19.15 28.21 1.80
N GLY D 191 -19.41 28.98 2.86
CA GLY D 191 -19.81 30.37 2.72
C GLY D 191 -20.91 30.78 3.66
N SER D 192 -21.67 31.81 3.25
CA SER D 192 -22.73 32.39 4.08
C SER D 192 -23.77 33.18 3.30
N LEU D 193 -24.92 33.42 3.95
CA LEU D 193 -25.96 34.31 3.43
C LEU D 193 -26.34 35.27 4.53
N THR D 194 -26.80 36.46 4.16
CA THR D 194 -27.25 37.49 5.12
C THR D 194 -28.64 38.02 4.72
N ARG D 195 -29.46 38.36 5.71
CA ARG D 195 -30.80 38.93 5.46
C ARG D 195 -31.17 39.98 6.49
N GLN D 196 -32.20 40.77 6.19
CA GLN D 196 -32.68 41.81 7.12
C GLN D 196 -34.17 41.78 7.39
N MET D 197 -34.54 41.82 8.67
CA MET D 197 -35.93 42.07 9.06
C MET D 197 -35.98 43.36 9.87
N GLU D 198 -37.13 44.04 9.77
CA GLU D 198 -37.36 45.30 10.47
C GLU D 198 -38.81 45.33 10.90
N LYS D 199 -39.05 45.39 12.21
CA LYS D 199 -40.40 45.30 12.73
C LYS D 199 -40.60 46.14 13.99
N ASP D 200 -41.82 46.66 14.14
CA ASP D 200 -42.29 47.23 15.41
C ASP D 200 -43.09 46.17 16.17
N GLU D 201 -42.96 46.14 17.50
CA GLU D 201 -43.78 45.22 18.31
C GLU D 201 -44.14 45.72 19.73
N THR D 202 -45.22 45.17 20.26
CA THR D 202 -45.68 45.48 21.61
C THR D 202 -44.67 45.01 22.65
N VAL D 203 -44.35 45.88 23.61
CA VAL D 203 -43.51 45.50 24.75
C VAL D 203 -44.35 45.47 26.02
N SER D 204 -44.87 44.30 26.36
CA SER D 204 -45.67 44.15 27.56
C SER D 204 -44.87 43.36 28.59
N ASP D 205 -45.57 42.83 29.58
CA ASP D 205 -44.94 41.97 30.58
C ASP D 205 -44.97 40.54 30.08
N SER D 206 -46.08 40.21 29.41
CA SER D 206 -46.28 38.89 28.84
C SER D 206 -45.45 38.74 27.56
N SER D 207 -45.06 39.88 26.98
CA SER D 207 -44.21 39.88 25.78
C SER D 207 -43.10 40.92 25.88
N PRO D 208 -42.05 40.62 26.68
CA PRO D 208 -40.93 41.54 26.88
C PRO D 208 -39.98 41.63 25.68
N HIS D 209 -38.76 42.12 25.93
CA HIS D 209 -37.79 42.33 24.85
C HIS D 209 -37.23 41.00 24.31
N ILE D 210 -36.68 40.19 25.21
CA ILE D 210 -36.07 38.91 24.84
C ILE D 210 -37.06 38.08 24.05
N ALA D 211 -38.33 38.11 24.43
CA ALA D 211 -39.38 37.41 23.69
C ALA D 211 -39.49 37.96 22.27
N ASN D 212 -39.48 39.29 22.16
CA ASN D 212 -39.63 39.94 20.86
C ASN D 212 -38.46 39.68 19.94
N ILE D 213 -37.26 39.79 20.49
CA ILE D 213 -36.04 39.49 19.76
C ILE D 213 -36.05 38.02 19.32
N GLY D 214 -36.35 37.13 20.26
CA GLY D 214 -36.40 35.70 20.03
C GLY D 214 -37.26 35.31 18.84
N ARG D 215 -38.47 35.82 18.78
CA ARG D 215 -39.39 35.47 17.71
C ARG D 215 -38.81 35.89 16.38
N LEU D 216 -38.16 37.05 16.36
CA LEU D 216 -37.52 37.59 15.16
C LEU D 216 -36.37 36.74 14.69
N VAL D 217 -35.49 36.38 15.63
CA VAL D 217 -34.41 35.44 15.35
C VAL D 217 -34.95 34.12 14.77
N GLU D 218 -35.82 33.44 15.53
CA GLU D 218 -36.43 32.18 15.13
C GLU D 218 -36.98 32.22 13.71
N ASP D 219 -37.70 33.28 13.37
CA ASP D 219 -38.27 33.42 12.04
C ASP D 219 -37.21 33.52 10.97
N MET D 220 -36.19 34.33 11.26
CA MET D 220 -35.12 34.57 10.33
C MET D 220 -34.33 33.29 10.11
N GLU D 221 -33.99 32.63 11.21
CA GLU D 221 -33.17 31.43 11.15
C GLU D 221 -33.91 30.32 10.41
N ASN D 222 -35.21 30.21 10.65
CA ASN D 222 -36.01 29.25 9.90
C ASN D 222 -36.05 29.56 8.42
N LYS D 223 -36.16 30.85 8.10
CA LYS D 223 -36.27 31.30 6.71
C LYS D 223 -34.94 31.15 5.99
N ILE D 224 -33.84 31.34 6.71
CA ILE D 224 -32.52 31.18 6.13
C ILE D 224 -32.22 29.70 5.93
N ARG D 225 -32.43 28.90 6.97
CA ARG D 225 -32.20 27.47 6.92
C ARG D 225 -32.79 26.93 5.64
N SER D 226 -33.93 27.50 5.26
CA SER D 226 -34.60 27.15 4.02
C SER D 226 -33.80 27.57 2.80
N THR D 227 -33.59 28.86 2.61
CA THR D 227 -32.82 29.36 1.46
C THR D 227 -31.41 28.76 1.37
N LEU D 228 -30.76 28.55 2.50
CA LEU D 228 -29.49 27.86 2.51
C LEU D 228 -29.60 26.53 1.77
N ASN D 229 -30.49 25.67 2.23
CA ASN D 229 -30.71 24.35 1.66
C ASN D 229 -30.94 24.43 0.15
N GLU D 230 -31.73 25.43 -0.26
CA GLU D 230 -32.13 25.60 -1.63
C GLU D 230 -30.98 26.11 -2.50
N ILE D 231 -30.14 26.96 -1.92
CA ILE D 231 -28.98 27.49 -2.66
C ILE D 231 -27.83 26.47 -2.68
N TYR D 232 -27.46 25.97 -1.51
CA TYR D 232 -26.32 25.08 -1.39
C TYR D 232 -26.53 23.84 -2.20
N PHE D 233 -27.62 23.12 -1.94
CA PHE D 233 -27.85 21.80 -2.53
C PHE D 233 -28.73 21.85 -3.75
N GLY D 234 -29.36 22.99 -3.99
CA GLY D 234 -30.13 23.16 -5.19
C GLY D 234 -29.37 23.91 -6.27
N LYS D 235 -29.21 25.22 -6.07
CA LYS D 235 -28.64 26.10 -7.09
C LYS D 235 -27.21 25.77 -7.45
N THR D 236 -26.29 25.72 -6.49
CA THR D 236 -24.88 25.50 -6.81
C THR D 236 -24.68 24.19 -7.56
N LYS D 237 -25.48 23.18 -7.22
CA LYS D 237 -25.41 21.89 -7.88
C LYS D 237 -25.91 21.95 -9.31
N ASP D 238 -26.94 22.74 -9.55
CA ASP D 238 -27.50 22.91 -10.88
C ASP D 238 -26.52 23.61 -11.76
N ILE D 239 -25.81 24.57 -11.19
CA ILE D 239 -24.75 25.27 -11.89
C ILE D 239 -23.72 24.26 -12.36
N VAL D 240 -23.23 23.43 -11.43
CA VAL D 240 -22.30 22.35 -11.76
C VAL D 240 -22.83 21.55 -12.91
N ASN D 241 -24.08 21.08 -12.81
CA ASN D 241 -24.68 20.23 -13.85
C ASN D 241 -24.88 20.95 -15.17
N GLY D 242 -24.84 22.28 -15.12
CA GLY D 242 -24.89 23.09 -16.34
C GLY D 242 -23.54 23.34 -16.99
N LEU D 243 -22.48 22.87 -16.35
CA LEU D 243 -21.13 22.99 -16.87
C LEU D 243 -20.81 21.78 -17.69
N ARG D 244 -21.34 20.64 -17.29
CA ARG D 244 -21.03 19.37 -17.94
C ARG D 244 -22.22 18.41 -17.82
N SER D 245 -22.44 17.60 -18.85
CA SER D 245 -23.53 16.64 -18.84
C SER D 245 -23.01 15.23 -19.02
N ILE D 246 -23.41 14.31 -18.14
CA ILE D 246 -22.95 12.92 -18.26
C ILE D 246 -23.52 12.24 -19.50
N ASP D 247 -24.83 12.34 -19.71
CA ASP D 247 -25.43 11.82 -20.92
C ASP D 247 -25.05 12.76 -22.04
N ALA D 248 -24.75 12.20 -23.21
CA ALA D 248 -24.39 12.99 -24.39
C ALA D 248 -25.52 13.94 -24.83
N ILE D 249 -25.21 15.23 -24.92
CA ILE D 249 -26.16 16.26 -25.37
C ILE D 249 -26.43 15.89 -26.83
N PRO D 250 -27.62 15.40 -27.21
CA PRO D 250 -27.46 14.87 -28.57
C PRO D 250 -27.56 15.95 -29.66
N ASP D 251 -27.05 15.65 -30.85
CA ASP D 251 -27.07 16.59 -31.98
C ASP D 251 -28.47 16.81 -32.56
N ASN D 252 -29.09 17.93 -32.21
CA ASN D 252 -30.50 18.16 -32.49
C ASN D 252 -30.91 18.02 -33.95
N GLN D 253 -29.95 18.28 -34.84
CA GLN D 253 -30.16 18.24 -36.28
C GLN D 253 -30.27 16.81 -36.78
N LYS D 254 -29.18 16.05 -36.66
CA LYS D 254 -29.14 14.62 -37.05
C LYS D 254 -30.33 13.85 -36.44
N TYR D 255 -30.69 14.26 -35.22
CA TYR D 255 -31.78 13.68 -34.44
C TYR D 255 -33.12 13.81 -35.14
N LYS D 256 -33.47 15.03 -35.53
CA LYS D 256 -34.72 15.27 -36.26
C LYS D 256 -34.71 14.74 -37.71
N GLN D 257 -33.51 14.41 -38.21
CA GLN D 257 -33.37 13.68 -39.48
C GLN D 257 -33.67 12.20 -39.30
N LEU D 258 -33.79 11.75 -38.05
CA LEU D 258 -34.25 10.39 -37.76
C LEU D 258 -35.73 10.37 -37.35
N GLN D 259 -36.23 11.46 -36.76
CA GLN D 259 -37.66 11.63 -36.49
C GLN D 259 -38.47 11.79 -37.78
N ARG D 260 -37.77 11.95 -38.90
CA ARG D 260 -38.38 12.08 -40.22
C ARG D 260 -38.25 10.80 -41.04
N GLU D 261 -37.17 10.04 -40.82
CA GLU D 261 -36.95 8.82 -41.58
C GLU D 261 -37.90 7.72 -41.12
N LEU D 262 -37.88 7.41 -39.82
CA LEU D 262 -38.74 6.38 -39.20
C LEU D 262 -40.24 6.65 -39.38
N SER D 263 -40.63 7.93 -39.27
CA SER D 263 -42.04 8.34 -39.44
C SER D 263 -42.44 8.43 -40.91
N GLN D 264 -41.45 8.49 -41.80
CA GLN D 264 -41.67 8.48 -43.24
C GLN D 264 -41.87 7.06 -43.79
N VAL D 265 -41.24 6.07 -43.15
CA VAL D 265 -41.43 4.65 -43.51
C VAL D 265 -42.93 4.29 -43.36
N LEU D 266 -43.66 4.51 -44.46
CA LEU D 266 -45.11 4.31 -44.56
C LEU D 266 -45.46 3.67 -45.90
N ARG E 7 38.78 -38.22 -29.35
CA ARG E 7 38.76 -36.80 -28.89
C ARG E 7 39.49 -36.57 -27.55
N VAL E 8 39.08 -37.24 -26.47
CA VAL E 8 39.66 -36.89 -25.14
C VAL E 8 40.13 -38.05 -24.24
N SER E 9 41.36 -37.90 -23.72
CA SER E 9 42.12 -38.96 -23.04
C SER E 9 41.40 -39.59 -21.85
N ASP E 10 41.54 -40.91 -21.71
CA ASP E 10 40.86 -41.65 -20.65
C ASP E 10 41.24 -41.20 -19.24
N GLU E 11 42.41 -40.59 -19.14
CA GLU E 11 42.86 -40.02 -17.87
C GLU E 11 42.04 -38.75 -17.54
N GLU E 12 41.72 -37.97 -18.57
CA GLU E 12 40.86 -36.79 -18.44
C GLU E 12 39.41 -37.19 -18.14
N LYS E 13 38.89 -38.19 -18.85
CA LYS E 13 37.52 -38.65 -18.67
C LYS E 13 37.20 -39.02 -17.23
N VAL E 14 38.14 -39.70 -16.58
CA VAL E 14 37.92 -40.07 -15.19
C VAL E 14 38.00 -38.85 -14.26
N ARG E 15 38.86 -37.89 -14.61
CA ARG E 15 38.96 -36.64 -13.86
C ARG E 15 37.59 -35.93 -13.80
N ILE E 16 36.91 -35.87 -14.95
CA ILE E 16 35.60 -35.26 -15.08
C ILE E 16 34.59 -36.06 -14.29
N ALA E 17 34.68 -37.38 -14.39
CA ALA E 17 33.80 -38.27 -13.64
C ALA E 17 33.97 -38.06 -12.15
N ALA E 18 35.21 -37.81 -11.73
CA ALA E 18 35.51 -37.59 -10.33
C ALA E 18 34.93 -36.26 -9.85
N LYS E 19 35.19 -35.22 -10.64
CA LYS E 19 34.63 -33.89 -10.43
C LYS E 19 33.10 -33.95 -10.25
N PHE E 20 32.40 -34.62 -11.16
CA PHE E 20 30.94 -34.78 -11.05
C PHE E 20 30.54 -35.44 -9.73
N ILE E 21 31.20 -36.52 -9.35
CA ILE E 21 30.81 -37.21 -8.13
C ILE E 21 30.98 -36.31 -6.91
N THR E 22 32.13 -35.64 -6.79
CA THR E 22 32.37 -34.76 -5.64
C THR E 22 31.30 -33.67 -5.51
N HIS E 23 30.65 -33.32 -6.61
CA HIS E 23 29.70 -32.22 -6.62
C HIS E 23 28.25 -32.64 -6.45
N ALA E 24 28.03 -33.91 -6.13
CA ALA E 24 26.68 -34.44 -5.94
C ALA E 24 25.95 -33.73 -4.81
N PRO E 25 24.75 -33.20 -5.09
CA PRO E 25 23.98 -32.53 -4.06
C PRO E 25 23.75 -33.46 -2.86
N PRO E 26 23.53 -32.88 -1.66
CA PRO E 26 23.32 -33.66 -0.44
C PRO E 26 22.22 -34.70 -0.60
N GLY E 27 22.52 -35.94 -0.21
CA GLY E 27 21.55 -37.04 -0.20
C GLY E 27 21.10 -37.50 -1.58
N GLU E 28 21.99 -37.31 -2.54
CA GLU E 28 21.75 -37.69 -3.93
C GLU E 28 23.04 -38.23 -4.53
N PHE E 29 23.90 -38.78 -3.66
CA PHE E 29 25.20 -39.28 -4.09
C PHE E 29 25.01 -40.46 -5.03
N ASN E 30 24.20 -41.41 -4.57
CA ASN E 30 23.91 -42.60 -5.36
C ASN E 30 23.47 -42.24 -6.77
N GLU E 31 22.41 -41.45 -6.86
CA GLU E 31 21.82 -41.05 -8.12
C GLU E 31 22.84 -40.42 -9.06
N VAL E 32 23.70 -39.54 -8.53
CA VAL E 32 24.78 -38.95 -9.33
C VAL E 32 25.81 -40.01 -9.74
N PHE E 33 26.22 -40.83 -8.78
CA PHE E 33 27.18 -41.91 -9.03
C PHE E 33 26.71 -42.84 -10.16
N ASN E 34 25.50 -43.37 -10.03
CA ASN E 34 24.92 -44.20 -11.07
C ASN E 34 24.98 -43.51 -12.42
N ASP E 35 24.54 -42.26 -12.47
CA ASP E 35 24.60 -41.47 -13.70
C ASP E 35 26.01 -41.45 -14.26
N VAL E 36 26.98 -41.11 -13.41
CA VAL E 36 28.37 -40.96 -13.83
C VAL E 36 28.95 -42.27 -14.34
N ARG E 37 28.60 -43.37 -13.67
CA ARG E 37 29.11 -44.69 -14.01
C ARG E 37 28.69 -45.12 -15.41
N LEU E 38 27.37 -45.06 -15.63
CA LEU E 38 26.75 -45.46 -16.88
C LEU E 38 27.28 -44.65 -18.06
N LEU E 39 27.68 -43.41 -17.79
CA LEU E 39 28.14 -42.51 -18.83
C LEU E 39 29.59 -42.78 -19.21
N LEU E 40 30.44 -42.96 -18.20
CA LEU E 40 31.86 -43.25 -18.39
C LEU E 40 32.05 -44.61 -19.04
N ASN E 41 31.28 -45.59 -18.55
CA ASN E 41 31.20 -46.93 -19.11
C ASN E 41 32.54 -47.66 -19.08
N ASN E 42 33.09 -47.77 -17.87
CA ASN E 42 34.42 -48.30 -17.68
C ASN E 42 34.70 -48.48 -16.19
N ASP E 43 34.03 -49.49 -15.59
CA ASP E 43 34.14 -49.74 -14.16
C ASP E 43 35.59 -49.87 -13.67
N ASN E 44 36.51 -50.12 -14.61
CA ASN E 44 37.93 -50.18 -14.30
C ASN E 44 38.52 -48.81 -14.04
N LEU E 45 38.20 -47.84 -14.91
CA LEU E 45 38.67 -46.46 -14.71
C LEU E 45 38.07 -45.87 -13.46
N LEU E 46 36.80 -46.17 -13.22
CA LEU E 46 36.08 -45.66 -12.07
C LEU E 46 36.79 -46.03 -10.77
N ARG E 47 37.00 -47.33 -10.53
CA ARG E 47 37.55 -47.81 -9.25
C ARG E 47 38.95 -47.26 -8.93
N GLU E 48 39.71 -46.91 -9.96
CA GLU E 48 41.05 -46.37 -9.77
C GLU E 48 41.02 -44.85 -9.59
N GLY E 49 40.79 -44.13 -10.69
CA GLY E 49 40.84 -42.66 -10.73
C GLY E 49 39.73 -41.92 -10.00
N ALA E 50 38.79 -42.65 -9.42
CA ALA E 50 37.70 -42.02 -8.69
C ALA E 50 37.57 -42.48 -7.23
N ALA E 51 38.39 -43.46 -6.83
CA ALA E 51 38.39 -43.94 -5.44
C ALA E 51 38.60 -42.78 -4.47
N HIS E 52 39.48 -41.86 -4.89
CA HIS E 52 39.78 -40.62 -4.16
C HIS E 52 38.55 -39.73 -3.96
N ALA E 53 37.68 -39.70 -4.98
CA ALA E 53 36.47 -38.88 -4.96
C ALA E 53 35.38 -39.35 -3.96
N PHE E 54 35.12 -40.66 -3.88
CA PHE E 54 34.12 -41.20 -2.95
C PHE E 54 34.39 -40.77 -1.51
N ALA E 55 35.65 -40.94 -1.10
CA ALA E 55 36.11 -40.62 0.25
C ALA E 55 36.05 -39.11 0.50
N GLN E 56 36.56 -38.35 -0.45
CA GLN E 56 36.60 -36.89 -0.35
C GLN E 56 35.20 -36.33 -0.15
N TYR E 57 34.23 -36.84 -0.90
CA TYR E 57 32.83 -36.42 -0.79
C TYR E 57 32.30 -36.62 0.64
N ASN E 58 32.46 -37.81 1.19
CA ASN E 58 31.94 -38.08 2.52
C ASN E 58 32.54 -37.21 3.61
N MET E 59 33.85 -36.96 3.51
CA MET E 59 34.58 -36.10 4.45
C MET E 59 34.20 -34.64 4.26
N ASP E 60 33.97 -34.29 2.99
CA ASP E 60 33.53 -32.96 2.59
C ASP E 60 32.13 -32.66 3.10
N GLN E 61 31.27 -33.68 3.11
CA GLN E 61 29.87 -33.47 3.42
C GLN E 61 29.55 -33.73 4.89
N PHE E 62 30.55 -34.11 5.68
CA PHE E 62 30.35 -34.44 7.11
C PHE E 62 29.29 -35.52 7.31
N THR E 63 29.39 -36.60 6.52
CA THR E 63 28.39 -37.67 6.50
C THR E 63 28.23 -38.32 7.87
N PRO E 64 27.02 -38.23 8.47
CA PRO E 64 26.81 -38.94 9.72
C PRO E 64 26.71 -40.43 9.44
N VAL E 65 27.16 -41.26 10.38
CA VAL E 65 27.08 -42.71 10.25
C VAL E 65 26.84 -43.40 11.60
N LYS E 66 25.91 -44.35 11.61
CA LYS E 66 25.60 -45.14 12.80
C LYS E 66 26.65 -46.22 12.96
N ILE E 67 27.15 -46.37 14.18
CA ILE E 67 28.00 -47.49 14.54
C ILE E 67 27.18 -48.40 15.46
N GLU E 68 27.25 -49.71 15.19
CA GLU E 68 26.40 -50.71 15.85
C GLU E 68 26.62 -50.81 17.37
N GLY E 69 25.51 -50.72 18.12
CA GLY E 69 25.54 -50.72 19.58
C GLY E 69 25.91 -49.39 20.24
N TYR E 70 26.08 -48.35 19.43
CA TYR E 70 26.43 -47.02 19.95
C TYR E 70 25.43 -45.92 19.59
N ASP E 71 25.10 -45.10 20.59
CA ASP E 71 24.33 -43.89 20.36
C ASP E 71 25.01 -42.66 20.97
N ASP E 72 25.24 -41.63 20.16
CA ASP E 72 24.78 -41.65 18.77
C ASP E 72 25.85 -41.64 17.69
N GLN E 73 25.45 -41.16 16.51
CA GLN E 73 26.25 -41.27 15.30
C GLN E 73 27.48 -40.38 15.35
N VAL E 74 28.40 -40.60 14.42
CA VAL E 74 29.64 -39.83 14.35
C VAL E 74 29.83 -39.35 12.92
N LEU E 75 30.57 -38.25 12.75
CA LEU E 75 30.74 -37.65 11.43
C LEU E 75 32.01 -38.09 10.75
N ILE E 76 31.90 -38.37 9.46
CA ILE E 76 33.07 -38.66 8.65
C ILE E 76 33.68 -37.35 8.18
N THR E 77 34.77 -36.93 8.82
CA THR E 77 35.46 -35.71 8.43
C THR E 77 36.86 -36.06 8.03
N GLU E 78 37.63 -35.07 7.59
CA GLU E 78 39.04 -35.28 7.34
C GLU E 78 39.83 -35.37 8.66
N HIS E 79 39.21 -34.93 9.76
CA HIS E 79 39.86 -34.88 11.06
C HIS E 79 39.79 -36.22 11.79
N GLY E 80 38.96 -37.14 11.29
CA GLY E 80 38.85 -38.48 11.85
C GLY E 80 39.55 -39.53 11.00
N ASP E 81 40.07 -39.10 9.84
CA ASP E 81 40.77 -39.96 8.88
C ASP E 81 42.10 -40.47 9.43
N LEU E 82 42.26 -41.79 9.43
CA LEU E 82 43.47 -42.38 10.00
C LEU E 82 44.31 -43.13 8.97
N GLY E 83 44.11 -42.83 7.69
CA GLY E 83 44.60 -43.68 6.60
C GLY E 83 43.81 -44.97 6.63
N ASN E 84 44.38 -46.05 6.06
CA ASN E 84 43.72 -47.38 5.96
C ASN E 84 42.37 -47.31 5.23
N GLY E 85 41.37 -46.86 5.98
CA GLY E 85 39.98 -46.79 5.59
C GLY E 85 39.26 -46.75 6.93
N ARG E 86 39.95 -46.14 7.90
CA ARG E 86 39.48 -46.13 9.28
C ARG E 86 39.30 -44.70 9.79
N PHE E 87 38.27 -44.52 10.60
CA PHE E 87 37.90 -43.21 11.13
C PHE E 87 37.70 -43.24 12.64
N LEU E 88 38.01 -42.12 13.29
CA LEU E 88 37.99 -42.03 14.75
C LEU E 88 36.67 -41.51 15.27
N ASP E 89 36.18 -42.12 16.35
CA ASP E 89 35.03 -41.61 17.07
C ASP E 89 35.49 -41.11 18.45
N PRO E 90 35.85 -39.82 18.53
CA PRO E 90 36.45 -39.30 19.76
C PRO E 90 35.55 -39.36 20.99
N ARG E 91 34.24 -39.41 20.80
CA ARG E 91 33.36 -39.51 21.98
C ARG E 91 33.53 -40.87 22.65
N ASN E 92 33.47 -41.93 21.85
CA ASN E 92 33.54 -43.30 22.35
C ASN E 92 34.97 -43.82 22.44
N LYS E 93 35.92 -43.03 21.95
CA LYS E 93 37.33 -43.42 21.92
C LYS E 93 37.48 -44.77 21.20
N ILE E 94 36.89 -44.87 20.02
CA ILE E 94 36.99 -46.09 19.22
C ILE E 94 37.34 -45.81 17.76
N SER E 95 37.95 -46.81 17.13
CA SER E 95 38.29 -46.78 15.72
C SER E 95 37.28 -47.67 14.98
N PHE E 96 37.03 -47.35 13.72
CA PHE E 96 36.12 -48.16 12.90
C PHE E 96 36.43 -48.06 11.41
N LYS E 97 36.06 -49.10 10.67
CA LYS E 97 36.25 -49.12 9.22
C LYS E 97 35.00 -48.55 8.54
N PHE E 98 35.23 -47.99 7.36
CA PHE E 98 34.17 -47.31 6.63
C PHE E 98 34.23 -47.63 5.15
N ASP E 99 33.10 -48.04 4.59
CA ASP E 99 32.98 -48.20 3.15
C ASP E 99 32.35 -46.93 2.59
N HIS E 100 33.13 -46.19 1.81
CA HIS E 100 32.70 -44.90 1.25
C HIS E 100 31.58 -44.99 0.21
N LEU E 101 31.43 -46.15 -0.44
CA LEU E 101 30.40 -46.33 -1.45
C LEU E 101 29.04 -46.70 -0.88
N ARG E 102 29.05 -47.46 0.21
CA ARG E 102 27.79 -47.91 0.78
C ARG E 102 27.53 -47.43 2.20
N LYS E 103 28.28 -46.41 2.62
CA LYS E 103 28.06 -45.71 3.89
C LYS E 103 27.95 -46.67 5.07
N GLU E 104 28.86 -47.65 5.11
CA GLU E 104 28.79 -48.71 6.11
C GLU E 104 29.94 -48.67 7.11
N ALA E 105 29.58 -48.68 8.40
CA ALA E 105 30.55 -48.62 9.47
C ALA E 105 30.70 -49.99 10.15
N SER E 106 31.77 -50.69 9.78
CA SER E 106 32.09 -52.01 10.35
C SER E 106 33.32 -51.94 11.26
N ASP E 107 33.44 -52.90 12.17
CA ASP E 107 34.67 -53.16 12.94
C ASP E 107 34.96 -52.22 14.13
N PRO E 108 34.03 -52.13 15.11
CA PRO E 108 34.28 -51.29 16.29
C PRO E 108 35.52 -51.76 17.07
N GLN E 109 36.49 -50.87 17.21
CA GLN E 109 37.80 -51.22 17.76
C GLN E 109 38.25 -50.21 18.83
N PRO E 110 38.25 -50.61 20.12
CA PRO E 110 38.77 -49.72 21.17
C PRO E 110 40.07 -49.01 20.76
N GLU E 111 40.13 -47.70 21.02
CA GLU E 111 41.24 -46.85 20.58
C GLU E 111 41.73 -45.92 21.68
N ASP E 112 43.04 -45.64 21.68
CA ASP E 112 43.66 -44.82 22.71
C ASP E 112 43.85 -43.36 22.27
N THR E 113 43.22 -42.44 23.01
CA THR E 113 43.31 -40.98 22.74
C THR E 113 44.50 -40.30 23.44
N GLU E 114 45.17 -39.40 22.70
CA GLU E 114 46.24 -38.55 23.26
C GLU E 114 45.69 -37.67 24.38
N SER E 115 45.82 -38.17 25.61
CA SER E 115 45.23 -37.52 26.79
C SER E 115 45.74 -36.08 27.03
N ALA E 116 46.46 -35.53 26.04
CA ALA E 116 46.93 -34.15 26.05
C ALA E 116 45.76 -33.16 26.14
N LEU E 117 44.75 -33.35 25.29
CA LEU E 117 43.57 -32.48 25.28
C LEU E 117 42.32 -33.14 25.79
N LYS E 118 42.36 -34.47 25.98
CA LYS E 118 41.17 -35.25 26.35
C LYS E 118 40.16 -34.47 27.18
N GLN E 119 40.66 -33.83 28.24
CA GLN E 119 39.79 -33.16 29.20
C GLN E 119 39.05 -31.94 28.63
N TRP E 120 39.77 -31.12 27.86
CA TRP E 120 39.18 -29.97 27.14
C TRP E 120 38.13 -30.44 26.13
N ARG E 121 38.48 -31.49 25.39
CA ARG E 121 37.64 -32.07 24.35
C ARG E 121 36.31 -32.57 24.89
N ASP E 122 36.34 -33.22 26.06
CA ASP E 122 35.12 -33.74 26.71
C ASP E 122 34.16 -32.63 27.15
N ALA E 123 34.71 -31.54 27.68
CA ALA E 123 33.90 -30.41 28.14
C ALA E 123 33.26 -29.64 26.97
N CYS E 124 33.86 -29.70 25.78
CA CYS E 124 33.27 -29.15 24.56
C CYS E 124 32.22 -30.12 23.99
N ASP E 125 32.68 -31.29 23.55
CA ASP E 125 31.83 -32.37 23.08
C ASP E 125 30.57 -32.47 23.92
N SER E 126 30.71 -32.17 25.21
CA SER E 126 29.61 -32.22 26.16
C SER E 126 28.65 -31.05 25.99
N ALA E 127 29.20 -29.83 25.93
CA ALA E 127 28.38 -28.62 25.87
C ALA E 127 27.81 -28.38 24.47
N LEU E 128 28.52 -28.89 23.47
CA LEU E 128 28.08 -28.78 22.09
C LEU E 128 26.95 -29.75 21.81
N ARG E 129 27.03 -30.94 22.40
CA ARG E 129 25.95 -31.93 22.36
C ARG E 129 24.61 -31.31 22.75
N ALA E 130 24.61 -30.56 23.84
CA ALA E 130 23.42 -29.88 24.36
C ALA E 130 22.92 -28.80 23.41
N TYR E 131 23.86 -28.06 22.83
CA TYR E 131 23.57 -26.99 21.88
C TYR E 131 22.96 -27.54 20.59
N VAL E 132 23.59 -28.56 20.04
CA VAL E 132 23.08 -29.24 18.86
C VAL E 132 21.63 -29.72 19.09
N LYS E 133 21.42 -30.41 20.21
CA LYS E 133 20.10 -30.88 20.61
C LYS E 133 19.08 -29.75 20.62
N ASP E 134 19.50 -28.56 21.03
CA ASP E 134 18.60 -27.40 21.17
C ASP E 134 18.23 -26.70 19.86
N HIS E 135 19.10 -26.78 18.84
CA HIS E 135 18.93 -25.94 17.65
C HIS E 135 18.91 -26.65 16.31
N TYR E 136 19.23 -27.95 16.31
CA TYR E 136 19.27 -28.71 15.06
C TYR E 136 18.34 -29.91 15.16
N PRO E 137 17.13 -29.81 14.56
CA PRO E 137 16.14 -30.90 14.70
C PRO E 137 16.76 -32.29 14.47
N ASN E 138 17.43 -32.50 13.34
CA ASN E 138 18.09 -33.76 13.10
C ASN E 138 19.61 -33.59 13.06
N GLY E 139 20.16 -33.06 14.15
CA GLY E 139 21.58 -32.72 14.21
C GLY E 139 22.49 -33.78 14.79
N PHE E 140 23.70 -33.83 14.26
CA PHE E 140 24.78 -34.64 14.82
C PHE E 140 26.07 -33.82 14.92
N CYS E 141 26.88 -34.08 15.93
CA CYS E 141 28.15 -33.38 16.04
C CYS E 141 29.28 -34.24 16.53
N THR E 142 30.50 -33.88 16.15
CA THR E 142 31.68 -34.61 16.57
C THR E 142 32.74 -33.59 16.88
N VAL E 143 33.37 -33.71 18.06
CA VAL E 143 34.41 -32.76 18.47
C VAL E 143 35.75 -33.45 18.56
N TYR E 144 36.72 -32.94 17.81
CA TYR E 144 38.09 -33.47 17.83
C TYR E 144 39.04 -32.61 18.68
N GLY E 145 40.07 -33.26 19.24
CA GLY E 145 41.18 -32.56 19.89
C GLY E 145 42.51 -33.09 19.39
N LYS E 146 43.22 -32.29 18.62
CA LYS E 146 44.51 -32.72 18.03
C LYS E 146 45.46 -31.55 17.84
N SER E 147 46.75 -31.85 17.75
CA SER E 147 47.79 -30.83 17.63
C SER E 147 48.09 -30.47 16.17
N ILE E 148 48.03 -29.17 15.87
CA ILE E 148 48.37 -28.64 14.53
C ILE E 148 49.50 -27.60 14.65
N ASP E 149 50.65 -27.93 14.07
CA ASP E 149 51.85 -27.08 14.14
C ASP E 149 52.20 -26.78 15.59
N GLY E 150 52.32 -27.84 16.39
CA GLY E 150 52.66 -27.73 17.81
C GLY E 150 51.59 -27.10 18.69
N GLN E 151 50.50 -26.64 18.08
CA GLN E 151 49.43 -25.91 18.78
C GLN E 151 48.18 -26.75 19.00
N GLN E 152 47.67 -26.74 20.24
CA GLN E 152 46.49 -27.54 20.60
C GLN E 152 45.24 -26.95 19.96
N THR E 153 44.59 -27.72 19.10
CA THR E 153 43.38 -27.25 18.41
C THR E 153 42.18 -28.10 18.82
N ILE E 154 41.04 -27.44 19.01
CA ILE E 154 39.77 -28.15 19.17
C ILE E 154 38.85 -27.85 17.98
N ILE E 155 38.42 -28.92 17.31
CA ILE E 155 37.61 -28.82 16.10
C ILE E 155 36.20 -29.36 16.32
N ALA E 156 35.23 -28.46 16.37
CA ALA E 156 33.84 -28.86 16.52
C ALA E 156 33.13 -28.84 15.16
N CYS E 157 32.53 -29.98 14.81
CA CYS E 157 31.83 -30.16 13.55
C CYS E 157 30.38 -30.48 13.79
N ILE E 158 29.49 -29.69 13.17
CA ILE E 158 28.05 -29.91 13.26
C ILE E 158 27.51 -30.27 11.88
N GLU E 159 26.59 -31.25 11.84
CA GLU E 159 25.86 -31.60 10.62
C GLU E 159 24.37 -31.75 10.90
N SER E 160 23.55 -31.25 9.98
CA SER E 160 22.11 -31.42 10.05
C SER E 160 21.58 -31.52 8.64
N HIS E 161 20.75 -32.53 8.38
CA HIS E 161 20.13 -32.66 7.04
C HIS E 161 18.65 -33.08 7.08
N GLN E 162 17.94 -32.80 5.99
CA GLN E 162 16.58 -33.27 5.78
C GLN E 162 16.48 -33.81 4.36
N PHE E 163 16.36 -35.13 4.23
CA PHE E 163 16.24 -35.72 2.91
C PHE E 163 14.82 -36.11 2.59
N GLN E 164 14.29 -35.58 1.49
CA GLN E 164 12.97 -35.99 1.03
C GLN E 164 13.02 -36.20 -0.46
N PRO E 165 13.58 -37.35 -0.88
CA PRO E 165 13.75 -37.57 -2.31
C PRO E 165 12.39 -37.74 -2.99
N LYS E 166 11.43 -38.29 -2.25
CA LYS E 166 10.05 -38.45 -2.74
C LYS E 166 9.42 -37.11 -3.14
N ASN E 167 9.88 -36.03 -2.50
CA ASN E 167 9.36 -34.70 -2.80
C ASN E 167 10.32 -33.85 -3.62
N PHE E 168 11.36 -34.50 -4.13
CA PHE E 168 12.36 -33.86 -5.01
C PHE E 168 13.10 -32.66 -4.39
N TRP E 169 13.36 -32.73 -3.08
CA TRP E 169 14.19 -31.74 -2.41
C TRP E 169 15.03 -32.34 -1.29
N ASN E 170 16.25 -31.84 -1.17
CA ASN E 170 17.14 -32.21 -0.09
C ASN E 170 17.85 -30.97 0.46
N GLY E 171 18.27 -31.03 1.74
CA GLY E 171 19.01 -29.93 2.35
C GLY E 171 19.97 -30.37 3.43
N ARG E 172 21.05 -29.62 3.61
CA ARG E 172 22.07 -29.91 4.63
C ARG E 172 22.80 -28.68 5.14
N TRP E 173 23.01 -28.64 6.45
CA TRP E 173 23.81 -27.62 7.11
C TRP E 173 25.11 -28.25 7.62
N ARG E 174 26.25 -27.58 7.40
CA ARG E 174 27.53 -28.02 7.94
C ARG E 174 28.21 -26.86 8.64
N SER E 175 28.62 -27.07 9.90
CA SER E 175 29.45 -26.10 10.61
C SER E 175 30.78 -26.73 10.93
N GLU E 176 31.86 -25.97 10.75
CA GLU E 176 33.18 -26.42 11.19
C GLU E 176 33.85 -25.29 11.98
N TRP E 177 33.97 -25.50 13.29
CA TRP E 177 34.60 -24.52 14.16
C TRP E 177 35.96 -25.00 14.63
N LYS E 178 36.99 -24.18 14.37
CA LYS E 178 38.34 -24.45 14.86
C LYS E 178 38.76 -23.47 15.96
N PHE E 179 39.11 -24.02 17.12
CA PHE E 179 39.66 -23.25 18.22
C PHE E 179 41.11 -23.66 18.48
N THR E 180 42.07 -22.86 17.99
CA THR E 180 43.46 -23.08 18.37
C THR E 180 43.66 -22.40 19.72
N ILE E 181 44.14 -23.19 20.68
CA ILE E 181 44.16 -22.79 22.09
C ILE E 181 45.58 -22.53 22.61
N THR E 182 45.88 -21.26 22.83
CA THR E 182 47.19 -20.85 23.25
C THR E 182 47.03 -19.97 24.49
N PRO E 183 46.83 -20.60 25.67
CA PRO E 183 46.44 -19.82 26.85
C PRO E 183 47.44 -18.69 27.09
N PRO E 184 46.95 -17.51 27.51
CA PRO E 184 45.56 -17.21 27.91
C PRO E 184 44.58 -16.84 26.79
N THR E 185 44.93 -17.06 25.52
CA THR E 185 43.99 -16.78 24.42
C THR E 185 43.62 -18.01 23.60
N ALA E 186 42.53 -17.89 22.82
CA ALA E 186 42.18 -18.89 21.80
C ALA E 186 41.82 -18.19 20.50
N GLN E 187 42.23 -18.76 19.38
CA GLN E 187 41.87 -18.22 18.06
C GLN E 187 40.73 -19.01 17.45
N VAL E 188 39.62 -18.32 17.20
CA VAL E 188 38.45 -18.90 16.59
C VAL E 188 38.49 -18.70 15.07
N ALA E 189 38.28 -19.81 14.36
CA ALA E 189 38.11 -19.78 12.91
C ALA E 189 37.01 -20.77 12.56
N ALA E 190 36.05 -20.33 11.75
CA ALA E 190 34.93 -21.18 11.40
C ALA E 190 34.50 -21.03 9.95
N VAL E 191 33.78 -22.04 9.47
CA VAL E 191 33.12 -21.97 8.18
C VAL E 191 31.71 -22.52 8.36
N LEU E 192 30.73 -21.79 7.85
CA LEU E 192 29.34 -22.22 7.94
C LEU E 192 28.78 -22.44 6.54
N LYS E 193 28.22 -23.62 6.28
CA LYS E 193 27.74 -23.97 4.95
C LYS E 193 26.27 -24.40 4.93
N ILE E 194 25.50 -23.87 3.99
CA ILE E 194 24.14 -24.32 3.74
C ILE E 194 24.05 -24.77 2.29
N GLN E 195 23.24 -25.80 2.04
CA GLN E 195 22.95 -26.26 0.69
C GLN E 195 21.59 -26.89 0.58
N VAL E 196 20.79 -26.36 -0.36
CA VAL E 196 19.42 -26.83 -0.59
C VAL E 196 19.24 -27.10 -2.07
N HIS E 197 18.64 -28.25 -2.38
CA HIS E 197 18.39 -28.66 -3.75
C HIS E 197 16.91 -28.95 -3.88
N TYR E 198 16.27 -28.28 -4.83
CA TYR E 198 14.88 -28.57 -5.19
C TYR E 198 14.82 -28.94 -6.67
N TYR E 199 14.13 -30.02 -6.98
CA TYR E 199 14.18 -30.56 -8.35
C TYR E 199 12.88 -31.18 -8.89
N GLU E 200 11.73 -30.70 -8.43
CA GLU E 200 10.49 -31.14 -9.05
C GLU E 200 10.23 -30.29 -10.28
N ASP E 201 10.34 -30.91 -11.46
CA ASP E 201 10.18 -30.21 -12.73
C ASP E 201 11.19 -29.06 -12.88
N GLY E 202 12.37 -29.25 -12.34
CA GLY E 202 13.45 -28.28 -12.48
C GLY E 202 14.68 -28.61 -11.64
N ASN E 203 15.63 -27.66 -11.62
CA ASN E 203 16.81 -27.77 -10.79
C ASN E 203 17.14 -26.41 -10.20
N VAL E 204 16.84 -26.28 -8.91
CA VAL E 204 17.05 -25.04 -8.18
C VAL E 204 17.85 -25.37 -6.92
N GLN E 205 18.94 -24.62 -6.72
CA GLN E 205 19.81 -24.86 -5.58
C GLN E 205 20.23 -23.60 -4.85
N LEU E 206 20.34 -23.71 -3.53
CA LEU E 206 20.92 -22.65 -2.72
C LEU E 206 22.28 -23.09 -2.21
N VAL E 207 23.34 -22.34 -2.53
CA VAL E 207 24.65 -22.57 -1.94
C VAL E 207 25.09 -21.30 -1.22
N SER E 208 25.50 -21.49 0.02
CA SER E 208 25.92 -20.37 0.84
C SER E 208 26.94 -20.86 1.85
N HIS E 209 27.95 -20.04 2.06
CA HIS E 209 28.87 -20.28 3.13
C HIS E 209 29.30 -18.95 3.70
N LYS E 210 29.71 -18.98 4.97
CA LYS E 210 30.26 -17.82 5.67
C LYS E 210 31.48 -18.19 6.50
N ASP E 211 32.54 -17.41 6.32
CA ASP E 211 33.73 -17.55 7.14
C ASP E 211 33.58 -16.70 8.40
N ILE E 212 34.06 -17.24 9.52
CA ILE E 212 34.00 -16.51 10.79
C ILE E 212 35.34 -16.62 11.47
N GLN E 213 35.84 -15.46 11.92
CA GLN E 213 37.14 -15.40 12.52
C GLN E 213 37.06 -14.49 13.75
N ASP E 214 37.64 -14.95 14.87
CA ASP E 214 37.48 -14.27 16.18
C ASP E 214 38.60 -14.67 17.15
N SER E 215 38.73 -13.92 18.24
CA SER E 215 39.68 -14.26 19.30
C SER E 215 39.05 -14.10 20.68
N VAL E 216 39.38 -15.00 21.60
CA VAL E 216 38.85 -14.89 22.97
C VAL E 216 39.85 -15.27 24.08
N GLN E 217 39.61 -14.69 25.27
CA GLN E 217 40.42 -14.94 26.46
C GLN E 217 39.94 -16.18 27.21
N VAL E 218 40.86 -17.07 27.60
CA VAL E 218 40.48 -18.34 28.23
C VAL E 218 40.74 -18.41 29.73
N SER E 219 40.21 -19.47 30.35
CA SER E 219 40.35 -19.74 31.78
C SER E 219 40.46 -21.26 32.02
N SER E 220 39.55 -21.82 32.83
CA SER E 220 39.46 -23.28 33.03
C SER E 220 38.69 -23.92 31.88
N ASP E 221 39.00 -25.19 31.59
CA ASP E 221 38.40 -25.90 30.47
C ASP E 221 36.86 -25.86 30.44
N VAL E 222 36.23 -26.13 31.57
CA VAL E 222 34.76 -26.12 31.68
C VAL E 222 34.17 -24.72 31.41
N GLN E 223 34.85 -23.69 31.93
CA GLN E 223 34.33 -22.33 31.89
C GLN E 223 34.41 -21.73 30.49
N THR E 224 35.38 -22.18 29.71
CA THR E 224 35.56 -21.64 28.37
C THR E 224 34.94 -22.51 27.30
N ALA E 225 34.67 -23.77 27.65
CA ALA E 225 33.87 -24.62 26.78
C ALA E 225 32.50 -23.97 26.64
N LYS E 226 31.97 -23.50 27.76
CA LYS E 226 30.67 -22.84 27.80
C LYS E 226 30.68 -21.55 26.99
N GLU E 227 31.80 -20.82 27.04
CA GLU E 227 31.92 -19.56 26.30
C GLU E 227 32.07 -19.79 24.78
N PHE E 228 32.81 -20.83 24.40
CA PHE E 228 32.92 -21.26 23.00
C PHE E 228 31.55 -21.48 22.39
N ILE E 229 30.73 -22.28 23.05
CA ILE E 229 29.39 -22.56 22.59
C ILE E 229 28.58 -21.28 22.40
N LYS E 230 28.67 -20.33 23.33
CA LYS E 230 27.97 -19.06 23.17
C LYS E 230 28.42 -18.30 21.91
N ILE E 231 29.72 -18.34 21.62
CA ILE E 231 30.24 -17.72 20.38
C ILE E 231 29.66 -18.41 19.17
N ILE E 232 29.64 -19.74 19.20
CA ILE E 232 29.02 -20.55 18.15
C ILE E 232 27.54 -20.19 17.98
N GLU E 233 26.79 -20.17 19.08
CA GLU E 233 25.36 -19.86 19.04
C GLU E 233 25.10 -18.48 18.42
N ASN E 234 25.86 -17.49 18.85
CA ASN E 234 25.65 -16.15 18.36
C ASN E 234 26.01 -15.98 16.89
N ALA E 235 27.10 -16.61 16.49
CA ALA E 235 27.60 -16.51 15.11
C ALA E 235 26.64 -17.19 14.10
N GLU E 236 26.07 -18.30 14.52
CA GLU E 236 25.21 -19.08 13.68
C GLU E 236 23.84 -18.41 13.55
N ASN E 237 23.33 -17.87 14.65
CA ASN E 237 22.05 -17.15 14.65
C ASN E 237 22.08 -15.95 13.74
N GLU E 238 23.18 -15.21 13.82
CA GLU E 238 23.37 -14.06 12.95
C GLU E 238 23.37 -14.50 11.49
N TYR E 239 24.08 -15.60 11.22
CA TYR E 239 24.13 -16.17 9.87
C TYR E 239 22.71 -16.55 9.37
N GLN E 240 21.99 -17.34 10.16
CA GLN E 240 20.65 -17.77 9.76
C GLN E 240 19.70 -16.58 9.58
N THR E 241 19.88 -15.54 10.40
CA THR E 241 19.08 -14.34 10.30
C THR E 241 19.41 -13.60 9.02
N ALA E 242 20.70 -13.42 8.78
CA ALA E 242 21.14 -12.77 7.56
C ALA E 242 20.56 -13.49 6.34
N ILE E 243 20.59 -14.83 6.37
CA ILE E 243 20.00 -15.63 5.30
C ILE E 243 18.51 -15.24 5.11
N SER E 244 17.76 -15.25 6.21
CA SER E 244 16.34 -14.99 6.14
C SER E 244 16.03 -13.56 5.74
N GLU E 245 16.86 -12.64 6.17
CA GLU E 245 16.68 -11.26 5.77
C GLU E 245 16.96 -11.09 4.28
N ASN E 246 18.01 -11.74 3.78
CA ASN E 246 18.36 -11.68 2.36
C ASN E 246 17.28 -12.32 1.46
N TYR E 247 16.70 -13.43 1.93
CA TYR E 247 15.53 -14.04 1.31
C TYR E 247 14.42 -13.04 1.14
N GLN E 248 14.18 -12.26 2.19
CA GLN E 248 13.18 -11.22 2.18
C GLN E 248 13.47 -10.22 1.09
N THR E 249 14.64 -9.58 1.17
CA THR E 249 15.02 -8.58 0.17
C THR E 249 14.89 -9.16 -1.23
N MET E 250 15.44 -10.36 -1.46
CA MET E 250 15.36 -11.02 -2.76
C MET E 250 13.94 -11.07 -3.27
N SER E 251 13.05 -11.53 -2.41
CA SER E 251 11.66 -11.73 -2.73
C SER E 251 10.92 -10.45 -3.08
N ASP E 252 10.86 -9.51 -2.14
CA ASP E 252 10.02 -8.32 -2.33
C ASP E 252 10.72 -7.09 -2.97
N THR E 253 11.99 -7.23 -3.34
CA THR E 253 12.69 -6.18 -4.07
C THR E 253 13.22 -6.64 -5.42
N THR E 254 14.26 -7.48 -5.43
CA THR E 254 14.95 -7.78 -6.68
C THR E 254 14.18 -8.70 -7.61
N PHE E 255 13.35 -9.56 -7.06
CA PHE E 255 12.48 -10.43 -7.89
C PHE E 255 11.43 -9.59 -8.62
N LYS E 256 10.71 -8.78 -7.84
CA LYS E 256 9.72 -7.80 -8.34
C LYS E 256 10.29 -6.95 -9.48
N ALA E 257 11.59 -6.74 -9.44
CA ALA E 257 12.27 -5.85 -10.37
C ALA E 257 12.69 -6.55 -11.64
N LEU E 258 12.47 -7.87 -11.69
CA LEU E 258 12.90 -8.66 -12.85
C LEU E 258 11.78 -8.78 -13.86
N ARG E 259 10.70 -9.45 -13.48
CA ARG E 259 9.48 -9.44 -14.27
C ARG E 259 8.31 -8.94 -13.44
N ARG E 260 7.58 -7.97 -13.96
CA ARG E 260 6.32 -7.55 -13.37
C ARG E 260 5.35 -8.72 -13.27
N GLN E 261 4.34 -8.57 -12.44
CA GLN E 261 3.32 -9.60 -12.32
C GLN E 261 2.28 -9.42 -13.42
N LEU E 262 1.95 -8.17 -13.69
CA LEU E 262 1.08 -7.78 -14.77
C LEU E 262 1.65 -6.49 -15.31
N PRO E 263 1.37 -6.14 -16.59
CA PRO E 263 1.91 -4.89 -17.12
C PRO E 263 1.37 -3.66 -16.38
N VAL E 264 2.01 -2.50 -16.59
CA VAL E 264 1.63 -1.28 -15.91
C VAL E 264 0.13 -0.90 -16.11
N THR E 265 -0.54 -1.55 -17.06
CA THR E 265 -1.96 -1.34 -17.31
C THR E 265 -2.82 -2.18 -16.39
N ARG E 266 -2.20 -2.81 -15.39
CA ARG E 266 -2.90 -3.67 -14.43
C ARG E 266 -3.78 -4.77 -15.05
N THR E 267 -3.63 -5.02 -16.36
CA THR E 267 -4.42 -6.05 -17.05
C THR E 267 -3.59 -6.82 -18.06
N LYS E 268 -4.01 -8.06 -18.36
CA LYS E 268 -3.35 -8.91 -19.37
C LYS E 268 -3.22 -8.22 -20.73
N ILE E 269 -2.36 -8.75 -21.58
CA ILE E 269 -1.99 -8.09 -22.82
C ILE E 269 -3.10 -8.20 -23.87
N ASP E 270 -3.40 -7.08 -24.51
CA ASP E 270 -4.29 -7.07 -25.67
C ASP E 270 -3.42 -7.34 -26.88
N TRP E 271 -3.58 -8.54 -27.44
CA TRP E 271 -2.73 -8.97 -28.54
C TRP E 271 -3.09 -8.37 -29.91
N ASN E 272 -4.33 -7.90 -30.05
CA ASN E 272 -4.73 -7.18 -31.27
C ASN E 272 -3.96 -5.87 -31.42
N LYS E 273 -3.78 -5.18 -30.30
CA LYS E 273 -3.04 -3.93 -30.32
C LYS E 273 -1.59 -4.21 -30.70
N ILE E 274 -1.04 -5.28 -30.14
CA ILE E 274 0.35 -5.67 -30.41
C ILE E 274 0.61 -5.91 -31.90
N LEU E 275 -0.37 -6.48 -32.58
CA LEU E 275 -0.23 -6.89 -33.97
C LEU E 275 -0.60 -5.82 -35.00
N SER E 276 -1.04 -4.64 -34.53
CA SER E 276 -1.31 -3.51 -35.43
C SER E 276 -0.98 -2.17 -34.78
N ASP F 3 21.42 -43.93 -25.97
CA ASP F 3 20.27 -43.00 -25.68
C ASP F 3 19.85 -42.99 -24.22
N GLN F 4 19.76 -44.17 -23.61
CA GLN F 4 19.75 -44.32 -22.16
C GLN F 4 20.92 -43.51 -21.62
N GLN F 5 21.93 -43.32 -22.46
CA GLN F 5 23.05 -42.41 -22.19
C GLN F 5 22.58 -40.99 -21.96
N LEU F 6 21.84 -40.43 -22.91
CA LEU F 6 21.28 -39.07 -22.81
C LEU F 6 20.46 -38.87 -21.52
N ASP F 7 19.59 -39.82 -21.21
CA ASP F 7 18.79 -39.78 -19.99
C ASP F 7 19.63 -39.60 -18.72
N CYS F 8 20.79 -40.26 -18.69
CA CYS F 8 21.73 -40.11 -17.59
C CYS F 8 22.32 -38.71 -17.55
N ALA F 9 22.80 -38.26 -18.70
CA ALA F 9 23.39 -36.93 -18.82
C ALA F 9 22.40 -35.87 -18.33
N LEU F 10 21.16 -35.97 -18.79
CA LEU F 10 20.13 -35.02 -18.39
C LEU F 10 19.81 -35.14 -16.89
N ASP F 11 19.80 -36.36 -16.38
CA ASP F 11 19.56 -36.58 -14.97
C ASP F 11 20.68 -36.00 -14.13
N LEU F 12 21.88 -36.04 -14.68
CA LEU F 12 23.03 -35.52 -13.98
C LEU F 12 22.89 -34.00 -13.95
N MET F 13 22.53 -33.41 -15.10
CA MET F 13 22.37 -31.96 -15.24
C MET F 13 21.34 -31.40 -14.28
N ARG F 14 20.37 -32.23 -13.86
CA ARG F 14 19.37 -31.77 -12.89
C ARG F 14 19.79 -31.92 -11.43
N ARG F 15 21.06 -32.31 -11.23
CA ARG F 15 21.59 -32.53 -9.89
C ARG F 15 22.82 -31.68 -9.63
N LEU F 16 23.67 -31.54 -10.64
CA LEU F 16 24.85 -30.67 -10.51
C LEU F 16 24.43 -29.19 -10.37
N PRO F 17 25.12 -28.43 -9.50
CA PRO F 17 24.70 -27.06 -9.17
C PRO F 17 24.58 -26.16 -10.40
N PRO F 18 23.37 -25.58 -10.61
CA PRO F 18 23.06 -24.80 -11.79
C PRO F 18 23.96 -23.60 -11.92
N GLN F 19 24.64 -23.26 -10.82
CA GLN F 19 25.61 -22.18 -10.82
C GLN F 19 26.75 -22.45 -11.79
N GLN F 20 27.06 -23.73 -12.01
CA GLN F 20 28.06 -24.10 -13.01
C GLN F 20 27.46 -24.84 -14.21
N ILE F 21 26.30 -24.41 -14.69
CA ILE F 21 25.70 -25.08 -15.84
C ILE F 21 26.67 -25.06 -17.00
N GLU F 22 27.17 -23.87 -17.36
CA GLU F 22 27.94 -23.72 -18.57
C GLU F 22 29.22 -24.59 -18.60
N LYS F 23 29.91 -24.61 -17.47
CA LYS F 23 31.20 -25.30 -17.36
C LYS F 23 30.97 -26.80 -17.23
N ASN F 24 29.83 -27.19 -16.67
CA ASN F 24 29.49 -28.60 -16.52
C ASN F 24 29.10 -29.27 -17.84
N LEU F 25 28.32 -28.56 -18.65
CA LEU F 25 27.93 -29.04 -19.97
C LEU F 25 29.16 -29.22 -20.84
N SER F 26 30.06 -28.25 -20.79
CA SER F 26 31.35 -28.33 -21.48
C SER F 26 32.03 -29.67 -21.17
N ASP F 27 32.10 -30.00 -19.88
CA ASP F 27 32.69 -31.24 -19.41
C ASP F 27 31.89 -32.47 -19.80
N LEU F 28 30.60 -32.44 -19.54
CA LEU F 28 29.73 -33.57 -19.86
C LEU F 28 29.85 -34.02 -21.33
N ILE F 29 29.98 -33.06 -22.25
CA ILE F 29 30.21 -33.35 -23.68
C ILE F 29 31.57 -34.03 -23.90
N ASP F 30 32.63 -33.44 -23.35
CA ASP F 30 33.97 -34.06 -23.37
C ASP F 30 33.95 -35.50 -22.85
N LEU F 31 33.17 -35.74 -21.80
CA LEU F 31 33.03 -37.07 -21.24
C LEU F 31 32.33 -38.05 -22.19
N VAL F 32 31.30 -37.60 -22.91
CA VAL F 32 30.55 -38.48 -23.83
C VAL F 32 30.27 -37.82 -25.19
N PRO F 33 31.33 -37.62 -26.02
CA PRO F 33 31.26 -36.78 -27.23
C PRO F 33 30.18 -37.15 -28.25
N SER F 34 29.76 -38.42 -28.27
CA SER F 34 28.68 -38.83 -29.16
C SER F 34 27.38 -38.08 -28.83
N LEU F 35 27.16 -37.81 -27.54
CA LEU F 35 25.95 -37.14 -27.05
C LEU F 35 25.89 -35.64 -27.33
N CYS F 36 26.98 -35.08 -27.86
CA CYS F 36 27.13 -33.65 -28.05
C CYS F 36 25.91 -33.01 -28.67
N GLU F 37 25.74 -33.20 -29.98
CA GLU F 37 24.60 -32.67 -30.74
C GLU F 37 23.28 -32.71 -29.94
N ASP F 38 23.01 -33.84 -29.30
CA ASP F 38 21.79 -34.00 -28.50
C ASP F 38 21.76 -33.14 -27.25
N LEU F 39 22.84 -33.15 -26.47
CA LEU F 39 22.95 -32.34 -25.25
C LEU F 39 22.80 -30.85 -25.54
N LEU F 40 23.60 -30.36 -26.50
CA LEU F 40 23.53 -28.97 -26.93
C LEU F 40 22.11 -28.46 -27.25
N SER F 41 21.22 -29.36 -27.69
CA SER F 41 19.86 -28.97 -28.02
C SER F 41 18.88 -29.17 -26.86
N SER F 42 19.22 -30.02 -25.90
CA SER F 42 18.28 -30.36 -24.82
C SER F 42 18.67 -29.89 -23.41
N VAL F 43 19.85 -29.29 -23.28
CA VAL F 43 20.30 -28.72 -22.01
C VAL F 43 20.27 -27.21 -22.11
N ASP F 44 19.48 -26.59 -21.25
CA ASP F 44 19.37 -25.13 -21.23
C ASP F 44 20.56 -24.50 -20.54
N GLN F 45 21.03 -23.39 -21.10
CA GLN F 45 22.14 -22.61 -20.56
C GLN F 45 21.79 -21.13 -20.40
N PRO F 46 22.34 -20.46 -19.36
CA PRO F 46 22.15 -19.00 -19.20
C PRO F 46 22.41 -18.28 -20.52
N LEU F 47 21.49 -17.42 -20.94
CA LEU F 47 21.55 -16.87 -22.29
C LEU F 47 22.62 -15.81 -22.40
N LYS F 48 23.40 -15.85 -23.47
CA LYS F 48 24.43 -14.82 -23.71
C LYS F 48 23.94 -13.76 -24.68
N ILE F 49 24.47 -12.56 -24.53
CA ILE F 49 24.10 -11.46 -25.41
C ILE F 49 25.20 -11.21 -26.43
N ALA F 50 24.85 -11.22 -27.72
CA ALA F 50 25.78 -10.81 -28.77
C ALA F 50 25.31 -9.51 -29.40
N ARG F 51 26.16 -8.88 -30.20
CA ARG F 51 25.86 -7.57 -30.72
C ARG F 51 25.91 -7.55 -32.24
N ASP F 52 24.75 -7.29 -32.85
CA ASP F 52 24.64 -7.20 -34.30
C ASP F 52 25.17 -5.85 -34.71
N LYS F 53 26.40 -5.83 -35.22
CA LYS F 53 27.11 -4.57 -35.55
C LYS F 53 26.43 -3.79 -36.68
N VAL F 54 25.71 -4.51 -37.55
CA VAL F 54 25.04 -3.92 -38.73
C VAL F 54 23.91 -2.95 -38.34
N VAL F 55 22.90 -3.44 -37.62
CA VAL F 55 21.78 -2.59 -37.20
C VAL F 55 21.97 -1.96 -35.81
N GLY F 56 23.07 -2.31 -35.14
CA GLY F 56 23.43 -1.76 -33.82
C GLY F 56 22.52 -2.19 -32.68
N LYS F 57 22.07 -3.43 -32.71
CA LYS F 57 21.19 -3.97 -31.68
C LYS F 57 21.67 -5.30 -31.10
N ASP F 58 21.37 -5.54 -29.82
CA ASP F 58 21.74 -6.79 -29.16
C ASP F 58 20.82 -7.93 -29.59
N TYR F 59 21.35 -9.15 -29.58
CA TYR F 59 20.53 -10.36 -29.77
C TYR F 59 20.97 -11.49 -28.85
N LEU F 60 20.07 -12.42 -28.57
CA LEU F 60 20.35 -13.49 -27.62
C LEU F 60 20.82 -14.78 -28.31
N LEU F 61 21.62 -15.57 -27.59
CA LEU F 61 22.22 -16.77 -28.17
C LEU F 61 21.80 -18.07 -27.47
N CYS F 62 21.33 -19.03 -28.25
CA CYS F 62 21.06 -20.39 -27.81
C CYS F 62 21.44 -21.35 -28.93
N ASP F 63 21.14 -22.64 -28.77
CA ASP F 63 21.45 -23.59 -29.83
C ASP F 63 20.68 -23.36 -31.12
N TYR F 64 19.46 -22.81 -31.02
CA TYR F 64 18.54 -22.72 -32.17
C TYR F 64 18.84 -21.63 -33.18
N ASN F 65 19.82 -20.79 -32.89
CA ASN F 65 20.30 -19.84 -33.90
C ASN F 65 21.80 -20.00 -34.14
N ARG F 66 22.31 -21.11 -33.65
CA ARG F 66 23.69 -21.48 -33.88
C ARG F 66 23.76 -22.36 -35.11
N ASP F 67 24.79 -22.12 -35.93
CA ASP F 67 25.24 -23.07 -36.94
C ASP F 67 26.75 -23.14 -36.93
N GLY F 68 27.29 -24.33 -36.63
CA GLY F 68 28.73 -24.50 -36.49
C GLY F 68 29.13 -23.74 -35.27
N ASP F 69 29.93 -22.69 -35.47
CA ASP F 69 30.34 -21.82 -34.35
C ASP F 69 29.89 -20.39 -34.60
N SER F 70 28.86 -20.24 -35.43
CA SER F 70 28.32 -18.93 -35.74
C SER F 70 26.88 -18.81 -35.30
N TYR F 71 26.41 -17.59 -35.11
CA TYR F 71 25.05 -17.33 -34.65
C TYR F 71 24.33 -16.39 -35.60
N ARG F 72 23.03 -16.64 -35.78
CA ARG F 72 22.17 -15.81 -36.63
C ARG F 72 21.47 -14.69 -35.86
N SER F 73 21.75 -13.44 -36.25
CA SER F 73 21.06 -12.27 -35.73
C SER F 73 19.68 -12.14 -36.33
N PRO F 74 18.64 -12.02 -35.50
CA PRO F 74 17.29 -11.91 -36.00
C PRO F 74 17.05 -10.56 -36.66
N TRP F 75 17.96 -9.62 -36.41
CA TRP F 75 17.82 -8.28 -36.95
C TRP F 75 18.29 -8.20 -38.41
N SER F 76 19.52 -8.64 -38.68
CA SER F 76 20.06 -8.53 -40.03
C SER F 76 19.97 -9.84 -40.81
N ASN F 77 19.48 -10.90 -40.15
CA ASN F 77 19.32 -12.24 -40.75
C ASN F 77 20.61 -12.83 -41.33
N LYS F 78 21.73 -12.52 -40.67
CA LYS F 78 23.03 -12.97 -41.12
C LYS F 78 23.79 -13.66 -40.00
N TYR F 79 24.79 -14.45 -40.37
CA TYR F 79 25.56 -15.19 -39.39
C TYR F 79 26.79 -14.42 -38.93
N ASP F 80 27.15 -14.60 -37.65
CA ASP F 80 28.38 -14.06 -37.09
C ASP F 80 29.09 -15.05 -36.16
N PRO F 81 30.39 -15.34 -36.41
CA PRO F 81 31.18 -14.84 -37.56
C PRO F 81 30.60 -15.34 -38.90
N PRO F 82 30.86 -14.61 -40.01
CA PRO F 82 30.15 -14.91 -41.28
C PRO F 82 30.25 -16.37 -41.69
N LEU F 83 29.20 -16.89 -42.31
CA LEU F 83 29.17 -18.33 -42.61
C LEU F 83 28.89 -18.61 -44.08
N GLU F 84 29.53 -19.66 -44.61
CA GLU F 84 29.40 -20.09 -45.99
C GLU F 84 27.93 -20.45 -46.28
N ASP F 85 27.49 -21.59 -45.76
CA ASP F 85 26.13 -22.05 -45.97
C ASP F 85 25.50 -22.40 -44.63
N GLY F 86 24.80 -21.43 -44.04
CA GLY F 86 24.15 -21.61 -42.75
C GLY F 86 22.67 -21.88 -42.87
N ALA F 87 22.11 -22.60 -41.90
CA ALA F 87 20.68 -22.91 -41.88
C ALA F 87 19.85 -21.64 -41.74
N MET F 88 19.04 -21.37 -42.76
CA MET F 88 18.23 -20.14 -42.82
C MET F 88 16.75 -20.48 -42.80
N PRO F 89 15.90 -19.48 -42.53
CA PRO F 89 14.49 -19.76 -42.69
C PRO F 89 13.98 -19.34 -44.09
N SER F 90 13.02 -20.11 -44.60
CA SER F 90 12.34 -19.80 -45.86
C SER F 90 11.81 -18.37 -45.86
N ALA F 91 11.91 -17.70 -46.99
CA ALA F 91 11.52 -16.28 -47.06
C ALA F 91 10.12 -15.99 -46.51
N ARG F 92 9.21 -16.97 -46.68
CA ARG F 92 7.87 -16.96 -46.07
C ARG F 92 8.01 -16.85 -44.55
N LEU F 93 8.77 -17.75 -43.95
CA LEU F 93 8.95 -17.81 -42.50
C LEU F 93 9.71 -16.63 -41.90
N ARG F 94 10.79 -16.22 -42.57
CA ARG F 94 11.56 -15.04 -42.18
C ARG F 94 10.65 -13.83 -41.94
N LYS F 95 9.65 -13.67 -42.79
CA LYS F 95 8.69 -12.58 -42.68
C LYS F 95 7.86 -12.70 -41.41
N LEU F 96 7.50 -13.93 -41.07
CA LEU F 96 6.73 -14.20 -39.85
C LEU F 96 7.63 -14.03 -38.64
N GLU F 97 8.90 -14.44 -38.78
CA GLU F 97 9.92 -14.28 -37.74
C GLU F 97 10.08 -12.80 -37.43
N VAL F 98 10.32 -11.99 -38.46
CA VAL F 98 10.53 -10.57 -38.25
C VAL F 98 9.33 -9.94 -37.51
N GLU F 99 8.13 -10.46 -37.76
CA GLU F 99 6.95 -9.99 -37.07
C GLU F 99 6.92 -10.47 -35.64
N ALA F 100 7.19 -11.75 -35.43
CA ALA F 100 7.20 -12.34 -34.09
C ALA F 100 8.25 -11.71 -33.20
N ASN F 101 9.33 -11.20 -33.79
CA ASN F 101 10.31 -10.45 -33.04
C ASN F 101 9.77 -9.11 -32.58
N ASN F 102 9.10 -8.39 -33.48
CA ASN F 102 8.43 -7.13 -33.12
C ASN F 102 7.34 -7.29 -32.08
N ALA F 103 6.59 -8.38 -32.18
CA ALA F 103 5.53 -8.63 -31.25
C ALA F 103 6.11 -8.86 -29.88
N PHE F 104 7.06 -9.79 -29.79
CA PHE F 104 7.60 -10.17 -28.49
C PHE F 104 8.53 -9.13 -27.89
N ASP F 105 8.99 -8.20 -28.72
CA ASP F 105 9.73 -7.07 -28.26
C ASP F 105 8.84 -6.21 -27.39
N GLN F 106 7.60 -5.99 -27.85
CA GLN F 106 6.58 -5.26 -27.10
C GLN F 106 6.19 -6.01 -25.84
N TYR F 107 5.94 -7.30 -25.99
CA TYR F 107 5.67 -8.18 -24.87
C TYR F 107 6.72 -8.01 -23.80
N ARG F 108 7.98 -7.97 -24.22
CA ARG F 108 9.09 -7.83 -23.30
C ARG F 108 8.99 -6.54 -22.56
N ASP F 109 8.85 -5.43 -23.28
CA ASP F 109 8.65 -4.11 -22.66
C ASP F 109 7.48 -4.06 -21.68
N LEU F 110 6.40 -4.75 -22.02
CA LEU F 110 5.20 -4.75 -21.22
C LEU F 110 5.35 -5.46 -19.89
N TYR F 111 6.13 -6.52 -19.83
CA TYR F 111 6.27 -7.31 -18.59
C TYR F 111 7.61 -7.19 -17.92
N PHE F 112 8.60 -6.65 -18.63
CA PHE F 112 9.96 -6.61 -18.12
C PHE F 112 10.51 -5.20 -18.04
N GLU F 113 9.87 -4.25 -18.72
CA GLU F 113 10.32 -2.86 -18.73
C GLU F 113 11.82 -2.72 -18.95
N GLY F 114 12.31 -3.42 -19.97
CA GLY F 114 13.73 -3.45 -20.29
C GLY F 114 14.14 -4.85 -20.67
N GLY F 115 15.45 -5.12 -20.60
CA GLY F 115 16.00 -6.39 -21.02
C GLY F 115 16.13 -6.55 -22.52
N VAL F 116 16.45 -7.77 -22.96
CA VAL F 116 16.60 -8.11 -24.37
C VAL F 116 15.70 -9.27 -24.73
N SER F 117 15.10 -9.21 -25.93
CA SER F 117 14.39 -10.35 -26.47
C SER F 117 14.85 -10.70 -27.89
N SER F 118 14.80 -11.99 -28.20
CA SER F 118 15.02 -12.46 -29.56
C SER F 118 14.12 -13.66 -29.84
N VAL F 119 13.65 -13.76 -31.08
CA VAL F 119 12.76 -14.84 -31.50
C VAL F 119 13.32 -15.50 -32.75
N TYR F 120 13.47 -16.81 -32.73
CA TYR F 120 13.96 -17.53 -33.90
C TYR F 120 12.98 -18.61 -34.31
N LEU F 121 12.63 -18.60 -35.59
CA LEU F 121 11.70 -19.56 -36.16
C LEU F 121 12.43 -20.46 -37.15
N TRP F 122 12.03 -21.73 -37.21
CA TRP F 122 12.58 -22.62 -38.23
C TRP F 122 11.51 -23.53 -38.80
N ASP F 123 11.77 -24.04 -40.01
CA ASP F 123 10.83 -24.85 -40.75
C ASP F 123 10.78 -26.31 -40.25
N LEU F 124 9.58 -26.81 -40.02
CA LEU F 124 9.37 -28.21 -39.67
C LEU F 124 8.70 -28.96 -40.83
N ASP F 125 8.08 -30.11 -40.55
CA ASP F 125 7.39 -30.87 -41.60
C ASP F 125 5.97 -30.39 -41.89
N HIS F 126 5.04 -30.63 -40.96
CA HIS F 126 3.67 -30.19 -41.17
C HIS F 126 3.35 -28.99 -40.30
N GLY F 127 4.18 -27.97 -40.44
CA GLY F 127 4.10 -26.76 -39.63
C GLY F 127 5.49 -26.21 -39.40
N PHE F 128 5.64 -25.45 -38.31
CA PHE F 128 6.90 -24.82 -37.96
C PHE F 128 7.16 -24.82 -36.45
N ALA F 129 8.35 -24.37 -36.08
CA ALA F 129 8.73 -24.23 -34.67
C ALA F 129 9.38 -22.89 -34.39
N GLY F 130 9.40 -22.52 -33.11
CA GLY F 130 9.99 -21.26 -32.72
C GLY F 130 10.63 -21.29 -31.35
N VAL F 131 11.55 -20.37 -31.12
CA VAL F 131 12.10 -20.13 -29.80
C VAL F 131 12.00 -18.65 -29.45
N ILE F 132 11.50 -18.39 -28.26
CA ILE F 132 11.36 -17.03 -27.76
C ILE F 132 12.25 -16.84 -26.55
N LEU F 133 13.19 -15.92 -26.64
CA LEU F 133 14.18 -15.71 -25.61
C LEU F 133 14.08 -14.30 -25.00
N ILE F 134 14.09 -14.23 -23.67
CA ILE F 134 14.09 -12.95 -22.95
C ILE F 134 15.09 -13.00 -21.81
N LYS F 135 15.94 -11.98 -21.76
CA LYS F 135 16.92 -11.85 -20.68
C LYS F 135 16.77 -10.48 -20.02
N LYS F 136 16.53 -10.50 -18.71
CA LYS F 136 16.42 -9.28 -17.91
C LYS F 136 17.35 -9.35 -16.70
N ALA F 137 18.12 -8.30 -16.49
CA ALA F 137 19.03 -8.21 -15.36
C ALA F 137 18.56 -7.14 -14.36
N GLY F 138 18.71 -7.42 -13.07
CA GLY F 138 18.44 -6.43 -12.02
C GLY F 138 19.57 -5.41 -11.88
N ASP F 139 19.28 -4.30 -11.21
CA ASP F 139 20.22 -3.17 -11.09
C ASP F 139 21.32 -3.30 -10.03
N GLY F 140 22.51 -2.82 -10.39
CA GLY F 140 23.68 -2.74 -9.49
C GLY F 140 23.61 -1.58 -8.49
N SER F 141 22.46 -0.86 -8.48
CA SER F 141 22.10 0.12 -7.43
C SER F 141 21.75 -0.57 -6.08
N LYS F 142 21.05 -1.73 -6.17
CA LYS F 142 20.63 -2.52 -4.99
C LYS F 142 21.66 -3.62 -4.72
N LYS F 143 21.68 -4.09 -3.46
CA LYS F 143 22.78 -4.95 -2.96
C LYS F 143 22.84 -6.40 -3.46
N ILE F 144 21.84 -6.79 -4.25
CA ILE F 144 21.63 -8.16 -4.69
C ILE F 144 21.63 -8.26 -6.21
N LYS F 145 22.55 -9.03 -6.79
CA LYS F 145 22.58 -9.27 -8.23
C LYS F 145 21.47 -10.26 -8.60
N GLY F 146 20.73 -9.95 -9.65
CA GLY F 146 19.62 -10.78 -10.09
C GLY F 146 19.52 -10.88 -11.60
N CYS F 147 19.09 -12.04 -12.08
CA CYS F 147 18.92 -12.24 -13.51
C CYS F 147 17.78 -13.20 -13.84
N TRP F 148 17.11 -12.94 -14.96
CA TRP F 148 16.01 -13.75 -15.43
C TRP F 148 16.19 -14.12 -16.92
N ASP F 149 16.25 -15.43 -17.18
CA ASP F 149 16.33 -15.96 -18.55
C ASP F 149 15.07 -16.75 -18.87
N SER F 150 14.40 -16.36 -19.95
CA SER F 150 13.21 -17.06 -20.44
C SER F 150 13.53 -17.82 -21.71
N ILE F 151 13.19 -19.10 -21.74
CA ILE F 151 13.32 -19.89 -22.96
C ILE F 151 12.01 -20.61 -23.27
N HIS F 152 11.28 -20.10 -24.26
CA HIS F 152 10.04 -20.67 -24.70
C HIS F 152 10.22 -21.33 -26.05
N VAL F 153 10.01 -22.64 -26.11
CA VAL F 153 10.12 -23.36 -27.38
C VAL F 153 8.77 -23.91 -27.79
N VAL F 154 8.25 -23.36 -28.88
CA VAL F 154 6.91 -23.68 -29.36
C VAL F 154 6.98 -24.49 -30.64
N GLU F 155 6.05 -25.43 -30.77
CA GLU F 155 5.88 -26.22 -31.97
C GLU F 155 4.47 -26.00 -32.51
N VAL F 156 4.35 -25.67 -33.79
CA VAL F 156 3.06 -25.48 -34.43
C VAL F 156 2.81 -26.57 -35.46
N GLN F 157 1.77 -27.37 -35.23
CA GLN F 157 1.34 -28.36 -36.24
C GLN F 157 0.03 -27.90 -36.89
N GLU F 158 0.14 -27.37 -38.11
CA GLU F 158 -1.02 -26.92 -38.86
C GLU F 158 -1.80 -28.11 -39.38
N LYS F 159 -3.13 -28.06 -39.21
CA LYS F 159 -4.06 -29.00 -39.84
C LYS F 159 -4.25 -28.60 -41.32
N SER F 160 -4.70 -29.55 -42.14
CA SER F 160 -4.78 -29.37 -43.61
C SER F 160 -5.75 -28.26 -44.06
N SER F 161 -6.74 -27.96 -43.22
CA SER F 161 -7.71 -26.92 -43.53
C SER F 161 -7.14 -25.50 -43.48
N GLY F 162 -6.24 -25.24 -42.54
CA GLY F 162 -6.01 -23.87 -42.03
C GLY F 162 -7.09 -23.64 -40.98
N ARG F 163 -7.19 -22.43 -40.45
CA ARG F 163 -8.25 -22.08 -39.45
C ARG F 163 -8.19 -22.81 -38.07
N THR F 164 -7.39 -23.87 -37.98
CA THR F 164 -7.13 -24.54 -36.70
C THR F 164 -5.72 -25.15 -36.66
N ALA F 165 -5.04 -25.04 -35.51
CA ALA F 165 -3.70 -25.60 -35.35
C ALA F 165 -3.44 -26.06 -33.92
N HIS F 166 -2.45 -26.94 -33.76
CA HIS F 166 -2.10 -27.50 -32.45
C HIS F 166 -0.74 -27.00 -32.01
N TYR F 167 -0.69 -26.47 -30.78
CA TYR F 167 0.52 -25.83 -30.26
C TYR F 167 1.12 -26.57 -29.09
N LYS F 168 2.40 -26.91 -29.21
CA LYS F 168 3.16 -27.49 -28.10
C LYS F 168 4.13 -26.47 -27.59
N LEU F 169 4.04 -26.18 -26.29
CA LEU F 169 4.95 -25.23 -25.67
C LEU F 169 5.75 -25.87 -24.56
N THR F 170 7.07 -25.77 -24.67
CA THR F 170 7.96 -26.12 -23.58
C THR F 170 8.75 -24.90 -23.12
N SER F 171 8.50 -24.49 -21.88
CA SER F 171 9.08 -23.27 -21.35
C SER F 171 9.98 -23.53 -20.18
N THR F 172 11.14 -22.89 -20.21
CA THR F 172 12.04 -22.85 -19.08
C THR F 172 12.35 -21.41 -18.68
N VAL F 173 12.31 -21.17 -17.37
CA VAL F 173 12.76 -19.89 -16.84
C VAL F 173 13.95 -20.16 -15.95
N MET F 174 15.05 -19.44 -16.16
CA MET F 174 16.18 -19.54 -15.26
C MET F 174 16.28 -18.31 -14.42
N LEU F 175 16.25 -18.49 -13.10
CA LEU F 175 16.26 -17.38 -12.14
C LEU F 175 17.54 -17.40 -11.30
N TRP F 176 18.23 -16.27 -11.27
CA TRP F 176 19.52 -16.18 -10.55
C TRP F 176 19.55 -15.03 -9.54
N LEU F 177 19.86 -15.36 -8.29
CA LEU F 177 19.97 -14.36 -7.24
C LEU F 177 21.22 -14.62 -6.43
N GLN F 178 21.87 -13.56 -5.94
CA GLN F 178 23.21 -13.65 -5.39
C GLN F 178 23.65 -12.39 -4.62
N THR F 179 24.33 -12.55 -3.48
CA THR F 179 24.89 -11.43 -2.69
C THR F 179 26.13 -11.77 -1.92
N ASN F 180 26.94 -10.75 -1.67
CA ASN F 180 28.08 -10.86 -0.77
C ASN F 180 27.92 -9.98 0.47
N LYS F 181 26.66 -9.71 0.84
CA LYS F 181 26.33 -8.99 2.08
C LYS F 181 27.03 -9.73 3.23
N THR F 182 27.90 -9.01 3.95
CA THR F 182 28.80 -9.61 4.96
C THR F 182 28.06 -10.44 6.02
N GLY F 183 26.82 -10.01 6.35
CA GLY F 183 25.90 -10.77 7.23
C GLY F 183 25.82 -12.27 6.95
N SER F 184 25.71 -12.64 5.67
CA SER F 184 25.53 -14.04 5.25
C SER F 184 26.61 -14.60 4.32
N GLY F 185 27.83 -14.04 4.39
CA GLY F 185 28.94 -14.48 3.53
C GLY F 185 28.57 -14.33 2.06
N THR F 186 28.76 -15.39 1.29
CA THR F 186 28.17 -15.45 -0.06
C THR F 186 26.87 -16.21 0.00
N MET F 187 25.91 -15.80 -0.82
CA MET F 187 24.66 -16.50 -0.92
C MET F 187 24.20 -16.50 -2.36
N ASN F 188 24.16 -17.68 -2.96
CA ASN F 188 23.73 -17.87 -4.34
C ASN F 188 22.52 -18.79 -4.38
N LEU F 189 21.40 -18.28 -4.87
CA LEU F 189 20.21 -19.08 -5.04
C LEU F 189 19.89 -19.02 -6.52
N GLY F 190 20.10 -20.13 -7.21
CA GLY F 190 20.02 -20.15 -8.67
C GLY F 190 19.40 -21.41 -9.26
N GLY F 191 19.14 -21.39 -10.56
CA GLY F 191 18.52 -22.53 -11.22
C GLY F 191 17.35 -22.19 -12.13
N SER F 192 16.47 -23.16 -12.35
CA SER F 192 15.39 -23.02 -13.30
C SER F 192 14.25 -23.99 -13.08
N LEU F 193 13.10 -23.66 -13.65
CA LEU F 193 11.96 -24.59 -13.72
C LEU F 193 11.50 -24.70 -15.18
N THR F 194 10.89 -25.83 -15.53
CA THR F 194 10.34 -26.06 -16.87
C THR F 194 8.91 -26.58 -16.77
N ARG F 195 8.06 -26.18 -17.72
CA ARG F 195 6.66 -26.64 -17.78
C ARG F 195 6.17 -26.90 -19.23
N GLN F 196 5.04 -27.59 -19.39
CA GLN F 196 4.47 -27.84 -20.72
C GLN F 196 3.00 -27.51 -20.84
N MET F 197 2.63 -26.79 -21.88
CA MET F 197 1.21 -26.62 -22.26
C MET F 197 1.03 -27.15 -23.65
N GLU F 198 -0.18 -27.62 -23.92
CA GLU F 198 -0.50 -28.22 -25.21
C GLU F 198 -1.93 -27.83 -25.52
N LYS F 199 -2.16 -27.11 -26.61
CA LYS F 199 -3.48 -26.58 -26.91
C LYS F 199 -3.77 -26.50 -28.40
N ASP F 200 -5.04 -26.72 -28.76
CA ASP F 200 -5.54 -26.42 -30.10
C ASP F 200 -6.22 -25.04 -30.07
N GLU F 201 -6.08 -24.27 -31.15
CA GLU F 201 -6.73 -22.95 -31.25
C GLU F 201 -7.09 -22.49 -32.66
N THR F 202 -8.10 -21.63 -32.72
CA THR F 202 -8.56 -21.05 -33.96
C THR F 202 -7.48 -20.17 -34.58
N VAL F 203 -7.23 -20.36 -35.88
CA VAL F 203 -6.35 -19.49 -36.65
C VAL F 203 -7.16 -18.63 -37.63
N SER F 204 -7.52 -17.43 -37.21
CA SER F 204 -8.27 -16.51 -38.06
C SER F 204 -7.36 -15.38 -38.50
N ASP F 205 -7.96 -14.30 -39.00
CA ASP F 205 -7.24 -13.08 -39.31
C ASP F 205 -7.13 -12.24 -38.07
N SER F 206 -8.20 -12.22 -37.29
CA SER F 206 -8.26 -11.48 -36.05
C SER F 206 -7.42 -12.17 -34.97
N SER F 207 -7.19 -13.46 -35.16
CA SER F 207 -6.39 -14.25 -34.21
C SER F 207 -5.40 -15.16 -34.95
N PRO F 208 -4.30 -14.57 -35.46
CA PRO F 208 -3.29 -15.32 -36.22
C PRO F 208 -2.38 -16.21 -35.36
N HIS F 209 -1.23 -16.60 -35.91
CA HIS F 209 -0.33 -17.48 -35.20
C HIS F 209 0.37 -16.76 -34.03
N ILE F 210 1.01 -15.63 -34.33
CA ILE F 210 1.75 -14.86 -33.34
C ILE F 210 0.89 -14.55 -32.14
N ALA F 211 -0.38 -14.23 -32.39
CA ALA F 211 -1.34 -13.97 -31.33
C ALA F 211 -1.54 -15.22 -30.50
N ASN F 212 -1.68 -16.36 -31.17
CA ASN F 212 -1.92 -17.61 -30.50
C ASN F 212 -0.75 -18.04 -29.65
N ILE F 213 0.44 -17.91 -30.23
CA ILE F 213 1.67 -18.26 -29.53
C ILE F 213 1.84 -17.35 -28.33
N GLY F 214 1.63 -16.05 -28.55
CA GLY F 214 1.74 -15.03 -27.53
C GLY F 214 0.93 -15.30 -26.28
N ARG F 215 -0.36 -15.58 -26.46
CA ARG F 215 -1.26 -15.86 -25.32
C ARG F 215 -0.77 -17.04 -24.49
N LEU F 216 -0.28 -18.07 -25.18
CA LEU F 216 0.29 -19.25 -24.57
C LEU F 216 1.52 -18.94 -23.74
N VAL F 217 2.45 -18.18 -24.34
CA VAL F 217 3.64 -17.73 -23.64
C VAL F 217 3.26 -16.92 -22.40
N GLU F 218 2.48 -15.87 -22.60
CA GLU F 218 2.03 -15.02 -21.51
C GLU F 218 1.46 -15.80 -20.34
N ASP F 219 0.59 -16.77 -20.62
CA ASP F 219 0.00 -17.60 -19.57
C ASP F 219 1.02 -18.42 -18.82
N MET F 220 1.91 -19.05 -19.59
CA MET F 220 2.97 -19.88 -19.04
C MET F 220 3.89 -19.04 -18.16
N GLU F 221 4.33 -17.91 -18.69
CA GLU F 221 5.28 -17.09 -18.00
C GLU F 221 4.67 -16.51 -16.73
N ASN F 222 3.37 -16.22 -16.76
CA ASN F 222 2.65 -15.75 -15.57
C ASN F 222 2.55 -16.86 -14.54
N LYS F 223 2.32 -18.06 -15.03
CA LYS F 223 2.14 -19.21 -14.16
C LYS F 223 3.48 -19.64 -13.56
N ILE F 224 4.56 -19.47 -14.31
CA ILE F 224 5.88 -19.84 -13.81
C ILE F 224 6.33 -18.82 -12.78
N ARG F 225 6.23 -17.54 -13.15
CA ARG F 225 6.63 -16.42 -12.27
C ARG F 225 6.07 -16.68 -10.89
N SER F 226 4.88 -17.27 -10.86
CA SER F 226 4.21 -17.60 -9.63
C SER F 226 4.97 -18.69 -8.90
N THR F 227 5.00 -19.90 -9.49
CA THR F 227 5.67 -21.06 -8.88
C THR F 227 7.14 -20.76 -8.54
N LEU F 228 7.81 -19.96 -9.37
CA LEU F 228 9.18 -19.54 -9.07
C LEU F 228 9.20 -18.90 -7.72
N ASN F 229 8.40 -17.84 -7.55
CA ASN F 229 8.34 -17.09 -6.30
C ASN F 229 8.08 -18.00 -5.09
N GLU F 230 7.16 -18.93 -5.28
CA GLU F 230 6.74 -19.85 -4.23
C GLU F 230 7.81 -20.88 -3.88
N ILE F 231 8.54 -21.36 -4.87
CA ILE F 231 9.62 -22.33 -4.67
C ILE F 231 10.88 -21.65 -4.11
N TYR F 232 11.34 -20.62 -4.82
CA TYR F 232 12.56 -19.92 -4.47
C TYR F 232 12.49 -19.36 -3.06
N PHE F 233 11.51 -18.49 -2.82
CA PHE F 233 11.42 -17.72 -1.55
C PHE F 233 10.50 -18.36 -0.51
N GLY F 234 9.71 -19.33 -0.94
CA GLY F 234 8.90 -20.14 -0.03
C GLY F 234 9.59 -21.45 0.35
N LYS F 235 9.60 -22.41 -0.58
CA LYS F 235 10.06 -23.78 -0.29
C LYS F 235 11.53 -23.86 0.14
N THR F 236 12.46 -23.38 -0.68
CA THR F 236 13.89 -23.55 -0.36
C THR F 236 14.21 -22.94 0.99
N LYS F 237 13.50 -21.87 1.34
CA LYS F 237 13.71 -21.19 2.62
C LYS F 237 13.22 -22.03 3.78
N ASP F 238 12.06 -22.66 3.59
CA ASP F 238 11.48 -23.50 4.63
C ASP F 238 12.37 -24.69 4.89
N ILE F 239 12.93 -25.24 3.83
CA ILE F 239 13.91 -26.32 3.93
C ILE F 239 15.06 -25.87 4.84
N VAL F 240 15.63 -24.69 4.54
CA VAL F 240 16.67 -24.09 5.37
C VAL F 240 16.24 -24.06 6.82
N ASN F 241 15.07 -23.46 7.08
CA ASN F 241 14.55 -23.36 8.43
C ASN F 241 14.26 -24.70 9.10
N GLY F 242 14.09 -25.74 8.29
CA GLY F 242 13.92 -27.10 8.79
C GLY F 242 15.22 -27.80 9.12
N LEU F 243 16.34 -27.13 8.81
CA LEU F 243 17.66 -27.66 9.10
C LEU F 243 18.13 -27.19 10.46
N ARG F 244 17.74 -25.97 10.79
CA ARG F 244 18.18 -25.38 12.04
C ARG F 244 17.12 -24.41 12.54
N SER F 245 16.98 -24.35 13.86
CA SER F 245 16.03 -23.45 14.48
C SER F 245 16.73 -22.49 15.45
N ILE F 246 16.48 -21.19 15.30
CA ILE F 246 17.08 -20.16 16.18
C ILE F 246 16.57 -20.29 17.61
N ASP F 247 15.25 -20.31 17.80
CA ASP F 247 14.67 -20.56 19.11
C ASP F 247 14.88 -21.99 19.48
N ALA F 248 15.23 -22.25 20.73
CA ALA F 248 15.49 -23.62 21.17
C ALA F 248 14.27 -24.52 20.99
N ILE F 249 14.46 -25.65 20.31
CA ILE F 249 13.40 -26.63 20.10
C ILE F 249 12.85 -27.05 21.47
N PRO F 250 11.62 -26.60 21.79
CA PRO F 250 10.99 -26.59 23.14
C PRO F 250 10.83 -27.95 23.83
N ASP F 251 10.64 -29.02 23.06
CA ASP F 251 10.74 -30.40 23.55
C ASP F 251 10.61 -31.45 22.41
N ASN F 252 11.30 -32.57 22.60
CA ASN F 252 10.98 -33.81 21.87
C ASN F 252 11.33 -35.12 22.59
N ARG G 7 -16.78 17.39 55.19
CA ARG G 7 -18.02 18.00 54.61
C ARG G 7 -18.75 17.12 53.59
N VAL G 8 -18.50 15.80 53.63
CA VAL G 8 -19.06 14.81 52.67
C VAL G 8 -19.76 13.67 53.42
N SER G 9 -21.00 13.36 53.00
CA SER G 9 -21.90 12.41 53.71
C SER G 9 -21.30 11.03 53.98
N ASP G 10 -21.59 10.48 55.16
CA ASP G 10 -21.06 9.17 55.56
C ASP G 10 -21.46 8.02 54.64
N GLU G 11 -22.56 8.20 53.92
CA GLU G 11 -23.00 7.25 52.92
C GLU G 11 -22.06 7.29 51.71
N GLU G 12 -21.61 8.49 51.34
CA GLU G 12 -20.62 8.67 50.28
C GLU G 12 -19.25 8.12 50.69
N LYS G 13 -18.81 8.42 51.91
CA LYS G 13 -17.49 8.00 52.40
C LYS G 13 -17.29 6.49 52.31
N VAL G 14 -18.33 5.75 52.65
CA VAL G 14 -18.25 4.30 52.55
C VAL G 14 -18.25 3.84 51.08
N ARG G 15 -18.96 4.55 50.21
CA ARG G 15 -18.95 4.25 48.77
C ARG G 15 -17.52 4.33 48.20
N ILE G 16 -16.80 5.39 48.57
CA ILE G 16 -15.42 5.58 48.18
C ILE G 16 -14.56 4.46 48.76
N ALA G 17 -14.78 4.13 50.03
CA ALA G 17 -14.02 3.10 50.71
C ALA G 17 -14.21 1.76 50.01
N ALA G 18 -15.43 1.53 49.54
CA ALA G 18 -15.80 0.30 48.83
C ALA G 18 -15.10 0.25 47.47
N LYS G 19 -15.20 1.35 46.73
CA LYS G 19 -14.49 1.55 45.45
C LYS G 19 -12.98 1.24 45.59
N PHE G 20 -12.33 1.82 46.61
CA PHE G 20 -10.93 1.55 46.86
C PHE G 20 -10.64 0.05 47.04
N ILE G 21 -11.47 -0.62 47.84
CA ILE G 21 -11.22 -2.04 48.14
C ILE G 21 -11.33 -2.88 46.87
N THR G 22 -12.41 -2.67 46.10
CA THR G 22 -12.59 -3.45 44.87
C THR G 22 -11.42 -3.33 43.90
N HIS G 23 -10.70 -2.20 43.99
CA HIS G 23 -9.62 -1.91 43.06
C HIS G 23 -8.23 -2.29 43.56
N ALA G 24 -8.16 -3.05 44.66
CA ALA G 24 -6.88 -3.50 45.20
C ALA G 24 -6.14 -4.40 44.23
N PRO G 25 -4.87 -4.08 43.92
CA PRO G 25 -4.07 -4.90 43.02
C PRO G 25 -3.99 -6.32 43.51
N PRO G 26 -3.76 -7.28 42.61
CA PRO G 26 -3.74 -8.70 42.97
C PRO G 26 -2.73 -9.00 44.09
N GLY G 27 -3.15 -9.82 45.07
CA GLY G 27 -2.34 -10.22 46.23
C GLY G 27 -1.91 -9.08 47.14
N GLU G 28 -2.75 -8.06 47.23
CA GLU G 28 -2.48 -6.89 48.05
C GLU G 28 -3.78 -6.42 48.63
N PHE G 29 -4.74 -7.34 48.76
CA PHE G 29 -6.07 -6.99 49.25
C PHE G 29 -5.97 -6.46 50.68
N ASN G 30 -5.35 -7.28 51.53
CA ASN G 30 -5.12 -6.95 52.92
C ASN G 30 -4.58 -5.54 53.05
N GLU G 31 -3.41 -5.31 52.46
CA GLU G 31 -2.73 -4.01 52.56
C GLU G 31 -3.66 -2.85 52.20
N VAL G 32 -4.43 -3.01 51.13
CA VAL G 32 -5.37 -1.95 50.71
C VAL G 32 -6.49 -1.83 51.74
N PHE G 33 -7.00 -2.97 52.17
CA PHE G 33 -8.07 -3.02 53.17
C PHE G 33 -7.65 -2.29 54.45
N ASN G 34 -6.51 -2.69 55.02
CA ASN G 34 -5.98 -2.02 56.19
C ASN G 34 -5.91 -0.52 55.99
N ASP G 35 -5.32 -0.09 54.86
CA ASP G 35 -5.25 1.33 54.54
C ASP G 35 -6.61 1.99 54.58
N VAL G 36 -7.57 1.37 53.89
CA VAL G 36 -8.92 1.93 53.77
C VAL G 36 -9.61 2.02 55.14
N ARG G 37 -9.42 0.99 55.96
CA ARG G 37 -10.06 0.93 57.27
C ARG G 37 -9.63 2.10 58.14
N LEU G 38 -8.31 2.20 58.30
CA LEU G 38 -7.68 3.19 59.15
C LEU G 38 -8.08 4.60 58.75
N LEU G 39 -8.30 4.80 57.45
CA LEU G 39 -8.62 6.11 56.90
C LEU G 39 -10.06 6.50 57.17
N LEU G 40 -10.98 5.55 56.95
CA LEU G 40 -12.42 5.75 57.13
C LEU G 40 -12.72 5.94 58.61
N ASN G 41 -12.06 5.12 59.43
CA ASN G 41 -12.13 5.21 60.89
C ASN G 41 -13.55 5.03 61.46
N ASN G 42 -14.16 3.90 61.11
CA ASN G 42 -15.56 3.68 61.40
C ASN G 42 -15.93 2.23 61.07
N ASP G 43 -15.41 1.31 61.87
CA ASP G 43 -15.62 -0.12 61.63
C ASP G 43 -17.09 -0.50 61.43
N ASN G 44 -17.98 0.38 61.90
CA ASN G 44 -19.43 0.20 61.73
C ASN G 44 -19.89 0.43 60.31
N LEU G 45 -19.39 1.52 59.70
CA LEU G 45 -19.70 1.84 58.30
C LEU G 45 -19.09 0.79 57.38
N LEU G 46 -17.87 0.39 57.70
CA LEU G 46 -17.15 -0.59 56.91
C LEU G 46 -17.97 -1.89 56.76
N ARG G 47 -18.34 -2.51 57.88
CA ARG G 47 -19.01 -3.82 57.86
C ARG G 47 -20.36 -3.84 57.11
N GLU G 48 -21.04 -2.70 57.07
CA GLU G 48 -22.31 -2.60 56.36
C GLU G 48 -22.11 -2.25 54.88
N GLY G 49 -21.75 -1.00 54.60
CA GLY G 49 -21.66 -0.48 53.23
C GLY G 49 -20.52 -1.03 52.39
N ALA G 50 -19.69 -1.89 52.97
CA ALA G 50 -18.56 -2.48 52.26
C ALA G 50 -18.55 -4.02 52.22
N ALA G 51 -19.49 -4.66 52.93
CA ALA G 51 -19.63 -6.12 52.90
C ALA G 51 -19.75 -6.64 51.46
N HIS G 52 -20.49 -5.86 50.66
CA HIS G 52 -20.68 -6.13 49.23
C HIS G 52 -19.36 -6.12 48.46
N ALA G 53 -18.45 -5.22 48.85
CA ALA G 53 -17.16 -5.08 48.20
C ALA G 53 -16.22 -6.27 48.37
N PHE G 54 -16.11 -6.79 49.60
CA PHE G 54 -15.20 -7.92 49.87
C PHE G 54 -15.49 -9.10 48.97
N ALA G 55 -16.77 -9.42 48.85
CA ALA G 55 -17.25 -10.57 48.09
C ALA G 55 -17.06 -10.34 46.60
N GLN G 56 -17.41 -9.13 46.15
CA GLN G 56 -17.28 -8.75 44.74
C GLN G 56 -15.84 -8.89 44.29
N TYR G 57 -14.91 -8.44 45.14
CA TYR G 57 -13.48 -8.50 44.83
C TYR G 57 -13.04 -9.93 44.58
N ASN G 58 -13.40 -10.83 45.47
CA ASN G 58 -12.98 -12.21 45.33
C ASN G 58 -13.54 -12.90 44.09
N MET G 59 -14.79 -12.60 43.76
CA MET G 59 -15.43 -13.20 42.59
C MET G 59 -14.88 -12.56 41.32
N ASP G 60 -14.54 -11.27 41.43
CA ASP G 60 -13.96 -10.49 40.36
C ASP G 60 -12.55 -10.99 40.05
N GLN G 61 -11.82 -11.40 41.08
CA GLN G 61 -10.41 -11.75 40.93
C GLN G 61 -10.17 -13.24 40.72
N PHE G 62 -11.24 -14.04 40.69
CA PHE G 62 -11.15 -15.49 40.52
C PHE G 62 -10.25 -16.12 41.58
N THR G 63 -10.44 -15.74 42.83
CA THR G 63 -9.57 -16.15 43.94
C THR G 63 -9.57 -17.68 44.10
N PRO G 64 -8.40 -18.30 43.91
CA PRO G 64 -8.31 -19.74 44.18
C PRO G 64 -8.38 -19.96 45.68
N VAL G 65 -8.97 -21.08 46.09
CA VAL G 65 -9.03 -21.43 47.51
C VAL G 65 -8.93 -22.94 47.73
N LYS G 66 -8.11 -23.33 48.72
CA LYS G 66 -7.94 -24.73 49.10
C LYS G 66 -9.11 -25.17 49.97
N ILE G 67 -9.67 -26.33 49.65
CA ILE G 67 -10.67 -26.96 50.50
C ILE G 67 -10.01 -28.19 51.13
N GLU G 68 -10.22 -28.35 52.44
CA GLU G 68 -9.50 -29.35 53.22
C GLU G 68 -9.81 -30.79 52.79
N GLY G 69 -8.74 -31.55 52.54
CA GLY G 69 -8.84 -32.94 52.07
C GLY G 69 -9.10 -33.09 50.58
N TYR G 70 -9.10 -31.99 49.84
CA TYR G 70 -9.32 -32.03 48.40
C TYR G 70 -8.20 -31.41 47.58
N ASP G 71 -7.81 -32.13 46.54
CA ASP G 71 -6.90 -31.58 45.53
C ASP G 71 -7.49 -31.69 44.10
N ASP G 72 -7.57 -30.56 43.39
CA ASP G 72 -7.03 -29.30 43.92
C ASP G 72 -8.03 -28.20 44.15
N GLN G 73 -7.51 -26.97 44.16
CA GLN G 73 -8.27 -25.79 44.57
C GLN G 73 -9.41 -25.45 43.63
N VAL G 74 -10.29 -24.58 44.07
CA VAL G 74 -11.43 -24.15 43.27
C VAL G 74 -11.52 -22.63 43.26
N LEU G 75 -12.10 -22.06 42.21
CA LEU G 75 -12.15 -20.61 42.06
C LEU G 75 -13.44 -20.01 42.59
N ILE G 76 -13.30 -18.89 43.29
CA ILE G 76 -14.44 -18.11 43.73
C ILE G 76 -14.87 -17.18 42.59
N THR G 77 -15.93 -17.56 41.89
CA THR G 77 -16.47 -16.72 40.81
C THR G 77 -17.91 -16.33 41.15
N GLU G 78 -18.53 -15.56 40.29
CA GLU G 78 -19.93 -15.27 40.47
C GLU G 78 -20.77 -16.47 40.03
N HIS G 79 -20.15 -17.40 39.31
CA HIS G 79 -20.85 -18.57 38.78
C HIS G 79 -20.96 -19.72 39.78
N GLY G 80 -20.24 -19.60 40.90
CA GLY G 80 -20.31 -20.58 41.99
C GLY G 80 -21.11 -20.06 43.18
N ASP G 81 -21.50 -18.79 43.12
CA ASP G 81 -22.23 -18.08 44.18
C ASP G 81 -23.63 -18.66 44.36
N LEU G 82 -23.94 -19.08 45.58
CA LEU G 82 -25.21 -19.73 45.86
C LEU G 82 -26.08 -18.92 46.82
N GLY G 83 -25.77 -17.64 46.97
CA GLY G 83 -26.30 -16.84 48.09
C GLY G 83 -25.68 -17.38 49.37
N ASN G 84 -26.35 -17.14 50.51
CA ASN G 84 -25.86 -17.55 51.85
C ASN G 84 -24.48 -16.96 52.14
N GLY G 85 -23.48 -17.64 51.59
CA GLY G 85 -22.07 -17.32 51.77
C GLY G 85 -21.41 -18.60 51.34
N ARG G 86 -22.07 -19.28 50.40
CA ARG G 86 -21.64 -20.61 49.97
C ARG G 86 -21.34 -20.66 48.48
N PHE G 87 -20.33 -21.45 48.12
CA PHE G 87 -19.87 -21.55 46.75
C PHE G 87 -19.77 -22.99 46.30
N LEU G 88 -19.98 -23.21 45.00
CA LEU G 88 -20.01 -24.54 44.43
C LEU G 88 -18.66 -24.99 43.87
N ASP G 89 -18.28 -26.23 44.14
CA ASP G 89 -17.12 -26.84 43.51
C ASP G 89 -17.61 -27.92 42.55
N PRO G 90 -17.84 -27.55 41.28
CA PRO G 90 -18.42 -28.51 40.32
C PRO G 90 -17.60 -29.75 40.03
N ARG G 91 -16.29 -29.72 40.27
CA ARG G 91 -15.48 -30.93 40.06
C ARG G 91 -15.82 -32.00 41.10
N ASN G 92 -15.83 -31.59 42.36
CA ASN G 92 -16.09 -32.50 43.48
C ASN G 92 -17.57 -32.63 43.82
N LYS G 93 -18.39 -31.80 43.18
CA LYS G 93 -19.84 -31.79 43.41
C LYS G 93 -20.12 -31.57 44.90
N ILE G 94 -19.50 -30.52 45.45
CA ILE G 94 -19.69 -30.18 46.84
C ILE G 94 -19.95 -28.68 47.01
N SER G 95 -20.62 -28.34 48.11
CA SER G 95 -20.85 -26.95 48.50
C SER G 95 -19.92 -26.63 49.67
N PHE G 96 -19.58 -25.35 49.84
CA PHE G 96 -18.73 -24.95 50.97
C PHE G 96 -18.97 -23.50 51.35
N LYS G 97 -18.65 -23.18 52.61
CA LYS G 97 -18.77 -21.80 53.10
C LYS G 97 -17.44 -21.07 52.89
N PHE G 98 -17.53 -19.75 52.76
CA PHE G 98 -16.37 -18.95 52.44
C PHE G 98 -16.42 -17.63 53.23
N ASP G 99 -15.31 -17.33 53.91
CA ASP G 99 -15.12 -16.03 54.53
C ASP G 99 -14.33 -15.14 53.58
N HIS G 100 -14.99 -14.10 53.08
CA HIS G 100 -14.41 -13.18 52.09
C HIS G 100 -13.24 -12.32 52.61
N LEU G 101 -13.21 -12.12 53.93
CA LEU G 101 -12.15 -11.31 54.54
C LEU G 101 -10.87 -12.09 54.81
N ARG G 102 -11.01 -13.35 55.18
CA ARG G 102 -9.83 -14.15 55.52
C ARG G 102 -9.60 -15.33 54.60
N LYS G 103 -10.25 -15.33 53.44
CA LYS G 103 -10.03 -16.32 52.36
C LYS G 103 -10.10 -17.76 52.88
N GLU G 104 -11.11 -18.03 53.70
CA GLU G 104 -11.21 -19.33 54.39
C GLU G 104 -12.39 -20.16 53.92
N ALA G 105 -12.08 -21.40 53.52
CA ALA G 105 -13.09 -22.34 53.02
C ALA G 105 -13.45 -23.42 54.06
N SER G 106 -14.55 -23.20 54.76
CA SER G 106 -15.05 -24.13 55.76
C SER G 106 -16.31 -24.85 55.30
N ASP G 107 -16.55 -26.03 55.88
CA ASP G 107 -17.85 -26.73 55.76
C ASP G 107 -18.08 -27.50 54.44
N PRO G 108 -17.19 -28.48 54.12
CA PRO G 108 -17.41 -29.32 52.94
C PRO G 108 -18.73 -30.11 53.02
N GLN G 109 -19.62 -29.86 52.06
CA GLN G 109 -21.00 -30.38 52.09
C GLN G 109 -21.41 -31.02 50.75
N PRO G 110 -21.51 -32.38 50.67
CA PRO G 110 -21.96 -33.03 49.43
C PRO G 110 -23.15 -32.31 48.77
N GLU G 111 -23.07 -32.12 47.46
CA GLU G 111 -24.04 -31.32 46.70
C GLU G 111 -24.48 -32.03 45.42
N ASP G 112 -25.73 -31.82 45.05
CA ASP G 112 -26.33 -32.47 43.87
C ASP G 112 -26.33 -31.57 42.62
N THR G 113 -25.63 -32.00 41.58
CA THR G 113 -25.53 -31.27 40.31
C THR G 113 -26.67 -31.59 39.32
N GLU G 114 -27.22 -30.55 38.67
CA GLU G 114 -28.21 -30.71 37.60
C GLU G 114 -27.62 -31.54 36.45
N SER G 115 -27.88 -32.84 36.48
CA SER G 115 -27.27 -33.79 35.54
C SER G 115 -27.63 -33.51 34.07
N ALA G 116 -28.23 -32.34 33.82
CA ALA G 116 -28.53 -31.87 32.47
C ALA G 116 -27.27 -31.72 31.60
N LEU G 117 -26.25 -31.05 32.16
CA LEU G 117 -24.97 -30.87 31.45
C LEU G 117 -23.82 -31.68 32.02
N LYS G 118 -24.03 -32.29 33.20
CA LYS G 118 -22.96 -32.98 33.92
C LYS G 118 -21.91 -33.60 32.98
N GLN G 119 -22.38 -34.35 32.00
CA GLN G 119 -21.49 -35.12 31.13
C GLN G 119 -20.59 -34.25 30.25
N TRP G 120 -21.17 -33.21 29.66
CA TRP G 120 -20.43 -32.20 28.87
C TRP G 120 -19.40 -31.49 29.74
N ARG G 121 -19.83 -31.09 30.93
CA ARG G 121 -18.99 -30.36 31.89
C ARG G 121 -17.76 -31.15 32.31
N ASP G 122 -17.94 -32.46 32.52
CA ASP G 122 -16.83 -33.34 32.91
C ASP G 122 -15.78 -33.47 31.82
N ALA G 123 -16.23 -33.55 30.58
CA ALA G 123 -15.32 -33.69 29.44
C ALA G 123 -14.53 -32.41 29.16
N CYS G 124 -15.08 -31.25 29.55
CA CYS G 124 -14.36 -29.96 29.50
C CYS G 124 -13.39 -29.81 30.67
N ASP G 125 -13.95 -29.72 31.88
CA ASP G 125 -13.20 -29.76 33.14
C ASP G 125 -11.99 -30.72 33.09
N SER G 126 -12.17 -31.82 32.36
CA SER G 126 -11.12 -32.81 32.18
C SER G 126 -10.03 -32.33 31.24
N ALA G 127 -10.42 -31.88 30.05
CA ALA G 127 -9.47 -31.46 29.00
C ALA G 127 -8.82 -30.12 29.31
N LEU G 128 -9.54 -29.27 30.06
CA LEU G 128 -9.05 -27.96 30.44
C LEU G 128 -8.01 -28.10 31.53
N ARG G 129 -8.24 -29.06 32.44
CA ARG G 129 -7.27 -29.41 33.47
C ARG G 129 -5.90 -29.68 32.87
N ALA G 130 -5.86 -30.52 31.84
CA ALA G 130 -4.63 -30.84 31.15
C ALA G 130 -3.99 -29.60 30.51
N TYR G 131 -4.81 -28.77 29.88
CA TYR G 131 -4.32 -27.57 29.20
C TYR G 131 -3.69 -26.62 30.20
N VAL G 132 -4.40 -26.36 31.30
CA VAL G 132 -3.93 -25.47 32.37
C VAL G 132 -2.57 -25.94 32.89
N LYS G 133 -2.48 -27.24 33.17
CA LYS G 133 -1.26 -27.89 33.62
C LYS G 133 -0.10 -27.61 32.66
N ASP G 134 -0.40 -27.57 31.36
CA ASP G 134 0.60 -27.41 30.30
C ASP G 134 1.09 -25.98 30.11
N HIS G 135 0.26 -25.00 30.46
CA HIS G 135 0.55 -23.61 30.07
C HIS G 135 0.56 -22.58 31.19
N TYR G 136 0.11 -22.98 32.38
CA TYR G 136 0.08 -22.04 33.49
C TYR G 136 0.84 -22.60 34.69
N PRO G 137 2.09 -22.12 34.91
CA PRO G 137 2.94 -22.68 35.95
C PRO G 137 2.17 -22.88 37.25
N ASN G 138 1.56 -21.81 37.78
CA ASN G 138 0.76 -21.95 38.98
C ASN G 138 -0.73 -21.72 38.71
N GLY G 139 -1.27 -22.53 37.80
CA GLY G 139 -2.64 -22.35 37.34
C GLY G 139 -3.70 -23.18 38.02
N PHE G 140 -4.88 -22.58 38.18
CA PHE G 140 -6.08 -23.28 38.65
C PHE G 140 -7.26 -22.96 37.74
N CYS G 141 -8.17 -23.92 37.58
CA CYS G 141 -9.32 -23.71 36.76
C CYS G 141 -10.57 -24.38 37.32
N THR G 142 -11.72 -23.83 36.98
CA THR G 142 -12.98 -24.38 37.41
C THR G 142 -13.94 -24.24 36.25
N VAL G 143 -14.63 -25.33 35.91
CA VAL G 143 -15.59 -25.31 34.79
C VAL G 143 -17.01 -25.52 35.28
N TYR G 144 -17.88 -24.58 34.96
CA TYR G 144 -19.28 -24.67 35.36
C TYR G 144 -20.16 -25.12 34.18
N GLY G 145 -21.28 -25.76 34.51
CA GLY G 145 -22.34 -26.05 33.54
C GLY G 145 -23.70 -25.62 34.08
N LYS G 146 -24.27 -24.56 33.51
CA LYS G 146 -25.55 -24.04 33.99
C LYS G 146 -26.37 -23.40 32.86
N SER G 147 -27.69 -23.35 33.06
CA SER G 147 -28.62 -22.79 32.06
C SER G 147 -28.79 -21.27 32.17
N ILE G 148 -28.53 -20.56 31.08
CA ILE G 148 -28.75 -19.12 30.99
C ILE G 148 -29.75 -18.81 29.87
N ASP G 149 -30.91 -18.25 30.27
CA ASP G 149 -31.99 -17.95 29.33
C ASP G 149 -32.36 -19.20 28.53
N GLY G 150 -32.67 -20.28 29.24
CA GLY G 150 -33.10 -21.54 28.63
C GLY G 150 -32.02 -22.24 27.84
N GLN G 151 -30.85 -21.60 27.72
CA GLN G 151 -29.74 -22.14 26.91
C GLN G 151 -28.60 -22.74 27.75
N GLN G 152 -28.13 -23.91 27.33
CA GLN G 152 -27.09 -24.61 28.07
C GLN G 152 -25.75 -23.91 27.85
N THR G 153 -25.17 -23.40 28.93
CA THR G 153 -23.88 -22.72 28.84
C THR G 153 -22.80 -23.50 29.59
N ILE G 154 -21.59 -23.54 29.03
CA ILE G 154 -20.41 -24.02 29.76
C ILE G 154 -19.43 -22.88 29.95
N ILE G 155 -19.06 -22.63 31.20
CA ILE G 155 -18.20 -21.50 31.55
C ILE G 155 -16.88 -21.97 32.12
N ALA G 156 -15.81 -21.84 31.34
CA ALA G 156 -14.48 -22.23 31.80
C ALA G 156 -13.73 -21.02 32.33
N CYS G 157 -13.25 -21.15 33.57
CA CYS G 157 -12.51 -20.08 34.23
C CYS G 157 -11.10 -20.54 34.55
N ILE G 158 -10.11 -19.74 34.13
CA ILE G 158 -8.70 -20.01 34.44
C ILE G 158 -8.14 -18.88 35.29
N GLU G 159 -7.34 -19.24 36.29
CA GLU G 159 -6.59 -18.27 37.11
C GLU G 159 -5.15 -18.71 37.26
N SER G 160 -4.23 -17.74 37.16
CA SER G 160 -2.83 -17.98 37.42
C SER G 160 -2.22 -16.74 38.04
N HIS G 161 -1.49 -16.89 39.15
CA HIS G 161 -0.82 -15.75 39.79
C HIS G 161 0.62 -16.02 40.28
N GLN G 162 1.40 -14.96 40.45
CA GLN G 162 2.70 -15.00 41.10
C GLN G 162 2.76 -13.84 42.07
N PHE G 163 2.77 -14.16 43.37
CA PHE G 163 2.89 -13.13 44.39
C PHE G 163 4.28 -13.08 45.00
N GLN G 164 4.92 -11.91 44.92
CA GLN G 164 6.22 -11.71 45.55
C GLN G 164 6.24 -10.37 46.27
N PRO G 165 5.56 -10.31 47.42
CA PRO G 165 5.42 -9.02 48.09
C PRO G 165 6.77 -8.57 48.62
N LYS G 166 7.63 -9.54 48.95
CA LYS G 166 8.99 -9.24 49.38
C LYS G 166 9.79 -8.49 48.31
N ASN G 167 9.45 -8.71 47.03
CA ASN G 167 10.11 -8.03 45.94
C ASN G 167 9.29 -6.91 45.31
N PHE G 168 8.20 -6.53 46.00
CA PHE G 168 7.34 -5.41 45.60
C PHE G 168 6.72 -5.56 44.20
N TRP G 169 6.41 -6.80 43.83
CA TRP G 169 5.63 -7.04 42.62
C TRP G 169 4.67 -8.22 42.74
N ASN G 170 3.51 -8.07 42.11
CA ASN G 170 2.51 -9.13 42.02
C ASN G 170 1.93 -9.17 40.62
N GLY G 171 1.44 -10.34 40.22
CA GLY G 171 0.82 -10.53 38.89
C GLY G 171 -0.25 -11.61 38.83
N ARG G 172 -1.26 -11.38 37.99
CA ARG G 172 -2.36 -12.34 37.80
C ARG G 172 -3.01 -12.35 36.41
N TRP G 173 -3.27 -13.57 35.92
CA TRP G 173 -3.98 -13.81 34.68
C TRP G 173 -5.32 -14.39 35.02
N ARG G 174 -6.37 -13.88 34.35
CA ARG G 174 -7.73 -14.44 34.47
C ARG G 174 -8.35 -14.64 33.10
N SER G 175 -8.80 -15.87 32.85
CA SER G 175 -9.53 -16.20 31.63
C SER G 175 -10.96 -16.58 31.98
N GLU G 176 -11.92 -16.08 31.21
CA GLU G 176 -13.31 -16.51 31.36
C GLU G 176 -13.87 -16.84 29.99
N TRP G 177 -14.10 -18.13 29.74
CA TRP G 177 -14.66 -18.58 28.48
C TRP G 177 -16.09 -19.07 28.64
N LYS G 178 -17.00 -18.46 27.88
CA LYS G 178 -18.39 -18.91 27.86
C LYS G 178 -18.77 -19.60 26.56
N PHE G 179 -19.22 -20.84 26.67
CA PHE G 179 -19.73 -21.57 25.51
C PHE G 179 -21.22 -21.81 25.66
N THR G 180 -22.05 -20.99 25.01
CA THR G 180 -23.49 -21.30 24.94
C THR G 180 -23.70 -22.34 23.84
N ILE G 181 -24.27 -23.49 24.22
CA ILE G 181 -24.32 -24.67 23.35
C ILE G 181 -25.72 -24.95 22.82
N THR G 182 -25.89 -24.71 21.53
CA THR G 182 -27.17 -24.87 20.88
C THR G 182 -26.96 -25.76 19.65
N PRO G 183 -26.84 -27.08 19.86
CA PRO G 183 -26.44 -27.98 18.78
C PRO G 183 -27.31 -27.73 17.54
N PRO G 184 -26.72 -27.81 16.33
CA PRO G 184 -25.36 -28.23 16.04
C PRO G 184 -24.30 -27.12 16.13
N THR G 185 -24.58 -25.99 16.79
CA THR G 185 -23.57 -24.93 16.94
C THR G 185 -23.28 -24.58 18.39
N ALA G 186 -22.16 -23.89 18.62
CA ALA G 186 -21.85 -23.30 19.93
C ALA G 186 -21.33 -21.86 19.75
N GLN G 187 -21.77 -20.95 20.62
CA GLN G 187 -21.32 -19.55 20.59
C GLN G 187 -20.25 -19.30 21.65
N VAL G 188 -19.06 -18.93 21.18
CA VAL G 188 -17.93 -18.69 22.05
C VAL G 188 -17.85 -17.22 22.38
N ALA G 189 -17.72 -16.91 23.67
CA ALA G 189 -17.48 -15.55 24.13
C ALA G 189 -16.52 -15.61 25.30
N ALA G 190 -15.47 -14.79 25.24
CA ALA G 190 -14.43 -14.85 26.26
C ALA G 190 -13.92 -13.48 26.62
N VAL G 191 -13.34 -13.40 27.80
CA VAL G 191 -12.59 -12.22 28.22
C VAL G 191 -11.24 -12.68 28.80
N LEU G 192 -10.16 -12.04 28.37
CA LEU G 192 -8.84 -12.40 28.90
C LEU G 192 -8.23 -11.18 29.57
N LYS G 193 -7.83 -11.34 30.82
CA LYS G 193 -7.33 -10.22 31.62
C LYS G 193 -5.93 -10.50 32.19
N ILE G 194 -5.05 -9.50 32.10
CA ILE G 194 -3.74 -9.57 32.73
C ILE G 194 -3.64 -8.37 33.64
N GLN G 195 -2.96 -8.54 34.77
CA GLN G 195 -2.64 -7.41 35.66
C GLN G 195 -1.34 -7.58 36.46
N VAL G 196 -0.44 -6.60 36.33
CA VAL G 196 0.86 -6.66 36.95
C VAL G 196 1.10 -5.36 37.69
N HIS G 197 1.62 -5.50 38.90
CA HIS G 197 1.88 -4.37 39.79
C HIS G 197 3.31 -4.47 40.28
N TYR G 198 4.08 -3.41 40.03
CA TYR G 198 5.45 -3.27 40.51
C TYR G 198 5.52 -2.01 41.33
N TYR G 199 6.09 -2.11 42.52
CA TYR G 199 6.05 -1.00 43.46
C TYR G 199 7.27 -0.80 44.36
N GLU G 200 8.46 -1.15 43.86
CA GLU G 200 9.70 -0.84 44.59
C GLU G 200 10.12 0.56 44.23
N ASP G 201 10.03 1.46 45.20
CA ASP G 201 10.28 2.87 44.99
C ASP G 201 9.43 3.44 43.85
N GLY G 202 8.20 2.94 43.72
CA GLY G 202 7.25 3.50 42.79
C GLY G 202 5.95 2.71 42.70
N ASN G 203 5.12 3.07 41.70
CA ASN G 203 3.87 2.38 41.41
C ASN G 203 3.68 2.30 39.92
N VAL G 204 3.90 1.10 39.40
CA VAL G 204 3.81 0.84 37.99
C VAL G 204 2.93 -0.36 37.78
N GLN G 205 1.92 -0.19 36.90
CA GLN G 205 0.93 -1.24 36.66
C GLN G 205 0.61 -1.48 35.20
N LEU G 206 0.41 -2.75 34.86
CA LEU G 206 -0.04 -3.12 33.55
C LEU G 206 -1.46 -3.64 33.70
N VAL G 207 -2.41 -3.00 33.00
CA VAL G 207 -3.76 -3.55 32.91
C VAL G 207 -4.08 -3.81 31.45
N SER G 208 -4.58 -5.01 31.18
CA SER G 208 -4.90 -5.39 29.82
C SER G 208 -6.00 -6.41 29.85
N HIS G 209 -6.97 -6.25 28.96
CA HIS G 209 -7.96 -7.29 28.70
C HIS G 209 -8.27 -7.38 27.22
N LYS G 210 -8.72 -8.56 26.79
CA LYS G 210 -9.14 -8.77 25.41
C LYS G 210 -10.43 -9.54 25.36
N ASP G 211 -11.40 -9.02 24.59
CA ASP G 211 -12.65 -9.73 24.33
C ASP G 211 -12.48 -10.65 23.13
N ILE G 212 -13.06 -11.85 23.21
CA ILE G 212 -12.98 -12.80 22.11
C ILE G 212 -14.37 -13.36 21.87
N GLN G 213 -14.75 -13.42 20.61
CA GLN G 213 -16.07 -13.86 20.22
C GLN G 213 -15.94 -14.71 18.96
N ASP G 214 -16.63 -15.85 18.95
CA ASP G 214 -16.45 -16.86 17.90
C ASP G 214 -17.63 -17.81 17.87
N SER G 215 -17.75 -18.59 16.79
CA SER G 215 -18.78 -19.62 16.66
C SER G 215 -18.20 -20.91 16.10
N VAL G 216 -18.67 -22.06 16.59
CA VAL G 216 -18.20 -23.36 16.08
C VAL G 216 -19.27 -24.44 15.97
N GLN G 217 -19.01 -25.39 15.07
CA GLN G 217 -19.89 -26.52 14.84
C GLN G 217 -19.59 -27.68 15.83
N VAL G 218 -20.63 -28.27 16.43
CA VAL G 218 -20.45 -29.30 17.46
C VAL G 218 -20.79 -30.71 17.01
N SER G 219 -20.42 -31.69 17.84
CA SER G 219 -20.65 -33.12 17.59
C SER G 219 -20.96 -33.85 18.92
N SER G 220 -20.15 -34.86 19.28
CA SER G 220 -20.23 -35.52 20.59
C SER G 220 -19.48 -34.71 21.67
N ASP G 221 -19.94 -34.81 22.90
CA ASP G 221 -19.36 -34.04 24.01
C ASP G 221 -17.82 -34.13 24.11
N VAL G 222 -17.28 -35.35 24.08
CA VAL G 222 -15.83 -35.58 24.15
C VAL G 222 -15.10 -34.90 22.98
N GLN G 223 -15.67 -35.01 21.79
CA GLN G 223 -15.00 -34.56 20.56
C GLN G 223 -14.93 -33.03 20.47
N THR G 224 -15.91 -32.37 21.06
CA THR G 224 -15.96 -30.92 20.97
C THR G 224 -15.40 -30.26 22.23
N ALA G 225 -15.29 -31.01 23.31
CA ALA G 225 -14.54 -30.54 24.47
C ALA G 225 -13.09 -30.30 24.02
N LYS G 226 -12.59 -31.24 23.23
CA LYS G 226 -11.23 -31.16 22.71
C LYS G 226 -11.05 -30.00 21.74
N GLU G 227 -12.08 -29.72 20.95
CA GLU G 227 -12.01 -28.61 20.03
C GLU G 227 -12.10 -27.24 20.73
N PHE G 228 -12.93 -27.18 21.79
CA PHE G 228 -13.03 -25.99 22.64
C PHE G 228 -11.66 -25.60 23.16
N ILE G 229 -10.97 -26.58 23.74
CA ILE G 229 -9.65 -26.34 24.31
C ILE G 229 -8.70 -25.77 23.26
N LYS G 230 -8.74 -26.32 22.04
CA LYS G 230 -7.89 -25.82 20.97
C LYS G 230 -8.19 -24.36 20.65
N ILE G 231 -9.47 -23.98 20.65
CA ILE G 231 -9.86 -22.59 20.44
C ILE G 231 -9.28 -21.72 21.53
N ILE G 232 -9.41 -22.18 22.78
CA ILE G 232 -8.82 -21.48 23.93
C ILE G 232 -7.31 -21.31 23.79
N GLU G 233 -6.64 -22.40 23.40
CA GLU G 233 -5.18 -22.39 23.29
C GLU G 233 -4.74 -21.37 22.25
N ASN G 234 -5.41 -21.38 21.11
CA ASN G 234 -5.04 -20.51 20.01
C ASN G 234 -5.27 -19.04 20.32
N ALA G 235 -6.39 -18.77 20.97
CA ALA G 235 -6.79 -17.40 21.27
C ALA G 235 -5.89 -16.79 22.31
N GLU G 236 -5.49 -17.61 23.27
CA GLU G 236 -4.66 -17.16 24.38
C GLU G 236 -3.21 -16.92 23.96
N ASN G 237 -2.67 -17.82 23.14
CA ASN G 237 -1.35 -17.65 22.54
C ASN G 237 -1.23 -16.38 21.69
N GLU G 238 -2.22 -16.15 20.84
CA GLU G 238 -2.24 -14.93 20.06
C GLU G 238 -2.24 -13.72 20.97
N TYR G 239 -3.00 -13.79 22.06
CA TYR G 239 -3.07 -12.70 23.02
C TYR G 239 -1.71 -12.46 23.68
N GLN G 240 -1.10 -13.51 24.21
CA GLN G 240 0.20 -13.36 24.86
C GLN G 240 1.26 -12.90 23.87
N THR G 241 1.16 -13.34 22.63
CA THR G 241 2.09 -12.91 21.61
C THR G 241 1.91 -11.43 21.32
N ALA G 242 0.66 -11.03 21.08
CA ALA G 242 0.36 -9.62 20.85
C ALA G 242 0.92 -8.77 22.01
N ILE G 243 0.78 -9.27 23.24
CA ILE G 243 1.31 -8.57 24.40
C ILE G 243 2.81 -8.39 24.23
N SER G 244 3.51 -9.50 23.97
CA SER G 244 4.98 -9.48 23.84
C SER G 244 5.49 -8.62 22.69
N GLU G 245 4.76 -8.67 21.57
CA GLU G 245 5.04 -7.83 20.42
C GLU G 245 4.85 -6.35 20.73
N ASN G 246 3.77 -6.03 21.46
CA ASN G 246 3.49 -4.64 21.82
C ASN G 246 4.53 -4.10 22.78
N TYR G 247 4.99 -4.96 23.70
CA TYR G 247 6.09 -4.63 24.62
C TYR G 247 7.33 -4.22 23.84
N GLN G 248 7.63 -5.01 22.82
CA GLN G 248 8.74 -4.74 21.92
C GLN G 248 8.60 -3.34 21.32
N THR G 249 7.51 -3.12 20.57
CA THR G 249 7.26 -1.82 19.94
C THR G 249 7.41 -0.71 20.97
N MET G 250 6.77 -0.87 22.12
CA MET G 250 6.80 0.17 23.16
C MET G 250 8.23 0.53 23.52
N SER G 251 9.03 -0.51 23.76
CA SER G 251 10.41 -0.36 24.17
C SER G 251 11.30 0.31 23.12
N ASP G 252 11.41 -0.29 21.94
CA ASP G 252 12.38 0.21 20.97
C ASP G 252 11.86 1.26 19.97
N THR G 253 10.61 1.69 20.14
CA THR G 253 10.05 2.75 19.31
C THR G 253 9.56 3.92 20.12
N THR G 254 8.43 3.76 20.81
CA THR G 254 7.77 4.90 21.44
C THR G 254 8.47 5.40 22.69
N PHE G 255 9.19 4.51 23.39
CA PHE G 255 9.99 4.93 24.55
C PHE G 255 11.17 5.80 24.12
N LYS G 256 11.93 5.28 23.15
CA LYS G 256 13.02 6.00 22.48
C LYS G 256 12.60 7.40 21.97
N ALA G 257 11.33 7.52 21.64
CA ALA G 257 10.81 8.75 21.08
C ALA G 257 10.39 9.75 22.16
N LEU G 258 10.44 9.34 23.42
CA LEU G 258 9.99 10.22 24.50
C LEU G 258 11.15 11.05 25.03
N ARG G 259 12.15 10.38 25.59
CA ARG G 259 13.37 11.05 26.00
C ARG G 259 14.56 10.33 25.37
N ARG G 260 15.42 11.10 24.72
CA ARG G 260 16.67 10.56 24.25
C ARG G 260 17.50 9.99 25.41
N GLN G 261 18.47 9.15 25.07
CA GLN G 261 19.40 8.64 26.07
C GLN G 261 20.51 9.66 26.35
N LEU G 262 20.99 10.29 25.29
CA LEU G 262 21.97 11.36 25.37
C LEU G 262 21.55 12.33 24.29
N PRO G 263 21.94 13.62 24.41
CA PRO G 263 21.55 14.58 23.37
C PRO G 263 22.20 14.25 22.03
N VAL G 264 21.73 14.91 20.97
CA VAL G 264 22.19 14.61 19.63
C VAL G 264 23.71 14.81 19.47
N THR G 265 24.35 15.44 20.45
CA THR G 265 25.80 15.61 20.46
C THR G 265 26.53 14.40 21.06
N ARG G 266 25.79 13.31 21.25
CA ARG G 266 26.33 12.05 21.79
C ARG G 266 27.14 12.20 23.11
N THR G 267 27.02 13.37 23.75
CA THR G 267 27.71 13.63 25.01
C THR G 267 26.84 14.40 26.01
N LYS G 268 27.11 14.22 27.31
CA LYS G 268 26.39 14.94 28.39
C LYS G 268 26.41 16.46 28.16
N ILE G 269 25.51 17.15 28.85
CA ILE G 269 25.32 18.59 28.62
C ILE G 269 26.46 19.45 29.15
N ASP G 270 26.93 20.38 28.33
CA ASP G 270 27.86 21.42 28.78
C ASP G 270 27.05 22.57 29.38
N TRP G 271 27.05 22.68 30.70
CA TRP G 271 26.21 23.65 31.39
C TRP G 271 26.71 25.09 31.31
N ASN G 272 28.02 25.27 31.08
CA ASN G 272 28.57 26.60 30.83
C ASN G 272 27.95 27.23 29.61
N LYS G 273 27.83 26.44 28.54
CA LYS G 273 27.19 26.91 27.31
C LYS G 273 25.75 27.30 27.55
N ILE G 274 25.06 26.49 28.35
CA ILE G 274 23.64 26.73 28.66
C ILE G 274 23.43 28.07 29.37
N LEU G 275 24.37 28.42 30.24
CA LEU G 275 24.24 29.61 31.06
C LEU G 275 24.75 30.91 30.40
N SER G 276 25.32 30.81 29.19
CA SER G 276 25.75 32.00 28.45
C SER G 276 25.56 31.82 26.94
N ASP H 3 -0.02 12.08 61.78
CA ASP H 3 0.79 11.76 60.58
C ASP H 3 0.37 10.43 59.93
N GLN H 4 -0.09 9.50 60.77
CA GLN H 4 -0.30 8.09 60.40
C GLN H 4 -1.41 7.91 59.36
N GLN H 5 -2.34 8.87 59.36
CA GLN H 5 -3.39 8.99 58.34
C GLN H 5 -2.81 9.22 56.93
N LEU H 6 -1.93 10.23 56.82
CA LEU H 6 -1.24 10.52 55.57
C LEU H 6 -0.48 9.31 55.03
N ASP H 7 0.28 8.65 55.89
CA ASP H 7 1.01 7.44 55.49
C ASP H 7 0.13 6.38 54.82
N CYS H 8 -1.08 6.22 55.35
CA CYS H 8 -2.04 5.29 54.78
C CYS H 8 -2.48 5.71 53.41
N ALA H 9 -2.80 7.00 53.28
CA ALA H 9 -3.25 7.56 52.02
C ALA H 9 -2.19 7.34 50.94
N LEU H 10 -0.95 7.65 51.30
CA LEU H 10 0.15 7.53 50.36
C LEU H 10 0.39 6.07 50.01
N ASP H 11 0.25 5.18 51.01
CA ASP H 11 0.39 3.73 50.77
C ASP H 11 -0.70 3.20 49.86
N LEU H 12 -1.87 3.79 49.98
CA LEU H 12 -2.98 3.41 49.15
C LEU H 12 -2.70 3.89 47.74
N MET H 13 -2.28 5.15 47.59
CA MET H 13 -1.92 5.71 46.27
C MET H 13 -0.87 4.92 45.49
N ARG H 14 -0.04 4.15 46.18
CA ARG H 14 0.97 3.33 45.52
C ARG H 14 0.45 1.95 45.18
N ARG H 15 -0.85 1.75 45.36
CA ARG H 15 -1.44 0.44 45.10
C ARG H 15 -2.62 0.54 44.12
N LEU H 16 -3.40 1.60 44.24
CA LEU H 16 -4.48 1.85 43.30
C LEU H 16 -3.93 2.18 41.91
N PRO H 17 -4.56 1.65 40.84
CA PRO H 17 -4.00 1.72 39.49
C PRO H 17 -3.72 3.17 39.06
N PRO H 18 -2.47 3.44 38.66
CA PRO H 18 -2.01 4.79 38.36
C PRO H 18 -2.76 5.37 37.17
N GLN H 19 -3.44 4.50 36.43
CA GLN H 19 -4.27 4.93 35.33
C GLN H 19 -5.39 5.82 35.81
N GLN H 20 -5.85 5.62 37.04
CA GLN H 20 -6.84 6.52 37.67
C GLN H 20 -6.28 7.38 38.82
N ILE H 21 -5.05 7.86 38.68
CA ILE H 21 -4.47 8.72 39.72
C ILE H 21 -5.38 9.89 40.01
N GLU H 22 -5.74 10.66 38.99
CA GLU H 22 -6.43 11.93 39.19
C GLU H 22 -7.79 11.78 39.89
N LYS H 23 -8.56 10.79 39.44
CA LYS H 23 -9.90 10.54 39.96
C LYS H 23 -9.83 9.92 41.36
N ASN H 24 -8.77 9.16 41.63
CA ASN H 24 -8.59 8.54 42.93
C ASN H 24 -8.22 9.54 44.01
N LEU H 25 -7.34 10.48 43.67
CA LEU H 25 -6.93 11.52 44.60
C LEU H 25 -8.13 12.39 44.95
N SER H 26 -8.91 12.73 43.93
CA SER H 26 -10.16 13.47 44.12
C SER H 26 -11.01 12.80 45.21
N ASP H 27 -11.19 11.48 45.09
CA ASP H 27 -11.94 10.68 46.08
C ASP H 27 -11.26 10.60 47.43
N LEU H 28 -9.98 10.26 47.43
CA LEU H 28 -9.20 10.13 48.67
C LEU H 28 -9.28 11.37 49.56
N ILE H 29 -9.28 12.56 48.95
CA ILE H 29 -9.47 13.82 49.67
C ILE H 29 -10.88 13.93 50.27
N ASP H 30 -11.91 13.70 49.45
CA ASP H 30 -13.30 13.61 49.93
C ASP H 30 -13.45 12.66 51.12
N LEU H 31 -12.76 11.52 51.05
CA LEU H 31 -12.79 10.56 52.13
C LEU H 31 -12.16 11.08 53.44
N VAL H 32 -11.06 11.83 53.33
CA VAL H 32 -10.37 12.36 54.52
C VAL H 32 -9.98 13.84 54.34
N PRO H 33 -10.96 14.76 54.36
CA PRO H 33 -10.74 16.15 53.96
C PRO H 33 -9.66 16.89 54.73
N SER H 34 -9.38 16.48 55.96
CA SER H 34 -8.32 17.12 56.75
C SER H 34 -6.97 16.97 56.05
N LEU H 35 -6.78 15.83 55.39
CA LEU H 35 -5.51 15.49 54.72
C LEU H 35 -5.29 16.22 53.40
N CYS H 36 -6.31 16.94 52.94
CA CYS H 36 -6.28 17.60 51.63
C CYS H 36 -4.95 18.31 51.36
N GLU H 37 -4.77 19.47 51.98
CA GLU H 37 -3.55 20.26 51.84
C GLU H 37 -2.27 19.43 51.72
N ASP H 38 -2.17 18.40 52.56
CA ASP H 38 -1.01 17.52 52.57
C ASP H 38 -0.91 16.62 51.33
N LEU H 39 -2.02 15.95 50.99
CA LEU H 39 -2.09 15.06 49.83
C LEU H 39 -1.78 15.82 48.54
N LEU H 40 -2.49 16.93 48.33
CA LEU H 40 -2.24 17.78 47.17
C LEU H 40 -0.78 18.13 46.93
N SER H 41 0.02 18.17 47.99
CA SER H 41 1.44 18.53 47.87
C SER H 41 2.36 17.31 47.78
N SER H 42 1.86 16.15 48.19
CA SER H 42 2.73 14.96 48.26
C SER H 42 2.32 13.81 47.32
N VAL H 43 1.19 13.97 46.62
CA VAL H 43 0.76 12.98 45.64
C VAL H 43 0.96 13.56 44.23
N ASP H 44 1.76 12.86 43.43
CA ASP H 44 2.03 13.29 42.07
C ASP H 44 0.90 12.93 41.12
N GLN H 45 0.59 13.88 40.22
CA GLN H 45 -0.47 13.72 39.20
C GLN H 45 0.03 14.00 37.78
N PRO H 46 -0.50 13.28 36.77
CA PRO H 46 -0.14 13.56 35.37
C PRO H 46 -0.25 15.05 35.12
N LEU H 47 0.76 15.66 34.52
CA LEU H 47 0.83 17.10 34.42
C LEU H 47 -0.11 17.64 33.36
N LYS H 48 -0.87 18.69 33.69
CA LYS H 48 -1.77 19.33 32.74
C LYS H 48 -1.12 20.54 32.09
N ILE H 49 -1.54 20.85 30.86
CA ILE H 49 -1.03 21.99 30.14
C ILE H 49 -2.07 23.11 30.14
N ALA H 50 -1.66 24.29 30.58
CA ALA H 50 -2.50 25.47 30.45
C ALA H 50 -1.85 26.46 29.47
N ARG H 51 -2.60 27.47 29.08
CA ARG H 51 -2.17 28.39 28.05
C ARG H 51 -2.11 29.84 28.51
N ASP H 52 -0.91 30.38 28.62
CA ASP H 52 -0.72 31.78 28.96
C ASP H 52 -1.10 32.66 27.76
N LYS H 53 -2.30 33.21 27.79
CA LYS H 53 -2.83 33.98 26.68
C LYS H 53 -2.05 35.29 26.40
N VAL H 54 -1.33 35.80 27.39
CA VAL H 54 -0.60 37.06 27.28
C VAL H 54 0.61 36.92 26.34
N VAL H 55 1.52 35.99 26.65
CA VAL H 55 2.72 35.77 25.81
C VAL H 55 2.54 34.70 24.73
N GLY H 56 1.36 34.06 24.73
CA GLY H 56 1.04 33.00 23.75
C GLY H 56 1.83 31.71 23.88
N LYS H 57 2.15 31.30 25.12
CA LYS H 57 2.92 30.07 25.35
C LYS H 57 2.28 29.14 26.39
N ASP H 58 2.51 27.84 26.24
CA ASP H 58 1.98 26.85 27.18
C ASP H 58 2.78 26.82 28.47
N TYR H 59 2.11 26.45 29.57
CA TYR H 59 2.82 26.16 30.83
C TYR H 59 2.22 24.98 31.56
N LEU H 60 3.01 24.32 32.39
CA LEU H 60 2.56 23.12 33.08
C LEU H 60 2.01 23.42 34.48
N LEU H 61 1.13 22.53 34.96
CA LEU H 61 0.40 22.77 36.22
C LEU H 61 0.62 21.67 37.25
N CYS H 62 1.08 22.07 38.43
CA CYS H 62 1.20 21.17 39.59
C CYS H 62 0.77 21.97 40.81
N ASP H 63 0.91 21.38 41.99
CA ASP H 63 0.53 22.08 43.23
C ASP H 63 1.37 23.33 43.51
N TYR H 64 2.64 23.30 43.09
CA TYR H 64 3.61 24.34 43.44
C TYR H 64 3.44 25.67 42.71
N ASN H 65 2.55 25.73 41.74
CA ASN H 65 2.23 27.02 41.12
C ASN H 65 0.74 27.31 41.22
N ARG H 66 0.09 26.53 42.07
CA ARG H 66 -1.31 26.73 42.37
C ARG H 66 -1.44 27.61 43.62
N ASP H 67 -2.42 28.52 43.57
CA ASP H 67 -2.89 29.21 44.76
C ASP H 67 -4.39 29.35 44.71
N GLY H 68 -5.07 28.70 45.65
CA GLY H 68 -6.52 28.61 45.64
C GLY H 68 -6.90 27.71 44.49
N ASP H 69 -7.59 28.28 43.50
CA ASP H 69 -7.93 27.55 42.28
C ASP H 69 -7.32 28.22 41.06
N SER H 70 -6.24 28.98 41.28
CA SER H 70 -5.56 29.64 40.18
C SER H 70 -4.14 29.13 40.03
N TYR H 71 -3.56 29.34 38.85
CA TYR H 71 -2.19 28.91 38.57
C TYR H 71 -1.33 30.04 38.05
N ARG H 72 -0.06 30.02 38.44
CA ARG H 72 0.90 31.06 38.05
C ARG H 72 1.68 30.63 36.80
N SER H 73 1.56 31.44 35.75
CA SER H 73 2.33 31.27 34.52
C SER H 73 3.75 31.77 34.74
N PRO H 74 4.77 30.93 34.46
CA PRO H 74 6.17 31.35 34.59
C PRO H 74 6.55 32.39 33.53
N TRP H 75 5.72 32.53 32.52
CA TRP H 75 6.02 33.45 31.45
C TRP H 75 5.63 34.88 31.81
N SER H 76 4.39 35.08 32.22
CA SER H 76 3.93 36.44 32.51
C SER H 76 3.90 36.76 34.01
N ASN H 77 4.25 35.76 34.82
CA ASN H 77 4.32 35.87 36.30
C ASN H 77 3.00 36.32 36.95
N LYS H 78 1.89 35.91 36.34
CA LYS H 78 0.57 36.27 36.82
C LYS H 78 -0.31 35.03 37.05
N TYR H 79 -1.39 35.22 37.79
CA TYR H 79 -2.28 34.11 38.09
C TYR H 79 -3.45 34.02 37.12
N ASP H 80 -3.90 32.79 36.88
CA ASP H 80 -5.08 32.52 36.07
C ASP H 80 -5.92 31.36 36.63
N PRO H 81 -7.23 31.61 36.86
CA PRO H 81 -7.90 32.91 36.70
C PRO H 81 -7.31 34.01 37.64
N PRO H 82 -7.49 35.31 37.31
CA PRO H 82 -6.74 36.34 38.03
C PRO H 82 -6.97 36.24 39.54
N LEU H 83 -5.95 36.60 40.33
CA LEU H 83 -6.06 36.43 41.78
C LEU H 83 -5.75 37.72 42.54
N GLU H 84 -6.51 37.95 43.61
CA GLU H 84 -6.32 39.09 44.53
C GLU H 84 -4.89 39.11 45.09
N ASP H 85 -4.59 38.21 46.03
CA ASP H 85 -3.28 38.16 46.64
C ASP H 85 -2.74 36.73 46.60
N GLY H 86 -1.98 36.45 45.54
CA GLY H 86 -1.41 35.12 45.34
C GLY H 86 0.04 35.05 45.75
N ALA H 87 0.48 33.86 46.15
CA ALA H 87 1.86 33.62 46.55
C ALA H 87 2.81 33.85 45.37
N MET H 88 3.70 34.83 45.52
CA MET H 88 4.63 35.19 44.46
C MET H 88 6.07 34.91 44.90
N PRO H 89 7.03 34.93 43.95
CA PRO H 89 8.42 34.92 44.41
C PRO H 89 9.00 36.33 44.53
N SER H 90 9.89 36.51 45.51
CA SER H 90 10.66 37.74 45.67
C SER H 90 11.34 38.16 44.35
N ALA H 91 11.32 39.46 44.05
CA ALA H 91 11.88 39.95 42.78
C ALA H 91 13.29 39.39 42.49
N ARG H 92 14.08 39.18 43.55
CA ARG H 92 15.39 38.52 43.44
C ARG H 92 15.22 37.13 42.82
N LEU H 93 14.32 36.34 43.40
CA LEU H 93 14.08 34.96 42.98
C LEU H 93 13.42 34.85 41.61
N ARG H 94 12.43 35.69 41.35
CA ARG H 94 11.77 35.75 40.06
C ARG H 94 12.79 35.81 38.93
N LYS H 95 13.84 36.59 39.14
CA LYS H 95 14.89 36.78 38.15
C LYS H 95 15.67 35.46 37.92
N LEU H 96 15.89 34.72 39.00
CA LEU H 96 16.57 33.43 38.91
C LEU H 96 15.65 32.41 38.28
N GLU H 97 14.36 32.50 38.62
CA GLU H 97 13.31 31.65 38.03
C GLU H 97 13.27 31.83 36.51
N VAL H 98 13.08 33.08 36.06
CA VAL H 98 13.04 33.37 34.65
C VAL H 98 14.29 32.79 33.93
N GLU H 99 15.45 32.80 34.59
CA GLU H 99 16.67 32.19 34.04
C GLU H 99 16.57 30.67 34.01
N ALA H 100 16.17 30.08 35.13
CA ALA H 100 16.03 28.62 35.26
C ALA H 100 15.03 28.05 34.26
N ASN H 101 14.03 28.86 33.90
CA ASN H 101 13.10 28.48 32.87
C ASN H 101 13.77 28.44 31.50
N ASN H 102 14.56 29.46 31.19
CA ASN H 102 15.33 29.50 29.94
C ASN H 102 16.35 28.37 29.83
N ALA H 103 16.97 28.05 30.96
CA ALA H 103 17.99 27.02 30.98
C ALA H 103 17.33 25.68 30.72
N PHE H 104 16.28 25.37 31.49
CA PHE H 104 15.65 24.06 31.38
C PHE H 104 14.83 23.88 30.09
N ASP H 105 14.49 25.02 29.48
CA ASP H 105 13.87 25.01 28.17
C ASP H 105 14.80 24.38 27.16
N GLN H 106 16.08 24.79 27.20
CA GLN H 106 17.11 24.23 26.33
C GLN H 106 17.39 22.78 26.69
N TYR H 107 17.49 22.51 27.98
CA TYR H 107 17.63 21.15 28.48
C TYR H 107 16.55 20.27 27.85
N ARG H 108 15.31 20.78 27.87
CA ARG H 108 14.17 20.04 27.34
C ARG H 108 14.39 19.71 25.88
N ASP H 109 14.67 20.74 25.07
CA ASP H 109 14.97 20.56 23.65
C ASP H 109 16.09 19.55 23.41
N LEU H 110 17.12 19.60 24.26
CA LEU H 110 18.28 18.76 24.11
C LEU H 110 18.01 17.29 24.32
N TYR H 111 17.11 16.97 25.23
CA TYR H 111 16.83 15.56 25.58
C TYR H 111 15.48 15.01 25.11
N PHE H 112 14.57 15.91 24.75
CA PHE H 112 13.21 15.53 24.40
C PHE H 112 12.80 15.94 23.00
N GLU H 113 13.58 16.85 22.41
CA GLU H 113 13.29 17.37 21.06
C GLU H 113 11.82 17.74 20.86
N GLY H 114 11.30 18.52 21.81
CA GLY H 114 9.89 18.93 21.82
C GLY H 114 9.34 18.90 23.23
N GLY H 115 8.02 18.85 23.34
CA GLY H 115 7.37 18.84 24.64
C GLY H 115 7.32 20.21 25.26
N VAL H 116 6.87 20.27 26.51
CA VAL H 116 6.74 21.52 27.26
C VAL H 116 7.54 21.44 28.55
N SER H 117 8.18 22.54 28.94
CA SER H 117 8.81 22.64 30.27
C SER H 117 8.39 23.89 31.04
N SER H 118 8.35 23.78 32.36
CA SER H 118 8.08 24.93 33.21
C SER H 118 8.85 24.74 34.51
N VAL H 119 9.38 25.85 35.03
CA VAL H 119 10.15 25.82 36.27
C VAL H 119 9.56 26.83 37.25
N TYR H 120 9.24 26.38 38.46
CA TYR H 120 8.76 27.29 39.49
C TYR H 120 9.64 27.26 40.72
N LEU H 121 10.05 28.45 41.14
CA LEU H 121 10.87 28.64 42.33
C LEU H 121 10.06 29.29 43.44
N TRP H 122 10.35 28.91 44.70
CA TRP H 122 9.78 29.64 45.82
C TRP H 122 10.78 29.79 46.95
N ASP H 123 10.55 30.82 47.79
CA ASP H 123 11.46 31.17 48.88
C ASP H 123 11.30 30.25 50.08
N LEU H 124 12.44 29.79 50.59
CA LEU H 124 12.46 28.99 51.83
C LEU H 124 13.10 29.79 52.99
N ASP H 125 13.58 29.10 54.03
CA ASP H 125 14.22 29.81 55.14
C ASP H 125 15.69 30.14 54.89
N HIS H 126 16.54 29.13 54.90
CA HIS H 126 17.97 29.33 54.66
C HIS H 126 18.39 28.88 53.29
N GLY H 127 17.66 29.41 52.30
CA GLY H 127 17.84 29.02 50.90
C GLY H 127 16.51 29.05 50.18
N PHE H 128 16.42 28.30 49.08
CA PHE H 128 15.19 28.25 48.29
C PHE H 128 14.90 26.84 47.75
N ALA H 129 13.72 26.71 47.14
CA ALA H 129 13.30 25.46 46.52
C ALA H 129 12.76 25.70 45.12
N GLY H 130 12.83 24.65 44.31
CA GLY H 130 12.28 24.71 42.95
C GLY H 130 11.59 23.43 42.49
N VAL H 131 10.72 23.60 41.49
CA VAL H 131 10.15 22.48 40.77
C VAL H 131 10.42 22.63 39.26
N ILE H 132 10.94 21.55 38.68
CA ILE H 132 11.17 21.49 37.24
C ILE H 132 10.24 20.45 36.62
N LEU H 133 9.41 20.92 35.68
CA LEU H 133 8.40 20.08 35.05
C LEU H 133 8.63 19.96 33.55
N ILE H 134 8.56 18.72 33.05
CA ILE H 134 8.66 18.46 31.62
C ILE H 134 7.59 17.46 31.22
N LYS H 135 6.89 17.77 30.12
CA LYS H 135 5.87 16.87 29.57
C LYS H 135 6.13 16.68 28.08
N LYS H 136 6.30 15.42 27.68
CA LYS H 136 6.52 15.06 26.29
C LYS H 136 5.56 13.95 25.88
N ALA H 137 4.89 14.15 24.74
CA ALA H 137 3.96 13.17 24.20
C ALA H 137 4.46 12.54 22.92
N GLY H 138 4.23 11.25 22.76
CA GLY H 138 4.57 10.54 21.52
C GLY H 138 3.54 10.80 20.42
N ASP H 139 3.91 10.49 19.18
CA ASP H 139 3.09 10.84 18.02
C ASP H 139 1.93 9.88 17.70
N GLY H 140 0.82 10.48 17.27
CA GLY H 140 -0.38 9.76 16.77
C GLY H 140 -0.25 9.18 15.35
N SER H 141 0.95 9.31 14.75
CA SER H 141 1.37 8.57 13.53
C SER H 141 1.60 7.03 13.77
N LYS H 142 2.22 6.69 14.91
CA LYS H 142 2.48 5.30 15.34
C LYS H 142 1.32 4.76 16.19
N LYS H 143 1.18 3.42 16.22
CA LYS H 143 -0.01 2.77 16.81
C LYS H 143 -0.17 2.78 18.34
N ILE H 144 0.81 3.34 19.03
CA ILE H 144 0.88 3.30 20.49
C ILE H 144 0.93 4.70 21.07
N LYS H 145 -0.04 5.06 21.91
CA LYS H 145 -0.04 6.36 22.59
C LYS H 145 0.98 6.30 23.72
N GLY H 146 1.76 7.36 23.84
CA GLY H 146 2.79 7.42 24.88
C GLY H 146 2.95 8.82 25.48
N CYS H 147 3.27 8.86 26.76
CA CYS H 147 3.52 10.13 27.44
C CYS H 147 4.55 10.05 28.56
N TRP H 148 5.27 11.15 28.73
CA TRP H 148 6.34 11.23 29.72
C TRP H 148 6.21 12.53 30.52
N ASP H 149 5.97 12.39 31.83
CA ASP H 149 5.92 13.53 32.77
C ASP H 149 7.11 13.48 33.72
N SER H 150 7.83 14.58 33.80
CA SER H 150 8.96 14.71 34.71
C SER H 150 8.62 15.66 35.83
N ILE H 151 8.80 15.22 37.08
CA ILE H 151 8.68 16.15 38.20
C ILE H 151 9.91 16.11 39.08
N HIS H 152 10.71 17.17 38.99
CA HIS H 152 11.93 17.31 39.78
C HIS H 152 11.73 18.41 40.82
N VAL H 153 11.80 18.02 42.10
CA VAL H 153 11.68 18.98 43.18
C VAL H 153 13.01 19.10 43.92
N VAL H 154 13.60 20.29 43.81
CA VAL H 154 14.91 20.54 44.40
C VAL H 154 14.82 21.51 45.57
N GLU H 155 15.64 21.23 46.59
CA GLU H 155 15.81 22.10 47.75
C GLU H 155 17.26 22.58 47.83
N VAL H 156 17.44 23.89 47.94
CA VAL H 156 18.78 24.47 48.08
C VAL H 156 18.97 25.08 49.47
N GLN H 157 19.91 24.52 50.24
CA GLN H 157 20.27 25.10 51.53
C GLN H 157 21.64 25.75 51.42
N GLU H 158 21.63 27.07 51.29
CA GLU H 158 22.87 27.86 51.23
C GLU H 158 23.56 27.91 52.59
N LYS H 159 24.88 27.69 52.58
CA LYS H 159 25.74 27.89 53.76
C LYS H 159 26.03 29.39 53.90
N SER H 160 26.40 29.82 55.12
CA SER H 160 26.56 31.26 55.44
C SER H 160 27.66 31.98 54.62
N SER H 161 28.67 31.22 54.18
CA SER H 161 29.76 31.75 53.36
C SER H 161 29.34 32.21 51.94
N GLY H 162 28.41 31.47 51.32
CA GLY H 162 28.29 31.40 49.85
C GLY H 162 29.33 30.38 49.38
N ARG H 163 29.56 30.30 48.07
CA ARG H 163 30.60 29.39 47.51
C ARG H 163 30.41 27.87 47.73
N THR H 164 29.48 27.51 48.63
CA THR H 164 29.10 26.11 48.81
C THR H 164 27.64 25.98 49.28
N ALA H 165 26.93 24.99 48.74
CA ALA H 165 25.52 24.77 49.10
C ALA H 165 25.14 23.29 49.04
N HIS H 166 24.07 22.93 49.75
CA HIS H 166 23.60 21.55 49.83
C HIS H 166 22.27 21.39 49.08
N TYR H 167 22.24 20.42 48.16
CA TYR H 167 21.08 20.20 47.29
C TYR H 167 20.36 18.87 47.58
N LYS H 168 19.05 18.97 47.79
CA LYS H 168 18.19 17.80 47.94
C LYS H 168 17.32 17.70 46.71
N LEU H 169 17.41 16.57 46.02
CA LEU H 169 16.59 16.34 44.84
C LEU H 169 15.65 15.15 45.01
N THR H 170 14.37 15.40 44.79
CA THR H 170 13.36 14.34 44.73
C THR H 170 12.67 14.37 43.36
N SER H 171 12.93 13.33 42.58
CA SER H 171 12.48 13.28 41.20
C SER H 171 11.49 12.15 40.99
N THR H 172 10.41 12.47 40.28
CA THR H 172 9.46 11.47 39.84
C THR H 172 9.24 11.57 38.34
N VAL H 173 9.30 10.41 37.68
CA VAL H 173 8.96 10.34 36.26
C VAL H 173 7.72 9.49 36.09
N MET H 174 6.72 10.05 35.41
CA MET H 174 5.54 9.29 35.09
C MET H 174 5.53 8.88 33.63
N LEU H 175 5.45 7.56 33.40
CA LEU H 175 5.52 6.98 32.07
C LEU H 175 4.24 6.26 31.70
N TRP H 176 3.65 6.65 30.58
CA TRP H 176 2.37 6.12 30.14
C TRP H 176 2.41 5.52 28.73
N LEU H 177 2.07 4.25 28.62
CA LEU H 177 2.00 3.60 27.32
C LEU H 177 0.66 2.89 27.17
N GLN H 178 0.14 2.85 25.94
CA GLN H 178 -1.22 2.40 25.72
C GLN H 178 -1.56 2.07 24.25
N THR H 179 -2.29 0.97 24.00
CA THR H 179 -2.78 0.60 22.64
C THR H 179 -4.11 -0.13 22.59
N ASN H 180 -4.82 0.02 21.46
CA ASN H 180 -6.00 -0.78 21.17
C ASN H 180 -5.80 -1.67 19.96
N LYS H 181 -4.54 -2.01 19.67
CA LYS H 181 -4.21 -2.98 18.62
C LYS H 181 -5.00 -4.25 18.88
N THR H 182 -5.82 -4.65 17.90
CA THR H 182 -6.81 -5.73 18.06
C THR H 182 -6.20 -7.06 18.55
N GLY H 183 -4.92 -7.27 18.24
CA GLY H 183 -4.14 -8.42 18.69
C GLY H 183 -4.23 -8.66 20.18
N SER H 184 -4.10 -7.59 20.97
CA SER H 184 -4.08 -7.68 22.43
C SER H 184 -5.20 -6.89 23.16
N GLY H 185 -6.34 -6.71 22.52
CA GLY H 185 -7.45 -5.95 23.13
C GLY H 185 -7.00 -4.55 23.48
N THR H 186 -7.22 -4.13 24.74
CA THR H 186 -6.59 -2.91 25.26
C THR H 186 -5.39 -3.32 26.08
N MET H 187 -4.36 -2.49 26.04
CA MET H 187 -3.19 -2.72 26.86
C MET H 187 -2.68 -1.36 27.33
N ASN H 188 -2.73 -1.17 28.65
CA ASN H 188 -2.27 0.06 29.31
C ASN H 188 -1.18 -0.25 30.35
N LEU H 189 0.01 0.27 30.11
CA LEU H 189 1.13 0.07 30.99
C LEU H 189 1.53 1.46 31.43
N GLY H 190 1.24 1.77 32.69
CA GLY H 190 1.43 3.12 33.19
C GLY H 190 1.94 3.20 34.61
N GLY H 191 2.25 4.41 35.06
CA GLY H 191 2.75 4.61 36.41
C GLY H 191 3.95 5.52 36.49
N SER H 192 4.72 5.36 37.57
CA SER H 192 5.87 6.22 37.84
C SER H 192 6.88 5.59 38.79
N LEU H 193 8.10 6.14 38.77
CA LEU H 193 9.14 5.84 39.75
C LEU H 193 9.62 7.14 40.37
N THR H 194 10.11 7.04 41.62
CA THR H 194 10.71 8.20 42.32
C THR H 194 12.09 7.85 42.92
N ARG H 195 13.00 8.81 42.91
CA ARG H 195 14.34 8.62 43.47
C ARG H 195 14.86 9.86 44.19
N GLN H 196 15.93 9.70 44.98
CA GLN H 196 16.54 10.81 45.73
C GLN H 196 18.04 10.90 45.58
N MET H 197 18.52 12.10 45.25
CA MET H 197 19.94 12.42 45.35
C MET H 197 20.11 13.54 46.35
N GLU H 198 21.29 13.58 46.95
CA GLU H 198 21.61 14.57 47.97
C GLU H 198 23.09 14.87 47.84
N LYS H 199 23.43 16.12 47.53
CA LYS H 199 24.83 16.47 47.24
C LYS H 199 25.19 17.89 47.68
N ASP H 200 26.45 18.06 48.09
CA ASP H 200 27.04 19.39 48.28
C ASP H 200 27.84 19.74 47.03
N GLU H 201 27.85 21.02 46.65
CA GLU H 201 28.64 21.48 45.51
C GLU H 201 29.11 22.93 45.56
N THR H 202 30.18 23.19 44.84
CA THR H 202 30.77 24.52 44.74
C THR H 202 29.83 25.49 44.03
N VAL H 203 29.62 26.67 44.63
CA VAL H 203 28.86 27.74 43.99
C VAL H 203 29.80 28.86 43.57
N SER H 204 30.29 28.82 42.34
CA SER H 204 31.16 29.87 41.82
C SER H 204 30.40 30.73 40.82
N ASP H 205 31.13 31.50 40.03
CA ASP H 205 30.55 32.22 38.91
C ASP H 205 30.48 31.33 37.69
N SER H 206 31.52 30.53 37.51
CA SER H 206 31.59 29.59 36.40
C SER H 206 30.64 28.40 36.63
N SER H 207 30.28 28.15 37.89
CA SER H 207 29.34 27.08 38.26
C SER H 207 28.30 27.60 39.27
N PRO H 208 27.31 28.39 38.81
CA PRO H 208 26.25 28.92 39.69
C PRO H 208 25.21 27.88 40.14
N HIS H 209 24.06 28.37 40.57
CA HIS H 209 23.01 27.48 41.08
C HIS H 209 22.34 26.65 40.00
N ILE H 210 21.83 27.34 38.98
CA ILE H 210 21.15 26.72 37.86
C ILE H 210 22.01 25.60 37.26
N ALA H 211 23.31 25.87 37.12
CA ALA H 211 24.24 24.87 36.62
C ALA H 211 24.28 23.65 37.54
N ASN H 212 24.32 23.92 38.84
CA ASN H 212 24.40 22.84 39.82
C ASN H 212 23.15 21.99 39.84
N ILE H 213 22.00 22.67 39.84
CA ILE H 213 20.72 21.98 39.83
C ILE H 213 20.60 21.15 38.55
N GLY H 214 20.92 21.80 37.43
CA GLY H 214 20.90 21.17 36.12
C GLY H 214 21.62 19.82 36.04
N ARG H 215 22.90 19.81 36.41
CA ARG H 215 23.70 18.59 36.43
C ARG H 215 23.03 17.48 37.25
N LEU H 216 22.44 17.88 38.38
CA LEU H 216 21.74 16.93 39.25
C LEU H 216 20.51 16.33 38.58
N VAL H 217 19.69 17.20 37.99
CA VAL H 217 18.52 16.77 37.24
C VAL H 217 18.95 15.81 36.11
N GLU H 218 19.88 16.27 35.28
CA GLU H 218 20.40 15.48 34.15
C GLU H 218 20.81 14.06 34.55
N ASP H 219 21.54 13.97 35.64
CA ASP H 219 22.01 12.67 36.13
C ASP H 219 20.87 11.77 36.55
N MET H 220 19.93 12.36 37.28
CA MET H 220 18.78 11.65 37.82
C MET H 220 17.91 11.16 36.67
N GLU H 221 17.62 12.06 35.74
CA GLU H 221 16.74 11.77 34.63
C GLU H 221 17.34 10.69 33.73
N ASN H 222 18.66 10.75 33.55
CA ASN H 222 19.39 9.72 32.80
C ASN H 222 19.35 8.38 33.51
N LYS H 223 19.45 8.44 34.83
CA LYS H 223 19.46 7.23 35.65
C LYS H 223 18.07 6.61 35.70
N ILE H 224 17.04 7.45 35.73
CA ILE H 224 15.67 6.97 35.81
C ILE H 224 15.27 6.35 34.47
N ARG H 225 15.53 7.11 33.40
CA ARG H 225 15.23 6.70 32.02
C ARG H 225 15.71 5.27 31.86
N SER H 226 16.82 4.95 32.51
CA SER H 226 17.38 3.61 32.50
C SER H 226 16.49 2.61 33.28
N THR H 227 16.35 2.81 34.59
CA THR H 227 15.54 1.92 35.40
C THR H 227 14.09 1.79 34.89
N LEU H 228 13.52 2.90 34.41
CA LEU H 228 12.22 2.86 33.74
C LEU H 228 12.21 1.79 32.66
N ASN H 229 13.13 1.92 31.69
CA ASN H 229 13.23 0.98 30.59
C ASN H 229 13.33 -0.47 31.06
N GLU H 230 14.14 -0.67 32.10
CA GLU H 230 14.43 -1.99 32.64
C GLU H 230 13.23 -2.58 33.38
N ILE H 231 12.49 -1.74 34.12
CA ILE H 231 11.30 -2.20 34.87
C ILE H 231 10.07 -2.38 33.97
N TYR H 232 9.75 -1.35 33.18
CA TYR H 232 8.60 -1.37 32.30
C TYR H 232 8.68 -2.51 31.30
N PHE H 233 9.74 -2.55 30.49
CA PHE H 233 9.84 -3.50 29.37
C PHE H 233 10.61 -4.73 29.71
N GLY H 234 11.32 -4.70 30.84
CA GLY H 234 12.03 -5.87 31.36
C GLY H 234 11.24 -6.64 32.42
N LYS H 235 11.11 -6.05 33.61
CA LYS H 235 10.52 -6.72 34.77
C LYS H 235 9.05 -7.06 34.62
N THR H 236 8.20 -6.07 34.33
CA THR H 236 6.75 -6.32 34.23
C THR H 236 6.41 -7.39 33.18
N LYS H 237 7.17 -7.38 32.09
CA LYS H 237 7.00 -8.36 31.05
C LYS H 237 7.38 -9.78 31.51
N ASP H 238 8.46 -9.88 32.29
CA ASP H 238 8.93 -11.16 32.80
C ASP H 238 7.91 -11.76 33.77
N ILE H 239 7.32 -10.87 34.57
CA ILE H 239 6.22 -11.23 35.44
C ILE H 239 5.09 -11.84 34.61
N VAL H 240 4.67 -11.14 33.56
CA VAL H 240 3.66 -11.67 32.63
C VAL H 240 4.04 -13.06 32.14
N ASN H 241 5.25 -13.20 31.61
CA ASN H 241 5.71 -14.51 31.12
C ASN H 241 5.82 -15.60 32.20
N GLY H 242 5.94 -15.17 33.45
CA GLY H 242 5.90 -16.09 34.59
C GLY H 242 4.51 -16.52 35.04
N LEU H 243 3.47 -15.90 34.47
CA LEU H 243 2.08 -16.27 34.74
C LEU H 243 1.64 -17.38 33.82
N ARG H 244 2.13 -17.36 32.59
CA ARG H 244 1.70 -18.30 31.56
C ARG H 244 2.82 -18.55 30.56
N SER H 245 2.92 -19.77 30.08
CA SER H 245 3.95 -20.13 29.13
C SER H 245 3.34 -20.68 27.83
N ILE H 246 3.75 -20.13 26.68
CA ILE H 246 3.21 -20.60 25.40
C ILE H 246 3.64 -22.02 25.08
N ASP H 247 4.93 -22.30 25.14
CA ASP H 247 5.42 -23.68 25.00
C ASP H 247 5.03 -24.47 26.24
N ALA H 248 4.59 -25.71 26.04
CA ALA H 248 4.18 -26.56 27.15
C ALA H 248 5.32 -26.78 28.16
N ILE H 249 5.03 -26.49 29.43
CA ILE H 249 5.97 -26.66 30.53
C ILE H 249 6.32 -28.14 30.63
N PRO H 250 7.62 -28.48 30.56
CA PRO H 250 7.88 -29.93 30.61
C PRO H 250 7.67 -30.49 32.04
N ASP H 251 7.48 -31.82 32.16
CA ASP H 251 7.43 -32.52 33.47
C ASP H 251 8.06 -33.91 33.44
N ARG I 7 25.38 4.27 -35.96
CA ARG I 7 24.32 3.30 -35.54
C ARG I 7 23.68 3.62 -34.17
N VAL I 8 24.11 4.72 -33.55
CA VAL I 8 23.65 5.12 -32.22
C VAL I 8 22.94 6.49 -32.27
N SER I 9 21.75 6.57 -31.65
CA SER I 9 20.85 7.74 -31.75
C SER I 9 21.47 9.06 -31.34
N ASP I 10 21.16 10.12 -32.08
CA ASP I 10 21.70 11.45 -31.84
C ASP I 10 21.40 11.97 -30.45
N GLU I 11 20.35 11.45 -29.85
CA GLU I 11 19.96 11.82 -28.49
C GLU I 11 20.93 11.18 -27.49
N GLU I 12 21.35 9.95 -27.79
CA GLU I 12 22.38 9.28 -27.01
C GLU I 12 23.75 9.95 -27.17
N LYS I 13 24.15 10.25 -28.41
CA LYS I 13 25.45 10.86 -28.71
C LYS I 13 25.70 12.13 -27.89
N VAL I 14 24.67 12.94 -27.72
CA VAL I 14 24.80 14.18 -26.96
C VAL I 14 24.90 13.88 -25.46
N ARG I 15 24.22 12.83 -25.01
CA ARG I 15 24.29 12.38 -23.62
C ARG I 15 25.73 11.97 -23.22
N ILE I 16 26.39 11.20 -24.09
CA ILE I 16 27.80 10.88 -23.95
C ILE I 16 28.68 12.12 -23.96
N ALA I 17 28.40 13.03 -24.89
CA ALA I 17 29.16 14.26 -24.98
C ALA I 17 29.00 15.07 -23.71
N ALA I 18 27.82 15.02 -23.12
CA ALA I 18 27.55 15.75 -21.90
C ALA I 18 28.30 15.13 -20.74
N LYS I 19 28.20 13.80 -20.63
CA LYS I 19 28.97 13.03 -19.67
C LYS I 19 30.48 13.36 -19.70
N PHE I 20 31.09 13.30 -20.89
CA PHE I 20 32.50 13.67 -21.05
C PHE I 20 32.81 15.06 -20.51
N ILE I 21 31.99 16.06 -20.84
CA ILE I 21 32.26 17.43 -20.42
C ILE I 21 32.23 17.52 -18.91
N THR I 22 31.19 16.98 -18.28
CA THR I 22 31.07 17.04 -16.81
C THR I 22 32.29 16.48 -16.07
N HIS I 23 32.99 15.57 -16.73
CA HIS I 23 34.07 14.83 -16.11
C HIS I 23 35.44 15.41 -16.42
N ALA I 24 35.47 16.59 -17.02
CA ALA I 24 36.73 17.25 -17.37
C ALA I 24 37.58 17.56 -16.13
N PRO I 25 38.86 17.11 -16.12
CA PRO I 25 39.70 17.36 -14.97
C PRO I 25 39.81 18.86 -14.68
N PRO I 26 40.09 19.23 -13.42
CA PRO I 26 40.14 20.65 -13.04
C PRO I 26 41.12 21.42 -13.91
N GLY I 27 40.68 22.61 -14.36
CA GLY I 27 41.49 23.53 -15.18
C GLY I 27 41.85 23.01 -16.55
N GLU I 28 40.99 22.16 -17.10
CA GLU I 28 41.16 21.56 -18.41
C GLU I 28 39.80 21.43 -19.09
N PHE I 29 38.90 22.35 -18.74
CA PHE I 29 37.54 22.29 -19.25
C PHE I 29 37.53 22.54 -20.73
N ASN I 30 38.17 23.64 -21.11
CA ASN I 30 38.32 24.05 -22.50
C ASN I 30 38.81 22.93 -23.38
N GLU I 31 39.99 22.40 -23.03
CA GLU I 31 40.59 21.30 -23.77
C GLU I 31 39.62 20.12 -23.98
N VAL I 32 38.93 19.71 -22.91
CA VAL I 32 37.96 18.61 -23.01
C VAL I 32 36.80 19.02 -23.90
N PHE I 33 36.29 20.23 -23.67
CA PHE I 33 35.19 20.77 -24.47
C PHE I 33 35.53 20.75 -25.96
N ASN I 34 36.66 21.37 -26.32
CA ASN I 34 37.12 21.37 -27.69
C ASN I 34 37.18 19.96 -28.25
N ASP I 35 37.79 19.04 -27.52
CA ASP I 35 37.83 17.66 -27.95
C ASP I 35 36.43 17.10 -28.24
N VAL I 36 35.50 17.32 -27.31
CA VAL I 36 34.15 16.76 -27.40
C VAL I 36 33.40 17.36 -28.59
N ARG I 37 33.54 18.68 -28.76
CA ARG I 37 32.87 19.38 -29.84
C ARG I 37 33.23 18.81 -31.20
N LEU I 38 34.53 18.77 -31.48
CA LEU I 38 35.11 18.30 -32.74
C LEU I 38 34.73 16.87 -33.04
N LEU I 39 34.50 16.10 -31.98
CA LEU I 39 34.18 14.68 -32.14
C LEU I 39 32.70 14.45 -32.45
N LEU I 40 31.82 15.15 -31.73
CA LEU I 40 30.38 15.11 -31.96
C LEU I 40 30.01 15.67 -33.33
N ASN I 41 30.64 16.79 -33.68
CA ASN I 41 30.51 17.41 -34.98
C ASN I 41 29.07 17.84 -35.28
N ASN I 42 28.52 18.62 -34.37
CA ASN I 42 27.12 19.02 -34.43
C ASN I 42 26.83 20.12 -33.42
N ASP I 43 27.38 21.30 -33.64
CA ASP I 43 27.20 22.45 -32.75
C ASP I 43 25.74 22.70 -32.36
N ASN I 44 24.81 22.16 -33.13
CA ASN I 44 23.38 22.26 -32.82
C ASN I 44 22.96 21.35 -31.71
N LEU I 45 23.43 20.10 -31.75
CA LEU I 45 23.19 19.17 -30.66
C LEU I 45 23.88 19.61 -29.39
N LEU I 46 25.09 20.12 -29.53
CA LEU I 46 25.86 20.58 -28.39
C LEU I 46 25.10 21.63 -27.58
N ARG I 47 24.70 22.72 -28.22
CA ARG I 47 24.07 23.87 -27.53
C ARG I 47 22.77 23.53 -26.81
N GLU I 48 22.06 22.52 -27.29
CA GLU I 48 20.81 22.09 -26.65
C GLU I 48 21.05 21.06 -25.54
N GLY I 49 21.34 19.81 -25.93
CA GLY I 49 21.52 18.70 -25.00
C GLY I 49 22.73 18.76 -24.07
N ALA I 50 23.55 19.79 -24.20
CA ALA I 50 24.74 19.92 -23.36
C ALA I 50 24.81 21.23 -22.58
N ALA I 51 23.89 22.15 -22.83
CA ALA I 51 23.80 23.42 -22.07
C ALA I 51 23.74 23.15 -20.56
N HIS I 52 23.02 22.09 -20.21
CA HIS I 52 22.90 21.62 -18.82
C HIS I 52 24.25 21.21 -18.21
N ALA I 53 25.12 20.61 -19.04
CA ALA I 53 26.44 20.14 -18.61
C ALA I 53 27.43 21.26 -18.25
N PHE I 54 27.48 22.32 -19.06
CA PHE I 54 28.41 23.44 -18.80
C PHE I 54 28.19 24.03 -17.43
N ALA I 55 26.92 24.27 -17.10
CA ALA I 55 26.54 24.88 -15.84
C ALA I 55 26.81 23.94 -14.66
N GLN I 56 26.42 22.67 -14.84
CA GLN I 56 26.57 21.66 -13.80
C GLN I 56 28.04 21.53 -13.42
N TYR I 57 28.91 21.56 -14.42
CA TYR I 57 30.35 21.45 -14.19
C TYR I 57 30.85 22.57 -13.31
N ASN I 58 30.50 23.81 -13.63
CA ASN I 58 30.98 24.95 -12.85
C ASN I 58 30.50 24.97 -11.41
N MET I 59 29.25 24.53 -11.19
CA MET I 59 28.69 24.45 -9.84
C MET I 59 29.30 23.28 -9.09
N ASP I 60 29.55 22.21 -9.82
CA ASP I 60 30.16 21.00 -9.32
C ASP I 60 31.59 21.25 -8.87
N GLN I 61 32.29 22.12 -9.60
CA GLN I 61 33.72 22.35 -9.36
C GLN I 61 33.99 23.53 -8.47
N PHE I 62 32.95 24.22 -8.01
CA PHE I 62 33.09 25.41 -7.17
C PHE I 62 34.00 26.44 -7.82
N THR I 63 33.78 26.70 -9.10
CA THR I 63 34.62 27.61 -9.90
C THR I 63 34.63 29.00 -9.28
N PRO I 64 35.82 29.47 -8.87
CA PRO I 64 35.93 30.85 -8.40
C PRO I 64 35.81 31.79 -9.59
N VAL I 65 35.25 32.98 -9.37
CA VAL I 65 35.14 33.98 -10.43
C VAL I 65 35.31 35.40 -9.89
N LYS I 66 36.07 36.21 -10.61
CA LYS I 66 36.27 37.62 -10.26
C LYS I 66 35.08 38.45 -10.74
N ILE I 67 34.56 39.29 -9.85
CA ILE I 67 33.56 40.28 -10.24
C ILE I 67 34.24 41.65 -10.21
N GLU I 68 33.95 42.45 -11.24
CA GLU I 68 34.67 43.70 -11.47
C GLU I 68 34.44 44.72 -10.37
N GLY I 69 35.54 45.25 -9.84
CA GLY I 69 35.52 46.24 -8.74
C GLY I 69 35.37 45.65 -7.36
N TYR I 70 35.37 44.32 -7.27
CA TYR I 70 35.20 43.64 -5.99
C TYR I 70 36.35 42.71 -5.66
N ASP I 71 36.79 42.78 -4.40
CA ASP I 71 37.72 41.79 -3.84
C ASP I 71 37.17 41.19 -2.51
N ASP I 72 37.09 39.87 -2.43
CA ASP I 72 37.56 39.03 -3.53
C ASP I 72 36.52 38.19 -4.23
N GLN I 73 36.99 37.13 -4.87
CA GLN I 73 36.17 36.31 -5.76
C GLN I 73 35.08 35.53 -5.02
N VAL I 74 34.12 35.01 -5.78
CA VAL I 74 33.01 34.26 -5.23
C VAL I 74 32.89 32.94 -5.99
N LEU I 75 32.31 31.93 -5.35
CA LEU I 75 32.24 30.60 -5.94
C LEU I 75 30.91 30.36 -6.63
N ILE I 76 30.98 29.71 -7.78
CA ILE I 76 29.77 29.28 -8.47
C ILE I 76 29.39 27.91 -7.92
N THR I 77 28.35 27.91 -7.08
CA THR I 77 27.82 26.65 -6.52
C THR I 77 26.36 26.49 -6.92
N GLU I 78 25.76 25.39 -6.53
CA GLU I 78 24.32 25.24 -6.74
C GLU I 78 23.56 26.06 -5.71
N HIS I 79 24.24 26.54 -4.67
CA HIS I 79 23.60 27.29 -3.59
C HIS I 79 23.49 28.77 -3.92
N GLY I 80 24.18 29.20 -4.97
CA GLY I 80 24.12 30.58 -5.44
C GLY I 80 23.27 30.75 -6.69
N ASP I 81 22.83 29.61 -7.25
CA ASP I 81 22.02 29.55 -8.46
C ASP I 81 20.65 30.16 -8.24
N LEU I 82 20.27 31.10 -9.09
CA LEU I 82 18.99 31.81 -8.92
C LEU I 82 18.04 31.60 -10.11
N GLY I 83 18.29 30.54 -10.89
CA GLY I 83 17.68 30.42 -12.23
C GLY I 83 18.28 31.50 -13.13
N ASN I 84 17.56 31.85 -14.20
CA ASN I 84 18.03 32.87 -15.19
C ASN I 84 19.37 32.48 -15.82
N GLY I 85 20.42 32.74 -15.05
CA GLY I 85 21.82 32.55 -15.43
C GLY I 85 22.53 33.48 -14.46
N ARG I 86 21.93 33.63 -13.30
CA ARG I 86 22.40 34.57 -12.27
C ARG I 86 22.78 33.86 -10.98
N PHE I 87 23.83 34.37 -10.33
CA PHE I 87 24.37 33.78 -9.11
C PHE I 87 24.56 34.83 -8.01
N LEU I 88 24.40 34.37 -6.77
CA LEU I 88 24.41 35.27 -5.61
C LEU I 88 25.79 35.36 -4.98
N ASP I 89 26.20 36.58 -4.62
CA ASP I 89 27.40 36.78 -3.85
C ASP I 89 26.99 37.26 -2.45
N PRO I 90 26.81 36.32 -1.51
CA PRO I 90 26.29 36.67 -0.18
C PRO I 90 27.18 37.62 0.65
N ARG I 91 28.48 37.69 0.34
CA ARG I 91 29.34 38.62 1.10
C ARG I 91 29.00 40.07 0.75
N ASN I 92 28.95 40.33 -0.55
CA ASN I 92 28.66 41.67 -1.06
C ASN I 92 27.17 41.97 -1.22
N LYS I 93 26.34 40.94 -1.00
CA LYS I 93 24.89 41.05 -1.14
C LYS I 93 24.54 41.57 -2.54
N ILE I 94 25.11 40.94 -3.56
CA ILE I 94 24.84 41.31 -4.95
C ILE I 94 24.55 40.10 -5.85
N SER I 95 23.80 40.36 -6.91
CA SER I 95 23.50 39.36 -7.91
C SER I 95 24.35 39.66 -9.14
N PHE I 96 24.65 38.63 -9.92
CA PHE I 96 25.42 38.82 -11.15
C PHE I 96 25.09 37.75 -12.20
N LYS I 97 25.32 38.09 -13.46
CA LYS I 97 25.15 37.14 -14.55
C LYS I 97 26.45 36.39 -14.80
N PHE I 98 26.32 35.19 -15.35
CA PHE I 98 27.46 34.30 -15.54
C PHE I 98 27.35 33.55 -16.87
N ASP I 99 28.43 33.61 -17.65
CA ASP I 99 28.54 32.78 -18.83
C ASP I 99 29.36 31.54 -18.49
N HIS I 100 28.68 30.39 -18.54
CA HIS I 100 29.28 29.10 -18.17
C HIS I 100 30.38 28.60 -19.11
N LEU I 101 30.37 29.05 -20.36
CA LEU I 101 31.37 28.62 -21.34
C LEU I 101 32.66 29.45 -21.27
N ARG I 102 32.55 30.74 -20.95
CA ARG I 102 33.72 31.58 -20.93
C ARG I 102 34.03 32.18 -19.55
N LYS I 103 33.44 31.60 -18.50
CA LYS I 103 33.76 31.94 -17.10
C LYS I 103 33.71 33.45 -16.84
N GLU I 104 32.68 34.11 -17.38
CA GLU I 104 32.59 35.57 -17.32
C GLU I 104 31.46 36.10 -16.44
N ALA I 105 31.83 36.97 -15.49
CA ALA I 105 30.88 37.53 -14.55
C ALA I 105 30.52 38.98 -14.89
N SER I 106 29.37 39.15 -15.54
CA SER I 106 28.85 40.46 -15.94
C SER I 106 27.63 40.89 -15.09
N ASP I 107 27.40 42.19 -15.01
CA ASP I 107 26.14 42.75 -14.49
C ASP I 107 26.00 42.78 -12.96
N PRO I 108 26.95 43.45 -12.25
CA PRO I 108 26.80 43.60 -10.80
C PRO I 108 25.49 44.32 -10.41
N GLN I 109 24.64 43.64 -9.65
CA GLN I 109 23.29 44.13 -9.32
C GLN I 109 22.97 44.03 -7.82
N PRO I 110 22.93 45.17 -7.10
CA PRO I 110 22.54 45.13 -5.68
C PRO I 110 21.36 44.17 -5.39
N GLU I 111 21.50 43.36 -4.35
CA GLU I 111 20.53 42.30 -4.04
C GLU I 111 20.16 42.28 -2.54
N ASP I 112 18.92 41.91 -2.25
CA ASP I 112 18.42 41.93 -0.88
C ASP I 112 18.44 40.52 -0.25
N THR I 113 19.18 40.39 0.86
CA THR I 113 19.30 39.13 1.59
C THR I 113 18.20 38.92 2.67
N GLU I 114 17.65 37.70 2.74
CA GLU I 114 16.71 37.33 3.83
C GLU I 114 17.39 37.47 5.20
N SER I 115 17.19 38.64 5.82
CA SER I 115 17.84 38.99 7.08
C SER I 115 17.54 38.01 8.24
N ALA I 116 16.93 36.88 7.90
CA ALA I 116 16.67 35.79 8.85
C ALA I 116 17.96 35.23 9.46
N LEU I 117 18.94 34.92 8.59
CA LEU I 117 20.23 34.40 9.06
C LEU I 117 21.39 35.39 8.91
N LYS I 118 21.15 36.50 8.20
CA LYS I 118 22.21 37.45 7.85
C LYS I 118 23.32 37.51 8.89
N GLN I 119 22.93 37.67 10.15
CA GLN I 119 23.87 37.89 11.24
C GLN I 119 24.78 36.69 11.54
N TRP I 120 24.19 35.49 11.54
CA TRP I 120 24.93 34.23 11.68
C TRP I 120 25.89 34.03 10.52
N ARG I 121 25.39 34.29 9.31
CA ARG I 121 26.15 34.13 8.09
C ARG I 121 27.40 35.01 8.06
N ASP I 122 27.28 36.25 8.52
CA ASP I 122 28.39 37.19 8.54
C ASP I 122 29.49 36.76 9.49
N ALA I 123 29.10 36.21 10.64
CA ALA I 123 30.07 35.75 11.65
C ALA I 123 30.83 34.47 11.21
N CYS I 124 30.22 33.68 10.33
CA CYS I 124 30.88 32.54 9.72
C CYS I 124 31.80 32.99 8.58
N ASP I 125 31.19 33.54 7.53
CA ASP I 125 31.87 34.19 6.39
C ASP I 125 33.10 34.97 6.84
N SER I 126 33.02 35.53 8.04
CA SER I 126 34.11 36.29 8.63
C SER I 126 35.23 35.40 9.15
N ALA I 127 34.86 34.41 9.96
CA ALA I 127 35.82 33.52 10.62
C ALA I 127 36.42 32.51 9.67
N LEU I 128 35.63 32.15 8.65
CA LEU I 128 36.08 31.22 7.61
C LEU I 128 37.08 31.88 6.68
N ARG I 129 36.84 33.17 6.40
CA ARG I 129 37.77 33.99 5.62
C ARG I 129 39.17 33.93 6.20
N ALA I 130 39.27 34.11 7.51
CA ALA I 130 40.55 34.05 8.21
C ALA I 130 41.19 32.67 8.14
N TYR I 131 40.37 31.63 8.26
CA TYR I 131 40.84 30.24 8.21
C TYR I 131 41.38 29.89 6.83
N VAL I 132 40.62 30.23 5.80
CA VAL I 132 41.01 29.98 4.43
C VAL I 132 42.37 30.64 4.16
N LYS I 133 42.47 31.91 4.54
CA LYS I 133 43.71 32.68 4.42
C LYS I 133 44.90 31.96 5.06
N ASP I 134 44.66 31.26 6.17
CA ASP I 134 45.69 30.59 6.95
C ASP I 134 46.17 29.28 6.36
N HIS I 135 45.31 28.58 5.62
CA HIS I 135 45.59 27.17 5.28
C HIS I 135 45.51 26.81 3.80
N TYR I 136 45.02 27.76 2.99
CA TYR I 136 44.86 27.51 1.56
C TYR I 136 45.60 28.58 0.79
N PRO I 137 46.79 28.25 0.27
CA PRO I 137 47.63 29.24 -0.43
C PRO I 137 46.83 30.07 -1.44
N ASN I 138 46.15 29.41 -2.38
CA ASN I 138 45.30 30.13 -3.31
C ASN I 138 43.81 29.82 -3.09
N GLY I 139 43.35 30.05 -1.87
CA GLY I 139 42.00 29.70 -1.46
C GLY I 139 40.94 30.78 -1.61
N PHE I 140 39.73 30.34 -1.95
CA PHE I 140 38.54 31.20 -1.96
C PHE I 140 37.39 30.49 -1.26
N CYS I 141 36.55 31.26 -0.58
CA CYS I 141 35.40 30.68 0.09
C CYS I 141 34.14 31.54 0.01
N THR I 142 32.99 30.88 0.03
CA THR I 142 31.72 31.58 0.00
C THR I 142 30.83 30.89 1.02
N VAL I 143 30.20 31.68 1.89
CA VAL I 143 29.27 31.14 2.89
C VAL I 143 27.83 31.57 2.64
N TYR I 144 26.94 30.59 2.49
CA TYR I 144 25.52 30.85 2.28
C TYR I 144 24.71 30.67 3.59
N GLY I 145 23.62 31.42 3.71
CA GLY I 145 22.61 31.20 4.75
C GLY I 145 21.22 31.12 4.15
N LYS I 146 20.63 29.93 4.14
CA LYS I 146 19.31 29.71 3.52
C LYS I 146 18.52 28.59 4.21
N SER I 147 17.20 28.64 4.07
CA SER I 147 16.29 27.69 4.71
C SER I 147 16.06 26.43 3.87
N ILE I 148 16.32 25.27 4.45
CA ILE I 148 16.05 23.98 3.83
C ILE I 148 15.08 23.17 4.70
N ASP I 149 13.89 22.88 4.17
CA ASP I 149 12.82 22.17 4.89
C ASP I 149 12.52 22.86 6.22
N GLY I 150 12.27 24.17 6.16
CA GLY I 150 11.92 24.96 7.33
C GLY I 150 13.07 25.17 8.30
N GLN I 151 14.22 24.56 8.01
CA GLN I 151 15.38 24.59 8.91
C GLN I 151 16.51 25.50 8.42
N GLN I 152 17.00 26.35 9.32
CA GLN I 152 18.05 27.32 8.98
C GLN I 152 19.39 26.61 8.77
N THR I 153 19.89 26.69 7.55
CA THR I 153 21.15 26.03 7.21
C THR I 153 22.23 27.07 6.89
N ILE I 154 23.45 26.82 7.36
CA ILE I 154 24.61 27.58 6.91
C ILE I 154 25.53 26.67 6.11
N ILE I 155 25.80 27.06 4.86
CA ILE I 155 26.66 26.27 3.95
C ILE I 155 27.98 26.95 3.63
N ALA I 156 29.08 26.43 4.17
CA ALA I 156 30.40 26.98 3.92
C ALA I 156 31.07 26.19 2.82
N CYS I 157 31.53 26.90 1.78
CA CYS I 157 32.21 26.28 0.64
C CYS I 157 33.63 26.81 0.48
N ILE I 158 34.59 25.91 0.42
CA ILE I 158 36.00 26.28 0.22
C ILE I 158 36.52 25.71 -1.11
N GLU I 159 37.29 26.52 -1.83
CA GLU I 159 37.95 26.06 -3.05
C GLU I 159 39.39 26.51 -3.06
N SER I 160 40.26 25.62 -3.52
CA SER I 160 41.67 25.96 -3.72
C SER I 160 42.20 25.17 -4.90
N HIS I 161 42.87 25.86 -5.83
CA HIS I 161 43.47 25.16 -6.97
C HIS I 161 44.87 25.65 -7.34
N GLN I 162 45.60 24.79 -8.05
CA GLN I 162 46.89 25.11 -8.66
C GLN I 162 46.88 24.58 -10.08
N PHE I 163 46.88 25.50 -11.05
CA PHE I 163 46.90 25.14 -12.45
C PHE I 163 48.26 25.38 -13.09
N GLN I 164 48.87 24.31 -13.62
CA GLN I 164 50.11 24.48 -14.34
C GLN I 164 50.04 23.64 -15.61
N PRO I 165 49.31 24.16 -16.62
CA PRO I 165 49.11 23.36 -17.83
C PRO I 165 50.42 23.22 -18.58
N LYS I 166 51.30 24.21 -18.45
CA LYS I 166 52.64 24.16 -19.03
C LYS I 166 53.48 22.96 -18.55
N ASN I 167 53.18 22.50 -17.33
CA ASN I 167 53.89 21.37 -16.74
C ASN I 167 53.07 20.10 -16.70
N PHE I 168 51.94 20.13 -17.41
CA PHE I 168 51.03 18.99 -17.56
C PHE I 168 50.46 18.43 -16.26
N TRP I 169 50.21 19.31 -15.29
CA TRP I 169 49.49 18.91 -14.07
C TRP I 169 48.59 20.01 -13.53
N ASN I 170 47.45 19.59 -12.99
CA ASN I 170 46.50 20.50 -12.33
C ASN I 170 45.98 19.83 -11.05
N GLY I 171 45.58 20.64 -10.08
CA GLY I 171 44.99 20.13 -8.83
C GLY I 171 43.96 21.07 -8.22
N ARG I 172 42.99 20.49 -7.50
CA ARG I 172 41.94 21.26 -6.83
C ARG I 172 41.41 20.60 -5.59
N TRP I 173 41.16 21.43 -4.58
CA TRP I 173 40.51 21.02 -3.33
C TRP I 173 39.14 21.68 -3.22
N ARG I 174 38.13 20.89 -2.84
CA ARG I 174 36.80 21.44 -2.60
C ARG I 174 36.27 20.96 -1.26
N SER I 175 35.85 21.91 -0.44
CA SER I 175 35.14 21.60 0.80
C SER I 175 33.70 22.10 0.76
N GLU I 176 32.77 21.28 1.20
CA GLU I 176 31.40 21.76 1.39
C GLU I 176 30.89 21.35 2.78
N TRP I 177 30.73 22.35 3.65
CA TRP I 177 30.25 22.12 5.01
C TRP I 177 28.83 22.63 5.20
N LYS I 178 27.92 21.75 5.60
CA LYS I 178 26.56 22.15 5.91
C LYS I 178 26.28 22.09 7.42
N PHE I 179 25.89 23.25 7.97
CA PHE I 179 25.43 23.33 9.35
C PHE I 179 23.95 23.64 9.42
N THR I 180 23.11 22.62 9.64
CA THR I 180 21.68 22.88 9.92
C THR I 180 21.55 23.23 11.39
N ILE I 181 21.00 24.41 11.65
CA ILE I 181 21.01 25.03 12.96
C ILE I 181 19.64 25.01 13.65
N THR I 182 19.53 24.15 14.65
CA THR I 182 18.29 23.98 15.38
C THR I 182 18.61 24.15 16.88
N PRO I 183 18.71 25.42 17.35
CA PRO I 183 19.19 25.67 18.71
C PRO I 183 18.37 24.89 19.75
N PRO I 184 19.02 24.39 20.79
CA PRO I 184 20.43 24.55 21.13
C PRO I 184 21.44 23.63 20.42
N THR I 185 21.06 22.97 19.34
CA THR I 185 22.01 22.10 18.63
C THR I 185 22.23 22.50 17.15
N ALA I 186 23.31 21.99 16.56
CA ALA I 186 23.56 22.12 15.13
C ALA I 186 24.02 20.78 14.56
N GLN I 187 23.52 20.41 13.37
CA GLN I 187 23.97 19.18 12.70
C GLN I 187 24.99 19.51 11.63
N VAL I 188 26.17 18.94 11.79
CA VAL I 188 27.25 19.13 10.82
C VAL I 188 27.25 17.98 9.81
N ALA I 189 27.33 18.37 8.54
CA ALA I 189 27.48 17.43 7.44
C ALA I 189 28.41 18.05 6.41
N ALA I 190 29.42 17.30 6.01
CA ALA I 190 30.41 17.82 5.10
C ALA I 190 30.85 16.80 4.06
N VAL I 191 31.38 17.31 2.95
CA VAL I 191 32.07 16.48 1.98
C VAL I 191 33.43 17.15 1.65
N LEU I 192 34.50 16.38 1.66
CA LEU I 192 35.79 16.93 1.30
C LEU I 192 36.31 16.21 0.06
N LYS I 193 36.68 16.98 -0.96
CA LYS I 193 37.14 16.40 -2.23
C LYS I 193 38.53 16.90 -2.66
N ILE I 194 39.38 15.97 -3.10
CA ILE I 194 40.66 16.30 -3.72
C ILE I 194 40.71 15.69 -5.11
N GLN I 195 41.34 16.40 -6.04
CA GLN I 195 41.56 15.86 -7.38
C GLN I 195 42.84 16.40 -8.03
N VAL I 196 43.69 15.50 -8.46
CA VAL I 196 44.97 15.86 -9.06
C VAL I 196 45.15 15.12 -10.37
N HIS I 197 45.57 15.86 -11.38
CA HIS I 197 45.76 15.30 -12.71
C HIS I 197 47.18 15.59 -13.17
N TYR I 198 47.92 14.54 -13.52
CA TYR I 198 49.25 14.65 -14.09
C TYR I 198 49.25 13.95 -15.43
N TYR I 199 49.79 14.62 -16.45
CA TYR I 199 49.67 14.11 -17.80
C TYR I 199 50.84 14.39 -18.74
N GLU I 200 52.06 14.45 -18.21
CA GLU I 200 53.24 14.52 -19.08
C GLU I 200 53.64 13.11 -19.49
N ASP I 201 53.47 12.81 -20.77
CA ASP I 201 53.69 11.46 -21.26
C ASP I 201 52.87 10.38 -20.53
N GLY I 202 51.65 10.75 -20.13
CA GLY I 202 50.71 9.79 -19.55
C GLY I 202 49.45 10.43 -18.98
N ASN I 203 48.67 9.64 -18.27
CA ASN I 203 47.47 10.13 -17.60
C ASN I 203 47.32 9.47 -16.25
N VAL I 204 47.64 10.27 -15.22
CA VAL I 204 47.60 9.82 -13.84
C VAL I 204 46.76 10.78 -13.03
N GLN I 205 45.80 10.22 -12.30
CA GLN I 205 44.87 11.02 -11.52
C GLN I 205 44.64 10.51 -10.10
N LEU I 206 44.52 11.46 -9.17
CA LEU I 206 44.10 11.15 -7.82
C LEU I 206 42.69 11.67 -7.62
N VAL I 207 41.76 10.77 -7.28
CA VAL I 207 40.43 11.19 -6.84
C VAL I 207 40.16 10.69 -5.41
N SER I 208 39.73 11.60 -4.56
CA SER I 208 39.46 11.26 -3.18
C SER I 208 38.40 12.17 -2.64
N HIS I 209 37.51 11.58 -1.86
CA HIS I 209 36.55 12.36 -1.09
C HIS I 209 36.29 11.71 0.25
N LYS I 210 35.89 12.53 1.21
CA LYS I 210 35.54 12.06 2.55
C LYS I 210 34.28 12.73 3.05
N ASP I 211 33.33 11.91 3.52
CA ASP I 211 32.12 12.41 4.13
C ASP I 211 32.37 12.60 5.60
N ILE I 212 31.80 13.67 6.15
CA ILE I 212 31.97 14.00 7.56
C ILE I 212 30.62 14.37 8.13
N GLN I 213 30.32 13.79 9.28
CA GLN I 213 29.04 13.98 9.93
C GLN I 213 29.28 14.12 11.43
N ASP I 214 28.64 15.13 12.03
CA ASP I 214 28.88 15.52 13.42
C ASP I 214 27.71 16.36 13.99
N SER I 215 27.66 16.47 15.31
CA SER I 215 26.66 17.30 16.00
C SER I 215 27.31 18.12 17.11
N VAL I 216 26.87 19.38 17.27
CA VAL I 216 27.40 20.24 18.32
C VAL I 216 26.37 21.14 19.00
N GLN I 217 26.67 21.50 20.25
CA GLN I 217 25.81 22.37 21.04
C GLN I 217 26.13 23.83 20.74
N VAL I 218 25.09 24.66 20.56
CA VAL I 218 25.27 26.07 20.18
C VAL I 218 25.02 27.09 21.29
N SER I 219 25.43 28.34 21.04
CA SER I 219 25.25 29.48 21.95
C SER I 219 24.96 30.75 21.12
N SER I 220 25.75 31.82 21.30
CA SER I 220 25.61 33.04 20.49
C SER I 220 26.27 32.84 19.13
N ASP I 221 25.77 33.55 18.12
CA ASP I 221 26.27 33.42 16.74
C ASP I 221 27.81 33.54 16.62
N VAL I 222 28.40 34.57 17.24
CA VAL I 222 29.85 34.79 17.20
C VAL I 222 30.63 33.64 17.87
N GLN I 223 30.11 33.14 18.99
CA GLN I 223 30.81 32.15 19.79
C GLN I 223 30.83 30.77 19.13
N THR I 224 29.80 30.48 18.34
CA THR I 224 29.71 29.18 17.69
C THR I 224 30.21 29.19 16.25
N ALA I 225 30.27 30.38 15.65
CA ALA I 225 30.95 30.53 14.37
C ALA I 225 32.40 30.12 14.57
N LYS I 226 32.97 30.52 15.71
CA LYS I 226 34.35 30.23 16.04
C LYS I 226 34.54 28.75 16.29
N GLU I 227 33.55 28.11 16.90
CA GLU I 227 33.63 26.67 17.15
C GLU I 227 33.45 25.84 15.85
N PHE I 228 32.56 26.29 14.97
CA PHE I 228 32.38 25.68 13.64
C PHE I 228 33.71 25.60 12.92
N ILE I 229 34.42 26.73 12.87
CA ILE I 229 35.71 26.79 12.19
C ILE I 229 36.68 25.76 12.77
N LYS I 230 36.72 25.63 14.10
CA LYS I 230 37.59 24.64 14.75
C LYS I 230 37.26 23.22 14.31
N ILE I 231 35.98 22.91 14.21
CA ILE I 231 35.55 21.59 13.71
C ILE I 231 36.05 21.37 12.28
N ILE I 232 35.90 22.39 11.44
CA ILE I 232 36.37 22.34 10.06
C ILE I 232 37.88 22.12 10.03
N GLU I 233 38.60 22.90 10.84
CA GLU I 233 40.07 22.82 10.86
C GLU I 233 40.50 21.40 11.24
N ASN I 234 39.90 20.87 12.29
CA ASN I 234 40.29 19.55 12.78
C ASN I 234 40.00 18.43 11.79
N ALA I 235 38.82 18.50 11.17
CA ALA I 235 38.35 17.46 10.25
C ALA I 235 39.20 17.43 9.00
N GLU I 236 39.59 18.61 8.53
CA GLU I 236 40.33 18.74 7.30
C GLU I 236 41.79 18.33 7.49
N ASN I 237 42.37 18.72 8.63
CA ASN I 237 43.73 18.31 8.98
C ASN I 237 43.85 16.80 9.06
N GLU I 238 42.87 16.16 9.71
CA GLU I 238 42.84 14.71 9.81
C GLU I 238 42.76 14.07 8.43
N TYR I 239 41.92 14.66 7.58
CA TYR I 239 41.82 14.21 6.21
C TYR I 239 43.16 14.32 5.45
N GLN I 240 43.75 15.51 5.45
CA GLN I 240 45.03 15.71 4.77
C GLN I 240 46.13 14.80 5.32
N THR I 241 46.09 14.55 6.62
CA THR I 241 47.05 13.67 7.25
C THR I 241 46.84 12.24 6.77
N ALA I 242 45.59 11.80 6.82
CA ALA I 242 45.24 10.45 6.38
C ALA I 242 45.71 10.26 4.92
N ILE I 243 45.52 11.28 4.09
CA ILE I 243 46.01 11.26 2.71
C ILE I 243 47.51 11.02 2.68
N SER I 244 48.26 11.87 3.39
CA SER I 244 49.73 11.76 3.41
C SER I 244 50.21 10.43 3.96
N GLU I 245 49.55 9.95 5.01
CA GLU I 245 49.86 8.65 5.59
C GLU I 245 49.63 7.50 4.59
N ASN I 246 48.51 7.56 3.88
CA ASN I 246 48.17 6.55 2.89
C ASN I 246 49.13 6.56 1.72
N TYR I 247 49.55 7.77 1.32
CA TYR I 247 50.61 7.92 0.33
C TYR I 247 51.85 7.16 0.77
N GLN I 248 52.22 7.34 2.04
CA GLN I 248 53.36 6.67 2.63
C GLN I 248 53.21 5.16 2.45
N THR I 249 52.16 4.60 3.03
CA THR I 249 51.91 3.16 2.95
C THR I 249 51.97 2.67 1.51
N MET I 250 51.26 3.37 0.61
CA MET I 250 51.23 3.01 -0.81
C MET I 250 52.62 2.88 -1.39
N SER I 251 53.46 3.88 -1.09
CA SER I 251 54.81 3.96 -1.61
C SER I 251 55.72 2.86 -1.08
N ASP I 252 55.90 2.78 0.23
CA ASP I 252 56.90 1.85 0.78
C ASP I 252 56.40 0.45 1.14
N THR I 253 55.13 0.18 0.86
CA THR I 253 54.56 -1.15 1.09
C THR I 253 54.00 -1.78 -0.17
N THR I 254 52.82 -1.32 -0.61
CA THR I 254 52.10 -1.96 -1.72
C THR I 254 52.75 -1.80 -3.08
N PHE I 255 53.43 -0.68 -3.32
CA PHE I 255 54.17 -0.48 -4.57
C PHE I 255 55.33 -1.47 -4.66
N LYS I 256 56.16 -1.48 -3.61
CA LYS I 256 57.31 -2.41 -3.47
C LYS I 256 56.88 -3.87 -3.72
N ALA I 257 55.62 -4.15 -3.42
CA ALA I 257 55.07 -5.48 -3.51
C ALA I 257 54.55 -5.84 -4.89
N LEU I 258 54.55 -4.86 -5.79
CA LEU I 258 54.02 -5.08 -7.14
C LEU I 258 55.12 -5.55 -8.07
N ARG I 259 56.11 -4.68 -8.30
CA ARG I 259 57.32 -5.06 -9.02
C ARG I 259 58.54 -4.77 -8.18
N ARG I 260 59.40 -5.77 -8.02
CA ARG I 260 60.71 -5.56 -7.43
C ARG I 260 61.52 -4.50 -8.20
N GLN I 261 62.54 -3.95 -7.54
CA GLN I 261 63.42 -2.99 -8.19
C GLN I 261 64.50 -3.73 -8.99
N LEU I 262 64.97 -4.82 -8.42
CA LEU I 262 65.89 -5.72 -9.08
C LEU I 262 65.49 -7.10 -8.61
N PRO I 263 65.83 -8.16 -9.37
CA PRO I 263 65.47 -9.52 -8.91
C PRO I 263 66.17 -9.92 -7.60
N VAL I 264 65.72 -11.02 -7.00
CA VAL I 264 66.25 -11.45 -5.70
C VAL I 264 67.78 -11.70 -5.74
N THR I 265 68.35 -11.74 -6.95
CA THR I 265 69.79 -11.88 -7.12
C THR I 265 70.52 -10.54 -7.06
N ARG I 266 69.83 -9.49 -6.65
CA ARG I 266 70.41 -8.13 -6.54
C ARG I 266 71.16 -7.63 -7.79
N THR I 267 70.95 -8.30 -8.93
CA THR I 267 71.58 -7.92 -10.20
C THR I 267 70.64 -8.09 -11.39
N LYS I 268 70.88 -7.30 -12.45
CA LYS I 268 70.12 -7.38 -13.71
C LYS I 268 70.09 -8.80 -14.28
N ILE I 269 69.15 -9.05 -15.19
CA ILE I 269 68.89 -10.41 -15.67
C ILE I 269 69.99 -10.88 -16.63
N ASP I 270 70.46 -12.11 -16.40
CA ASP I 270 71.33 -12.80 -17.36
C ASP I 270 70.47 -13.50 -18.41
N TRP I 271 70.44 -12.95 -19.62
CA TRP I 271 69.53 -13.43 -20.66
C TRP I 271 69.95 -14.73 -21.31
N ASN I 272 71.25 -15.04 -21.24
CA ASN I 272 71.76 -16.33 -21.72
C ASN I 272 71.15 -17.48 -20.93
N LYS I 273 71.12 -17.32 -19.61
CA LYS I 273 70.54 -18.33 -18.73
C LYS I 273 69.06 -18.50 -19.05
N ILE I 274 68.37 -17.38 -19.32
CA ILE I 274 66.94 -17.41 -19.63
C ILE I 274 66.65 -18.23 -20.88
N LEU I 275 67.55 -18.16 -21.86
CA LEU I 275 67.35 -18.79 -23.15
C LEU I 275 67.86 -20.22 -23.27
N SER I 276 68.48 -20.75 -22.21
CA SER I 276 68.89 -22.16 -22.16
C SER I 276 68.74 -22.78 -20.77
N ASP J 3 43.47 13.84 -40.95
CA ASP J 3 43.66 13.07 -39.69
C ASP J 3 43.91 13.98 -38.46
N GLN J 4 42.84 14.22 -37.72
CA GLN J 4 42.78 15.27 -36.71
C GLN J 4 41.73 14.88 -35.70
N GLN J 5 40.77 14.07 -36.16
CA GLN J 5 39.74 13.46 -35.30
C GLN J 5 40.33 12.56 -34.25
N LEU J 6 41.16 11.60 -34.69
CA LEU J 6 41.90 10.69 -33.80
C LEU J 6 42.71 11.45 -32.73
N ASP J 7 43.45 12.48 -33.16
CA ASP J 7 44.23 13.32 -32.25
C ASP J 7 43.40 13.89 -31.13
N CYS J 8 42.16 14.26 -31.43
CA CYS J 8 41.23 14.75 -30.42
C CYS J 8 40.80 13.68 -29.43
N ALA J 9 40.45 12.52 -29.97
CA ALA J 9 40.03 11.38 -29.17
C ALA J 9 41.15 11.00 -28.19
N LEU J 10 42.38 10.88 -28.70
CA LEU J 10 43.52 10.55 -27.86
C LEU J 10 43.79 11.64 -26.82
N ASP J 11 43.62 12.91 -27.21
CA ASP J 11 43.83 14.03 -26.29
C ASP J 11 42.77 14.01 -25.22
N LEU J 12 41.60 13.54 -25.57
CA LEU J 12 40.52 13.46 -24.61
C LEU J 12 40.85 12.35 -23.64
N MET J 13 41.26 11.19 -24.17
CA MET J 13 41.63 10.03 -23.35
C MET J 13 42.72 10.31 -22.32
N ARG J 14 43.54 11.34 -22.57
CA ARG J 14 44.58 11.69 -21.62
C ARG J 14 44.13 12.70 -20.59
N ARG J 15 42.83 13.00 -20.61
CA ARG J 15 42.27 13.97 -19.68
C ARG J 15 41.12 13.39 -18.84
N LEU J 16 40.33 12.49 -19.44
CA LEU J 16 39.26 11.79 -18.73
C LEU J 16 39.82 10.78 -17.75
N PRO J 17 39.24 10.69 -16.54
CA PRO J 17 39.82 9.94 -15.45
C PRO J 17 40.09 8.47 -15.81
N PRO J 18 41.36 8.03 -15.68
CA PRO J 18 41.81 6.72 -16.12
C PRO J 18 41.10 5.61 -15.39
N GLN J 19 40.46 5.97 -14.27
CA GLN J 19 39.66 5.03 -13.51
C GLN J 19 38.51 4.50 -14.36
N GLN J 20 38.02 5.32 -15.30
CA GLN J 20 36.99 4.85 -16.24
C GLN J 20 37.48 4.69 -17.68
N ILE J 21 38.71 4.20 -17.86
CA ILE J 21 39.23 4.07 -19.21
C ILE J 21 38.28 3.20 -20.03
N GLU J 22 37.95 2.02 -19.52
CA GLU J 22 37.23 1.03 -20.33
C GLU J 22 35.85 1.50 -20.80
N LYS J 23 35.11 2.12 -19.89
CA LYS J 23 33.76 2.61 -20.16
C LYS J 23 33.79 3.86 -21.04
N ASN J 24 34.84 4.66 -20.91
CA ASN J 24 35.01 5.86 -21.71
C ASN J 24 35.36 5.57 -23.17
N LEU J 25 36.23 4.59 -23.38
CA LEU J 25 36.58 4.16 -24.73
C LEU J 25 35.36 3.63 -25.43
N SER J 26 34.59 2.81 -24.72
CA SER J 26 33.33 2.28 -25.22
C SER J 26 32.46 3.40 -25.78
N ASP J 27 32.32 4.47 -24.98
CA ASP J 27 31.56 5.65 -25.36
C ASP J 27 32.21 6.44 -26.49
N LEU J 28 33.50 6.70 -26.38
CA LEU J 28 34.21 7.46 -27.40
C LEU J 28 34.06 6.86 -28.81
N ILE J 29 34.09 5.54 -28.90
CA ILE J 29 33.85 4.83 -30.15
C ILE J 29 32.42 5.06 -30.65
N ASP J 30 31.43 4.86 -29.79
CA ASP J 30 30.01 5.17 -30.11
C ASP J 30 29.83 6.59 -30.65
N LEU J 31 30.54 7.52 -30.04
CA LEU J 31 30.50 8.91 -30.46
C LEU J 31 31.10 9.13 -31.86
N VAL J 32 32.16 8.41 -32.20
CA VAL J 32 32.83 8.56 -33.52
C VAL J 32 33.21 7.20 -34.12
N PRO J 33 32.21 6.43 -34.60
CA PRO J 33 32.41 5.01 -35.01
C PRO J 33 33.46 4.76 -36.10
N SER J 34 33.72 5.77 -36.95
CA SER J 34 34.75 5.64 -37.99
C SER J 34 36.11 5.43 -37.36
N LEU J 35 36.32 6.06 -36.19
CA LEU J 35 37.60 6.00 -35.46
C LEU J 35 37.86 4.67 -34.74
N CYS J 36 36.84 3.84 -34.65
CA CYS J 36 36.91 2.58 -33.91
C CYS J 36 38.22 1.83 -34.10
N GLU J 37 38.37 1.11 -35.21
CA GLU J 37 39.58 0.38 -35.54
C GLU J 37 40.88 1.06 -35.05
N ASP J 38 40.98 2.38 -35.27
CA ASP J 38 42.16 3.15 -34.85
C ASP J 38 42.30 3.27 -33.34
N LEU J 39 41.23 3.71 -32.68
CA LEU J 39 41.20 3.85 -31.22
C LEU J 39 41.54 2.54 -30.52
N LEU J 40 40.81 1.49 -30.86
CA LEU J 40 41.09 0.16 -30.33
C LEU J 40 42.57 -0.25 -30.37
N SER J 41 43.32 0.25 -31.33
CA SER J 41 44.73 -0.14 -31.44
C SER J 41 45.68 0.87 -30.78
N SER J 42 45.20 2.08 -30.52
CA SER J 42 46.07 3.12 -30.00
C SER J 42 45.70 3.63 -28.59
N VAL J 43 44.62 3.12 -28.03
CA VAL J 43 44.23 3.45 -26.65
C VAL J 43 44.45 2.24 -25.76
N ASP J 44 45.30 2.42 -24.74
CA ASP J 44 45.59 1.35 -23.79
C ASP J 44 44.50 1.16 -22.75
N GLN J 45 44.21 -0.10 -22.43
CA GLN J 45 43.18 -0.46 -21.47
C GLN J 45 43.72 -1.43 -20.43
N PRO J 46 43.23 -1.35 -19.18
CA PRO J 46 43.60 -2.33 -18.15
C PRO J 46 43.46 -3.74 -18.68
N LEU J 47 44.51 -4.54 -18.56
CA LEU J 47 44.55 -5.83 -19.23
C LEU J 47 43.61 -6.84 -18.59
N LYS J 48 42.86 -7.58 -19.40
CA LYS J 48 41.98 -8.64 -18.87
C LYS J 48 42.61 -10.02 -18.95
N ILE J 49 42.23 -10.91 -18.04
CA ILE J 49 42.76 -12.27 -18.01
C ILE J 49 41.71 -13.23 -18.54
N ALA J 50 42.08 -14.02 -19.53
CA ALA J 50 41.22 -15.10 -20.03
C ALA J 50 41.87 -16.45 -19.77
N ARG J 51 41.09 -17.52 -19.92
CA ARG J 51 41.54 -18.82 -19.48
C ARG J 51 41.55 -19.83 -20.62
N ASP J 52 42.74 -20.25 -21.00
CA ASP J 52 42.89 -21.23 -22.06
C ASP J 52 42.55 -22.57 -21.47
N LYS J 53 41.34 -23.04 -21.76
CA LYS J 53 40.83 -24.29 -21.20
C LYS J 53 41.64 -25.54 -21.61
N VAL J 54 42.28 -25.46 -22.78
CA VAL J 54 43.00 -26.61 -23.35
C VAL J 54 44.25 -26.98 -22.54
N VAL J 55 45.16 -26.02 -22.33
CA VAL J 55 46.38 -26.30 -21.55
C VAL J 55 46.24 -25.94 -20.05
N GLY J 56 45.09 -25.38 -19.69
CA GLY J 56 44.79 -24.98 -18.29
C GLY J 56 45.62 -23.80 -17.76
N LYS J 57 45.91 -22.81 -18.62
CA LYS J 57 46.69 -21.65 -18.22
C LYS J 57 46.00 -20.33 -18.59
N ASP J 58 46.26 -19.29 -17.80
CA ASP J 58 45.76 -17.95 -18.09
C ASP J 58 46.55 -17.25 -19.21
N TYR J 59 45.86 -16.38 -19.94
CA TYR J 59 46.54 -15.49 -20.90
C TYR J 59 45.93 -14.09 -20.87
N LEU J 60 46.69 -13.12 -21.36
CA LEU J 60 46.24 -11.74 -21.28
C LEU J 60 45.62 -11.28 -22.60
N LEU J 61 44.72 -10.30 -22.53
CA LEU J 61 43.97 -9.82 -23.72
C LEU J 61 44.20 -8.34 -24.01
N CYS J 62 44.59 -8.07 -25.25
CA CYS J 62 44.67 -6.72 -25.77
C CYS J 62 44.20 -6.77 -27.22
N ASP J 63 44.31 -5.65 -27.94
CA ASP J 63 43.88 -5.60 -29.34
C ASP J 63 44.70 -6.49 -30.25
N TYR J 64 45.97 -6.70 -29.90
CA TYR J 64 46.91 -7.40 -30.76
C TYR J 64 46.74 -8.92 -30.79
N ASN J 65 45.89 -9.49 -29.96
CA ASN J 65 45.59 -10.92 -30.11
C ASN J 65 44.10 -11.14 -30.32
N ARG J 66 43.41 -10.03 -30.57
CA ARG J 66 41.99 -10.04 -30.89
C ARG J 66 41.83 -10.13 -32.39
N ASP J 67 40.85 -10.94 -32.81
CA ASP J 67 40.33 -10.91 -34.17
C ASP J 67 38.81 -11.03 -34.12
N GLY J 68 38.14 -9.98 -34.60
CA GLY J 68 36.69 -9.90 -34.47
C GLY J 68 36.34 -9.74 -32.99
N ASP J 69 35.68 -10.75 -32.43
CA ASP J 69 35.39 -10.78 -31.00
C ASP J 69 36.03 -11.99 -30.33
N SER J 70 37.09 -12.50 -30.95
CA SER J 70 37.81 -13.63 -30.37
C SER J 70 39.25 -13.28 -30.06
N TYR J 71 39.85 -14.06 -29.16
CA TYR J 71 41.21 -13.84 -28.72
C TYR J 71 42.06 -15.09 -28.93
N ARG J 72 43.33 -14.87 -29.27
CA ARG J 72 44.27 -15.96 -29.52
C ARG J 72 45.12 -16.26 -28.29
N SER J 73 44.98 -17.46 -27.76
CA SER J 73 45.80 -17.91 -26.65
C SER J 73 47.21 -18.25 -27.15
N PRO J 74 48.24 -17.65 -26.52
CA PRO J 74 49.63 -17.95 -26.88
C PRO J 74 50.03 -19.37 -26.51
N TRP J 75 49.21 -20.01 -25.69
CA TRP J 75 49.55 -21.36 -25.26
C TRP J 75 49.12 -22.40 -26.30
N SER J 76 47.86 -22.37 -26.72
CA SER J 76 47.34 -23.37 -27.66
C SER J 76 47.28 -22.86 -29.09
N ASN J 77 47.64 -21.59 -29.28
CA ASN J 77 47.65 -20.94 -30.61
C ASN J 77 46.30 -21.02 -31.33
N LYS J 78 45.22 -20.96 -30.56
CA LYS J 78 43.88 -21.04 -31.10
C LYS J 78 43.00 -19.89 -30.62
N TYR J 79 41.91 -19.65 -31.33
CA TYR J 79 41.03 -18.53 -31.00
C TYR J 79 39.90 -18.95 -30.08
N ASP J 80 39.50 -18.03 -29.21
CA ASP J 80 38.36 -18.24 -28.34
C ASP J 80 37.52 -16.96 -28.21
N PRO J 81 36.20 -17.05 -28.49
CA PRO J 81 35.50 -18.27 -28.98
C PRO J 81 36.04 -18.70 -30.35
N PRO J 82 35.86 -19.98 -30.74
CA PRO J 82 36.58 -20.48 -31.92
C PRO J 82 36.31 -19.63 -33.17
N LEU J 83 37.27 -19.55 -34.06
CA LEU J 83 37.12 -18.65 -35.20
C LEU J 83 37.39 -19.35 -36.53
N GLU J 84 36.62 -18.95 -37.54
CA GLU J 84 36.73 -19.49 -38.90
C GLU J 84 38.14 -19.23 -39.48
N ASP J 85 38.42 -17.97 -39.84
CA ASP J 85 39.72 -17.62 -40.40
C ASP J 85 40.28 -16.42 -39.65
N GLY J 86 41.09 -16.72 -38.63
CA GLY J 86 41.68 -15.68 -37.79
C GLY J 86 43.11 -15.40 -38.16
N ALA J 87 43.55 -14.16 -37.90
CA ALA J 87 44.94 -13.75 -38.17
C ALA J 87 45.91 -14.54 -37.31
N MET J 88 46.77 -15.31 -37.98
CA MET J 88 47.72 -16.18 -37.30
C MET J 88 49.15 -15.74 -37.60
N PRO J 89 50.12 -16.26 -36.82
CA PRO J 89 51.49 -16.01 -37.24
C PRO J 89 52.04 -17.15 -38.09
N SER J 90 52.90 -16.80 -39.05
CA SER J 90 53.65 -17.76 -39.88
C SER J 90 54.37 -18.76 -39.00
N ALA J 91 54.36 -20.03 -39.39
CA ALA J 91 54.94 -21.11 -38.55
C ALA J 91 56.36 -20.78 -38.06
N ARG J 92 57.11 -20.04 -38.88
CA ARG J 92 58.44 -19.52 -38.51
C ARG J 92 58.32 -18.66 -37.27
N LEU J 93 57.42 -17.68 -37.31
CA LEU J 93 57.22 -16.71 -36.23
C LEU J 93 56.60 -17.31 -34.96
N ARG J 94 55.62 -18.19 -35.14
CA ARG J 94 54.99 -18.91 -34.04
C ARG J 94 56.03 -19.57 -33.14
N LYS J 95 57.04 -20.16 -33.78
CA LYS J 95 58.14 -20.80 -33.07
C LYS J 95 58.95 -19.79 -32.23
N LEU J 96 59.18 -18.60 -32.78
CA LEU J 96 59.86 -17.53 -32.06
C LEU J 96 58.95 -16.99 -30.97
N GLU J 97 57.64 -16.94 -31.26
CA GLU J 97 56.65 -16.47 -30.29
C GLU J 97 56.64 -17.41 -29.08
N VAL J 98 56.50 -18.70 -29.32
CA VAL J 98 56.49 -19.67 -28.24
C VAL J 98 57.76 -19.53 -27.37
N GLU J 99 58.88 -19.16 -27.99
CA GLU J 99 60.11 -18.93 -27.26
C GLU J 99 60.04 -17.64 -26.43
N ALA J 100 59.61 -16.56 -27.08
CA ALA J 100 59.50 -15.25 -26.43
C ALA J 100 58.55 -15.28 -25.24
N ASN J 101 57.57 -16.17 -25.29
CA ASN J 101 56.67 -16.38 -24.16
C ASN J 101 57.36 -17.07 -22.98
N ASN J 102 58.16 -18.09 -23.27
CA ASN J 102 58.96 -18.76 -22.23
C ASN J 102 59.99 -17.84 -21.62
N ALA J 103 60.61 -17.02 -22.45
CA ALA J 103 61.63 -16.10 -22.00
C ALA J 103 61.03 -15.08 -21.05
N PHE J 104 59.95 -14.44 -21.49
CA PHE J 104 59.33 -13.39 -20.69
C PHE J 104 58.54 -13.90 -19.48
N ASP J 105 58.24 -15.19 -19.51
CA ASP J 105 57.64 -15.84 -18.38
C ASP J 105 58.62 -15.84 -17.23
N GLN J 106 59.87 -16.15 -17.55
CA GLN J 106 60.95 -16.12 -16.57
C GLN J 106 61.23 -14.70 -16.12
N TYR J 107 61.29 -13.80 -17.08
CA TYR J 107 61.45 -12.38 -16.79
C TYR J 107 60.41 -11.95 -15.75
N ARG J 108 59.16 -12.36 -15.99
CA ARG J 108 58.05 -12.00 -15.12
C ARG J 108 58.32 -12.49 -13.72
N ASP J 109 58.60 -13.79 -13.59
CA ASP J 109 58.97 -14.38 -12.29
C ASP J 109 60.11 -13.63 -11.60
N LEU J 110 61.11 -13.23 -12.40
CA LEU J 110 62.30 -12.58 -11.88
C LEU J 110 62.04 -11.22 -11.27
N TYR J 111 61.11 -10.46 -11.85
CA TYR J 111 60.86 -9.09 -11.39
C TYR J 111 59.52 -8.88 -10.67
N PHE J 112 58.63 -9.83 -10.79
CA PHE J 112 57.25 -9.68 -10.28
C PHE J 112 56.87 -10.76 -9.27
N GLU J 113 57.59 -11.87 -9.31
CA GLU J 113 57.39 -13.00 -8.38
C GLU J 113 55.93 -13.42 -8.35
N GLY J 114 55.38 -13.60 -9.54
CA GLY J 114 53.97 -13.92 -9.68
C GLY J 114 53.37 -13.15 -10.84
N GLY J 115 52.03 -13.04 -10.85
CA GLY J 115 51.32 -12.37 -11.94
C GLY J 115 51.25 -13.23 -13.19
N VAL J 116 50.74 -12.64 -14.28
CA VAL J 116 50.58 -13.32 -15.58
C VAL J 116 51.32 -12.58 -16.70
N SER J 117 51.94 -13.33 -17.60
CA SER J 117 52.54 -12.72 -18.81
C SER J 117 52.07 -13.39 -20.09
N SER J 118 51.97 -12.60 -21.16
CA SER J 118 51.67 -13.15 -22.47
C SER J 118 52.41 -12.34 -23.53
N VAL J 119 52.89 -13.02 -24.56
CA VAL J 119 53.62 -12.35 -25.62
C VAL J 119 53.01 -12.72 -26.97
N TYR J 120 52.67 -11.71 -27.78
CA TYR J 120 52.12 -11.96 -29.11
C TYR J 120 52.96 -11.29 -30.18
N LEU J 121 53.33 -12.09 -31.17
CA LEU J 121 54.13 -11.64 -32.30
C LEU J 121 53.33 -11.67 -33.59
N TRP J 122 53.57 -10.69 -34.46
CA TRP J 122 52.93 -10.71 -35.78
C TRP J 122 53.86 -10.22 -36.87
N ASP J 123 53.61 -10.69 -38.10
CA ASP J 123 54.47 -10.44 -39.25
C ASP J 123 54.29 -9.02 -39.77
N LEU J 124 55.41 -8.37 -40.01
CA LEU J 124 55.43 -7.04 -40.65
C LEU J 124 56.01 -7.15 -42.08
N ASP J 125 56.44 -6.01 -42.64
CA ASP J 125 57.05 -6.03 -43.99
C ASP J 125 58.53 -6.43 -43.99
N HIS J 126 59.41 -5.54 -43.52
CA HIS J 126 60.84 -5.85 -43.47
C HIS J 126 61.31 -6.18 -42.05
N GLY J 127 60.64 -7.17 -41.47
CA GLY J 127 60.85 -7.57 -40.08
C GLY J 127 59.53 -7.96 -39.43
N PHE J 128 59.48 -7.85 -38.10
CA PHE J 128 58.28 -8.22 -37.35
C PHE J 128 58.00 -7.29 -36.15
N ALA J 129 56.89 -7.52 -35.49
CA ALA J 129 56.54 -6.77 -34.29
C ALA J 129 56.02 -7.69 -33.20
N GLY J 130 56.08 -7.19 -31.98
CA GLY J 130 55.60 -7.93 -30.82
C GLY J 130 54.96 -7.08 -29.73
N VAL J 131 54.11 -7.73 -28.95
CA VAL J 131 53.59 -7.12 -27.75
C VAL J 131 53.87 -8.04 -26.56
N ILE J 132 54.40 -7.43 -25.50
CA ILE J 132 54.69 -8.13 -24.25
C ILE J 132 53.81 -7.56 -23.15
N LEU J 133 52.99 -8.42 -22.58
CA LEU J 133 52.04 -8.04 -21.55
C LEU J 133 52.31 -8.73 -20.21
N ILE J 134 52.28 -7.95 -19.14
CA ILE J 134 52.43 -8.46 -17.79
C ILE J 134 51.40 -7.80 -16.88
N LYS J 135 50.68 -8.63 -16.13
CA LYS J 135 49.75 -8.14 -15.13
C LYS J 135 50.03 -8.75 -13.76
N LYS J 136 50.27 -7.88 -12.76
CA LYS J 136 50.53 -8.29 -11.38
C LYS J 136 49.58 -7.57 -10.44
N ALA J 137 48.96 -8.32 -9.54
CA ALA J 137 48.06 -7.73 -8.56
C ALA J 137 48.63 -7.82 -7.14
N GLY J 138 48.36 -6.82 -6.31
CA GLY J 138 48.76 -6.85 -4.90
C GLY J 138 47.80 -7.68 -4.06
N ASP J 139 48.22 -8.06 -2.86
CA ASP J 139 47.43 -8.97 -2.03
C ASP J 139 46.32 -8.30 -1.24
N GLY J 140 45.21 -9.03 -1.11
CA GLY J 140 44.06 -8.65 -0.26
C GLY J 140 44.25 -8.85 1.25
N SER J 141 45.47 -9.25 1.64
CA SER J 141 45.95 -9.30 3.04
C SER J 141 46.18 -7.88 3.63
N LYS J 142 46.75 -6.97 2.80
CA LYS J 142 47.04 -5.57 3.17
C LYS J 142 45.88 -4.66 2.77
N LYS J 143 45.78 -3.49 3.43
CA LYS J 143 44.57 -2.66 3.30
C LYS J 143 44.33 -1.87 2.00
N ILE J 144 45.26 -2.02 1.07
CA ILE J 144 45.30 -1.23 -0.15
C ILE J 144 45.31 -2.12 -1.39
N LYS J 145 44.31 -1.98 -2.25
CA LYS J 145 44.24 -2.75 -3.50
C LYS J 145 45.23 -2.14 -4.49
N GLY J 146 45.99 -2.99 -5.16
CA GLY J 146 46.99 -2.51 -6.11
C GLY J 146 47.11 -3.38 -7.35
N CYS J 147 47.38 -2.72 -8.49
CA CYS J 147 47.57 -3.45 -9.73
C CYS J 147 48.57 -2.80 -10.68
N TRP J 148 49.26 -3.65 -11.44
CA TRP J 148 50.30 -3.22 -12.36
C TRP J 148 50.12 -3.89 -13.71
N ASP J 149 49.88 -3.08 -14.74
CA ASP J 149 49.76 -3.56 -16.12
C ASP J 149 50.92 -3.07 -16.97
N SER J 150 51.61 -4.00 -17.62
CA SER J 150 52.71 -3.65 -18.51
C SER J 150 52.31 -3.90 -19.94
N ILE J 151 52.49 -2.89 -20.80
CA ILE J 151 52.28 -3.09 -22.24
C ILE J 151 53.48 -2.60 -23.04
N HIS J 152 54.26 -3.55 -23.53
CA HIS J 152 55.45 -3.25 -24.31
C HIS J 152 55.22 -3.63 -25.75
N VAL J 153 55.30 -2.66 -26.65
CA VAL J 153 55.10 -2.95 -28.06
C VAL J 153 56.40 -2.67 -28.79
N VAL J 154 56.98 -3.73 -29.35
CA VAL J 154 58.26 -3.64 -30.03
C VAL J 154 58.11 -3.82 -31.53
N GLU J 155 58.90 -3.07 -32.28
CA GLU J 155 59.02 -3.23 -33.73
C GLU J 155 60.45 -3.60 -34.10
N VAL J 156 60.62 -4.65 -34.89
CA VAL J 156 61.94 -5.05 -35.34
C VAL J 156 62.07 -4.85 -36.84
N GLN J 157 63.03 -4.01 -37.24
CA GLN J 157 63.33 -3.83 -38.66
C GLN J 157 64.68 -4.46 -38.97
N GLU J 158 64.65 -5.65 -39.56
CA GLU J 158 65.87 -6.36 -39.94
C GLU J 158 66.52 -5.71 -41.17
N LYS J 159 67.83 -5.52 -41.09
CA LYS J 159 68.63 -5.08 -42.24
C LYS J 159 68.89 -6.31 -43.14
N SER J 160 69.21 -6.05 -44.42
CA SER J 160 69.34 -7.13 -45.43
C SER J 160 70.45 -8.15 -45.16
N SER J 161 71.47 -7.73 -44.40
CA SER J 161 72.59 -8.61 -44.02
C SER J 161 72.21 -9.72 -43.02
N GLY J 162 71.31 -9.43 -42.08
CA GLY J 162 71.27 -10.15 -40.79
C GLY J 162 72.36 -9.53 -39.92
N ARG J 163 72.60 -10.11 -38.74
CA ARG J 163 73.67 -9.62 -37.82
C ARG J 163 73.50 -8.21 -37.22
N THR J 164 72.56 -7.42 -37.76
CA THR J 164 72.19 -6.12 -37.19
C THR J 164 70.73 -5.79 -37.48
N ALA J 165 70.07 -5.19 -36.49
CA ALA J 165 68.64 -4.81 -36.59
C ALA J 165 68.32 -3.56 -35.78
N HIS J 166 67.23 -2.88 -36.16
CA HIS J 166 66.77 -1.67 -35.49
C HIS J 166 65.49 -1.93 -34.73
N TYR J 167 65.50 -1.55 -33.45
CA TYR J 167 64.37 -1.81 -32.54
C TYR J 167 63.64 -0.53 -32.08
N LYS J 168 62.32 -0.51 -32.29
CA LYS J 168 61.48 0.55 -31.76
C LYS J 168 60.63 -0.01 -30.62
N LEU J 169 60.75 0.60 -29.45
CA LEU J 169 59.97 0.15 -28.31
C LEU J 169 59.07 1.26 -27.78
N THR J 170 57.78 0.95 -27.71
CA THR J 170 56.83 1.85 -27.06
C THR J 170 56.21 1.10 -25.89
N SER J 171 56.48 1.62 -24.69
CA SER J 171 56.06 0.94 -23.46
C SER J 171 55.11 1.79 -22.65
N THR J 172 54.04 1.17 -22.18
CA THR J 172 53.13 1.81 -21.22
C THR J 172 52.97 0.92 -20.00
N VAL J 173 53.02 1.57 -18.84
CA VAL J 173 52.75 0.89 -17.57
C VAL J 173 51.53 1.52 -16.92
N MET J 174 50.56 0.70 -16.56
CA MET J 174 49.39 1.23 -15.87
C MET J 174 49.41 0.79 -14.43
N LEU J 175 49.31 1.79 -13.55
CA LEU J 175 49.47 1.60 -12.11
C LEU J 175 48.23 2.06 -11.38
N TRP J 176 47.66 1.14 -10.59
CA TRP J 176 46.39 1.36 -9.91
C TRP J 176 46.49 1.13 -8.40
N LEU J 177 46.16 2.15 -7.62
CA LEU J 177 46.17 2.04 -6.18
C LEU J 177 44.87 2.59 -5.64
N GLN J 178 44.40 2.03 -4.54
CA GLN J 178 43.05 2.32 -4.07
C GLN J 178 42.75 1.79 -2.65
N THR J 179 42.04 2.60 -1.84
CA THR J 179 41.62 2.20 -0.46
C THR J 179 40.33 2.82 0.02
N ASN J 180 39.65 2.09 0.91
CA ASN J 180 38.49 2.63 1.62
C ASN J 180 38.74 2.77 3.12
N LYS J 181 40.02 2.90 3.48
CA LYS J 181 40.41 3.23 4.86
C LYS J 181 39.61 4.46 5.32
N THR J 182 38.81 4.26 6.37
CA THR J 182 37.84 5.28 6.85
C THR J 182 38.46 6.67 7.08
N GLY J 183 39.74 6.69 7.48
CA GLY J 183 40.53 7.92 7.64
C GLY J 183 40.41 8.89 6.46
N SER J 184 40.48 8.36 5.23
CA SER J 184 40.49 9.19 4.02
C SER J 184 39.36 8.89 3.02
N GLY J 185 38.22 8.39 3.51
CA GLY J 185 37.07 8.06 2.66
C GLY J 185 37.47 7.04 1.60
N THR J 186 37.19 7.36 0.34
CA THR J 186 37.79 6.61 -0.76
C THR J 186 38.99 7.39 -1.28
N MET J 187 39.98 6.67 -1.76
CA MET J 187 41.13 7.28 -2.38
C MET J 187 41.59 6.37 -3.51
N ASN J 188 41.52 6.90 -4.73
CA ASN J 188 41.95 6.18 -5.90
C ASN J 188 43.00 6.98 -6.63
N LEU J 189 44.20 6.41 -6.72
CA LEU J 189 45.29 6.99 -7.46
C LEU J 189 45.62 6.02 -8.58
N GLY J 190 45.30 6.41 -9.81
CA GLY J 190 45.44 5.52 -10.97
C GLY J 190 45.91 6.19 -12.25
N GLY J 191 46.19 5.38 -13.26
CA GLY J 191 46.63 5.88 -14.55
C GLY J 191 47.83 5.16 -15.13
N SER J 192 48.56 5.86 -15.98
CA SER J 192 49.70 5.27 -16.69
C SER J 192 50.70 6.28 -17.21
N LEU J 193 51.90 5.79 -17.53
CA LEU J 193 52.91 6.55 -18.25
C LEU J 193 53.40 5.75 -19.45
N THR J 194 53.85 6.47 -20.50
CA THR J 194 54.39 5.84 -21.72
C THR J 194 55.74 6.47 -22.06
N ARG J 195 56.63 5.67 -22.63
CA ARG J 195 57.97 6.12 -23.05
C ARG J 195 58.44 5.42 -24.34
N GLN J 196 59.47 5.99 -24.99
CA GLN J 196 60.03 5.39 -26.21
C GLN J 196 61.54 5.22 -26.19
N MET J 197 62.02 4.02 -26.55
CA MET J 197 63.43 3.80 -26.83
C MET J 197 63.55 3.36 -28.27
N GLU J 198 64.69 3.67 -28.87
CA GLU J 198 64.96 3.31 -30.24
C GLU J 198 66.43 3.00 -30.34
N LYS J 199 66.77 1.77 -30.75
CA LYS J 199 68.16 1.34 -30.73
C LYS J 199 68.46 0.36 -31.86
N ASP J 200 69.71 0.40 -32.34
CA ASP J 200 70.26 -0.65 -33.21
C ASP J 200 71.09 -1.62 -32.36
N GLU J 201 71.06 -2.90 -32.69
CA GLU J 201 71.89 -3.88 -31.97
C GLU J 201 72.33 -5.09 -32.79
N THR J 202 73.45 -5.68 -32.38
CA THR J 202 74.02 -6.86 -33.00
C THR J 202 73.09 -8.06 -32.86
N VAL J 203 72.86 -8.77 -33.95
CA VAL J 203 72.09 -10.01 -33.90
C VAL J 203 73.03 -11.19 -34.17
N SER J 204 73.54 -11.79 -33.09
CA SER J 204 74.42 -12.95 -33.21
C SER J 204 73.68 -14.21 -32.76
N ASP J 205 74.42 -15.28 -32.50
CA ASP J 205 73.84 -16.48 -31.92
C ASP J 205 73.84 -16.37 -30.42
N SER J 206 74.89 -15.73 -29.90
CA SER J 206 75.01 -15.51 -28.46
C SER J 206 74.08 -14.37 -28.02
N SER J 207 73.69 -13.51 -28.97
CA SER J 207 72.79 -12.40 -28.70
C SER J 207 71.69 -12.30 -29.78
N PRO J 208 70.67 -13.21 -29.72
CA PRO J 208 69.60 -13.24 -30.73
C PRO J 208 68.58 -12.12 -30.56
N HIS J 209 67.40 -12.30 -31.15
CA HIS J 209 66.35 -11.29 -31.08
C HIS J 209 65.73 -11.16 -29.68
N ILE J 210 65.26 -12.29 -29.15
CA ILE J 210 64.60 -12.33 -27.85
C ILE J 210 65.48 -11.68 -26.77
N ALA J 211 66.78 -11.98 -26.83
CA ALA J 211 67.77 -11.35 -25.94
C ALA J 211 67.80 -9.83 -26.12
N ASN J 212 67.82 -9.39 -27.37
CA ASN J 212 67.85 -7.97 -27.65
C ASN J 212 66.61 -7.23 -27.17
N ILE J 213 65.44 -7.79 -27.47
CA ILE J 213 64.17 -7.22 -27.06
C ILE J 213 64.11 -7.17 -25.55
N GLY J 214 64.44 -8.31 -24.92
CA GLY J 214 64.49 -8.45 -23.47
C GLY J 214 65.24 -7.34 -22.75
N ARG J 215 66.50 -7.14 -23.12
CA ARG J 215 67.31 -6.08 -22.51
C ARG J 215 66.64 -4.71 -22.60
N LEU J 216 66.03 -4.44 -23.76
CA LEU J 216 65.32 -3.19 -24.02
C LEU J 216 64.13 -3.01 -23.08
N VAL J 217 63.32 -4.07 -22.96
CA VAL J 217 62.16 -4.07 -22.09
C VAL J 217 62.61 -3.85 -20.65
N GLU J 218 63.56 -4.68 -20.19
CA GLU J 218 64.13 -4.60 -18.84
C GLU J 218 64.57 -3.19 -18.47
N ASP J 219 65.29 -2.54 -19.38
CA ASP J 219 65.75 -1.17 -19.15
C ASP J 219 64.62 -0.17 -19.01
N MET J 220 63.64 -0.30 -19.89
CA MET J 220 62.51 0.58 -19.94
C MET J 220 61.68 0.39 -18.68
N GLU J 221 61.40 -0.87 -18.35
CA GLU J 221 60.55 -1.17 -17.21
C GLU J 221 61.22 -0.71 -15.92
N ASN J 222 62.53 -0.86 -15.83
CA ASN J 222 63.28 -0.35 -14.69
C ASN J 222 63.24 1.17 -14.63
N LYS J 223 63.34 1.81 -15.79
CA LYS J 223 63.34 3.27 -15.87
C LYS J 223 61.96 3.83 -15.57
N ILE J 224 60.91 3.11 -15.96
CA ILE J 224 59.55 3.55 -15.72
C ILE J 224 59.19 3.37 -14.24
N ARG J 225 59.50 2.18 -13.71
CA ARG J 225 59.23 1.84 -12.32
C ARG J 225 59.69 2.97 -11.44
N SER J 226 60.80 3.56 -11.87
CA SER J 226 61.38 4.71 -11.20
C SER J 226 60.46 5.93 -11.31
N THR J 227 60.29 6.42 -12.54
CA THR J 227 59.49 7.64 -12.75
C THR J 227 58.09 7.49 -12.19
N LEU J 228 57.54 6.27 -12.27
CA LEU J 228 56.24 6.01 -11.67
C LEU J 228 56.27 6.41 -10.20
N ASN J 229 57.19 5.79 -9.47
CA ASN J 229 57.33 5.99 -8.03
C ASN J 229 57.47 7.48 -7.71
N GLU J 230 58.26 8.18 -8.54
CA GLU J 230 58.55 9.59 -8.36
C GLU J 230 57.33 10.49 -8.67
N ILE J 231 56.55 10.12 -9.67
CA ILE J 231 55.35 10.87 -10.02
C ILE J 231 54.15 10.57 -9.10
N TYR J 232 53.83 9.29 -8.96
CA TYR J 232 52.70 8.88 -8.15
C TYR J 232 52.84 9.33 -6.71
N PHE J 233 53.93 8.94 -6.05
CA PHE J 233 54.11 9.19 -4.61
C PHE J 233 54.89 10.45 -4.28
N GLY J 234 55.55 11.01 -5.29
CA GLY J 234 56.25 12.26 -5.15
C GLY J 234 55.45 13.46 -5.61
N LYS J 235 55.32 13.59 -6.93
CA LYS J 235 54.67 14.76 -7.56
C LYS J 235 53.18 14.96 -7.21
N THR J 236 52.34 13.95 -7.46
CA THR J 236 50.90 14.12 -7.18
C THR J 236 50.65 14.51 -5.74
N LYS J 237 51.46 13.95 -4.84
CA LYS J 237 51.34 14.24 -3.41
C LYS J 237 51.73 15.68 -3.08
N ASP J 238 52.79 16.17 -3.72
CA ASP J 238 53.23 17.54 -3.52
C ASP J 238 52.18 18.53 -4.00
N ILE J 239 51.55 18.19 -5.11
CA ILE J 239 50.45 18.97 -5.65
C ILE J 239 49.37 19.07 -4.57
N VAL J 240 48.98 17.92 -4.01
CA VAL J 240 48.00 17.88 -2.93
C VAL J 240 48.43 18.83 -1.82
N ASN J 241 49.66 18.68 -1.34
CA ASN J 241 50.17 19.54 -0.27
C ASN J 241 50.27 21.01 -0.65
N GLY J 242 50.30 21.28 -1.96
CA GLY J 242 50.28 22.65 -2.46
C GLY J 242 48.88 23.26 -2.54
N LEU J 243 47.86 22.44 -2.30
CA LEU J 243 46.47 22.91 -2.29
C LEU J 243 46.05 23.40 -0.92
N ARG J 244 46.56 22.73 0.11
CA ARG J 244 46.19 23.03 1.48
C ARG J 244 47.36 22.72 2.40
N SER J 245 47.53 23.54 3.43
CA SER J 245 48.59 23.32 4.40
C SER J 245 48.02 23.13 5.82
N ILE J 246 48.43 22.06 6.50
CA ILE J 246 47.95 21.78 7.88
C ILE J 246 48.42 22.83 8.86
N ASP J 247 49.71 23.12 8.88
CA ASP J 247 50.23 24.23 9.68
C ASP J 247 49.82 25.55 9.05
N ALA J 248 49.44 26.51 9.89
CA ALA J 248 48.99 27.81 9.40
C ALA J 248 50.10 28.52 8.62
N ILE J 249 49.79 28.94 7.40
CA ILE J 249 50.71 29.67 6.50
C ILE J 249 51.09 31.07 7.07
N PRO J 250 52.34 31.55 6.88
CA PRO J 250 52.75 32.81 7.51
C PRO J 250 52.16 34.09 6.86
N ASP J 251 51.49 34.91 7.68
CA ASP J 251 50.89 36.20 7.24
C ASP J 251 49.70 36.00 6.28
N LEU K 9 -58.74 -19.85 -40.41
CA LEU K 9 -59.56 -20.93 -39.79
C LEU K 9 -58.90 -22.33 -39.93
N ILE K 10 -58.08 -22.80 -38.97
CA ILE K 10 -57.64 -22.13 -37.72
C ILE K 10 -56.22 -21.64 -37.98
N SER K 11 -55.26 -21.98 -37.10
CA SER K 11 -53.83 -21.66 -37.32
C SER K 11 -52.93 -22.26 -36.22
N GLU K 12 -51.65 -22.46 -36.51
CA GLU K 12 -50.67 -22.81 -35.47
C GLU K 12 -49.64 -21.70 -35.29
N LEU K 13 -49.87 -20.85 -34.28
CA LEU K 13 -49.21 -19.54 -34.15
C LEU K 13 -47.68 -19.53 -34.05
N PRO K 14 -47.03 -18.47 -34.59
CA PRO K 14 -45.58 -18.39 -34.67
C PRO K 14 -44.89 -17.82 -33.44
N SER K 15 -44.17 -18.67 -32.72
CA SER K 15 -43.30 -18.27 -31.62
C SER K 15 -41.93 -17.89 -32.17
N GLU K 16 -41.19 -17.08 -31.41
CA GLU K 16 -39.91 -16.58 -31.89
C GLU K 16 -38.82 -16.73 -30.85
N GLU K 17 -38.94 -17.74 -30.00
CA GLU K 17 -37.96 -17.96 -28.95
C GLU K 17 -36.79 -18.74 -29.51
N GLY K 18 -36.97 -19.25 -30.72
CA GLY K 18 -35.97 -20.09 -31.36
C GLY K 18 -35.87 -21.47 -30.72
N ARG K 19 -35.20 -21.54 -29.58
CA ARG K 19 -35.01 -22.80 -28.89
C ARG K 19 -36.24 -23.19 -28.08
N ARG K 20 -36.64 -24.45 -28.18
CA ARG K 20 -37.60 -24.99 -27.26
C ARG K 20 -37.09 -24.80 -25.85
N LEU K 21 -38.01 -24.65 -24.94
CA LEU K 21 -37.72 -24.50 -23.55
C LEU K 21 -37.44 -25.90 -23.03
N GLU K 22 -36.31 -26.09 -22.37
CA GLU K 22 -35.96 -27.45 -21.91
C GLU K 22 -36.31 -27.74 -20.44
N HIS K 23 -36.93 -28.89 -20.20
CA HIS K 23 -37.50 -29.21 -18.90
C HIS K 23 -36.64 -30.17 -18.10
N PHE K 24 -35.84 -29.63 -17.19
CA PHE K 24 -34.86 -30.40 -16.42
C PHE K 24 -35.46 -31.49 -15.54
N THR K 25 -36.74 -31.34 -15.20
CA THR K 25 -37.39 -32.24 -14.26
C THR K 25 -37.76 -33.59 -14.89
N LYS K 26 -37.68 -33.67 -16.21
CA LYS K 26 -37.97 -34.91 -16.93
C LYS K 26 -36.92 -35.97 -16.61
N LEU K 27 -35.66 -35.56 -16.58
CA LEU K 27 -34.54 -36.47 -16.41
C LEU K 27 -34.22 -36.80 -14.95
N ARG K 28 -35.17 -36.56 -14.06
CA ARG K 28 -35.04 -36.95 -12.65
C ARG K 28 -35.45 -38.41 -12.48
N PRO K 29 -34.82 -39.11 -11.52
CA PRO K 29 -35.17 -40.48 -11.20
C PRO K 29 -36.67 -40.71 -10.97
N LYS K 30 -37.23 -41.70 -11.65
CA LYS K 30 -38.64 -42.09 -11.43
C LYS K 30 -38.74 -42.98 -10.18
N ARG K 31 -39.94 -43.06 -9.60
CA ARG K 31 -40.18 -43.87 -8.43
C ARG K 31 -41.51 -44.61 -8.55
N ASN K 32 -41.48 -45.93 -8.44
CA ASN K 32 -42.69 -46.74 -8.61
C ASN K 32 -43.62 -46.82 -7.39
N LYS K 33 -44.80 -46.25 -7.54
CA LYS K 33 -45.84 -46.28 -6.51
C LYS K 33 -46.57 -47.62 -6.55
N LYS K 34 -47.06 -48.08 -5.41
CA LYS K 34 -47.82 -49.33 -5.38
C LYS K 34 -49.30 -49.14 -5.76
N GLN K 35 -49.78 -47.90 -5.67
CA GLN K 35 -50.97 -47.46 -6.40
C GLN K 35 -50.89 -46.02 -6.94
N GLN K 36 -51.69 -45.75 -7.97
CA GLN K 36 -51.70 -44.47 -8.70
C GLN K 36 -52.55 -43.36 -8.01
N PRO K 37 -52.30 -42.08 -8.36
CA PRO K 37 -53.16 -41.01 -7.90
C PRO K 37 -54.12 -40.55 -9.00
N ILE L 10 -2.04 49.52 -17.84
CA ILE L 10 -3.20 49.54 -16.88
C ILE L 10 -4.31 50.50 -17.31
N SER L 11 -5.54 49.98 -17.37
CA SER L 11 -6.73 50.81 -17.59
C SER L 11 -7.92 50.29 -16.78
N GLU L 12 -8.83 51.21 -16.44
CA GLU L 12 -10.06 50.89 -15.72
C GLU L 12 -10.89 49.82 -16.44
N LEU L 13 -11.04 48.67 -15.79
CA LEU L 13 -11.67 47.50 -16.43
C LEU L 13 -13.20 47.48 -16.26
N PRO L 14 -13.94 47.21 -17.36
CA PRO L 14 -15.43 47.24 -17.39
C PRO L 14 -16.13 46.12 -16.59
N SER L 15 -16.99 46.50 -15.65
CA SER L 15 -17.78 45.53 -14.88
C SER L 15 -18.99 45.00 -15.69
N GLU L 16 -19.00 43.67 -15.90
CA GLU L 16 -20.03 42.97 -16.70
C GLU L 16 -21.44 42.94 -16.07
N GLU L 17 -21.48 42.92 -14.73
CA GLU L 17 -22.73 42.76 -13.96
C GLU L 17 -23.82 43.73 -14.39
N GLY L 18 -23.52 45.03 -14.14
CA GLY L 18 -24.47 46.12 -14.28
C GLY L 18 -25.13 46.41 -12.94
N ARG L 19 -25.21 45.35 -12.10
CA ARG L 19 -25.84 45.41 -10.76
C ARG L 19 -24.76 45.51 -9.68
N ARG L 20 -24.96 46.46 -8.76
CA ARG L 20 -24.01 46.66 -7.68
C ARG L 20 -24.23 45.65 -6.55
N LEU L 21 -23.33 45.64 -5.57
CA LEU L 21 -23.41 44.66 -4.51
C LEU L 21 -23.56 45.38 -3.19
N GLU L 22 -24.68 45.18 -2.51
CA GLU L 22 -24.93 45.92 -1.28
C GLU L 22 -24.58 45.16 -0.01
N HIS L 23 -23.90 45.85 0.89
CA HIS L 23 -23.34 45.21 2.05
C HIS L 23 -24.15 45.49 3.31
N PHE L 24 -25.01 44.54 3.66
CA PHE L 24 -25.93 44.69 4.80
C PHE L 24 -25.24 44.89 6.16
N THR L 25 -23.99 44.47 6.28
CA THR L 25 -23.29 44.52 7.57
C THR L 25 -22.81 45.92 7.94
N LYS L 26 -22.86 46.84 6.98
CA LYS L 26 -22.51 48.23 7.22
C LYS L 26 -23.51 48.87 8.18
N LEU L 27 -24.79 48.62 7.96
CA LEU L 27 -25.86 49.24 8.72
C LEU L 27 -26.15 48.58 10.10
N ARG L 28 -25.22 47.75 10.57
CA ARG L 28 -25.33 47.18 11.91
C ARG L 28 -24.85 48.18 12.97
N PRO L 29 -25.46 48.17 14.17
CA PRO L 29 -24.99 48.96 15.31
C PRO L 29 -23.49 48.89 15.57
N LYS L 30 -22.84 50.05 15.68
CA LYS L 30 -21.42 50.12 16.05
C LYS L 30 -21.26 49.97 17.55
N ARG L 31 -20.08 49.58 17.99
CA ARG L 31 -19.78 49.42 19.41
C ARG L 31 -18.39 49.97 19.75
N ASN L 32 -18.35 50.93 20.69
CA ASN L 32 -17.09 51.60 21.05
C ASN L 32 -16.17 50.82 21.99
N LYS L 33 -15.02 50.42 21.46
CA LYS L 33 -13.97 49.72 22.23
C LYS L 33 -13.16 50.71 23.05
N LYS L 34 -12.66 50.27 24.20
CA LYS L 34 -11.75 51.09 25.01
C LYS L 34 -10.28 50.77 24.70
N GLN L 35 -10.06 50.07 23.59
CA GLN L 35 -8.72 49.68 23.14
C GLN L 35 -8.73 49.38 21.63
N GLN L 36 -7.69 49.86 20.94
CA GLN L 36 -7.56 49.77 19.48
C GLN L 36 -6.97 48.40 19.06
N PRO L 37 -7.44 47.84 17.93
CA PRO L 37 -7.14 46.44 17.54
C PRO L 37 -5.65 46.08 17.51
N ILE M 10 32.48 -52.05 -6.98
CA ILE M 10 31.51 -51.17 -7.74
C ILE M 10 30.23 -51.91 -8.14
N SER M 11 29.16 -51.67 -7.38
CA SER M 11 27.82 -52.18 -7.68
C SER M 11 26.92 -51.00 -8.11
N GLU M 12 25.71 -51.28 -8.60
CA GLU M 12 24.74 -50.21 -8.87
C GLU M 12 24.02 -49.83 -7.56
N LEU M 13 24.22 -48.61 -7.08
CA LEU M 13 23.72 -48.19 -5.75
C LEU M 13 22.20 -47.95 -5.74
N PRO M 14 21.52 -48.20 -4.59
CA PRO M 14 20.05 -48.22 -4.55
C PRO M 14 19.35 -46.86 -4.57
N SER M 15 18.32 -46.75 -5.41
CA SER M 15 17.50 -45.52 -5.53
C SER M 15 16.34 -45.47 -4.53
N GLU M 16 16.03 -44.27 -4.06
CA GLU M 16 14.97 -44.05 -3.07
C GLU M 16 13.82 -43.22 -3.63
N GLU M 17 14.08 -42.52 -4.75
CA GLU M 17 13.04 -41.82 -5.50
C GLU M 17 12.01 -42.80 -6.07
N GLY M 18 12.51 -43.88 -6.68
CA GLY M 18 11.69 -44.92 -7.32
C GLY M 18 11.27 -44.55 -8.73
N ARG M 19 10.59 -43.40 -8.84
CA ARG M 19 10.15 -42.84 -10.11
C ARG M 19 11.25 -41.97 -10.76
N ARG M 20 11.65 -42.34 -11.97
CA ARG M 20 12.74 -41.65 -12.68
C ARG M 20 12.35 -40.24 -13.07
N LEU M 21 13.31 -39.34 -12.93
CA LEU M 21 13.18 -37.93 -13.22
C LEU M 21 12.94 -37.70 -14.70
N GLU M 22 11.86 -37.02 -15.07
CA GLU M 22 11.54 -36.87 -16.48
C GLU M 22 12.00 -35.55 -17.09
N HIS M 23 12.61 -35.64 -18.26
CA HIS M 23 13.28 -34.50 -18.90
C HIS M 23 12.45 -33.90 -20.03
N PHE M 24 11.72 -32.82 -19.72
CA PHE M 24 10.80 -32.20 -20.67
C PHE M 24 11.48 -31.66 -21.93
N THR M 25 12.77 -31.37 -21.84
CA THR M 25 13.49 -30.75 -22.95
C THR M 25 13.77 -31.69 -24.11
N LYS M 26 13.58 -32.98 -23.88
CA LYS M 26 13.78 -34.00 -24.90
C LYS M 26 12.73 -33.87 -26.01
N LEU M 27 11.50 -33.60 -25.61
CA LEU M 27 10.35 -33.57 -26.51
C LEU M 27 10.17 -32.22 -27.22
N ARG M 28 11.19 -31.38 -27.17
CA ARG M 28 11.20 -30.13 -27.92
C ARG M 28 11.59 -30.37 -29.39
N PRO M 29 11.02 -29.59 -30.32
CA PRO M 29 11.38 -29.63 -31.73
C PRO M 29 12.88 -29.59 -31.99
N LYS M 30 13.38 -30.52 -32.81
CA LYS M 30 14.79 -30.51 -33.20
C LYS M 30 14.99 -29.52 -34.34
N ARG M 31 16.23 -29.08 -34.55
CA ARG M 31 16.55 -28.16 -35.64
C ARG M 31 17.85 -28.54 -36.33
N ASN M 32 17.80 -28.79 -37.64
CA ASN M 32 18.98 -29.25 -38.38
C ASN M 32 20.00 -28.18 -38.76
N LYS M 33 21.20 -28.27 -38.16
CA LYS M 33 22.33 -27.36 -38.47
C LYS M 33 23.10 -27.85 -39.71
N LYS M 34 23.92 -27.00 -40.32
CA LYS M 34 24.90 -27.50 -41.33
C LYS M 34 26.12 -28.19 -40.71
N GLN M 35 26.68 -27.60 -39.64
CA GLN M 35 27.94 -28.06 -39.04
C GLN M 35 27.87 -28.32 -37.52
N GLN M 36 28.97 -28.81 -36.98
CA GLN M 36 29.13 -29.12 -35.54
C GLN M 36 30.57 -28.72 -35.00
N PRO M 37 30.67 -28.30 -33.71
CA PRO M 37 31.98 -27.99 -33.11
C PRO M 37 32.98 -29.15 -33.15
N GLU N 12 -6.96 -6.12 62.92
CA GLU N 12 -5.78 -6.25 62.00
C GLU N 12 -6.21 -6.97 60.73
N LEU N 13 -5.23 -7.23 59.85
CA LEU N 13 -5.36 -8.19 58.76
C LEU N 13 -3.93 -8.46 58.28
N PRO N 14 -3.44 -9.73 58.37
CA PRO N 14 -2.01 -10.04 58.19
C PRO N 14 -1.33 -9.44 56.94
N SER N 15 -0.16 -8.82 57.14
CA SER N 15 0.68 -8.32 56.04
C SER N 15 2.01 -9.09 56.04
N GLU N 16 2.32 -9.73 54.91
CA GLU N 16 3.58 -10.50 54.78
C GLU N 16 4.69 -9.75 54.02
N GLU N 17 4.56 -8.41 53.98
CA GLU N 17 5.66 -7.50 53.63
C GLU N 17 6.47 -7.14 54.89
N GLY N 18 5.77 -6.72 55.96
CA GLY N 18 6.37 -6.31 57.25
C GLY N 18 7.24 -5.07 57.14
N ARG N 19 8.30 -5.19 56.32
CA ARG N 19 9.12 -4.09 55.84
C ARG N 19 8.24 -3.07 55.15
N ARG N 20 8.43 -1.81 55.52
CA ARG N 20 7.58 -0.70 55.12
C ARG N 20 7.53 -0.38 53.63
N LEU N 21 6.68 0.56 53.30
CA LEU N 21 6.78 1.25 52.03
C LEU N 21 7.09 2.71 52.35
N GLU N 22 8.26 3.19 51.93
CA GLU N 22 8.65 4.55 52.29
C GLU N 22 8.34 5.56 51.21
N HIS N 23 7.77 6.69 51.63
CA HIS N 23 7.25 7.68 50.71
C HIS N 23 8.15 8.89 50.58
N PHE N 24 8.97 8.88 49.54
CA PHE N 24 9.97 9.92 49.33
C PHE N 24 9.41 11.33 49.18
N THR N 25 8.16 11.45 48.77
CA THR N 25 7.57 12.75 48.48
C THR N 25 7.23 13.56 49.73
N LYS N 26 7.25 12.89 50.88
CA LYS N 26 7.01 13.57 52.16
C LYS N 26 8.10 14.58 52.47
N LEU N 27 9.35 14.18 52.22
CA LEU N 27 10.54 14.98 52.55
C LEU N 27 10.89 16.06 51.51
N ARG N 28 9.94 16.36 50.63
CA ARG N 28 10.11 17.46 49.69
C ARG N 28 9.76 18.79 50.36
N PRO N 29 10.42 19.88 49.93
CA PRO N 29 10.12 21.24 50.41
C PRO N 29 8.65 21.61 50.33
N LYS N 30 8.10 22.10 51.44
CA LYS N 30 6.72 22.61 51.49
C LYS N 30 6.67 24.03 50.92
N ARG N 31 5.49 24.45 50.46
CA ARG N 31 5.31 25.79 49.92
C ARG N 31 3.99 26.39 50.40
N ASN N 32 4.06 27.56 51.03
CA ASN N 32 2.88 28.18 51.64
C ASN N 32 1.99 28.94 50.68
N LYS N 33 0.77 28.43 50.49
CA LYS N 33 -0.25 29.09 49.65
C LYS N 33 -0.92 30.24 50.42
N LYS N 34 -1.18 31.34 49.75
CA LYS N 34 -1.88 32.46 50.37
C LYS N 34 -3.36 32.41 49.98
N GLN N 35 -3.95 31.22 50.14
CA GLN N 35 -5.36 30.95 49.81
C GLN N 35 -5.70 29.48 50.14
N GLN N 36 -7.00 29.19 50.21
CA GLN N 36 -7.50 27.85 50.54
C GLN N 36 -7.91 26.99 49.31
N PRO N 37 -7.26 25.81 49.13
CA PRO N 37 -7.60 24.79 48.12
C PRO N 37 -9.10 24.51 48.01
N LEU O 13 37.59 28.01 -27.87
CA LEU O 13 37.93 28.42 -26.47
C LEU O 13 39.45 28.35 -26.22
N PRO O 14 40.03 29.42 -25.59
CA PRO O 14 41.48 29.51 -25.42
C PRO O 14 42.11 28.26 -24.77
N SER O 15 43.37 27.98 -25.11
CA SER O 15 44.11 26.90 -24.46
C SER O 15 45.29 27.47 -23.67
N GLU O 16 45.32 27.19 -22.37
CA GLU O 16 46.27 27.82 -21.45
C GLU O 16 47.74 27.39 -21.62
N GLU O 17 47.98 26.09 -21.80
CA GLU O 17 49.35 25.59 -21.98
C GLU O 17 50.09 26.33 -23.11
N GLY O 18 49.45 26.39 -24.29
CA GLY O 18 50.04 26.98 -25.51
C GLY O 18 50.96 26.01 -26.25
N ARG O 19 50.86 24.71 -25.91
CA ARG O 19 51.72 23.66 -26.43
C ARG O 19 50.93 22.33 -26.62
N ARG O 20 51.25 21.60 -27.69
CA ARG O 20 50.55 20.35 -28.07
C ARG O 20 50.63 19.21 -27.03
N LEU O 21 49.91 18.11 -27.30
CA LEU O 21 50.07 16.86 -26.54
C LEU O 21 50.33 15.74 -27.54
N GLU O 22 51.50 15.12 -27.46
CA GLU O 22 51.85 14.12 -28.47
C GLU O 22 51.56 12.70 -28.05
N HIS O 23 50.96 11.94 -28.96
CA HIS O 23 50.44 10.61 -28.64
C HIS O 23 51.34 9.48 -29.17
N PHE O 24 52.20 8.97 -28.30
CA PHE O 24 53.18 7.96 -28.67
C PHE O 24 52.59 6.65 -29.23
N THR O 25 51.34 6.35 -28.86
CA THR O 25 50.72 5.08 -29.26
C THR O 25 50.31 5.01 -30.74
N LYS O 26 50.31 6.16 -31.41
CA LYS O 26 50.00 6.24 -32.83
C LYS O 26 51.08 5.51 -33.65
N LEU O 27 52.33 5.76 -33.30
CA LEU O 27 53.48 5.24 -34.06
C LEU O 27 53.84 3.77 -33.71
N ARG O 28 52.92 3.06 -33.05
CA ARG O 28 53.11 1.63 -32.80
C ARG O 28 52.70 0.82 -34.03
N PRO O 29 53.38 -0.32 -34.27
CA PRO O 29 53.04 -1.24 -35.36
C PRO O 29 51.56 -1.59 -35.39
N LYS O 30 50.94 -1.47 -36.56
CA LYS O 30 49.54 -1.90 -36.76
C LYS O 30 49.49 -3.42 -36.99
N ARG O 31 48.33 -4.00 -36.76
CA ARG O 31 48.15 -5.44 -36.97
C ARG O 31 46.81 -5.71 -37.62
N ASN O 32 46.83 -6.40 -38.77
CA ASN O 32 45.61 -6.69 -39.55
C ASN O 32 44.71 -7.86 -39.07
N LYS O 33 43.52 -7.50 -38.58
CA LYS O 33 42.54 -8.47 -38.10
C LYS O 33 41.79 -9.12 -39.27
#